data_5UKB
#
_entry.id   5UKB
#
_cell.length_a   240.117
_cell.length_b   335.497
_cell.length_c   75.899
_cell.angle_alpha   90.00
_cell.angle_beta   90.00
_cell.angle_gamma   90.00
#
_symmetry.space_group_name_H-M   'P 21 21 2'
#
loop_
_entity.id
_entity.type
_entity.pdbx_description
1 polymer 'Anti-vesicular stomatitis virus N VHH'
2 polymer Nucleocapsid
3 polymer 'RNA (45-MER)'
#
loop_
_entity_poly.entity_id
_entity_poly.type
_entity_poly.pdbx_seq_one_letter_code
_entity_poly.pdbx_strand_id
1 'polypeptide(L)'
;QVQLVESGGGLVQAGGSLTLSCVASGRPFRNYRLGWFRQAPGKEREFVAAINWGGVITNYADSVKGRFTISRDDAKNTVY
LQMNSLKPEETAVYYCAAFDSTGSPIVRDNYEYWGQGTQVTVSSGGLPETGGHHHHHH
;
d,c,b,a,e
2 'polypeptide(L)'
;MASVTVKRIIDNTVIVPKLPANEDPVEYPADYFRKSKEIPLYINTTKSLSDLRGYVYQGLKSGNVSIIHVNSYLYGALKD
IRGKLDKDWSSFGINIGKAGDTIGIFDLVSLKALDGVLPDGVSDASRTSADDKWLPLYLLGLYRVGRTQMPEYRKKLMDG
LTNQCKMINEQFEPLVPEGRDIFDVWGNDSNYTKIVAAVDMFFHMFKKHECASFRYGTIVSRFKDCAALATFGHLCKITG
MSTEDVTTWILNREVADEMVQMMLPGQEIDKADSYMPYLIDFGLSSKSPYSSVKNPAFHFWGQLTALLLRSTRARNARQP
DDIEYTSLTTAGLLYAYAVGSSADLAQQFCVGDNKYTPDDSTGGLTTNAPPQGRDVVEWLGWFEDQNRKPTPDMMQYAKR
AVMSLQGLREKTIGKYAKSEFDK
;
D,C,B,A,E
3 'polyribonucleotide' UUUUUUUUUUUUUUUUUUUUUUUUUUUUUUUUUUUUUUUUUUUUU R
#
loop_
_chem_comp.id
_chem_comp.type
_chem_comp.name
_chem_comp.formula
U RNA linking URIDINE-5'-MONOPHOSPHATE 'C9 H13 N2 O9 P'
#
# COMPACT_ATOMS: atom_id res chain seq x y z
N GLN A 1 24.99 -56.27 12.05
CA GLN A 1 25.98 -56.58 13.08
C GLN A 1 27.35 -55.94 12.82
N VAL A 2 28.13 -55.85 13.89
CA VAL A 2 29.48 -55.27 13.83
C VAL A 2 30.42 -56.09 14.70
N GLN A 3 31.64 -56.31 14.22
CA GLN A 3 32.67 -56.95 15.04
C GLN A 3 33.80 -55.99 15.34
N LEU A 4 34.29 -56.03 16.58
CA LEU A 4 35.39 -55.15 16.98
C LEU A 4 36.61 -55.96 17.42
N VAL A 5 37.77 -55.59 16.91
CA VAL A 5 39.02 -56.21 17.33
C VAL A 5 39.97 -55.23 17.99
N GLU A 6 40.28 -55.47 19.26
CA GLU A 6 41.25 -54.63 19.97
C GLU A 6 42.66 -55.07 19.62
N SER A 7 43.54 -54.10 19.40
CA SER A 7 44.95 -54.35 19.11
C SER A 7 45.81 -53.23 19.68
N GLY A 8 47.01 -53.58 20.13
CA GLY A 8 47.95 -52.58 20.60
C GLY A 8 48.34 -52.70 22.05
N GLY A 9 47.83 -53.72 22.73
CA GLY A 9 48.11 -53.93 24.14
C GLY A 9 49.46 -54.57 24.38
N GLY A 10 49.75 -54.86 25.65
CA GLY A 10 51.01 -55.49 26.03
C GLY A 10 51.43 -55.08 27.42
N LEU A 11 52.72 -55.22 27.72
CA LEU A 11 53.28 -54.71 28.97
C LEU A 11 54.05 -53.48 28.55
N VAL A 12 54.21 -52.54 29.48
CA VAL A 12 55.05 -51.36 29.29
C VAL A 12 55.69 -50.94 30.58
N GLN A 13 56.80 -50.21 30.51
CA GLN A 13 57.43 -49.68 31.72
C GLN A 13 56.63 -48.62 32.48
N ALA A 14 56.67 -48.69 33.80
CA ALA A 14 55.95 -47.75 34.65
C ALA A 14 56.32 -46.30 34.32
N GLY A 15 55.40 -45.61 33.63
CA GLY A 15 55.65 -44.24 33.20
C GLY A 15 55.75 -44.12 31.69
N GLY A 16 55.59 -45.25 31.00
CA GLY A 16 55.71 -45.29 29.56
C GLY A 16 54.40 -45.10 28.80
N SER A 17 54.51 -44.74 27.53
CA SER A 17 53.34 -44.53 26.68
C SER A 17 52.92 -45.82 25.97
N LEU A 18 51.74 -45.78 25.36
CA LEU A 18 51.18 -46.95 24.65
C LEU A 18 49.95 -46.45 23.90
N THR A 19 49.61 -47.11 22.79
CA THR A 19 48.47 -46.71 21.99
C THR A 19 47.71 -47.94 21.50
N LEU A 20 46.49 -48.10 22.00
CA LEU A 20 45.63 -49.21 21.62
C LEU A 20 44.90 -48.82 20.34
N SER A 21 44.47 -49.81 19.56
CA SER A 21 43.63 -49.56 18.39
C SER A 21 42.49 -50.56 18.39
N CYS A 22 41.40 -50.20 17.74
CA CYS A 22 40.25 -51.08 17.61
C CYS A 22 39.76 -51.06 16.18
N VAL A 23 39.75 -52.22 15.53
CA VAL A 23 39.27 -52.30 14.16
C VAL A 23 37.86 -52.86 14.08
N ALA A 24 36.99 -52.20 13.31
CA ALA A 24 35.60 -52.62 13.19
C ALA A 24 35.37 -53.36 11.87
N SER A 25 34.64 -54.47 11.93
CA SER A 25 34.28 -55.23 10.74
C SER A 25 32.77 -55.44 10.67
N GLY A 26 32.23 -55.50 9.46
CA GLY A 26 30.81 -55.69 9.26
C GLY A 26 30.16 -54.51 8.54
N ARG A 27 29.47 -53.68 9.31
CA ARG A 27 28.79 -52.51 8.75
C ARG A 27 29.31 -51.23 9.38
N PRO A 28 30.42 -50.69 8.84
CA PRO A 28 31.04 -49.46 9.33
C PRO A 28 30.42 -48.22 8.71
N PHE A 29 29.50 -48.40 7.77
CA PHE A 29 28.84 -47.29 7.11
C PHE A 29 27.51 -46.94 7.77
N ARG A 30 27.54 -46.76 9.09
CA ARG A 30 26.34 -46.42 9.84
C ARG A 30 26.70 -45.80 11.19
N ASN A 31 25.76 -45.04 11.75
CA ASN A 31 25.98 -44.39 13.05
C ASN A 31 26.35 -45.42 14.12
N TYR A 32 27.47 -45.18 14.79
CA TYR A 32 27.93 -46.08 15.85
C TYR A 32 28.91 -45.37 16.77
N ARG A 33 28.59 -45.36 18.06
CA ARG A 33 29.44 -44.72 19.06
C ARG A 33 30.69 -45.55 19.34
N LEU A 34 31.77 -44.89 19.72
CA LEU A 34 33.03 -45.56 20.00
C LEU A 34 33.55 -45.20 21.39
N GLY A 35 33.68 -46.19 22.25
CA GLY A 35 34.18 -45.98 23.60
C GLY A 35 35.16 -47.03 24.06
N TRP A 36 36.09 -46.63 24.92
CA TRP A 36 37.02 -47.56 25.53
C TRP A 36 36.69 -47.80 27.00
N PHE A 37 36.70 -49.07 27.38
CA PHE A 37 36.45 -49.46 28.77
C PHE A 37 37.61 -50.31 29.26
N ARG A 38 37.59 -50.63 30.55
CA ARG A 38 38.61 -51.51 31.11
C ARG A 38 38.08 -52.21 32.35
N GLN A 39 38.72 -53.32 32.71
CA GLN A 39 38.37 -54.02 33.93
C GLN A 39 39.62 -54.56 34.61
N ALA A 40 39.85 -54.11 35.84
CA ALA A 40 41.01 -54.55 36.61
C ALA A 40 40.70 -55.80 37.43
N PRO A 41 41.75 -56.52 37.83
CA PRO A 41 41.61 -57.76 38.62
C PRO A 41 40.71 -57.55 39.83
N GLY A 42 39.49 -58.10 39.77
CA GLY A 42 38.54 -57.98 40.86
C GLY A 42 37.85 -56.63 40.88
N LYS A 43 37.80 -55.99 39.72
CA LYS A 43 37.15 -54.68 39.58
C LYS A 43 36.14 -54.68 38.45
N GLU A 44 34.98 -54.09 38.70
CA GLU A 44 33.93 -54.01 37.70
C GLU A 44 34.34 -53.15 36.52
N ARG A 45 33.86 -53.50 35.33
CA ARG A 45 34.18 -52.76 34.13
C ARG A 45 33.86 -51.28 34.28
N GLU A 46 34.86 -50.44 34.03
CA GLU A 46 34.68 -48.98 34.14
C GLU A 46 34.93 -48.25 32.83
N PHE A 47 34.43 -47.02 32.75
CA PHE A 47 34.57 -46.19 31.55
C PHE A 47 35.93 -45.52 31.51
N VAL A 48 36.52 -45.47 30.31
CA VAL A 48 37.83 -44.86 30.12
C VAL A 48 37.72 -43.65 29.21
N ALA A 49 37.28 -43.87 27.98
CA ALA A 49 37.10 -42.77 27.03
C ALA A 49 36.05 -43.09 25.96
N ALA A 50 35.56 -42.05 25.31
CA ALA A 50 34.55 -42.21 24.26
C ALA A 50 34.66 -41.12 23.22
N ILE A 51 34.13 -41.39 22.02
CA ILE A 51 34.18 -40.43 20.93
C ILE A 51 32.91 -40.57 20.10
N ASN A 52 32.35 -39.44 19.67
CA ASN A 52 31.16 -39.46 18.82
C ASN A 52 31.52 -39.88 17.40
N TRP A 53 30.50 -40.07 16.58
CA TRP A 53 30.68 -40.48 15.20
C TRP A 53 31.49 -39.52 14.32
N GLY A 54 31.09 -38.25 14.33
CA GLY A 54 31.78 -37.23 13.56
C GLY A 54 33.25 -37.13 13.91
N GLY A 55 33.55 -37.29 15.18
CA GLY A 55 34.93 -37.22 15.65
C GLY A 55 35.28 -35.87 16.22
N VAL A 56 34.29 -35.22 16.84
CA VAL A 56 34.50 -33.91 17.44
C VAL A 56 34.21 -33.93 18.95
N ILE A 57 33.15 -34.63 19.33
CA ILE A 57 32.77 -34.73 20.73
C ILE A 57 33.46 -35.92 21.40
N THR A 58 34.15 -35.66 22.50
CA THR A 58 34.84 -36.71 23.24
C THR A 58 34.77 -36.46 24.74
N ASN A 59 35.11 -37.49 25.52
CA ASN A 59 35.08 -37.39 26.95
C ASN A 59 35.92 -38.44 27.61
N TYR A 60 36.46 -38.15 28.79
CA TYR A 60 37.42 -39.04 29.43
C TYR A 60 37.02 -39.23 30.89
N ALA A 61 37.42 -40.35 31.48
CA ALA A 61 37.27 -40.55 32.91
C ALA A 61 38.23 -39.63 33.65
N ASP A 62 37.91 -39.31 34.90
CA ASP A 62 38.76 -38.41 35.69
C ASP A 62 40.14 -38.99 35.94
N SER A 63 40.21 -40.32 36.04
CA SER A 63 41.46 -41.00 36.38
C SER A 63 42.48 -40.96 35.24
N VAL A 64 42.04 -40.55 34.06
CA VAL A 64 42.90 -40.58 32.88
C VAL A 64 42.98 -39.28 32.08
N LYS A 65 42.34 -38.24 32.61
CA LYS A 65 42.35 -36.94 31.90
C LYS A 65 43.75 -36.38 31.74
N GLY A 66 44.05 -35.80 30.57
CA GLY A 66 45.38 -35.29 30.29
C GLY A 66 46.24 -36.35 29.63
N ARG A 67 46.29 -37.54 30.24
CA ARG A 67 47.13 -38.62 29.77
C ARG A 67 46.65 -39.24 28.45
N PHE A 68 45.41 -39.73 28.47
CA PHE A 68 44.90 -40.50 27.35
C PHE A 68 44.30 -39.59 26.27
N THR A 69 44.27 -40.09 25.04
CA THR A 69 43.68 -39.36 23.93
C THR A 69 42.97 -40.35 23.02
N ILE A 70 41.79 -39.98 22.55
CA ILE A 70 41.00 -40.85 21.69
C ILE A 70 40.82 -40.22 20.32
N SER A 71 40.72 -41.06 19.30
CA SER A 71 40.64 -40.60 17.90
C SER A 71 40.12 -41.71 17.02
N ARG A 72 39.57 -41.34 15.86
CA ARG A 72 39.04 -42.34 14.94
C ARG A 72 39.18 -41.92 13.47
N ASP A 73 39.39 -42.92 12.62
CA ASP A 73 39.48 -42.73 11.18
C ASP A 73 38.46 -43.67 10.56
N ASP A 74 37.23 -43.19 10.40
CA ASP A 74 36.12 -44.03 9.90
C ASP A 74 36.25 -44.48 8.44
N ALA A 75 37.21 -43.89 7.73
CA ALA A 75 37.54 -44.34 6.39
C ALA A 75 38.18 -45.72 6.52
N LYS A 76 39.14 -45.83 7.43
CA LYS A 76 39.77 -47.11 7.73
C LYS A 76 39.02 -47.85 8.87
N ASN A 77 37.90 -47.24 9.27
CA ASN A 77 37.06 -47.78 10.34
C ASN A 77 37.77 -48.25 11.62
N THR A 78 38.53 -47.34 12.23
CA THR A 78 39.27 -47.67 13.44
C THR A 78 39.16 -46.53 14.46
N VAL A 79 39.80 -46.72 15.61
CA VAL A 79 39.78 -45.72 16.66
C VAL A 79 40.95 -45.89 17.62
N TYR A 80 41.97 -45.05 17.45
CA TYR A 80 43.16 -45.10 18.29
C TYR A 80 42.92 -44.42 19.64
N LEU A 81 43.81 -44.66 20.59
CA LEU A 81 43.70 -44.07 21.91
C LEU A 81 45.04 -44.07 22.64
N GLN A 82 45.77 -42.98 22.52
CA GLN A 82 47.07 -42.86 23.18
C GLN A 82 46.94 -42.97 24.69
N MET A 83 47.90 -43.62 25.33
CA MET A 83 47.89 -43.80 26.77
C MET A 83 49.25 -43.44 27.38
N ASN A 84 49.55 -42.15 27.41
CA ASN A 84 50.83 -41.66 27.92
C ASN A 84 50.86 -41.63 29.45
N SER A 85 52.07 -41.67 30.01
CA SER A 85 52.27 -41.63 31.46
C SER A 85 51.51 -42.72 32.20
N LEU A 86 51.67 -43.96 31.75
CA LEU A 86 50.96 -45.09 32.36
C LEU A 86 51.35 -45.34 33.80
N LYS A 87 50.49 -46.09 34.50
CA LYS A 87 50.68 -46.37 35.91
C LYS A 87 50.06 -47.74 36.22
N PRO A 88 50.62 -48.45 37.21
CA PRO A 88 50.16 -49.80 37.55
C PRO A 88 48.68 -49.84 37.96
N GLU A 89 48.08 -48.67 38.20
CA GLU A 89 46.65 -48.58 38.46
C GLU A 89 45.99 -48.70 37.10
N GLU A 90 46.75 -48.41 36.05
CA GLU A 90 46.25 -48.52 34.69
C GLU A 90 46.22 -49.97 34.12
N THR A 91 46.68 -50.89 34.95
CA THR A 91 46.64 -52.31 34.60
C THR A 91 45.28 -52.99 34.61
N ALA A 92 44.80 -53.34 33.42
CA ALA A 92 43.48 -53.94 33.25
C ALA A 92 43.31 -54.46 31.83
N VAL A 93 42.25 -55.22 31.60
CA VAL A 93 41.87 -55.60 30.24
C VAL A 93 41.06 -54.48 29.62
N TYR A 94 41.49 -53.98 28.46
CA TYR A 94 40.82 -52.86 27.83
C TYR A 94 39.92 -53.30 26.68
N TYR A 95 38.65 -52.91 26.74
CA TYR A 95 37.66 -53.33 25.73
C TYR A 95 37.24 -52.17 24.84
N CYS A 96 37.08 -52.45 23.55
CA CYS A 96 36.54 -51.47 22.61
C CYS A 96 35.04 -51.72 22.46
N ALA A 97 34.23 -50.67 22.51
CA ALA A 97 32.78 -50.83 22.44
C ALA A 97 32.16 -49.91 21.40
N ALA A 98 30.97 -50.27 20.94
CA ALA A 98 30.23 -49.48 19.96
C ALA A 98 28.79 -49.51 20.45
N PHE A 99 28.11 -48.37 20.35
CA PHE A 99 26.64 -48.32 20.46
C PHE A 99 26.23 -47.41 19.31
N ASP A 100 25.26 -47.89 18.53
CA ASP A 100 24.76 -47.23 17.34
C ASP A 100 23.87 -46.01 17.56
N SER A 101 24.41 -44.83 17.26
CA SER A 101 23.67 -43.59 17.44
C SER A 101 24.44 -42.41 16.86
N THR A 102 24.56 -41.34 17.65
CA THR A 102 25.27 -40.15 17.21
C THR A 102 25.97 -39.47 18.38
N GLY A 103 26.35 -40.25 19.38
CA GLY A 103 27.02 -39.72 20.56
C GLY A 103 27.83 -40.78 21.28
N SER A 104 28.39 -40.39 22.43
CA SER A 104 29.19 -41.31 23.23
C SER A 104 28.79 -41.26 24.71
N PRO A 105 28.20 -42.36 25.20
CA PRO A 105 27.75 -42.46 26.59
C PRO A 105 28.92 -42.65 27.55
N ILE A 106 28.69 -42.45 28.83
CA ILE A 106 29.73 -42.61 29.85
C ILE A 106 29.53 -43.90 30.63
N VAL A 107 28.47 -44.64 30.31
CA VAL A 107 28.18 -45.90 30.98
C VAL A 107 28.51 -47.09 30.09
N ARG A 108 28.31 -48.30 30.62
CA ARG A 108 28.59 -49.52 29.89
C ARG A 108 27.29 -50.14 29.35
N ASP A 109 26.17 -49.58 29.76
CA ASP A 109 24.85 -50.08 29.33
C ASP A 109 24.36 -49.32 28.11
N ASN A 110 25.15 -48.37 27.64
CA ASN A 110 24.79 -47.57 26.47
C ASN A 110 25.30 -48.19 25.19
N TYR A 111 26.33 -49.02 25.31
CA TYR A 111 26.92 -49.69 24.15
C TYR A 111 26.12 -50.92 23.76
N GLU A 112 26.36 -51.42 22.55
CA GLU A 112 25.67 -52.60 22.06
C GLU A 112 26.64 -53.68 21.61
N TYR A 113 27.80 -53.25 21.10
CA TYR A 113 28.83 -54.18 20.63
C TYR A 113 30.12 -54.04 21.43
N TRP A 114 30.77 -55.17 21.67
CA TRP A 114 31.99 -55.22 22.47
C TRP A 114 33.03 -56.11 21.80
N GLY A 115 34.30 -55.75 21.96
CA GLY A 115 35.39 -56.58 21.51
C GLY A 115 35.69 -57.63 22.56
N GLN A 116 36.71 -58.45 22.30
CA GLN A 116 37.10 -59.47 23.28
C GLN A 116 38.03 -58.88 24.32
N GLY A 117 38.74 -57.82 23.96
CA GLY A 117 39.58 -57.10 24.90
C GLY A 117 41.05 -57.47 24.85
N THR A 118 41.91 -56.50 25.16
CA THR A 118 43.35 -56.72 25.24
C THR A 118 43.85 -56.45 26.65
N GLN A 119 44.78 -57.27 27.13
CA GLN A 119 45.39 -57.05 28.44
C GLN A 119 46.44 -55.94 28.36
N VAL A 120 46.46 -55.08 29.36
CA VAL A 120 47.48 -54.04 29.50
C VAL A 120 48.05 -54.11 30.90
N THR A 121 49.33 -54.46 31.00
CA THR A 121 49.99 -54.55 32.30
C THR A 121 51.09 -53.50 32.43
N VAL A 122 51.12 -52.82 33.57
CA VAL A 122 52.12 -51.78 33.82
C VAL A 122 52.86 -52.07 35.13
N SER B 3 25.70 -4.91 -25.21
CA SER B 3 26.32 -3.61 -24.94
C SER B 3 26.75 -2.94 -26.24
N VAL B 4 25.97 -1.96 -26.68
CA VAL B 4 26.22 -1.24 -27.92
C VAL B 4 26.08 0.25 -27.65
N THR B 5 26.88 1.05 -28.35
CA THR B 5 26.93 2.49 -28.10
C THR B 5 25.60 3.14 -28.42
N VAL B 6 25.15 4.02 -27.52
CA VAL B 6 23.91 4.78 -27.68
C VAL B 6 24.22 6.25 -27.50
N LYS B 7 23.71 7.09 -28.40
CA LYS B 7 23.95 8.52 -28.38
C LYS B 7 22.63 9.26 -28.42
N ARG B 8 22.63 10.47 -27.84
CA ARG B 8 21.46 11.35 -27.88
C ARG B 8 21.58 12.25 -29.10
N ILE B 9 20.59 12.17 -30.00
CA ILE B 9 20.73 12.78 -31.31
C ILE B 9 20.66 14.30 -31.30
N ILE B 10 20.23 14.90 -30.19
CA ILE B 10 20.10 16.36 -30.18
C ILE B 10 21.46 17.03 -30.01
N ASP B 11 22.41 16.39 -29.31
CA ASP B 11 23.72 17.00 -29.08
C ASP B 11 24.85 15.99 -29.16
N ASN B 12 24.63 14.82 -29.76
CA ASN B 12 25.61 13.75 -29.93
C ASN B 12 26.18 13.27 -28.59
N THR B 13 25.54 13.59 -27.48
CA THR B 13 26.03 13.16 -26.17
C THR B 13 25.86 11.65 -26.01
N VAL B 14 26.91 11.00 -25.53
CA VAL B 14 26.88 9.56 -25.32
C VAL B 14 26.19 9.27 -24.00
N ILE B 15 25.30 8.27 -23.99
CA ILE B 15 24.63 7.84 -22.78
C ILE B 15 24.89 6.35 -22.59
N VAL B 16 24.94 5.94 -21.33
CA VAL B 16 25.22 4.55 -20.98
C VAL B 16 24.05 4.01 -20.17
N PRO B 17 23.00 3.50 -20.81
CA PRO B 17 21.85 2.95 -20.06
C PRO B 17 22.26 1.69 -19.31
N LYS B 18 22.18 1.75 -17.97
CA LYS B 18 22.57 0.64 -17.12
C LYS B 18 21.54 0.47 -16.01
N LEU B 19 21.38 -0.77 -15.56
CA LEU B 19 20.40 -1.16 -14.56
C LEU B 19 21.11 -1.74 -13.33
N PRO B 20 20.45 -1.70 -12.17
CA PRO B 20 21.01 -2.40 -11.00
C PRO B 20 21.10 -3.90 -11.27
N ALA B 21 22.16 -4.51 -10.76
CA ALA B 21 22.44 -5.91 -10.99
C ALA B 21 22.17 -6.72 -9.72
N ASN B 22 21.62 -7.91 -9.90
CA ASN B 22 21.42 -8.86 -8.82
C ASN B 22 21.99 -10.20 -9.26
N GLU B 23 22.97 -10.71 -8.51
CA GLU B 23 23.58 -11.99 -8.84
C GLU B 23 22.53 -13.09 -8.80
N ASP B 24 22.10 -13.46 -7.60
CA ASP B 24 21.21 -14.60 -7.39
C ASP B 24 21.68 -15.81 -8.19
N PRO B 25 22.89 -16.32 -7.93
CA PRO B 25 23.39 -17.45 -8.71
C PRO B 25 22.56 -18.71 -8.52
N VAL B 26 22.91 -19.77 -9.25
CA VAL B 26 22.18 -21.03 -9.21
C VAL B 26 23.14 -22.13 -8.80
N GLU B 27 22.73 -22.94 -7.82
CA GLU B 27 23.55 -24.03 -7.31
C GLU B 27 22.89 -25.36 -7.69
N TYR B 28 23.61 -26.18 -8.44
CA TYR B 28 23.17 -27.50 -8.86
C TYR B 28 23.55 -28.55 -7.82
N PRO B 29 22.80 -29.66 -7.74
CA PRO B 29 23.11 -30.67 -6.71
C PRO B 29 24.44 -31.37 -6.92
N ALA B 30 24.76 -31.76 -8.16
CA ALA B 30 25.98 -32.51 -8.40
C ALA B 30 27.24 -31.67 -8.18
N ASP B 31 27.12 -30.34 -8.15
CA ASP B 31 28.27 -29.50 -7.80
C ASP B 31 28.53 -29.48 -6.30
N TYR B 32 27.64 -30.08 -5.50
CA TYR B 32 27.87 -30.23 -4.07
C TYR B 32 28.69 -31.46 -3.74
N PHE B 33 28.53 -32.54 -4.50
CA PHE B 33 29.14 -33.81 -4.19
C PHE B 33 30.57 -33.95 -4.69
N ARG B 34 31.04 -33.06 -5.55
CA ARG B 34 32.44 -33.07 -5.94
C ARG B 34 33.34 -32.45 -4.87
N LYS B 35 32.76 -31.77 -3.88
CA LYS B 35 33.51 -31.28 -2.73
C LYS B 35 33.42 -32.28 -1.57
N SER B 36 32.21 -32.62 -1.15
CA SER B 36 31.97 -33.56 -0.07
C SER B 36 31.24 -34.78 -0.62
N LYS B 37 31.77 -35.96 -0.35
CA LYS B 37 31.17 -37.21 -0.80
C LYS B 37 30.13 -37.75 0.19
N GLU B 38 29.65 -36.91 1.10
CA GLU B 38 28.63 -37.33 2.05
C GLU B 38 28.02 -36.09 2.71
N ILE B 39 26.74 -36.23 3.07
CA ILE B 39 25.98 -35.18 3.74
C ILE B 39 25.85 -35.54 5.22
N PRO B 40 26.21 -34.64 6.14
CA PRO B 40 26.12 -34.97 7.56
C PRO B 40 24.77 -34.60 8.17
N LEU B 41 24.43 -35.31 9.24
CA LEU B 41 23.24 -35.01 10.05
C LEU B 41 23.71 -34.74 11.47
N TYR B 42 23.60 -33.48 11.90
CA TYR B 42 24.03 -33.08 13.23
C TYR B 42 22.94 -33.41 14.24
N ILE B 43 23.27 -34.24 15.22
CA ILE B 43 22.27 -34.78 16.15
C ILE B 43 22.95 -35.03 17.49
N ASN B 44 22.14 -35.06 18.55
CA ASN B 44 22.62 -35.26 19.90
C ASN B 44 22.18 -36.63 20.39
N THR B 45 23.15 -37.49 20.72
CA THR B 45 22.89 -38.87 21.11
C THR B 45 23.14 -39.11 22.59
N THR B 46 23.01 -38.08 23.42
CA THR B 46 23.30 -38.22 24.85
C THR B 46 22.10 -38.82 25.59
N LYS B 47 20.96 -38.14 25.56
CA LYS B 47 19.81 -38.58 26.33
C LYS B 47 19.19 -39.84 25.70
N SER B 48 18.38 -40.52 26.51
CA SER B 48 17.79 -41.79 26.11
C SER B 48 16.48 -41.57 25.36
N LEU B 49 15.96 -42.66 24.77
CA LEU B 49 14.75 -42.58 23.98
C LEU B 49 13.55 -42.25 24.85
N SER B 50 13.32 -43.04 25.91
CA SER B 50 12.17 -42.83 26.77
C SER B 50 12.22 -41.49 27.51
N ASP B 51 13.41 -40.90 27.61
CA ASP B 51 13.50 -39.53 28.12
C ASP B 51 13.02 -38.53 27.09
N LEU B 52 13.41 -38.73 25.82
CA LEU B 52 13.01 -37.82 24.76
C LEU B 52 11.51 -37.92 24.47
N ARG B 53 10.91 -39.08 24.71
CA ARG B 53 9.48 -39.24 24.50
C ARG B 53 8.68 -38.28 25.37
N GLY B 54 9.01 -38.21 26.65
CA GLY B 54 8.38 -37.24 27.53
C GLY B 54 8.87 -35.83 27.30
N TYR B 55 10.13 -35.69 26.89
CA TYR B 55 10.67 -34.39 26.49
C TYR B 55 9.76 -33.72 25.47
N VAL B 56 9.51 -34.41 24.37
CA VAL B 56 8.75 -33.83 23.27
C VAL B 56 7.23 -34.00 23.42
N TYR B 57 6.78 -34.92 24.27
CA TYR B 57 5.35 -34.99 24.53
C TYR B 57 4.92 -33.85 25.47
N GLN B 58 5.60 -33.71 26.61
CA GLN B 58 5.28 -32.61 27.51
C GLN B 58 5.68 -31.27 26.90
N GLY B 59 6.75 -31.26 26.10
CA GLY B 59 7.09 -30.04 25.37
C GLY B 59 6.05 -29.70 24.31
N LEU B 60 5.49 -30.72 23.67
CA LEU B 60 4.44 -30.48 22.68
C LEU B 60 3.18 -29.95 23.34
N LYS B 61 2.78 -30.54 24.47
CA LYS B 61 1.56 -30.09 25.15
C LYS B 61 1.62 -28.61 25.50
N SER B 62 2.81 -28.09 25.80
CA SER B 62 3.00 -26.68 26.05
C SER B 62 3.55 -26.01 24.79
N GLY B 63 3.83 -24.71 24.91
CA GLY B 63 4.40 -23.98 23.78
C GLY B 63 5.90 -24.13 23.63
N ASN B 64 6.59 -24.63 24.65
CA ASN B 64 8.04 -24.74 24.65
C ASN B 64 8.46 -26.14 24.20
N VAL B 65 9.36 -26.20 23.23
CA VAL B 65 9.94 -27.47 22.79
C VAL B 65 11.25 -27.17 22.08
N SER B 66 12.22 -28.06 22.24
CA SER B 66 13.52 -27.90 21.62
C SER B 66 13.57 -28.71 20.33
N ILE B 67 13.93 -28.06 19.23
CA ILE B 67 14.08 -28.76 17.96
C ILE B 67 15.20 -29.79 18.06
N ILE B 68 16.20 -29.51 18.90
CA ILE B 68 17.26 -30.49 19.16
C ILE B 68 16.67 -31.76 19.76
N HIS B 69 15.64 -31.62 20.59
CA HIS B 69 15.03 -32.78 21.23
C HIS B 69 14.13 -33.55 20.28
N VAL B 70 13.52 -32.89 19.30
CA VAL B 70 12.69 -33.61 18.34
C VAL B 70 13.56 -34.24 17.26
N ASN B 71 14.73 -33.67 16.98
CA ASN B 71 15.69 -34.34 16.12
C ASN B 71 16.28 -35.56 16.81
N SER B 72 16.84 -35.35 18.01
CA SER B 72 17.42 -36.44 18.78
C SER B 72 16.39 -37.52 19.11
N TYR B 73 15.11 -37.13 19.22
CA TYR B 73 14.07 -38.13 19.45
C TYR B 73 13.68 -38.83 18.16
N LEU B 74 13.62 -38.09 17.05
CA LEU B 74 13.27 -38.71 15.77
C LEU B 74 14.31 -39.71 15.32
N TYR B 75 15.58 -39.50 15.68
CA TYR B 75 16.64 -40.44 15.37
C TYR B 75 16.32 -41.82 15.96
N GLY B 76 16.47 -41.96 17.27
CA GLY B 76 16.20 -43.23 17.93
C GLY B 76 14.78 -43.71 17.76
N ALA B 77 13.84 -42.80 17.49
CA ALA B 77 12.46 -43.19 17.22
C ALA B 77 12.29 -43.77 15.83
N LEU B 78 13.23 -43.50 14.91
CA LEU B 78 13.19 -44.05 13.57
C LEU B 78 14.44 -44.87 13.24
N LYS B 79 15.31 -45.11 14.22
CA LYS B 79 16.61 -45.70 13.94
C LYS B 79 16.50 -47.17 13.52
N ASP B 80 15.57 -47.89 14.12
CA ASP B 80 15.42 -49.33 13.85
C ASP B 80 14.33 -49.59 12.83
N ILE B 81 14.39 -48.89 11.70
CA ILE B 81 13.49 -49.11 10.57
C ILE B 81 14.34 -49.45 9.36
N ARG B 82 13.91 -50.45 8.58
CA ARG B 82 14.79 -51.07 7.60
C ARG B 82 14.01 -51.49 6.37
N GLY B 83 14.77 -51.91 5.35
CA GLY B 83 14.19 -52.46 4.15
C GLY B 83 15.23 -53.22 3.36
N LYS B 84 14.79 -54.21 2.60
CA LYS B 84 15.68 -55.05 1.80
C LYS B 84 15.67 -54.57 0.36
N LEU B 85 16.85 -54.24 -0.16
CA LEU B 85 16.98 -53.75 -1.53
C LEU B 85 16.88 -54.90 -2.52
N ASP B 86 15.98 -54.77 -3.49
CA ASP B 86 15.95 -55.73 -4.59
C ASP B 86 17.15 -55.54 -5.52
N LYS B 87 17.47 -54.29 -5.85
CA LYS B 87 18.62 -53.96 -6.68
C LYS B 87 19.45 -52.89 -6.01
N ASP B 88 20.65 -52.67 -6.55
CA ASP B 88 21.60 -51.73 -5.97
C ASP B 88 21.03 -50.31 -5.98
N TRP B 89 21.56 -49.47 -5.09
CA TRP B 89 21.11 -48.10 -4.96
C TRP B 89 22.34 -47.21 -4.81
N SER B 90 22.56 -46.33 -5.78
CA SER B 90 23.68 -45.39 -5.76
C SER B 90 23.22 -44.07 -6.37
N SER B 91 23.79 -42.98 -5.86
CA SER B 91 23.39 -41.65 -6.31
C SER B 91 24.54 -40.68 -6.09
N PHE B 92 24.98 -40.01 -7.16
CA PHE B 92 26.04 -39.00 -7.10
C PHE B 92 27.32 -39.57 -6.49
N GLY B 93 27.67 -40.79 -6.90
CA GLY B 93 28.89 -41.40 -6.42
C GLY B 93 28.82 -41.95 -5.02
N ILE B 94 27.62 -42.11 -4.46
CA ILE B 94 27.44 -42.63 -3.10
C ILE B 94 26.66 -43.93 -3.22
N ASN B 95 27.34 -45.05 -3.03
CA ASN B 95 26.72 -46.37 -3.06
C ASN B 95 26.13 -46.64 -1.69
N ILE B 96 24.91 -46.17 -1.48
CA ILE B 96 24.23 -46.33 -0.20
C ILE B 96 23.93 -47.79 0.15
N GLY B 97 23.52 -48.57 -0.84
CA GLY B 97 23.20 -49.97 -0.63
C GLY B 97 24.07 -50.92 -1.42
N LYS B 98 24.60 -51.93 -0.73
CA LYS B 98 25.46 -52.91 -1.38
C LYS B 98 24.85 -54.31 -1.32
N ALA B 99 24.77 -54.94 -2.48
CA ALA B 99 24.22 -56.29 -2.64
C ALA B 99 22.80 -56.45 -2.07
N GLY B 100 22.58 -57.51 -1.31
CA GLY B 100 21.29 -57.80 -0.72
C GLY B 100 21.12 -57.29 0.70
N ASP B 101 22.14 -56.63 1.24
CA ASP B 101 22.08 -56.13 2.60
C ASP B 101 20.99 -55.08 2.79
N THR B 102 20.29 -55.17 3.92
CA THR B 102 19.22 -54.23 4.25
C THR B 102 19.76 -52.83 4.53
N ILE B 103 18.99 -51.81 4.14
CA ILE B 103 19.38 -50.43 4.35
C ILE B 103 18.40 -49.68 5.24
N GLY B 104 18.91 -49.01 6.27
CA GLY B 104 18.10 -48.25 7.18
C GLY B 104 17.80 -46.84 6.66
N ILE B 105 17.07 -46.11 7.49
CA ILE B 105 16.60 -44.78 7.10
C ILE B 105 17.69 -43.72 7.24
N PHE B 106 18.75 -43.99 8.01
CA PHE B 106 19.85 -43.06 8.16
C PHE B 106 21.13 -43.57 7.51
N ASP B 107 21.05 -44.60 6.67
CA ASP B 107 22.20 -44.94 5.83
C ASP B 107 22.47 -43.85 4.80
N LEU B 108 21.43 -43.08 4.44
CA LEU B 108 21.57 -42.07 3.40
C LEU B 108 22.51 -40.96 3.83
N VAL B 109 22.42 -40.53 5.08
CA VAL B 109 23.27 -39.47 5.61
C VAL B 109 24.33 -40.09 6.51
N SER B 110 25.26 -39.25 6.95
CA SER B 110 26.28 -39.63 7.93
C SER B 110 25.95 -38.98 9.26
N LEU B 111 26.09 -39.75 10.34
CA LEU B 111 25.75 -39.27 11.67
C LEU B 111 26.94 -38.52 12.27
N LYS B 112 26.69 -37.27 12.65
CA LYS B 112 27.64 -36.46 13.41
C LYS B 112 26.99 -36.06 14.73
N ALA B 113 27.81 -35.57 15.64
CA ALA B 113 27.36 -35.21 16.98
C ALA B 113 27.14 -33.70 17.07
N LEU B 114 25.97 -33.31 17.57
CA LEU B 114 25.68 -31.90 17.82
C LEU B 114 26.30 -31.48 19.14
N ASP B 115 27.07 -30.40 19.11
CA ASP B 115 27.75 -29.91 20.30
C ASP B 115 27.27 -28.51 20.70
N LEU B 118 22.04 -30.44 25.71
CA LEU B 118 22.30 -29.02 25.97
C LEU B 118 21.03 -28.24 26.32
N PRO B 119 19.91 -28.47 25.63
CA PRO B 119 18.64 -27.91 26.11
C PRO B 119 18.20 -28.63 27.38
N ASP B 120 17.88 -27.85 28.41
CA ASP B 120 17.55 -28.44 29.71
C ASP B 120 16.24 -29.22 29.65
N GLY B 121 15.20 -28.63 29.07
CA GLY B 121 13.94 -29.31 28.84
C GLY B 121 13.24 -29.73 30.13
N VAL B 122 12.30 -30.67 29.97
CA VAL B 122 11.52 -31.20 31.08
C VAL B 122 11.00 -32.57 30.66
N SER B 123 10.98 -33.51 31.61
CA SER B 123 10.73 -34.91 31.33
C SER B 123 9.32 -35.31 31.74
N ASP B 124 8.96 -36.55 31.41
CA ASP B 124 7.64 -37.09 31.65
C ASP B 124 7.72 -38.61 31.64
N ALA B 125 6.90 -39.24 32.48
CA ALA B 125 6.82 -40.69 32.55
C ALA B 125 5.45 -41.15 32.05
N SER B 126 5.14 -42.42 32.29
CA SER B 126 3.89 -43.06 31.88
C SER B 126 3.73 -43.09 30.37
N ARG B 127 4.73 -42.59 29.64
CA ARG B 127 4.71 -42.57 28.18
C ARG B 127 5.42 -43.83 27.67
N THR B 128 4.63 -44.78 27.17
CA THR B 128 5.12 -46.08 26.80
C THR B 128 5.69 -46.05 25.37
N SER B 129 6.00 -47.23 24.83
CA SER B 129 6.44 -47.36 23.46
C SER B 129 5.30 -47.27 22.45
N ALA B 130 4.05 -47.14 22.93
CA ALA B 130 2.92 -46.96 22.05
C ALA B 130 2.83 -45.55 21.49
N ASP B 131 3.64 -44.61 22.00
CA ASP B 131 3.72 -43.27 21.45
C ASP B 131 4.88 -43.10 20.49
N ASP B 132 5.90 -43.95 20.61
CA ASP B 132 6.94 -44.04 19.57
C ASP B 132 6.36 -44.39 18.21
N LYS B 133 5.15 -44.94 18.18
CA LYS B 133 4.54 -45.34 16.91
C LYS B 133 4.19 -44.11 16.07
N TRP B 134 3.46 -43.16 16.65
CA TRP B 134 2.90 -42.05 15.89
C TRP B 134 3.55 -40.70 16.17
N LEU B 135 4.32 -40.56 17.25
CA LEU B 135 4.98 -39.28 17.49
C LEU B 135 5.92 -38.89 16.35
N PRO B 136 6.69 -39.81 15.75
CA PRO B 136 7.40 -39.43 14.52
C PRO B 136 6.46 -39.01 13.40
N LEU B 137 5.36 -39.74 13.19
CA LEU B 137 4.40 -39.36 12.15
C LEU B 137 3.87 -37.95 12.39
N TYR B 138 3.59 -37.62 13.66
CA TYR B 138 3.11 -36.29 14.03
C TYR B 138 4.16 -35.25 13.67
N LEU B 139 5.33 -35.36 14.32
CA LEU B 139 6.39 -34.37 14.12
C LEU B 139 6.76 -34.20 12.65
N LEU B 140 6.65 -35.26 11.86
CA LEU B 140 6.90 -35.15 10.43
C LEU B 140 5.75 -34.43 9.73
N GLY B 141 4.51 -34.71 10.14
CA GLY B 141 3.37 -34.04 9.54
C GLY B 141 3.36 -32.55 9.78
N LEU B 142 3.84 -32.11 10.96
CA LEU B 142 3.84 -30.67 11.22
C LEU B 142 4.83 -29.91 10.33
N TYR B 143 5.79 -30.59 9.69
CA TYR B 143 6.63 -29.90 8.72
C TYR B 143 5.82 -29.50 7.50
N ARG B 144 4.94 -30.38 7.02
CA ARG B 144 4.09 -30.06 5.89
C ARG B 144 2.98 -29.08 6.29
N VAL B 145 2.46 -29.22 7.52
CA VAL B 145 1.42 -28.31 7.97
C VAL B 145 1.97 -26.90 8.15
N GLY B 146 3.19 -26.79 8.70
CA GLY B 146 3.74 -25.50 9.05
C GLY B 146 4.43 -24.73 7.95
N ARG B 147 4.13 -25.06 6.69
CA ARG B 147 4.71 -24.36 5.55
C ARG B 147 3.69 -23.51 4.80
N THR B 148 2.42 -23.53 5.20
CA THR B 148 1.37 -22.78 4.54
C THR B 148 0.69 -21.87 5.54
N GLN B 149 0.53 -20.60 5.17
CA GLN B 149 -0.07 -19.60 6.05
C GLN B 149 -1.55 -19.38 5.76
N MET B 150 -2.14 -20.17 4.86
CA MET B 150 -3.57 -20.09 4.61
C MET B 150 -4.32 -20.72 5.78
N PRO B 151 -5.40 -20.08 6.26
CA PRO B 151 -6.05 -20.60 7.47
C PRO B 151 -6.72 -21.96 7.27
N GLU B 152 -7.34 -22.20 6.11
CA GLU B 152 -8.03 -23.46 5.91
C GLU B 152 -7.15 -24.52 5.24
N TYR B 153 -6.14 -24.12 4.48
CA TYR B 153 -5.23 -25.12 3.93
C TYR B 153 -4.25 -25.63 4.98
N ARG B 154 -3.98 -24.83 6.01
CA ARG B 154 -3.23 -25.34 7.16
C ARG B 154 -4.03 -26.39 7.93
N LYS B 155 -5.30 -26.59 7.60
CA LYS B 155 -6.09 -27.65 8.21
C LYS B 155 -5.78 -28.99 7.56
N LYS B 156 -4.53 -29.18 7.15
CA LYS B 156 -4.03 -30.53 6.93
C LYS B 156 -3.66 -31.20 8.24
N LEU B 157 -3.55 -30.42 9.31
CA LEU B 157 -3.42 -30.96 10.66
C LEU B 157 -4.59 -31.88 11.01
N MET B 158 -5.73 -31.71 10.34
CA MET B 158 -6.83 -32.64 10.50
C MET B 158 -6.54 -33.98 9.82
N ASP B 159 -5.73 -33.96 8.77
CA ASP B 159 -5.37 -35.20 8.09
C ASP B 159 -4.16 -35.89 8.72
N GLY B 160 -3.28 -35.13 9.36
CA GLY B 160 -2.29 -35.76 10.23
C GLY B 160 -2.94 -36.33 11.47
N LEU B 161 -3.82 -35.55 12.10
CA LEU B 161 -4.63 -36.03 13.21
C LEU B 161 -5.41 -37.27 12.82
N THR B 162 -5.93 -37.31 11.60
CA THR B 162 -6.68 -38.48 11.14
C THR B 162 -5.76 -39.67 10.90
N ASN B 163 -4.63 -39.43 10.22
CA ASN B 163 -3.71 -40.51 9.90
C ASN B 163 -3.12 -41.13 11.15
N GLN B 164 -3.00 -40.35 12.23
CA GLN B 164 -2.56 -40.93 13.51
C GLN B 164 -3.72 -41.55 14.26
N CYS B 165 -4.93 -40.99 14.14
CA CYS B 165 -6.12 -41.65 14.67
C CYS B 165 -6.26 -43.05 14.09
N LYS B 166 -5.77 -43.26 12.87
CA LYS B 166 -5.77 -44.60 12.30
C LYS B 166 -4.80 -45.51 13.05
N MET B 167 -3.68 -44.96 13.52
CA MET B 167 -2.73 -45.76 14.28
C MET B 167 -3.24 -46.05 15.68
N ILE B 168 -3.79 -45.02 16.34
CA ILE B 168 -4.36 -45.16 17.68
C ILE B 168 -5.66 -44.36 17.71
N ASN B 169 -6.76 -45.04 18.03
CA ASN B 169 -8.07 -44.41 17.92
C ASN B 169 -8.15 -43.13 18.74
N GLU B 170 -7.64 -43.16 19.97
CA GLU B 170 -7.68 -41.99 20.85
C GLU B 170 -6.39 -41.20 20.72
N GLN B 171 -6.21 -40.62 19.53
CA GLN B 171 -5.14 -39.67 19.25
C GLN B 171 -5.76 -38.30 19.02
N PHE B 172 -5.35 -37.33 19.82
CA PHE B 172 -5.78 -35.94 19.64
C PHE B 172 -4.57 -35.04 19.77
N GLU B 173 -4.51 -34.01 18.94
CA GLU B 173 -3.29 -33.24 18.72
C GLU B 173 -2.73 -32.70 20.02
N PRO B 174 -1.52 -33.08 20.41
CA PRO B 174 -0.93 -32.57 21.66
C PRO B 174 -0.36 -31.18 21.52
N LEU B 175 -1.03 -30.29 20.79
CA LEU B 175 -0.52 -28.93 20.57
C LEU B 175 -1.66 -27.94 20.70
N VAL B 176 -1.36 -26.81 21.33
CA VAL B 176 -2.33 -25.74 21.56
C VAL B 176 -2.68 -25.08 20.23
N PRO B 177 -3.80 -24.38 20.11
CA PRO B 177 -4.08 -23.64 18.87
C PRO B 177 -2.97 -22.66 18.50
N GLU B 178 -2.43 -21.95 19.51
CA GLU B 178 -1.24 -21.13 19.29
C GLU B 178 -0.13 -21.92 18.64
N GLY B 179 -0.16 -23.24 18.76
CA GLY B 179 0.78 -24.12 18.10
C GLY B 179 0.91 -23.93 16.60
N ARG B 180 -0.03 -23.20 15.99
CA ARG B 180 0.08 -22.84 14.58
C ARG B 180 1.36 -22.06 14.32
N ASP B 181 1.99 -21.59 15.39
CA ASP B 181 3.27 -20.91 15.31
C ASP B 181 4.43 -21.72 15.88
N ILE B 182 4.16 -22.92 16.40
CA ILE B 182 5.21 -23.68 17.09
C ILE B 182 6.07 -24.45 16.11
N PHE B 183 5.46 -25.18 15.18
CA PHE B 183 6.22 -25.97 14.21
C PHE B 183 6.61 -25.18 12.96
N ASP B 184 6.24 -23.91 12.88
CA ASP B 184 6.67 -23.09 11.75
C ASP B 184 8.17 -22.82 11.80
N VAL B 185 8.79 -22.91 12.97
CA VAL B 185 10.22 -22.69 13.11
C VAL B 185 11.02 -23.95 12.83
N TRP B 186 10.40 -25.14 12.95
CA TRP B 186 11.11 -26.40 12.74
C TRP B 186 11.72 -26.47 11.34
N GLY B 187 11.05 -25.91 10.34
CA GLY B 187 11.57 -25.91 8.99
C GLY B 187 12.86 -25.11 8.81
N ASN B 188 13.34 -24.42 9.85
CA ASN B 188 14.57 -23.66 9.75
C ASN B 188 15.78 -24.40 10.30
N ASP B 189 15.57 -25.52 10.99
CA ASP B 189 16.68 -26.34 11.48
C ASP B 189 17.13 -27.27 10.36
N SER B 190 18.39 -27.10 9.92
CA SER B 190 18.90 -27.87 8.80
C SER B 190 18.83 -29.37 9.04
N ASN B 191 19.01 -29.80 10.30
CA ASN B 191 19.03 -31.24 10.58
C ASN B 191 17.62 -31.83 10.54
N TYR B 192 16.60 -31.06 10.92
CA TYR B 192 15.22 -31.54 10.82
C TYR B 192 14.83 -31.76 9.36
N THR B 193 15.20 -30.81 8.48
CA THR B 193 14.96 -30.99 7.06
C THR B 193 15.77 -32.15 6.51
N LYS B 194 17.01 -32.31 6.98
CA LYS B 194 17.80 -33.48 6.61
C LYS B 194 17.20 -34.77 7.15
N ILE B 195 16.29 -34.68 8.13
CA ILE B 195 15.57 -35.86 8.60
C ILE B 195 14.39 -36.16 7.69
N VAL B 196 13.55 -35.15 7.42
CA VAL B 196 12.36 -35.39 6.62
C VAL B 196 12.74 -35.79 5.20
N ALA B 197 13.83 -35.24 4.67
CA ALA B 197 14.25 -35.60 3.32
C ALA B 197 14.74 -37.04 3.27
N ALA B 198 15.43 -37.49 4.32
CA ALA B 198 15.87 -38.88 4.37
C ALA B 198 14.69 -39.83 4.57
N VAL B 199 13.67 -39.40 5.31
CA VAL B 199 12.48 -40.23 5.49
C VAL B 199 11.75 -40.40 4.15
N ASP B 200 11.52 -39.29 3.44
CA ASP B 200 10.82 -39.38 2.16
C ASP B 200 11.64 -40.14 1.12
N MET B 201 12.95 -39.89 1.07
CA MET B 201 13.81 -40.60 0.14
C MET B 201 13.84 -42.09 0.44
N PHE B 202 13.84 -42.46 1.72
CA PHE B 202 13.80 -43.86 2.09
C PHE B 202 12.48 -44.51 1.68
N PHE B 203 11.36 -43.89 2.06
CA PHE B 203 10.06 -44.49 1.79
C PHE B 203 9.64 -44.38 0.34
N HIS B 204 10.40 -43.67 -0.50
CA HIS B 204 10.13 -43.71 -1.93
C HIS B 204 10.62 -45.03 -2.53
N MET B 205 11.79 -45.50 -2.08
CA MET B 205 12.29 -46.80 -2.54
C MET B 205 11.47 -47.94 -1.96
N PHE B 206 11.33 -47.98 -0.64
CA PHE B 206 10.54 -49.00 0.04
C PHE B 206 9.12 -48.46 0.17
N LYS B 207 8.30 -48.80 -0.83
CA LYS B 207 7.02 -48.14 -1.04
C LYS B 207 5.91 -48.73 -0.17
N LYS B 208 5.85 -50.06 -0.07
CA LYS B 208 4.80 -50.73 0.70
C LYS B 208 5.27 -51.14 2.09
N HIS B 209 6.13 -50.35 2.70
CA HIS B 209 6.52 -50.59 4.08
C HIS B 209 5.32 -50.37 5.00
N GLU B 210 5.29 -51.11 6.11
CA GLU B 210 4.22 -50.93 7.08
C GLU B 210 4.22 -49.54 7.68
N CYS B 211 5.36 -48.84 7.66
CA CYS B 211 5.47 -47.48 8.14
C CYS B 211 5.54 -46.47 7.00
N ALA B 212 5.08 -46.83 5.81
CA ALA B 212 5.09 -45.90 4.69
C ALA B 212 4.17 -44.71 4.92
N SER B 213 3.20 -44.83 5.82
CA SER B 213 2.33 -43.70 6.15
C SER B 213 3.14 -42.50 6.64
N PHE B 214 4.30 -42.75 7.23
CA PHE B 214 5.20 -41.67 7.66
C PHE B 214 5.52 -40.71 6.53
N ARG B 215 5.42 -41.14 5.27
CA ARG B 215 5.70 -40.26 4.15
C ARG B 215 4.76 -39.07 4.13
N TYR B 216 3.56 -39.21 4.68
CA TYR B 216 2.67 -38.05 4.82
C TYR B 216 3.35 -37.00 5.67
N GLY B 217 3.42 -35.77 5.13
CA GLY B 217 4.13 -34.69 5.74
C GLY B 217 5.53 -34.49 5.19
N THR B 218 6.19 -35.56 4.77
CA THR B 218 7.49 -35.46 4.13
C THR B 218 7.39 -35.44 2.62
N ILE B 219 6.22 -35.73 2.05
CA ILE B 219 6.06 -35.76 0.60
C ILE B 219 6.26 -34.37 0.01
N VAL B 220 6.01 -33.32 0.79
CA VAL B 220 6.26 -31.96 0.31
C VAL B 220 7.74 -31.65 0.18
N SER B 221 8.62 -32.54 0.64
CA SER B 221 10.05 -32.35 0.48
C SER B 221 10.55 -32.81 -0.89
N ARG B 222 9.82 -33.69 -1.55
CA ARG B 222 10.22 -34.18 -2.87
C ARG B 222 9.98 -33.12 -3.91
N PHE B 223 11.04 -32.73 -4.62
CA PHE B 223 11.00 -31.68 -5.64
C PHE B 223 10.52 -30.36 -5.08
N LYS B 224 10.86 -30.08 -3.82
CA LYS B 224 10.58 -28.78 -3.23
C LYS B 224 11.40 -27.71 -3.94
N ASP B 225 10.77 -26.58 -4.25
CA ASP B 225 11.37 -25.50 -5.03
C ASP B 225 11.80 -26.00 -6.41
N CYS B 226 10.98 -26.86 -7.01
CA CYS B 226 11.24 -27.42 -8.33
C CYS B 226 9.96 -27.46 -9.14
N ALA B 227 9.25 -26.34 -9.20
CA ALA B 227 7.95 -26.31 -9.85
C ALA B 227 8.08 -26.35 -11.37
N ALA B 228 9.01 -25.54 -11.93
CA ALA B 228 9.11 -25.41 -13.38
C ALA B 228 9.33 -26.76 -14.04
N LEU B 229 10.14 -27.62 -13.43
CA LEU B 229 10.31 -28.98 -13.95
C LEU B 229 8.98 -29.72 -14.00
N ALA B 230 8.18 -29.59 -12.93
CA ALA B 230 6.86 -30.24 -12.91
C ALA B 230 5.92 -29.64 -13.94
N THR B 231 6.12 -28.37 -14.30
CA THR B 231 5.35 -27.79 -15.39
C THR B 231 5.80 -28.33 -16.74
N PHE B 232 7.09 -28.68 -16.85
CA PHE B 232 7.56 -29.35 -18.06
C PHE B 232 6.96 -30.74 -18.19
N GLY B 233 6.88 -31.48 -17.08
CA GLY B 233 6.19 -32.76 -17.11
C GLY B 233 4.71 -32.61 -17.41
N HIS B 234 4.06 -31.60 -16.81
CA HIS B 234 2.63 -31.38 -17.03
C HIS B 234 2.35 -30.98 -18.47
N LEU B 235 3.26 -30.23 -19.08
CA LEU B 235 3.07 -29.85 -20.49
C LEU B 235 3.34 -31.04 -21.40
N CYS B 236 4.40 -31.81 -21.13
CA CYS B 236 4.67 -33.01 -21.90
C CYS B 236 3.59 -34.08 -21.73
N LYS B 237 2.75 -33.96 -20.70
CA LYS B 237 1.64 -34.88 -20.54
C LYS B 237 0.35 -34.35 -21.20
N ILE B 238 0.05 -33.07 -20.99
CA ILE B 238 -1.18 -32.49 -21.52
C ILE B 238 -1.12 -32.42 -23.04
N THR B 239 0.02 -31.97 -23.58
CA THR B 239 0.17 -31.93 -25.03
C THR B 239 0.16 -33.32 -25.64
N GLY B 240 0.62 -34.33 -24.88
CA GLY B 240 0.82 -35.66 -25.40
C GLY B 240 2.03 -35.83 -26.28
N MET B 241 2.86 -34.80 -26.41
CA MET B 241 4.04 -34.85 -27.25
C MET B 241 5.27 -35.25 -26.43
N SER B 242 6.30 -35.71 -27.14
CA SER B 242 7.54 -36.10 -26.47
C SER B 242 8.26 -34.88 -25.92
N THR B 243 9.20 -35.15 -25.01
CA THR B 243 9.99 -34.05 -24.43
C THR B 243 10.79 -33.31 -25.49
N GLU B 244 11.33 -34.04 -26.46
CA GLU B 244 12.11 -33.42 -27.52
C GLU B 244 11.23 -32.64 -28.49
N ASP B 245 9.99 -33.09 -28.70
CA ASP B 245 9.08 -32.35 -29.57
C ASP B 245 8.60 -31.08 -28.89
N VAL B 246 8.21 -31.17 -27.61
CA VAL B 246 7.80 -29.98 -26.87
C VAL B 246 8.96 -29.00 -26.76
N THR B 247 10.18 -29.50 -26.62
CA THR B 247 11.35 -28.63 -26.53
C THR B 247 11.51 -27.76 -27.77
N THR B 248 11.06 -28.24 -28.93
CA THR B 248 11.16 -27.44 -30.15
C THR B 248 10.13 -26.31 -30.17
N TRP B 249 8.96 -26.52 -29.57
CA TRP B 249 7.92 -25.50 -29.55
C TRP B 249 8.23 -24.33 -28.64
N ILE B 250 9.46 -24.19 -28.18
CA ILE B 250 9.88 -23.02 -27.41
C ILE B 250 10.29 -21.93 -28.39
N LEU B 251 9.54 -20.83 -28.38
CA LEU B 251 9.76 -19.74 -29.34
C LEU B 251 10.28 -18.47 -28.68
N ASN B 252 10.49 -18.47 -27.37
CA ASN B 252 10.93 -17.29 -26.65
C ASN B 252 12.36 -17.51 -26.15
N ARG B 253 13.17 -16.44 -26.22
CA ARG B 253 14.57 -16.53 -25.85
C ARG B 253 14.74 -16.83 -24.37
N GLU B 254 13.92 -16.21 -23.51
CA GLU B 254 14.02 -16.46 -22.08
C GLU B 254 13.70 -17.92 -21.75
N VAL B 255 12.62 -18.45 -22.34
CA VAL B 255 12.28 -19.86 -22.13
C VAL B 255 13.36 -20.77 -22.67
N ALA B 256 14.09 -20.30 -23.70
CA ALA B 256 15.22 -21.08 -24.20
C ALA B 256 16.34 -21.13 -23.17
N ASP B 257 16.73 -19.97 -22.63
CA ASP B 257 17.80 -19.93 -21.63
C ASP B 257 17.42 -20.73 -20.38
N GLU B 258 16.17 -20.62 -19.94
CA GLU B 258 15.72 -21.36 -18.77
C GLU B 258 15.66 -22.86 -19.04
N MET B 259 15.20 -23.25 -20.23
CA MET B 259 15.16 -24.66 -20.57
C MET B 259 16.57 -25.25 -20.67
N VAL B 260 17.53 -24.47 -21.16
CA VAL B 260 18.92 -24.90 -21.10
C VAL B 260 19.40 -24.97 -19.65
N GLN B 261 18.87 -24.09 -18.79
CA GLN B 261 19.30 -24.07 -17.39
C GLN B 261 18.84 -25.31 -16.65
N MET B 262 17.60 -25.74 -16.86
CA MET B 262 17.09 -26.91 -16.13
C MET B 262 17.75 -28.20 -16.61
N MET B 263 18.07 -28.30 -17.90
CA MET B 263 18.49 -29.57 -18.49
C MET B 263 20.01 -29.73 -18.52
N LEU B 264 20.71 -29.30 -17.48
CA LEU B 264 22.12 -29.62 -17.39
C LEU B 264 22.28 -31.12 -17.19
N PRO B 265 23.29 -31.74 -17.81
CA PRO B 265 23.29 -33.20 -18.03
C PRO B 265 23.75 -34.06 -16.88
N GLY B 266 24.18 -33.50 -15.75
CA GLY B 266 24.73 -34.33 -14.70
C GLY B 266 24.06 -34.21 -13.34
N GLN B 267 22.75 -33.98 -13.32
CA GLN B 267 22.04 -33.72 -12.07
C GLN B 267 21.04 -34.81 -11.71
N GLU B 268 21.06 -35.94 -12.41
CA GLU B 268 20.21 -37.10 -12.09
C GLU B 268 18.74 -36.74 -12.02
N ILE B 269 18.30 -35.78 -12.84
CA ILE B 269 16.89 -35.40 -12.85
C ILE B 269 16.00 -36.48 -13.46
N ASP B 270 16.59 -37.51 -14.08
CA ASP B 270 15.82 -38.60 -14.67
C ASP B 270 15.86 -39.87 -13.85
N LYS B 271 16.76 -39.98 -12.87
CA LYS B 271 16.80 -41.16 -12.04
C LYS B 271 15.54 -41.28 -11.19
N ALA B 272 15.08 -42.51 -11.01
CA ALA B 272 13.86 -42.75 -10.21
C ALA B 272 14.08 -42.37 -8.75
N ASP B 273 15.08 -42.98 -8.11
CA ASP B 273 15.39 -42.74 -6.71
C ASP B 273 16.77 -42.10 -6.64
N SER B 274 16.81 -40.81 -6.32
CA SER B 274 18.07 -40.06 -6.32
C SER B 274 18.02 -38.99 -5.23
N TYR B 275 19.19 -38.42 -4.97
CA TYR B 275 19.32 -37.29 -4.04
C TYR B 275 18.82 -35.98 -4.64
N MET B 276 18.59 -35.93 -5.95
CA MET B 276 18.22 -34.68 -6.61
C MET B 276 16.88 -34.11 -6.11
N PRO B 277 15.79 -34.89 -5.99
CA PRO B 277 14.52 -34.28 -5.56
C PRO B 277 14.56 -33.60 -4.20
N TYR B 278 15.60 -33.84 -3.39
CA TYR B 278 15.70 -33.31 -2.05
C TYR B 278 16.92 -32.41 -1.90
N LEU B 279 17.25 -31.67 -2.96
CA LEU B 279 18.43 -30.83 -2.96
C LEU B 279 18.30 -29.62 -2.04
N ILE B 280 17.11 -29.31 -1.54
CA ILE B 280 16.88 -28.13 -0.72
C ILE B 280 16.93 -28.48 0.77
N ASP B 281 16.20 -29.51 1.18
CA ASP B 281 16.20 -29.89 2.59
C ASP B 281 17.50 -30.59 2.98
N PHE B 282 18.10 -31.33 2.05
CA PHE B 282 19.40 -31.93 2.32
C PHE B 282 20.52 -30.88 2.34
N GLY B 283 20.26 -29.67 1.84
CA GLY B 283 21.30 -28.67 1.77
C GLY B 283 22.26 -28.85 0.62
N LEU B 284 21.90 -29.65 -0.38
CA LEU B 284 22.72 -29.78 -1.59
C LEU B 284 22.74 -28.49 -2.40
N SER B 285 21.77 -27.60 -2.18
CA SER B 285 21.68 -26.38 -2.96
C SER B 285 20.87 -25.36 -2.17
N SER B 286 21.34 -24.11 -2.15
CA SER B 286 20.65 -23.03 -1.48
C SER B 286 19.71 -22.26 -2.41
N LYS B 287 19.96 -22.30 -3.72
CA LYS B 287 19.08 -21.68 -4.71
C LYS B 287 18.83 -22.72 -5.80
N SER B 288 17.62 -23.28 -5.81
CA SER B 288 17.31 -24.37 -6.73
C SER B 288 17.36 -23.87 -8.17
N PRO B 289 17.81 -24.70 -9.11
CA PRO B 289 17.78 -24.31 -10.52
C PRO B 289 16.46 -24.61 -11.23
N TYR B 290 15.54 -25.30 -10.56
CA TYR B 290 14.32 -25.78 -11.20
C TYR B 290 13.07 -25.10 -10.65
N SER B 291 13.25 -23.98 -9.95
CA SER B 291 12.14 -23.28 -9.35
C SER B 291 11.48 -22.35 -10.36
N SER B 292 10.20 -22.05 -10.11
CA SER B 292 9.48 -21.04 -10.89
C SER B 292 9.88 -19.62 -10.54
N VAL B 293 11.03 -19.42 -9.88
CA VAL B 293 11.54 -18.10 -9.53
C VAL B 293 12.76 -17.85 -10.40
N LYS B 294 13.49 -18.92 -10.70
CA LYS B 294 14.59 -18.86 -11.65
C LYS B 294 14.18 -19.31 -13.05
N ASN B 295 12.96 -19.80 -13.22
CA ASN B 295 12.43 -20.16 -14.55
C ASN B 295 11.01 -19.61 -14.65
N PRO B 296 10.85 -18.28 -14.67
CA PRO B 296 9.50 -17.71 -14.64
C PRO B 296 8.78 -17.80 -15.98
N ALA B 297 9.47 -17.44 -17.07
CA ALA B 297 8.85 -17.47 -18.38
C ALA B 297 8.48 -18.89 -18.81
N PHE B 298 9.24 -19.88 -18.37
CA PHE B 298 8.89 -21.27 -18.65
C PHE B 298 7.63 -21.67 -17.88
N HIS B 299 7.55 -21.28 -16.60
CA HIS B 299 6.37 -21.59 -15.79
C HIS B 299 5.12 -20.96 -16.39
N PHE B 300 5.20 -19.67 -16.73
CA PHE B 300 4.07 -18.97 -17.31
C PHE B 300 3.68 -19.56 -18.67
N TRP B 301 4.67 -19.79 -19.53
CA TRP B 301 4.40 -20.28 -20.87
C TRP B 301 3.78 -21.68 -20.84
N GLY B 302 4.47 -22.61 -20.17
CA GLY B 302 3.95 -23.98 -20.11
C GLY B 302 2.63 -24.09 -19.40
N GLN B 303 2.47 -23.38 -18.28
CA GLN B 303 1.22 -23.43 -17.53
C GLN B 303 0.07 -22.84 -18.35
N LEU B 304 0.31 -21.72 -19.04
CA LEU B 304 -0.73 -21.12 -19.84
C LEU B 304 -1.12 -22.00 -21.02
N THR B 305 -0.12 -22.58 -21.71
CA THR B 305 -0.41 -23.49 -22.81
C THR B 305 -1.22 -24.69 -22.34
N ALA B 306 -0.84 -25.26 -21.19
CA ALA B 306 -1.61 -26.35 -20.60
C ALA B 306 -3.05 -25.91 -20.35
N LEU B 307 -3.23 -24.75 -19.70
CA LEU B 307 -4.57 -24.24 -19.42
C LEU B 307 -5.40 -24.12 -20.69
N LEU B 308 -4.80 -23.59 -21.76
CA LEU B 308 -5.51 -23.51 -23.03
C LEU B 308 -5.81 -24.89 -23.60
N LEU B 309 -5.01 -25.89 -23.24
CA LEU B 309 -5.29 -27.28 -23.63
C LEU B 309 -6.08 -28.04 -22.57
N ARG B 310 -7.05 -27.37 -21.94
CA ARG B 310 -8.03 -28.00 -21.05
C ARG B 310 -7.38 -28.53 -19.76
N SER B 311 -6.42 -27.79 -19.23
CA SER B 311 -5.80 -28.21 -17.98
C SER B 311 -6.65 -27.80 -16.79
N THR B 312 -6.49 -28.54 -15.69
CA THR B 312 -7.12 -28.24 -14.41
C THR B 312 -6.16 -27.68 -13.39
N ARG B 313 -4.92 -28.20 -13.35
CA ARG B 313 -3.92 -27.70 -12.42
C ARG B 313 -3.57 -26.25 -12.72
N ALA B 314 -3.55 -25.86 -14.00
CA ALA B 314 -3.13 -24.51 -14.37
C ALA B 314 -4.14 -23.45 -13.95
N ARG B 315 -5.38 -23.84 -13.67
CA ARG B 315 -6.40 -22.87 -13.26
C ARG B 315 -6.01 -22.09 -12.02
N ASN B 316 -5.07 -22.60 -11.23
CA ASN B 316 -4.63 -21.96 -10.00
C ASN B 316 -3.13 -21.70 -9.96
N ALA B 317 -2.42 -21.98 -11.04
CA ALA B 317 -0.99 -21.66 -11.10
C ALA B 317 -0.80 -20.16 -11.09
N ARG B 318 0.24 -19.71 -10.37
CA ARG B 318 0.43 -18.29 -10.11
C ARG B 318 1.24 -17.62 -11.22
N GLN B 319 0.90 -16.35 -11.47
CA GLN B 319 1.49 -15.59 -12.56
C GLN B 319 2.75 -14.90 -12.06
N PRO B 320 3.94 -15.26 -12.54
CA PRO B 320 5.17 -14.63 -12.05
C PRO B 320 5.22 -13.15 -12.38
N ASP B 321 6.23 -12.48 -11.82
CA ASP B 321 6.43 -11.05 -12.01
C ASP B 321 7.62 -10.79 -12.94
N ASP B 322 7.52 -9.68 -13.68
CA ASP B 322 8.59 -9.19 -14.55
C ASP B 322 8.99 -10.24 -15.60
N ILE B 323 8.04 -10.49 -16.50
CA ILE B 323 8.27 -11.30 -17.69
C ILE B 323 7.51 -10.68 -18.86
N GLU B 324 7.79 -11.18 -20.06
CA GLU B 324 7.16 -10.67 -21.28
C GLU B 324 5.84 -11.40 -21.47
N TYR B 325 4.78 -10.87 -20.84
CA TYR B 325 3.48 -11.53 -20.93
C TYR B 325 2.97 -11.57 -22.37
N THR B 326 3.28 -10.57 -23.18
CA THR B 326 2.75 -10.49 -24.53
C THR B 326 3.33 -11.57 -25.44
N SER B 327 4.66 -11.60 -25.57
CA SER B 327 5.31 -12.60 -26.43
C SER B 327 5.05 -14.01 -25.92
N LEU B 328 5.17 -14.22 -24.62
CA LEU B 328 4.90 -15.55 -24.05
C LEU B 328 3.47 -15.99 -24.32
N THR B 329 2.51 -15.08 -24.17
CA THR B 329 1.11 -15.44 -24.42
C THR B 329 0.88 -15.76 -25.89
N THR B 330 1.48 -15.00 -26.80
CA THR B 330 1.32 -15.30 -28.21
C THR B 330 1.92 -16.67 -28.55
N ALA B 331 3.08 -16.98 -27.98
CA ALA B 331 3.69 -18.29 -28.19
C ALA B 331 2.79 -19.41 -27.69
N GLY B 332 2.28 -19.26 -26.46
CA GLY B 332 1.35 -20.25 -25.93
C GLY B 332 0.07 -20.36 -26.72
N LEU B 333 -0.34 -19.26 -27.38
CA LEU B 333 -1.56 -19.30 -28.19
C LEU B 333 -1.31 -20.10 -29.47
N LEU B 334 -0.18 -19.86 -30.14
CA LEU B 334 0.12 -20.62 -31.34
C LEU B 334 0.35 -22.09 -31.02
N TYR B 335 1.04 -22.38 -29.91
CA TYR B 335 1.29 -23.76 -29.52
C TYR B 335 -0.02 -24.48 -29.18
N ALA B 336 -0.82 -23.88 -28.29
CA ALA B 336 -2.07 -24.52 -27.87
C ALA B 336 -3.05 -24.63 -29.04
N TYR B 337 -3.03 -23.67 -29.97
CA TYR B 337 -3.89 -23.76 -31.14
C TYR B 337 -3.43 -24.87 -32.07
N ALA B 338 -2.11 -25.02 -32.22
CA ALA B 338 -1.58 -26.10 -33.04
C ALA B 338 -1.97 -27.47 -32.46
N VAL B 339 -1.76 -27.66 -31.16
CA VAL B 339 -2.11 -28.93 -30.54
C VAL B 339 -3.62 -29.14 -30.55
N GLY B 340 -4.41 -28.07 -30.45
CA GLY B 340 -5.85 -28.16 -30.43
C GLY B 340 -6.47 -28.54 -31.75
N SER B 341 -6.00 -27.92 -32.84
CA SER B 341 -6.55 -28.23 -34.16
C SER B 341 -6.07 -29.59 -34.66
N SER B 342 -4.81 -29.93 -34.39
CA SER B 342 -4.21 -31.16 -34.90
C SER B 342 -4.39 -32.27 -33.87
N ALA B 343 -5.60 -32.83 -33.83
CA ALA B 343 -5.87 -33.96 -32.95
C ALA B 343 -5.07 -35.19 -33.38
N ASP B 344 -4.74 -35.28 -34.67
CA ASP B 344 -3.92 -36.38 -35.20
C ASP B 344 -4.54 -37.75 -34.90
N LEU B 345 -5.85 -37.85 -35.07
CA LEU B 345 -6.53 -39.13 -34.89
C LEU B 345 -6.06 -40.12 -35.96
N ALA B 346 -5.67 -41.31 -35.53
CA ALA B 346 -5.18 -42.33 -36.44
C ALA B 346 -5.68 -43.70 -35.98
N GLN B 347 -6.06 -44.53 -36.95
CA GLN B 347 -6.55 -45.86 -36.62
C GLN B 347 -5.47 -46.68 -35.94
N GLN B 348 -5.87 -47.44 -34.93
CA GLN B 348 -4.94 -48.21 -34.11
C GLN B 348 -5.13 -49.71 -34.22
N PHE B 349 -6.36 -50.19 -34.23
CA PHE B 349 -6.67 -51.61 -34.36
C PHE B 349 -7.60 -51.83 -35.54
N CYS B 350 -7.39 -52.94 -36.25
CA CYS B 350 -8.21 -53.30 -37.41
C CYS B 350 -8.73 -54.72 -37.24
N VAL B 351 -9.81 -55.02 -37.96
CA VAL B 351 -10.43 -56.34 -37.90
C VAL B 351 -9.95 -57.18 -39.09
N GLY B 352 -10.56 -56.97 -40.25
CA GLY B 352 -10.24 -57.78 -41.42
C GLY B 352 -9.02 -57.33 -42.16
N ASP B 353 -8.02 -56.86 -41.41
CA ASP B 353 -6.79 -56.28 -41.97
C ASP B 353 -7.12 -55.20 -43.00
N ASN B 354 -8.08 -54.34 -42.64
CA ASN B 354 -8.40 -53.16 -43.42
C ASN B 354 -8.09 -51.93 -42.59
N LYS B 355 -7.25 -51.05 -43.13
CA LYS B 355 -6.87 -49.83 -42.46
C LYS B 355 -7.38 -48.64 -43.27
N TYR B 356 -7.40 -47.46 -42.64
CA TYR B 356 -7.76 -46.25 -43.35
C TYR B 356 -6.72 -45.95 -44.42
N THR B 357 -7.16 -45.88 -45.67
CA THR B 357 -6.28 -45.53 -46.78
C THR B 357 -6.57 -44.10 -47.21
N PRO B 358 -5.69 -43.15 -46.91
CA PRO B 358 -5.96 -41.76 -47.30
C PRO B 358 -5.99 -41.60 -48.81
N ASP B 359 -6.81 -40.65 -49.27
CA ASP B 359 -7.00 -40.39 -50.68
C ASP B 359 -6.08 -39.25 -51.10
N ASP B 360 -5.23 -39.51 -52.10
CA ASP B 360 -4.29 -38.53 -52.61
C ASP B 360 -4.78 -37.83 -53.86
N SER B 361 -5.96 -38.20 -54.37
CA SER B 361 -6.52 -37.59 -55.58
C SER B 361 -7.27 -36.29 -55.29
N THR B 362 -6.95 -35.62 -54.19
CA THR B 362 -7.57 -34.34 -53.83
C THR B 362 -6.64 -33.23 -54.31
N GLY B 363 -6.97 -32.65 -55.48
CA GLY B 363 -6.08 -31.69 -56.10
C GLY B 363 -6.68 -30.33 -56.37
N GLY B 364 -7.83 -30.04 -55.77
CA GLY B 364 -8.43 -28.72 -55.87
C GLY B 364 -7.64 -27.62 -55.20
N LEU B 365 -6.49 -27.95 -54.61
CA LEU B 365 -5.58 -27.00 -53.96
C LEU B 365 -6.29 -26.32 -52.77
N THR B 366 -6.47 -27.11 -51.71
CA THR B 366 -7.03 -26.61 -50.46
C THR B 366 -5.89 -25.95 -49.66
N THR B 367 -5.40 -24.85 -50.20
CA THR B 367 -4.34 -24.08 -49.57
C THR B 367 -4.93 -23.11 -48.55
N ASN B 368 -4.08 -22.27 -47.97
CA ASN B 368 -4.45 -21.31 -46.94
C ASN B 368 -5.11 -21.98 -45.74
N ALA B 369 -4.86 -23.28 -45.56
CA ALA B 369 -5.35 -24.08 -44.45
C ALA B 369 -4.20 -24.42 -43.51
N PRO B 370 -4.46 -24.49 -42.21
CA PRO B 370 -3.38 -24.76 -41.24
C PRO B 370 -2.71 -26.08 -41.51
N PRO B 371 -1.46 -26.26 -41.04
CA PRO B 371 -0.75 -27.52 -41.26
C PRO B 371 -1.50 -28.71 -40.68
N GLN B 372 -1.01 -29.90 -41.01
CA GLN B 372 -1.71 -31.14 -40.68
C GLN B 372 -1.15 -31.84 -39.44
N GLY B 373 0.12 -31.61 -39.12
CA GLY B 373 0.70 -32.23 -37.94
C GLY B 373 0.90 -31.26 -36.79
N ARG B 374 2.00 -31.41 -36.06
CA ARG B 374 2.35 -30.51 -34.97
C ARG B 374 3.79 -30.04 -35.10
N ASP B 375 4.30 -29.99 -36.33
CA ASP B 375 5.67 -29.56 -36.58
C ASP B 375 5.78 -28.05 -36.44
N VAL B 376 6.81 -27.60 -35.71
CA VAL B 376 7.01 -26.17 -35.52
C VAL B 376 7.40 -25.50 -36.83
N VAL B 377 8.18 -26.20 -37.66
CA VAL B 377 8.67 -25.62 -38.90
C VAL B 377 7.54 -25.21 -39.83
N GLU B 378 6.41 -25.91 -39.75
CA GLU B 378 5.26 -25.58 -40.59
C GLU B 378 4.32 -24.58 -39.95
N TRP B 379 4.15 -24.64 -38.62
CA TRP B 379 3.25 -23.70 -37.95
C TRP B 379 3.86 -22.31 -37.87
N LEU B 380 5.19 -22.20 -37.80
CA LEU B 380 5.81 -20.88 -37.91
C LEU B 380 5.62 -20.28 -39.29
N GLY B 381 5.62 -21.12 -40.34
CA GLY B 381 5.39 -20.61 -41.68
C GLY B 381 3.95 -20.20 -41.90
N TRP B 382 3.00 -21.05 -41.48
CA TRP B 382 1.59 -20.66 -41.53
C TRP B 382 1.35 -19.39 -40.73
N PHE B 383 1.95 -19.30 -39.54
CA PHE B 383 1.83 -18.09 -38.73
C PHE B 383 2.42 -16.88 -39.45
N GLU B 384 3.49 -17.07 -40.22
CA GLU B 384 4.00 -15.98 -41.05
C GLU B 384 3.00 -15.61 -42.13
N ASP B 385 2.32 -16.60 -42.72
CA ASP B 385 1.24 -16.31 -43.65
C ASP B 385 0.09 -15.58 -42.98
N GLN B 386 0.00 -15.64 -41.65
CA GLN B 386 -0.96 -14.84 -40.89
C GLN B 386 -0.36 -13.52 -40.41
N ASN B 387 0.77 -13.09 -40.98
CA ASN B 387 1.43 -11.84 -40.64
C ASN B 387 1.83 -11.76 -39.17
N ARG B 388 2.10 -12.93 -38.57
CA ARG B 388 2.53 -13.01 -37.17
C ARG B 388 1.52 -12.37 -36.22
N LYS B 389 0.25 -12.34 -36.63
CA LYS B 389 -0.84 -11.89 -35.79
C LYS B 389 -1.84 -13.03 -35.61
N PRO B 390 -2.26 -13.32 -34.38
CA PRO B 390 -3.18 -14.44 -34.17
C PRO B 390 -4.48 -14.25 -34.93
N THR B 391 -4.87 -15.28 -35.69
CA THR B 391 -6.10 -15.22 -36.47
C THR B 391 -7.31 -15.20 -35.53
N PRO B 392 -8.45 -14.68 -36.02
CA PRO B 392 -9.66 -14.69 -35.17
C PRO B 392 -10.12 -16.07 -34.76
N ASP B 393 -9.75 -17.12 -35.49
CA ASP B 393 -10.07 -18.47 -35.06
C ASP B 393 -9.21 -18.91 -33.88
N MET B 394 -7.97 -18.41 -33.82
CA MET B 394 -7.12 -18.68 -32.66
C MET B 394 -7.63 -17.97 -31.42
N MET B 395 -7.91 -16.67 -31.53
CA MET B 395 -8.44 -15.92 -30.41
C MET B 395 -9.80 -16.46 -29.97
N GLN B 396 -10.63 -16.86 -30.93
CA GLN B 396 -11.91 -17.46 -30.60
C GLN B 396 -11.72 -18.81 -29.90
N TYR B 397 -10.74 -19.60 -30.36
CA TYR B 397 -10.44 -20.86 -29.70
C TYR B 397 -10.03 -20.64 -28.24
N ALA B 398 -9.14 -19.67 -28.01
CA ALA B 398 -8.71 -19.39 -26.65
C ALA B 398 -9.86 -18.88 -25.80
N LYS B 399 -10.74 -18.06 -26.38
CA LYS B 399 -11.93 -17.63 -25.64
C LYS B 399 -12.80 -18.82 -25.27
N ARG B 400 -12.96 -19.77 -26.20
CA ARG B 400 -13.71 -20.99 -25.90
C ARG B 400 -13.06 -21.78 -24.77
N ALA B 401 -11.72 -21.75 -24.70
CA ALA B 401 -11.03 -22.51 -23.66
C ALA B 401 -11.14 -21.85 -22.29
N VAL B 402 -11.05 -20.51 -22.25
CA VAL B 402 -11.00 -19.82 -20.96
C VAL B 402 -12.37 -19.40 -20.44
N MET B 403 -13.37 -19.27 -21.30
CA MET B 403 -14.71 -18.99 -20.82
C MET B 403 -15.24 -20.19 -20.04
N SER B 404 -16.33 -19.96 -19.31
CA SER B 404 -16.93 -20.94 -18.40
C SER B 404 -15.98 -21.37 -17.29
N LEU B 405 -14.89 -20.62 -17.08
CA LEU B 405 -14.04 -20.81 -15.91
C LEU B 405 -14.59 -19.97 -14.76
N GLN B 406 -14.85 -20.62 -13.63
CA GLN B 406 -15.39 -19.96 -12.47
C GLN B 406 -14.50 -20.21 -11.26
N GLY B 407 -14.70 -19.39 -10.23
CA GLY B 407 -13.94 -19.51 -8.99
C GLY B 407 -12.45 -19.39 -9.20
N LEU B 408 -12.03 -18.31 -9.84
CA LEU B 408 -10.62 -18.09 -10.18
C LEU B 408 -9.99 -17.18 -9.13
N ARG B 409 -8.79 -17.55 -8.68
CA ARG B 409 -8.05 -16.75 -7.73
C ARG B 409 -7.33 -15.62 -8.43
N GLU B 410 -7.06 -14.54 -7.69
CA GLU B 410 -6.29 -13.44 -8.23
C GLU B 410 -4.84 -13.84 -8.39
N LYS B 411 -4.14 -13.13 -9.29
CA LYS B 411 -2.72 -13.35 -9.57
C LYS B 411 -2.43 -14.75 -10.09
N THR B 412 -3.44 -15.43 -10.63
CA THR B 412 -3.28 -16.75 -11.21
C THR B 412 -3.44 -16.67 -12.72
N ILE B 413 -2.77 -17.59 -13.42
CA ILE B 413 -2.84 -17.63 -14.89
C ILE B 413 -4.21 -18.05 -15.39
N GLY B 414 -5.05 -18.62 -14.54
CA GLY B 414 -6.43 -18.86 -14.92
C GLY B 414 -7.21 -17.56 -15.08
N LYS B 415 -7.15 -16.70 -14.06
CA LYS B 415 -7.78 -15.39 -14.17
C LYS B 415 -7.07 -14.53 -15.21
N TYR B 416 -5.76 -14.75 -15.41
CA TYR B 416 -5.06 -14.00 -16.44
C TYR B 416 -5.57 -14.37 -17.83
N ALA B 417 -5.61 -15.67 -18.14
CA ALA B 417 -6.09 -16.11 -19.45
C ALA B 417 -7.55 -15.72 -19.65
N LYS B 418 -8.37 -15.90 -18.62
CA LYS B 418 -9.78 -15.51 -18.72
C LYS B 418 -9.91 -14.01 -18.99
N SER B 419 -9.15 -13.19 -18.26
CA SER B 419 -9.19 -11.75 -18.47
C SER B 419 -8.55 -11.34 -19.79
N GLU B 420 -7.80 -12.22 -20.44
CA GLU B 420 -7.11 -11.89 -21.67
C GLU B 420 -7.91 -12.25 -22.92
N PHE B 421 -8.52 -13.45 -22.94
CA PHE B 421 -9.20 -13.92 -24.14
C PHE B 421 -10.72 -13.88 -24.07
N ASP B 422 -11.31 -13.76 -22.87
CA ASP B 422 -12.76 -13.84 -22.73
C ASP B 422 -13.34 -12.43 -22.75
N LYS B 423 -13.44 -11.87 -23.96
CA LYS B 423 -14.11 -10.59 -24.19
C LYS B 423 -14.34 -10.38 -25.69
N GLN C 1 41.14 -8.95 16.51
CA GLN C 1 42.11 -8.54 17.53
C GLN C 1 42.82 -7.23 17.21
N VAL C 2 43.39 -6.63 18.25
CA VAL C 2 44.11 -5.38 18.13
C VAL C 2 45.36 -5.42 19.02
N GLN C 3 46.48 -4.91 18.53
CA GLN C 3 47.67 -4.76 19.35
C GLN C 3 47.99 -3.29 19.58
N LEU C 4 48.40 -2.96 20.80
CA LEU C 4 48.76 -1.59 21.14
C LEU C 4 50.21 -1.49 21.59
N VAL C 5 50.94 -0.52 21.03
CA VAL C 5 52.31 -0.26 21.46
C VAL C 5 52.48 1.13 22.05
N GLU C 6 52.85 1.20 23.32
CA GLU C 6 53.12 2.49 23.95
C GLU C 6 54.53 2.95 23.61
N SER C 7 54.65 4.24 23.30
CA SER C 7 55.94 4.86 23.00
C SER C 7 55.96 6.29 23.49
N GLY C 8 57.12 6.76 23.94
CA GLY C 8 57.28 8.15 24.33
C GLY C 8 57.65 8.36 25.78
N GLY C 9 57.83 7.27 26.51
CA GLY C 9 58.16 7.37 27.93
C GLY C 9 59.63 7.66 28.18
N GLY C 10 60.02 7.67 29.45
CA GLY C 10 61.39 7.94 29.83
C GLY C 10 61.47 8.61 31.19
N LEU C 11 62.58 9.27 31.46
CA LEU C 11 62.72 10.07 32.67
C LEU C 11 62.61 11.51 32.17
N VAL C 12 62.17 12.42 33.04
CA VAL C 12 62.15 13.84 32.77
C VAL C 12 62.39 14.63 34.02
N GLN C 13 62.85 15.87 33.89
CA GLN C 13 63.02 16.74 35.05
C GLN C 13 61.74 17.16 35.77
N ALA C 14 61.79 17.20 37.10
CA ALA C 14 60.64 17.58 37.92
C ALA C 14 60.07 18.93 37.50
N GLY C 15 58.94 18.91 36.79
CA GLY C 15 58.33 20.12 36.28
C GLY C 15 58.36 20.19 34.77
N GLY C 16 58.91 19.15 34.15
CA GLY C 16 59.05 19.11 32.70
C GLY C 16 57.91 18.44 31.97
N SER C 17 57.78 18.73 30.68
CA SER C 17 56.74 18.14 29.85
C SER C 17 57.18 16.83 29.21
N LEU C 18 56.22 16.12 28.62
CA LEU C 18 56.47 14.82 28.00
C LEU C 18 55.19 14.43 27.25
N THR C 19 55.33 13.65 26.18
CA THR C 19 54.18 13.25 25.38
C THR C 19 54.31 11.77 24.99
N LEU C 20 53.42 10.95 25.52
CA LEU C 20 53.39 9.53 25.21
C LEU C 20 52.58 9.33 23.94
N SER C 21 52.85 8.24 23.22
CA SER C 21 52.04 7.88 22.06
C SER C 21 51.72 6.40 22.13
N CYS C 22 50.63 6.00 21.49
CA CYS C 22 50.23 4.60 21.43
C CYS C 22 49.84 4.25 20.02
N VAL C 23 50.53 3.28 19.43
CA VAL C 23 50.22 2.84 18.08
C VAL C 23 49.42 1.56 18.06
N ALA C 24 48.34 1.53 17.28
CA ALA C 24 47.48 0.35 17.20
C ALA C 24 47.74 -0.44 15.93
N SER C 25 47.83 -1.77 16.07
CA SER C 25 48.00 -2.67 14.93
C SER C 25 46.90 -3.73 14.91
N GLY C 26 46.54 -4.16 13.71
CA GLY C 26 45.50 -5.18 13.56
C GLY C 26 44.29 -4.66 12.80
N ARG C 27 43.22 -4.36 13.54
CA ARG C 27 42.00 -3.86 12.92
C ARG C 27 41.64 -2.48 13.48
N PRO C 28 42.23 -1.42 12.88
CA PRO C 28 41.98 -0.04 13.30
C PRO C 28 40.75 0.55 12.62
N PHE C 29 40.13 -0.20 11.72
CA PHE C 29 38.95 0.27 11.01
C PHE C 29 37.67 -0.21 11.68
N ARG C 30 37.57 0.04 12.98
CA ARG C 30 36.39 -0.37 13.75
C ARG C 30 36.29 0.41 15.05
N ASN C 31 35.08 0.51 15.60
CA ASN C 31 34.86 1.23 16.85
C ASN C 31 35.74 0.69 17.96
N TYR C 32 36.49 1.59 18.60
CA TYR C 32 37.38 1.20 19.69
C TYR C 32 37.74 2.40 20.56
N ARG C 33 37.46 2.29 21.84
CA ARG C 33 37.75 3.37 22.79
C ARG C 33 39.25 3.45 23.08
N LEU C 34 39.71 4.65 23.40
CA LEU C 34 41.11 4.87 23.70
C LEU C 34 41.31 5.56 25.05
N GLY C 35 42.00 4.88 25.96
CA GLY C 35 42.24 5.42 27.28
C GLY C 35 43.65 5.19 27.78
N TRP C 36 44.14 6.12 28.60
CA TRP C 36 45.44 5.95 29.23
C TRP C 36 45.30 5.65 30.71
N PHE C 37 46.05 4.66 31.17
CA PHE C 37 46.06 4.28 32.57
C PHE C 37 47.50 4.31 33.09
N ARG C 38 47.65 4.11 34.38
CA ARG C 38 48.99 4.04 34.98
C ARG C 38 48.97 3.25 36.25
N GLN C 39 50.13 2.76 36.66
CA GLN C 39 50.26 2.04 37.92
C GLN C 39 51.57 2.40 38.61
N ALA C 40 51.47 2.96 39.82
CA ALA C 40 52.65 3.35 40.57
C ALA C 40 53.14 2.20 41.46
N PRO C 41 54.40 2.27 41.88
CA PRO C 41 55.01 1.25 42.74
C PRO C 41 54.15 0.94 43.96
N GLY C 42 53.51 -0.22 43.95
CA GLY C 42 52.66 -0.62 45.06
C GLY C 42 51.30 0.04 45.01
N LYS C 43 50.89 0.46 43.82
CA LYS C 43 49.60 1.12 43.63
C LYS C 43 48.79 0.46 42.52
N GLU C 44 47.50 0.25 42.77
CA GLU C 44 46.62 -0.38 41.80
C GLU C 44 46.46 0.51 40.56
N ARG C 45 46.30 -0.14 39.40
CA ARG C 45 46.13 0.58 38.14
C ARG C 45 45.00 1.59 38.24
N GLU C 46 45.29 2.84 37.91
CA GLU C 46 44.29 3.91 37.95
C GLU C 46 44.07 4.57 36.60
N PHE C 47 42.93 5.25 36.46
CA PHE C 47 42.57 5.93 35.23
C PHE C 47 43.27 7.29 35.12
N VAL C 48 43.73 7.61 33.90
CA VAL C 48 44.43 8.86 33.65
C VAL C 48 43.62 9.72 32.68
N ALA C 49 43.42 9.21 31.47
CA ALA C 49 42.64 9.93 30.47
C ALA C 49 42.00 8.99 29.44
N ALA C 50 40.99 9.49 28.74
CA ALA C 50 40.29 8.71 27.74
C ALA C 50 39.74 9.58 26.63
N ILE C 51 39.49 8.98 25.46
CA ILE C 51 38.98 9.73 24.31
C ILE C 51 38.04 8.81 23.53
N ASN C 52 36.93 9.36 23.05
CA ASN C 52 36.01 8.59 22.23
C ASN C 52 36.56 8.39 20.83
N TRP C 53 35.86 7.59 20.04
CA TRP C 53 36.28 7.28 18.67
C TRP C 53 36.36 8.49 17.74
N GLY C 54 35.29 9.27 17.68
CA GLY C 54 35.25 10.44 16.84
C GLY C 54 36.36 11.42 17.15
N GLY C 55 36.69 11.55 18.43
CA GLY C 55 37.74 12.45 18.86
C GLY C 55 37.21 13.78 19.35
N VAL C 56 36.03 13.74 19.96
CA VAL C 56 35.40 14.95 20.48
C VAL C 56 35.17 14.85 21.99
N ILE C 57 34.72 13.68 22.44
CA ILE C 57 34.46 13.45 23.85
C ILE C 57 35.71 12.94 24.56
N THR C 58 36.09 13.62 25.63
CA THR C 58 37.26 13.24 26.41
C THR C 58 37.04 13.47 27.90
N ASN C 59 37.91 12.89 28.72
CA ASN C 59 37.81 13.04 30.14
C ASN C 59 39.10 12.74 30.84
N TYR C 60 39.35 13.35 31.99
CA TYR C 60 40.64 13.24 32.66
C TYR C 60 40.41 12.95 34.13
N ALA C 61 41.39 12.32 34.77
CA ALA C 61 41.36 12.14 36.21
C ALA C 61 41.59 13.49 36.88
N ASP C 62 41.13 13.63 38.12
CA ASP C 62 41.26 14.90 38.84
C ASP C 62 42.72 15.27 39.09
N SER C 63 43.56 14.25 39.26
CA SER C 63 44.97 14.47 39.61
C SER C 63 45.77 15.04 38.44
N VAL C 64 45.20 15.04 37.25
CA VAL C 64 45.92 15.47 36.05
C VAL C 64 45.22 16.51 35.20
N LYS C 65 44.07 17.00 35.68
CA LYS C 65 43.33 18.01 34.90
C LYS C 65 44.11 19.28 34.67
N GLY C 66 44.02 19.86 33.47
CA GLY C 66 44.80 21.04 33.13
C GLY C 66 46.13 20.66 32.51
N ARG C 67 46.86 19.78 33.19
CA ARG C 67 48.20 19.39 32.75
C ARG C 67 48.19 18.52 31.49
N PHE C 68 47.49 17.38 31.55
CA PHE C 68 47.55 16.40 30.48
C PHE C 68 46.54 16.72 29.38
N THR C 69 46.83 16.23 28.18
CA THR C 69 45.94 16.41 27.04
C THR C 69 45.97 15.13 26.20
N ILE C 70 44.80 14.70 25.74
CA ILE C 70 44.71 13.48 24.95
C ILE C 70 44.19 13.80 23.55
N SER C 71 44.63 13.02 22.56
CA SER C 71 44.32 13.27 21.16
C SER C 71 44.57 12.01 20.34
N ARG C 72 43.93 11.91 19.19
CA ARG C 72 44.10 10.75 18.33
C ARG C 72 43.99 11.08 16.85
N ASP C 73 44.76 10.36 16.03
CA ASP C 73 44.73 10.48 14.59
C ASP C 73 44.49 9.08 14.04
N ASP C 74 43.21 8.73 13.88
CA ASP C 74 42.83 7.38 13.46
C ASP C 74 43.22 7.00 12.02
N ALA C 75 43.65 8.01 11.26
CA ALA C 75 44.20 7.78 9.93
C ALA C 75 45.53 7.05 10.12
N LYS C 76 46.36 7.58 11.02
CA LYS C 76 47.63 6.94 11.37
C LYS C 76 47.44 5.97 12.56
N ASN C 77 46.18 5.82 12.96
CA ASN C 77 45.80 4.94 14.08
C ASN C 77 46.64 5.06 15.36
N THR C 78 46.71 6.28 15.90
CA THR C 78 47.47 6.52 17.11
C THR C 78 46.70 7.42 18.07
N VAL C 79 47.31 7.73 19.21
CA VAL C 79 46.68 8.57 20.22
C VAL C 79 47.72 9.19 21.15
N TYR C 80 48.03 10.46 20.91
CA TYR C 80 49.00 11.17 21.73
C TYR C 80 48.39 11.65 23.04
N LEU C 81 49.24 12.05 23.98
CA LEU C 81 48.77 12.53 25.28
C LEU C 81 49.85 13.35 25.98
N GLN C 82 49.80 14.67 25.78
CA GLN C 82 50.76 15.58 26.40
C GLN C 82 50.69 15.49 27.92
N MET C 83 51.85 15.57 28.56
CA MET C 83 51.93 15.50 30.02
C MET C 83 52.79 16.63 30.57
N ASN C 84 52.26 17.85 30.54
CA ASN C 84 53.00 19.02 30.98
C ASN C 84 52.98 19.16 32.50
N SER C 85 53.97 19.88 33.04
CA SER C 85 54.09 20.12 34.49
C SER C 85 54.12 18.82 35.30
N LEU C 86 55.00 17.90 34.92
CA LEU C 86 55.09 16.61 35.60
C LEU C 86 55.53 16.72 37.05
N LYS C 87 55.27 15.66 37.80
CA LYS C 87 55.57 15.62 39.21
C LYS C 87 55.88 14.18 39.61
N PRO C 88 56.75 13.99 40.62
CA PRO C 88 57.17 12.65 41.05
C PRO C 88 56.00 11.76 41.48
N GLU C 89 54.82 12.36 41.68
CA GLU C 89 53.61 11.60 41.98
C GLU C 89 53.17 11.02 40.64
N GLU C 90 53.63 11.65 39.56
CA GLU C 90 53.31 11.19 38.21
C GLU C 90 54.15 9.97 37.72
N THR C 91 55.06 9.55 38.59
CA THR C 91 55.87 8.38 38.31
C THR C 91 55.18 7.03 38.39
N ALA C 92 55.02 6.39 37.24
CA ALA C 92 54.33 5.12 37.13
C ALA C 92 54.52 4.53 35.74
N VAL C 93 54.12 3.27 35.57
CA VAL C 93 54.06 2.66 34.24
C VAL C 93 52.75 3.05 33.59
N TYR C 94 52.82 3.63 32.39
CA TYR C 94 51.61 4.10 31.71
C TYR C 94 51.17 3.13 30.61
N TYR C 95 49.92 2.69 30.68
CA TYR C 95 49.38 1.73 29.73
C TYR C 95 48.37 2.35 28.78
N CYS C 96 48.43 1.96 27.51
CA CYS C 96 47.42 2.36 26.53
C CYS C 96 46.36 1.26 26.43
N ALA C 97 45.09 1.64 26.45
CA ALA C 97 44.01 0.65 26.42
C ALA C 97 42.99 0.94 25.34
N ALA C 98 42.24 -0.08 24.93
CA ALA C 98 41.20 0.07 23.93
C ALA C 98 40.05 -0.79 24.44
N PHE C 99 38.83 -0.28 24.30
CA PHE C 99 37.62 -1.10 24.45
C PHE C 99 36.76 -0.69 23.26
N ASP C 100 36.28 -1.70 22.53
CA ASP C 100 35.50 -1.52 21.31
C ASP C 100 34.06 -1.07 21.49
N SER C 101 33.80 0.17 21.12
CA SER C 101 32.45 0.74 21.24
C SER C 101 32.38 2.12 20.58
N THR C 102 31.84 3.09 21.31
CA THR C 102 31.70 4.45 20.79
C THR C 102 31.84 5.48 21.91
N GLY C 103 32.59 5.13 22.94
CA GLY C 103 32.81 6.02 24.08
C GLY C 103 34.07 5.70 24.84
N SER C 104 34.29 6.40 25.95
CA SER C 104 35.47 6.19 26.78
C SER C 104 35.09 6.07 28.25
N PRO C 105 35.26 4.87 28.82
CA PRO C 105 34.94 4.60 30.23
C PRO C 105 35.99 5.19 31.17
N ILE C 106 35.66 5.28 32.45
CA ILE C 106 36.57 5.83 33.43
C ILE C 106 37.18 4.73 34.30
N VAL C 107 36.78 3.49 34.04
CA VAL C 107 37.27 2.34 34.78
C VAL C 107 38.26 1.53 33.95
N ARG C 108 38.81 0.47 34.55
CA ARG C 108 39.77 -0.38 33.87
C ARG C 108 39.10 -1.68 33.40
N ASP C 109 37.85 -1.88 33.80
CA ASP C 109 37.12 -3.08 33.43
C ASP C 109 36.27 -2.84 32.18
N ASN C 110 36.35 -1.62 31.65
CA ASN C 110 35.60 -1.26 30.46
C ASN C 110 36.40 -1.52 29.19
N TYR C 111 37.72 -1.58 29.32
CA TYR C 111 38.60 -1.83 28.19
C TYR C 111 38.70 -3.32 27.89
N GLU C 112 39.21 -3.65 26.70
CA GLU C 112 39.36 -5.03 26.29
C GLU C 112 40.79 -5.34 25.87
N TYR C 113 41.47 -4.34 25.31
CA TYR C 113 42.85 -4.49 24.88
C TYR C 113 43.80 -3.58 25.64
N TRP C 114 45.00 -4.08 25.92
CA TRP C 114 45.99 -3.35 26.69
C TRP C 114 47.36 -3.48 26.05
N GLY C 115 48.17 -2.43 26.17
CA GLY C 115 49.55 -2.48 25.73
C GLY C 115 50.41 -3.07 26.83
N GLN C 116 51.71 -3.14 26.60
CA GLN C 116 52.62 -3.68 27.60
C GLN C 116 53.00 -2.59 28.61
N GLY C 117 52.95 -1.34 28.16
CA GLY C 117 53.18 -0.21 29.06
C GLY C 117 54.58 0.36 28.99
N THR C 118 54.69 1.68 29.22
CA THR C 118 55.97 2.36 29.28
C THR C 118 56.20 2.95 30.67
N GLN C 119 57.43 2.86 31.17
CA GLN C 119 57.77 3.49 32.44
C GLN C 119 57.96 5.00 32.29
N VAL C 120 57.45 5.75 33.24
CA VAL C 120 57.64 7.20 33.29
C VAL C 120 58.12 7.57 34.69
N THR C 121 59.36 8.06 34.78
CA THR C 121 59.92 8.44 36.06
C THR C 121 60.19 9.95 36.11
N VAL C 122 59.80 10.58 37.21
CA VAL C 122 59.99 12.02 37.40
C VAL C 122 60.73 12.29 38.70
N SER D 3 13.93 31.63 -24.36
CA SER D 3 13.64 33.05 -24.17
C SER D 3 13.66 33.80 -25.50
N VAL D 4 12.48 34.10 -26.02
CA VAL D 4 12.32 34.79 -27.30
C VAL D 4 11.31 35.91 -27.12
N THR D 5 11.53 37.00 -27.86
CA THR D 5 10.71 38.20 -27.70
C THR D 5 9.26 37.93 -28.09
N VAL D 6 8.33 38.40 -27.26
CA VAL D 6 6.89 38.26 -27.49
C VAL D 6 6.27 39.65 -27.40
N LYS D 7 5.41 39.97 -28.37
CA LYS D 7 4.77 41.27 -28.43
C LYS D 7 3.26 41.09 -28.55
N ARG D 8 2.51 42.07 -28.06
CA ARG D 8 1.06 42.09 -28.17
C ARG D 8 0.69 42.84 -29.44
N ILE D 9 0.00 42.17 -30.35
CA ILE D 9 -0.19 42.67 -31.71
C ILE D 9 -1.14 43.86 -31.79
N ILE D 10 -1.91 44.14 -30.73
CA ILE D 10 -2.87 45.23 -30.82
C ILE D 10 -2.18 46.59 -30.67
N ASP D 11 -1.08 46.66 -29.90
CA ASP D 11 -0.40 47.93 -29.69
C ASP D 11 1.12 47.79 -29.68
N ASN D 12 1.66 46.69 -30.20
CA ASN D 12 3.09 46.42 -30.27
C ASN D 12 3.76 46.41 -28.90
N THR D 13 2.99 46.33 -27.82
CA THR D 13 3.57 46.33 -26.48
C THR D 13 4.32 45.02 -26.24
N VAL D 14 5.52 45.14 -25.68
CA VAL D 14 6.33 43.97 -25.38
C VAL D 14 5.87 43.37 -24.05
N ILE D 15 5.76 42.05 -24.01
CA ILE D 15 5.39 41.34 -22.79
C ILE D 15 6.47 40.31 -22.49
N VAL D 16 6.69 40.05 -21.21
CA VAL D 16 7.71 39.12 -20.76
C VAL D 16 7.04 38.02 -19.94
N PRO D 17 6.53 36.96 -20.57
CA PRO D 17 5.89 35.88 -19.81
C PRO D 17 6.92 35.13 -18.97
N LYS D 18 6.75 35.18 -17.66
CA LYS D 18 7.67 34.54 -16.73
C LYS D 18 6.88 33.84 -15.63
N LEU D 19 7.46 32.77 -15.11
CA LEU D 19 6.85 31.92 -14.10
C LEU D 19 7.67 31.91 -12.82
N PRO D 20 7.06 31.60 -11.68
CA PRO D 20 7.86 31.40 -10.46
C PRO D 20 8.83 30.25 -10.63
N ALA D 21 10.02 30.41 -10.06
CA ALA D 21 11.09 29.44 -10.19
C ALA D 21 11.28 28.68 -8.88
N ASN D 22 11.55 27.38 -9.00
CA ASN D 22 11.89 26.54 -7.86
C ASN D 22 13.17 25.78 -8.20
N GLU D 23 14.21 25.98 -7.40
CA GLU D 23 15.47 25.30 -7.63
C GLU D 23 15.28 23.80 -7.54
N ASP D 24 15.08 23.29 -6.33
CA ASP D 24 15.02 21.86 -6.07
C ASP D 24 16.16 21.13 -6.77
N PRO D 25 17.43 21.44 -6.45
CA PRO D 25 18.55 20.80 -7.16
C PRO D 25 18.61 19.31 -6.90
N VAL D 26 19.55 18.63 -7.56
CA VAL D 26 19.70 17.19 -7.45
C VAL D 26 21.11 16.89 -6.95
N GLU D 27 21.20 16.03 -5.94
CA GLU D 27 22.47 15.65 -5.33
C GLU D 27 22.74 14.18 -5.64
N TYR D 28 23.86 13.92 -6.33
CA TYR D 28 24.29 12.58 -6.66
C TYR D 28 25.17 12.00 -5.55
N PRO D 29 25.22 10.67 -5.43
CA PRO D 29 26.00 10.09 -4.32
C PRO D 29 27.50 10.30 -4.46
N ALA D 30 28.06 10.12 -5.66
CA ALA D 30 29.50 10.24 -5.82
C ALA D 30 30.01 11.67 -5.62
N ASP D 31 29.13 12.67 -5.68
CA ASP D 31 29.53 14.03 -5.37
C ASP D 31 29.64 14.26 -3.86
N TYR D 32 29.23 13.29 -3.04
CA TYR D 32 29.43 13.37 -1.61
C TYR D 32 30.79 12.86 -1.17
N PHE D 33 31.35 11.88 -1.89
CA PHE D 33 32.58 11.22 -1.47
C PHE D 33 33.83 11.94 -1.93
N ARG D 34 33.73 12.89 -2.84
CA ARG D 34 34.89 13.71 -3.18
C ARG D 34 35.19 14.78 -2.15
N LYS D 35 34.26 15.02 -1.22
CA LYS D 35 34.52 15.90 -0.08
C LYS D 35 34.97 15.10 1.15
N SER D 36 34.17 14.12 1.55
CA SER D 36 34.48 13.26 2.69
C SER D 36 34.63 11.83 2.20
N LYS D 37 35.75 11.20 2.56
CA LYS D 37 36.03 9.82 2.18
C LYS D 37 35.45 8.81 3.17
N GLU D 38 34.51 9.24 4.02
CA GLU D 38 33.89 8.33 4.98
C GLU D 38 32.63 8.97 5.53
N ILE D 39 31.67 8.13 5.86
CA ILE D 39 30.39 8.55 6.46
C ILE D 39 30.42 8.24 7.96
N PRO D 40 30.13 9.21 8.82
CA PRO D 40 30.16 8.95 10.26
C PRO D 40 28.83 8.47 10.81
N LEU D 41 28.91 7.74 11.92
CA LEU D 41 27.74 7.30 12.68
C LEU D 41 27.87 7.85 14.09
N TYR D 42 27.02 8.82 14.43
CA TYR D 42 27.05 9.45 15.74
C TYR D 42 26.31 8.58 16.75
N ILE D 43 27.02 8.13 17.79
CA ILE D 43 26.48 7.15 18.73
C ILE D 43 27.10 7.40 20.09
N ASN D 44 26.40 6.94 21.13
CA ASN D 44 26.83 7.12 22.52
C ASN D 44 27.26 5.77 23.07
N THR D 45 28.53 5.66 23.48
CA THR D 45 29.11 4.41 23.95
C THR D 45 29.38 4.43 25.45
N THR D 46 28.61 5.21 26.21
CA THR D 46 28.85 5.31 27.65
C THR D 46 28.20 4.16 28.41
N LYS D 47 26.88 4.03 28.30
CA LYS D 47 26.17 3.02 29.07
C LYS D 47 26.43 1.62 28.53
N SER D 48 26.15 0.62 29.35
CA SER D 48 26.44 -0.77 29.02
C SER D 48 25.30 -1.39 28.22
N LEU D 49 25.57 -2.60 27.70
CA LEU D 49 24.58 -3.28 26.87
C LEU D 49 23.37 -3.71 27.69
N SER D 50 23.60 -4.43 28.80
CA SER D 50 22.49 -4.91 29.61
C SER D 50 21.72 -3.77 30.26
N ASP D 51 22.31 -2.58 30.37
CA ASP D 51 21.55 -1.41 30.79
C ASP D 51 20.63 -0.93 29.67
N LEU D 52 21.14 -0.91 28.44
CA LEU D 52 20.33 -0.46 27.30
C LEU D 52 19.20 -1.42 26.99
N ARG D 53 19.39 -2.71 27.29
CA ARG D 53 18.35 -3.70 27.05
C ARG D 53 17.08 -3.35 27.85
N GLY D 54 17.24 -3.07 29.14
CA GLY D 54 16.11 -2.63 29.93
C GLY D 54 15.68 -1.21 29.62
N TYR D 55 16.64 -0.36 29.24
CA TYR D 55 16.32 0.99 28.77
C TYR D 55 15.25 0.95 27.68
N VAL D 56 15.52 0.19 26.61
CA VAL D 56 14.63 0.17 25.46
C VAL D 56 13.50 -0.85 25.60
N TYR D 57 13.62 -1.83 26.49
CA TYR D 57 12.51 -2.72 26.74
C TYR D 57 11.44 -2.02 27.57
N GLN D 58 11.83 -1.48 28.73
CA GLN D 58 10.88 -0.73 29.55
C GLN D 58 10.45 0.57 28.87
N GLY D 59 11.34 1.17 28.08
CA GLY D 59 10.94 2.32 27.29
C GLY D 59 9.96 1.94 26.20
N LEU D 60 10.15 0.76 25.60
CA LEU D 60 9.22 0.30 24.57
C LEU D 60 7.85 -0.01 25.17
N LYS D 61 7.81 -0.67 26.33
CA LYS D 61 6.53 -1.00 26.95
C LYS D 61 5.68 0.24 27.20
N SER D 62 6.32 1.36 27.49
CA SER D 62 5.62 2.64 27.66
C SER D 62 5.74 3.45 26.37
N GLY D 63 5.19 4.67 26.41
CA GLY D 63 5.29 5.54 25.25
C GLY D 63 6.58 6.31 25.14
N ASN D 64 7.37 6.35 26.21
CA ASN D 64 8.61 7.12 26.24
C ASN D 64 9.79 6.22 25.90
N VAL D 65 10.61 6.67 24.96
CA VAL D 65 11.85 5.98 24.61
C VAL D 65 12.77 6.97 23.91
N SER D 66 14.07 6.84 24.15
CA SER D 66 15.06 7.71 23.54
C SER D 66 15.65 7.03 22.32
N ILE D 67 15.61 7.73 21.19
CA ILE D 67 16.22 7.21 19.97
C ILE D 67 17.73 7.06 20.16
N ILE D 68 18.33 7.89 21.01
CA ILE D 68 19.74 7.75 21.34
C ILE D 68 19.98 6.42 22.02
N HIS D 69 19.03 5.94 22.81
CA HIS D 69 19.18 4.67 23.51
C HIS D 69 18.97 3.47 22.59
N VAL D 70 18.14 3.61 21.56
CA VAL D 70 17.95 2.49 20.63
C VAL D 70 19.08 2.47 19.61
N ASN D 71 19.70 3.62 19.32
CA ASN D 71 20.92 3.61 18.52
C ASN D 71 22.08 3.00 19.30
N SER D 72 22.33 3.54 20.50
CA SER D 72 23.41 3.03 21.34
C SER D 72 23.19 1.58 21.72
N TYR D 73 21.93 1.13 21.78
CA TYR D 73 21.66 -0.28 22.05
C TYR D 73 21.83 -1.12 20.80
N LEU D 74 21.41 -0.60 19.65
CA LEU D 74 21.56 -1.36 18.40
C LEU D 74 23.03 -1.56 18.04
N TYR D 75 23.90 -0.62 18.42
CA TYR D 75 25.33 -0.77 18.19
C TYR D 75 25.85 -2.05 18.86
N GLY D 76 25.99 -2.02 20.19
CA GLY D 76 26.48 -3.17 20.92
C GLY D 76 25.63 -4.41 20.75
N ALA D 77 24.35 -4.24 20.39
CA ALA D 77 23.48 -5.39 20.12
C ALA D 77 23.76 -6.01 18.75
N LEU D 78 24.42 -5.27 17.86
CA LEU D 78 24.79 -5.79 16.54
C LEU D 78 26.29 -5.72 16.30
N LYS D 79 27.08 -5.36 17.31
CA LYS D 79 28.49 -5.08 17.09
C LYS D 79 29.28 -6.34 16.78
N ASP D 80 28.93 -7.46 17.40
CA ASP D 80 29.67 -8.71 17.23
C ASP D 80 29.01 -9.61 16.18
N ILE D 81 28.71 -9.05 15.02
CA ILE D 81 28.17 -9.80 13.88
C ILE D 81 29.14 -9.61 12.72
N ARG D 82 29.42 -10.70 12.00
CA ARG D 82 30.54 -10.71 11.08
C ARG D 82 30.23 -11.56 9.86
N GLY D 83 31.15 -11.50 8.88
CA GLY D 83 31.08 -12.33 7.70
C GLY D 83 32.42 -12.35 7.00
N LYS D 84 32.69 -13.44 6.29
CA LYS D 84 33.94 -13.62 5.56
C LYS D 84 33.73 -13.29 4.10
N LEU D 85 34.52 -12.35 3.58
CA LEU D 85 34.40 -11.93 2.19
C LEU D 85 35.07 -12.95 1.27
N ASP D 86 34.32 -13.40 0.27
CA ASP D 86 34.92 -14.24 -0.77
C ASP D 86 35.82 -13.42 -1.68
N LYS D 87 35.36 -12.23 -2.08
CA LYS D 87 36.14 -11.33 -2.91
C LYS D 87 36.14 -9.94 -2.28
N ASP D 88 37.00 -9.08 -2.81
CA ASP D 88 37.18 -7.74 -2.27
C ASP D 88 35.88 -6.93 -2.38
N TRP D 89 35.78 -5.91 -1.54
CA TRP D 89 34.59 -5.06 -1.50
C TRP D 89 35.04 -3.61 -1.38
N SER D 90 34.76 -2.81 -2.40
CA SER D 90 35.10 -1.40 -2.42
C SER D 90 33.99 -0.62 -3.11
N SER D 91 33.78 0.62 -2.67
CA SER D 91 32.69 1.43 -3.22
C SER D 91 33.03 2.90 -3.03
N PHE D 92 33.05 3.66 -4.13
CA PHE D 92 33.30 5.09 -4.11
C PHE D 92 34.64 5.42 -3.44
N GLY D 93 35.66 4.64 -3.76
CA GLY D 93 36.98 4.88 -3.21
C GLY D 93 37.17 4.45 -1.78
N ILE D 94 36.27 3.64 -1.25
CA ILE D 94 36.35 3.16 0.13
C ILE D 94 36.50 1.65 0.09
N ASN D 95 37.70 1.15 0.37
CA ASN D 95 37.97 -0.27 0.40
C ASN D 95 37.59 -0.80 1.79
N ILE D 96 36.31 -1.12 1.93
CA ILE D 96 35.78 -1.62 3.20
C ILE D 96 36.39 -2.95 3.64
N GLY D 97 36.57 -3.85 2.68
CA GLY D 97 37.13 -5.16 2.98
C GLY D 97 38.44 -5.44 2.28
N LYS D 98 39.42 -5.91 3.04
CA LYS D 98 40.73 -6.21 2.48
C LYS D 98 41.06 -7.70 2.60
N ALA D 99 41.43 -8.31 1.48
CA ALA D 99 41.80 -9.72 1.41
C ALA D 99 40.72 -10.67 1.95
N GLY D 100 41.13 -11.62 2.77
CA GLY D 100 40.23 -12.59 3.36
C GLY D 100 39.71 -12.24 4.73
N ASP D 101 40.11 -11.09 5.25
CA ASP D 101 39.69 -10.66 6.58
C ASP D 101 38.18 -10.45 6.68
N THR D 102 37.60 -10.90 7.79
CA THR D 102 36.17 -10.77 8.03
C THR D 102 35.76 -9.31 8.23
N ILE D 103 34.57 -8.96 7.77
CA ILE D 103 34.06 -7.60 7.90
C ILE D 103 32.77 -7.55 8.72
N GLY D 104 32.73 -6.66 9.70
CA GLY D 104 31.57 -6.51 10.54
C GLY D 104 30.54 -5.57 9.94
N ILE D 105 29.46 -5.38 10.70
CA ILE D 105 28.33 -4.60 10.22
C ILE D 105 28.57 -3.10 10.31
N PHE D 106 29.53 -2.67 11.12
CA PHE D 106 29.86 -1.26 11.23
C PHE D 106 31.23 -0.92 10.66
N ASP D 107 31.82 -1.83 9.87
CA ASP D 107 32.99 -1.46 9.08
C ASP D 107 32.63 -0.47 7.99
N LEU D 108 31.36 -0.47 7.57
CA LEU D 108 30.93 0.37 6.46
C LEU D 108 31.01 1.85 6.84
N VAL D 109 30.61 2.19 8.07
CA VAL D 109 30.64 3.57 8.54
C VAL D 109 31.81 3.73 9.50
N SER D 110 32.04 4.97 9.91
CA SER D 110 33.02 5.30 10.93
C SER D 110 32.31 5.69 12.22
N LEU D 111 32.81 5.19 13.34
CA LEU D 111 32.18 5.42 14.62
C LEU D 111 32.65 6.76 15.20
N LYS D 112 31.70 7.64 15.50
CA LYS D 112 31.94 8.86 16.22
C LYS D 112 31.11 8.86 17.49
N ALA D 113 31.43 9.78 18.41
CA ALA D 113 30.78 9.85 19.70
C ALA D 113 29.70 10.94 19.68
N LEU D 114 28.50 10.58 20.14
CA LEU D 114 27.44 11.55 20.28
C LEU D 114 27.61 12.30 21.60
N ASP D 115 27.59 13.64 21.52
CA ASP D 115 27.78 14.47 22.69
C ASP D 115 26.55 15.33 22.98
N LEU D 118 23.19 10.88 27.98
CA LEU D 118 22.56 12.17 28.15
C LEU D 118 21.04 12.08 28.43
N PRO D 119 20.32 11.19 27.73
CA PRO D 119 18.94 10.91 28.15
C PRO D 119 18.94 10.12 29.45
N ASP D 120 18.16 10.59 30.43
CA ASP D 120 18.17 9.97 31.75
C ASP D 120 17.58 8.57 31.71
N GLY D 121 16.43 8.41 31.07
CA GLY D 121 15.83 7.11 30.86
C GLY D 121 15.43 6.39 32.15
N VAL D 122 15.24 5.08 32.02
CA VAL D 122 14.88 4.24 33.15
C VAL D 122 15.28 2.81 32.82
N SER D 123 15.78 2.08 33.82
CA SER D 123 16.41 0.79 33.62
C SER D 123 15.48 -0.35 34.04
N ASP D 124 15.94 -1.57 33.76
CA ASP D 124 15.18 -2.79 34.01
C ASP D 124 16.16 -3.95 34.11
N ALA D 125 15.83 -4.92 34.96
CA ALA D 125 16.61 -6.13 35.13
C ALA D 125 15.80 -7.33 34.63
N SER D 126 16.29 -8.53 34.95
CA SER D 126 15.67 -9.80 34.55
C SER D 126 15.66 -9.98 33.03
N ARG D 127 16.21 -9.01 32.30
CA ARG D 127 16.26 -9.07 30.84
C ARG D 127 17.60 -9.68 30.43
N THR D 128 17.56 -10.92 29.97
CA THR D 128 18.75 -11.70 29.69
C THR D 128 19.26 -11.40 28.28
N SER D 129 20.24 -12.18 27.83
CA SER D 129 20.75 -12.07 26.47
C SER D 129 19.83 -12.72 25.44
N ALA D 130 18.73 -13.33 25.88
CA ALA D 130 17.75 -13.89 24.96
C ALA D 130 16.87 -12.83 24.31
N ASP D 131 16.94 -11.58 24.79
CA ASP D 131 16.25 -10.47 24.15
C ASP D 131 17.14 -9.69 23.20
N ASP D 132 18.46 -9.76 23.39
CA ASP D 132 19.40 -9.25 22.40
C ASP D 132 19.23 -9.93 21.05
N LYS D 133 18.58 -11.09 21.02
CA LYS D 133 18.39 -11.81 19.76
C LYS D 133 17.43 -11.08 18.84
N TRP D 134 16.25 -10.72 19.35
CA TRP D 134 15.19 -10.18 18.51
C TRP D 134 14.90 -8.71 18.71
N LEU D 135 15.37 -8.09 19.80
CA LEU D 135 15.13 -6.66 19.97
C LEU D 135 15.73 -5.84 18.83
N PRO D 136 16.93 -6.14 18.30
CA PRO D 136 17.34 -5.48 17.06
C PRO D 136 16.40 -5.73 15.91
N LEU D 137 15.96 -6.97 15.71
CA LEU D 137 15.02 -7.27 14.64
C LEU D 137 13.75 -6.46 14.78
N TYR D 138 13.25 -6.30 16.01
CA TYR D 138 12.06 -5.50 16.28
C TYR D 138 12.31 -4.06 15.88
N LEU D 139 13.28 -3.42 16.56
CA LEU D 139 13.55 -2.01 16.33
C LEU D 139 13.84 -1.70 14.86
N LEU D 140 14.42 -2.67 14.13
CA LEU D 140 14.63 -2.47 12.70
C LEU D 140 13.33 -2.61 11.92
N GLY D 141 12.47 -3.55 12.33
CA GLY D 141 11.20 -3.71 11.66
C GLY D 141 10.29 -2.51 11.81
N LEU D 142 10.35 -1.83 12.97
CA LEU D 142 9.49 -0.65 13.13
C LEU D 142 9.88 0.51 12.22
N TYR D 143 11.09 0.50 11.65
CA TYR D 143 11.42 1.53 10.66
C TYR D 143 10.60 1.32 9.39
N ARG D 144 10.45 0.07 8.95
CA ARG D 144 9.62 -0.22 7.78
C ARG D 144 8.14 -0.07 8.10
N VAL D 145 7.73 -0.45 9.31
CA VAL D 145 6.32 -0.31 9.68
C VAL D 145 5.93 1.16 9.78
N GLY D 146 6.80 1.99 10.35
CA GLY D 146 6.47 3.37 10.64
C GLY D 146 6.64 4.35 9.50
N ARG D 147 6.67 3.86 8.27
CA ARG D 147 6.78 4.72 7.09
C ARG D 147 5.50 4.76 6.27
N THR D 148 4.46 4.02 6.64
CA THR D 148 3.22 3.98 5.90
C THR D 148 2.07 4.35 6.84
N GLN D 149 1.22 5.26 6.39
CA GLN D 149 0.09 5.73 7.18
C GLN D 149 -1.21 5.02 6.85
N MET D 150 -1.17 4.01 5.98
CA MET D 150 -2.36 3.22 5.70
C MET D 150 -2.66 2.32 6.89
N PRO D 151 -3.92 2.20 7.30
CA PRO D 151 -4.22 1.44 8.53
C PRO D 151 -3.93 -0.05 8.40
N GLU D 152 -4.23 -0.66 7.25
CA GLU D 152 -4.03 -2.09 7.11
C GLU D 152 -2.67 -2.45 6.53
N TYR D 153 -2.04 -1.55 5.77
CA TYR D 153 -0.68 -1.84 5.30
C TYR D 153 0.34 -1.64 6.41
N ARG D 154 0.03 -0.79 7.40
CA ARG D 154 0.87 -0.71 8.59
C ARG D 154 0.80 -2.00 9.40
N LYS D 155 -0.09 -2.92 9.06
CA LYS D 155 -0.13 -4.22 9.72
C LYS D 155 0.95 -5.14 9.16
N LYS D 156 2.10 -4.58 8.79
CA LYS D 156 3.31 -5.37 8.67
C LYS D 156 3.93 -5.64 10.02
N LEU D 157 3.50 -4.90 11.06
CA LEU D 157 3.84 -5.21 12.44
C LEU D 157 3.42 -6.63 12.81
N MET D 158 2.44 -7.19 12.11
CA MET D 158 2.09 -8.59 12.31
C MET D 158 3.15 -9.52 11.72
N ASP D 159 3.87 -9.06 10.69
CA ASP D 159 4.92 -9.88 10.10
C ASP D 159 6.26 -9.69 10.80
N GLY D 160 6.49 -8.53 11.41
CA GLY D 160 7.61 -8.42 12.34
C GLY D 160 7.34 -9.22 13.60
N LEU D 161 6.14 -9.08 14.15
CA LEU D 161 5.72 -9.90 15.27
C LEU D 161 5.84 -11.39 14.96
N THR D 162 5.52 -11.78 13.71
CA THR D 162 5.63 -13.18 13.32
C THR D 162 7.09 -13.59 13.18
N ASN D 163 7.89 -12.75 12.50
CA ASN D 163 9.29 -13.09 12.28
C ASN D 163 10.07 -13.20 13.58
N GLN D 164 9.65 -12.45 14.61
CA GLN D 164 10.26 -12.61 15.92
C GLN D 164 9.65 -13.77 16.70
N CYS D 165 8.36 -14.03 16.51
CA CYS D 165 7.77 -15.26 17.06
C CYS D 165 8.51 -16.49 16.57
N LYS D 166 9.09 -16.41 15.37
CA LYS D 166 9.92 -17.51 14.89
C LYS D 166 11.19 -17.64 15.72
N MET D 167 11.74 -16.52 16.17
CA MET D 167 12.94 -16.57 17.00
C MET D 167 12.61 -17.05 18.41
N ILE D 168 11.53 -16.53 18.99
CA ILE D 168 11.08 -16.92 20.32
C ILE D 168 9.57 -17.05 20.27
N ASN D 169 9.06 -18.24 20.61
CA ASN D 169 7.63 -18.51 20.44
C ASN D 169 6.77 -17.49 21.16
N GLU D 170 7.13 -17.17 22.41
CA GLU D 170 6.35 -16.23 23.20
C GLU D 170 6.94 -14.82 23.06
N GLN D 171 6.80 -14.30 21.83
CA GLN D 171 7.12 -12.91 21.52
C GLN D 171 5.82 -12.19 21.20
N PHE D 172 5.53 -11.13 21.94
CA PHE D 172 4.39 -10.28 21.65
C PHE D 172 4.82 -8.83 21.77
N GLU D 173 4.30 -8.00 20.87
CA GLU D 173 4.84 -6.67 20.62
C GLU D 173 4.90 -5.84 21.91
N PRO D 174 6.09 -5.41 22.34
CA PRO D 174 6.18 -4.61 23.57
C PRO D 174 5.83 -3.15 23.36
N LEU D 175 4.81 -2.86 22.55
CA LEU D 175 4.43 -1.49 22.25
C LEU D 175 2.92 -1.36 22.29
N VAL D 176 2.45 -0.24 22.85
CA VAL D 176 1.03 0.05 23.00
C VAL D 176 0.44 0.33 21.62
N PRO D 177 -0.88 0.22 21.44
CA PRO D 177 -1.46 0.60 20.13
C PRO D 177 -1.14 2.03 19.74
N GLU D 178 -1.18 2.96 20.70
CA GLU D 178 -0.70 4.32 20.46
C GLU D 178 0.71 4.32 19.88
N GLY D 179 1.46 3.24 20.10
CA GLY D 179 2.78 3.06 19.51
C GLY D 179 2.84 3.24 18.00
N ARG D 180 1.69 3.25 17.33
CA ARG D 180 1.63 3.54 15.91
C ARG D 180 2.23 4.93 15.63
N ASP D 181 2.41 5.72 16.67
CA ASP D 181 3.04 7.02 16.57
C ASP D 181 4.41 7.08 17.23
N ILE D 182 4.89 5.97 17.81
CA ILE D 182 6.13 6.00 18.58
C ILE D 182 7.34 5.86 17.66
N PHE D 183 7.32 4.88 16.77
CA PHE D 183 8.46 4.65 15.88
C PHE D 183 8.38 5.47 14.59
N ASP D 184 7.33 6.28 14.41
CA ASP D 184 7.26 7.14 13.25
C ASP D 184 8.31 8.25 13.31
N VAL D 185 8.79 8.59 14.50
CA VAL D 185 9.81 9.62 14.65
C VAL D 185 11.21 9.07 14.47
N TRP D 186 11.40 7.75 14.66
CA TRP D 186 12.72 7.15 14.54
C TRP D 186 13.35 7.40 13.17
N GLY D 187 12.53 7.41 12.11
CA GLY D 187 13.03 7.68 10.78
C GLY D 187 13.61 9.07 10.57
N ASN D 188 13.52 9.95 11.58
CA ASN D 188 14.06 11.29 11.47
C ASN D 188 15.45 11.42 12.09
N ASP D 189 15.91 10.42 12.84
CA ASP D 189 17.25 10.44 13.41
C ASP D 189 18.24 9.92 12.37
N SER D 190 19.15 10.79 11.94
CA SER D 190 20.10 10.43 10.88
C SER D 190 20.91 9.19 11.22
N ASN D 191 21.25 9.00 12.50
CA ASN D 191 22.08 7.86 12.88
C ASN D 191 21.31 6.55 12.84
N TYR D 192 20.00 6.59 13.15
CA TYR D 192 19.19 5.39 13.05
C TYR D 192 19.08 4.91 11.59
N THR D 193 18.87 5.86 10.68
CA THR D 193 18.86 5.52 9.25
C THR D 193 20.23 5.05 8.79
N LYS D 194 21.30 5.67 9.30
CA LYS D 194 22.64 5.18 9.03
C LYS D 194 22.89 3.81 9.64
N ILE D 195 22.06 3.38 10.59
CA ILE D 195 22.14 2.02 11.12
C ILE D 195 21.41 1.04 10.20
N VAL D 196 20.17 1.35 9.86
CA VAL D 196 19.39 0.41 9.03
C VAL D 196 20.01 0.26 7.65
N ALA D 197 20.59 1.34 7.12
CA ALA D 197 21.22 1.25 5.81
C ALA D 197 22.47 0.37 5.86
N ALA D 198 23.23 0.46 6.95
CA ALA D 198 24.40 -0.40 7.10
C ALA D 198 24.00 -1.85 7.33
N VAL D 199 22.88 -2.09 8.02
CA VAL D 199 22.40 -3.45 8.22
C VAL D 199 22.00 -4.07 6.88
N ASP D 200 21.20 -3.34 6.09
CA ASP D 200 20.76 -3.87 4.81
C ASP D 200 21.93 -4.04 3.84
N MET D 201 22.83 -3.06 3.81
CA MET D 201 24.00 -3.16 2.94
C MET D 201 24.89 -4.33 3.33
N PHE D 202 25.03 -4.58 4.64
CA PHE D 202 25.81 -5.72 5.10
C PHE D 202 25.14 -7.03 4.70
N PHE D 203 23.86 -7.18 5.01
CA PHE D 203 23.18 -8.45 4.76
C PHE D 203 22.85 -8.66 3.29
N HIS D 204 23.09 -7.67 2.43
CA HIS D 204 22.99 -7.94 0.99
C HIS D 204 24.20 -8.71 0.48
N MET D 205 25.38 -8.39 0.99
CA MET D 205 26.59 -9.15 0.63
C MET D 205 26.56 -10.53 1.26
N PHE D 206 26.40 -10.58 2.58
CA PHE D 206 26.32 -11.86 3.31
C PHE D 206 24.86 -12.27 3.36
N LYS D 207 24.46 -13.06 2.37
CA LYS D 207 23.05 -13.30 2.10
C LYS D 207 22.46 -14.39 2.97
N LYS D 208 23.18 -15.50 3.15
CA LYS D 208 22.69 -16.62 3.94
C LYS D 208 23.23 -16.63 5.36
N HIS D 209 23.43 -15.45 5.95
CA HIS D 209 23.80 -15.37 7.36
C HIS D 209 22.66 -15.86 8.22
N GLU D 210 23.00 -16.44 9.38
CA GLU D 210 21.98 -16.90 10.31
C GLU D 210 21.13 -15.74 10.82
N CYS D 211 21.64 -14.52 10.78
CA CYS D 211 20.90 -13.33 11.18
C CYS D 211 20.42 -12.52 9.98
N ALA D 212 20.33 -13.13 8.80
CA ALA D 212 19.85 -12.42 7.61
C ALA D 212 18.40 -11.99 7.75
N SER D 213 17.63 -12.63 8.64
CA SER D 213 16.25 -12.23 8.88
C SER D 213 16.16 -10.77 9.31
N PHE D 214 17.21 -10.25 9.93
CA PHE D 214 17.27 -8.84 10.31
C PHE D 214 17.02 -7.90 9.14
N ARG D 215 17.28 -8.37 7.91
CA ARG D 215 17.05 -7.54 6.74
C ARG D 215 15.58 -7.13 6.61
N TYR D 216 14.67 -7.94 7.16
CA TYR D 216 13.27 -7.53 7.20
C TYR D 216 13.13 -6.25 8.00
N GLY D 217 12.50 -5.25 7.38
CA GLY D 217 12.40 -3.93 7.94
C GLY D 217 13.44 -2.96 7.40
N THR D 218 14.63 -3.44 7.07
CA THR D 218 15.65 -2.62 6.45
C THR D 218 15.65 -2.72 4.93
N ILE D 219 14.91 -3.67 4.36
CA ILE D 219 14.88 -3.85 2.92
C ILE D 219 14.24 -2.63 2.24
N VAL D 220 13.39 -1.90 2.94
CA VAL D 220 12.80 -0.68 2.39
C VAL D 220 13.82 0.45 2.27
N SER D 221 15.03 0.26 2.81
CA SER D 221 16.07 1.26 2.66
C SER D 221 16.83 1.13 1.35
N ARG D 222 16.79 -0.04 0.72
CA ARG D 222 17.49 -0.24 -0.55
C ARG D 222 16.72 0.44 -1.66
N PHE D 223 17.39 1.35 -2.37
CA PHE D 223 16.79 2.13 -3.46
C PHE D 223 15.59 2.93 -2.99
N LYS D 224 15.63 3.41 -1.74
CA LYS D 224 14.61 4.31 -1.25
C LYS D 224 14.68 5.62 -2.01
N ASP D 225 13.51 6.14 -2.40
CA ASP D 225 13.41 7.34 -3.23
C ASP D 225 14.12 7.15 -4.57
N CYS D 226 14.00 5.94 -5.14
CA CYS D 226 14.63 5.60 -6.41
C CYS D 226 13.66 4.78 -7.25
N ALA D 227 12.43 5.27 -7.39
CA ALA D 227 11.40 4.48 -8.07
C ALA D 227 11.61 4.48 -9.58
N ALA D 228 11.91 5.64 -10.17
CA ALA D 228 12.00 5.75 -11.62
C ALA D 228 13.01 4.77 -12.20
N LEU D 229 14.14 4.58 -11.52
CA LEU D 229 15.11 3.57 -11.94
C LEU D 229 14.48 2.19 -11.97
N ALA D 230 13.70 1.85 -10.93
CA ALA D 230 13.02 0.56 -10.90
C ALA D 230 11.97 0.45 -11.99
N THR D 231 11.39 1.57 -12.42
CA THR D 231 10.49 1.53 -13.57
C THR D 231 11.25 1.32 -14.86
N PHE D 232 12.51 1.79 -14.93
CA PHE D 232 13.34 1.49 -16.07
C PHE D 232 13.69 0.01 -16.13
N GLY D 233 13.99 -0.59 -14.98
CA GLY D 233 14.19 -2.03 -14.94
C GLY D 233 12.93 -2.80 -15.28
N HIS D 234 11.79 -2.35 -14.76
CA HIS D 234 10.52 -3.03 -15.03
C HIS D 234 10.13 -2.93 -16.49
N LEU D 235 10.46 -1.80 -17.14
CA LEU D 235 10.17 -1.67 -18.56
C LEU D 235 11.13 -2.51 -19.40
N CYS D 236 12.42 -2.48 -19.04
CA CYS D 236 13.40 -3.32 -19.74
C CYS D 236 13.15 -4.80 -19.53
N LYS D 237 12.35 -5.17 -18.53
CA LYS D 237 11.98 -6.57 -18.33
C LYS D 237 10.67 -6.92 -19.05
N ILE D 238 9.66 -6.06 -18.93
CA ILE D 238 8.36 -6.35 -19.52
C ILE D 238 8.45 -6.31 -21.05
N THR D 239 9.13 -5.30 -21.59
CA THR D 239 9.31 -5.23 -23.04
C THR D 239 10.15 -6.39 -23.55
N GLY D 240 11.08 -6.88 -22.72
CA GLY D 240 12.05 -7.87 -23.15
C GLY D 240 13.18 -7.31 -23.99
N MET D 241 13.25 -6.01 -24.17
CA MET D 241 14.28 -5.37 -24.98
C MET D 241 15.46 -4.94 -24.11
N SER D 242 16.59 -4.72 -24.75
CA SER D 242 17.78 -4.29 -24.04
C SER D 242 17.60 -2.86 -23.54
N THR D 243 18.47 -2.46 -22.61
CA THR D 243 18.43 -1.11 -22.08
C THR D 243 18.69 -0.07 -23.17
N GLU D 244 19.63 -0.37 -24.07
CA GLU D 244 19.94 0.56 -25.16
C GLU D 244 18.83 0.62 -26.19
N ASP D 245 18.11 -0.49 -26.39
CA ASP D 245 16.98 -0.46 -27.33
C ASP D 245 15.79 0.30 -26.74
N VAL D 246 15.48 0.05 -25.47
CA VAL D 246 14.40 0.79 -24.82
C VAL D 246 14.75 2.27 -24.75
N THR D 247 16.03 2.59 -24.56
CA THR D 247 16.45 3.99 -24.49
C THR D 247 16.12 4.74 -25.78
N THR D 248 16.11 4.04 -26.92
CA THR D 248 15.78 4.69 -28.18
C THR D 248 14.30 4.99 -28.30
N TRP D 249 13.45 4.15 -27.71
CA TRP D 249 12.00 4.36 -27.79
C TRP D 249 11.51 5.51 -26.94
N ILE D 250 12.40 6.38 -26.47
CA ILE D 250 12.00 7.59 -25.76
C ILE D 250 11.74 8.67 -26.80
N LEU D 251 10.49 9.13 -26.88
CA LEU D 251 10.07 10.09 -27.89
C LEU D 251 9.70 11.45 -27.32
N ASN D 252 9.80 11.62 -26.00
CA ASN D 252 9.42 12.86 -25.35
C ASN D 252 10.67 13.56 -24.80
N ARG D 253 10.69 14.88 -24.92
CA ARG D 253 11.85 15.66 -24.51
C ARG D 253 12.09 15.57 -23.01
N GLU D 254 11.01 15.61 -22.22
CA GLU D 254 11.16 15.52 -20.77
C GLU D 254 11.74 14.18 -20.36
N VAL D 255 11.22 13.09 -20.93
CA VAL D 255 11.77 11.77 -20.64
C VAL D 255 13.20 11.66 -21.11
N ALA D 256 13.58 12.42 -22.14
CA ALA D 256 14.98 12.45 -22.56
C ALA D 256 15.85 13.12 -21.51
N ASP D 257 15.44 14.29 -21.03
CA ASP D 257 16.23 15.00 -20.02
C ASP D 257 16.33 14.17 -18.73
N GLU D 258 15.22 13.54 -18.33
CA GLU D 258 15.24 12.73 -17.11
C GLU D 258 16.09 11.48 -17.29
N MET D 259 16.01 10.84 -18.46
CA MET D 259 16.84 9.67 -18.71
C MET D 259 18.32 10.02 -18.74
N VAL D 260 18.66 11.21 -19.25
CA VAL D 260 20.03 11.69 -19.14
C VAL D 260 20.38 11.97 -17.68
N GLN D 261 19.39 12.39 -16.89
CA GLN D 261 19.64 12.72 -15.49
C GLN D 261 19.97 11.48 -14.67
N MET D 262 19.23 10.39 -14.88
CA MET D 262 19.48 9.18 -14.10
C MET D 262 20.79 8.51 -14.48
N MET D 263 21.17 8.56 -15.75
CA MET D 263 22.30 7.77 -16.25
C MET D 263 23.61 8.53 -16.24
N LEU D 264 23.87 9.34 -15.21
CA LEU D 264 25.19 9.93 -15.07
C LEU D 264 26.20 8.82 -14.76
N PRO D 265 27.41 8.89 -15.33
CA PRO D 265 28.27 7.72 -15.45
C PRO D 265 29.09 7.34 -14.23
N GLY D 266 29.05 8.09 -13.13
CA GLY D 266 29.93 7.78 -12.02
C GLY D 266 29.24 7.54 -10.69
N GLN D 267 28.04 6.95 -10.71
CA GLN D 267 27.24 6.79 -9.49
C GLN D 267 27.05 5.33 -9.09
N GLU D 268 27.79 4.41 -9.71
CA GLU D 268 27.77 2.98 -9.34
C GLU D 268 26.37 2.40 -9.33
N ILE D 269 25.49 2.88 -10.22
CA ILE D 269 24.14 2.35 -10.29
C ILE D 269 24.09 0.93 -10.84
N ASP D 270 25.20 0.43 -11.38
CA ASP D 270 25.26 -0.92 -11.92
C ASP D 270 26.01 -1.91 -11.02
N LYS D 271 26.73 -1.42 -10.01
CA LYS D 271 27.42 -2.31 -9.10
C LYS D 271 26.42 -3.12 -8.28
N ALA D 272 26.76 -4.39 -8.03
CA ALA D 272 25.89 -5.25 -7.25
C ALA D 272 25.76 -4.76 -5.82
N ASP D 273 26.89 -4.65 -5.11
CA ASP D 273 26.92 -4.21 -3.72
C ASP D 273 27.65 -2.87 -3.66
N SER D 274 26.90 -1.80 -3.43
CA SER D 274 27.47 -0.46 -3.45
C SER D 274 26.74 0.43 -2.43
N TYR D 275 27.33 1.59 -2.17
CA TYR D 275 26.71 2.61 -1.32
C TYR D 275 25.57 3.34 -2.02
N MET D 276 25.43 3.19 -3.33
CA MET D 276 24.42 3.95 -4.07
C MET D 276 22.99 3.64 -3.65
N PRO D 277 22.57 2.38 -3.50
CA PRO D 277 21.15 2.13 -3.14
C PRO D 277 20.72 2.75 -1.82
N TYR D 278 21.65 3.20 -0.99
CA TYR D 278 21.34 3.74 0.34
C TYR D 278 21.78 5.19 0.45
N LEU D 279 21.66 5.94 -0.65
CA LEU D 279 22.12 7.32 -0.67
C LEU D 279 21.25 8.26 0.17
N ILE D 280 20.08 7.81 0.61
CA ILE D 280 19.15 8.65 1.35
C ILE D 280 19.32 8.47 2.86
N ASP D 281 19.31 7.22 3.33
CA ASP D 281 19.46 6.96 4.76
C ASP D 281 20.90 7.19 5.22
N PHE D 282 21.88 6.92 4.36
CA PHE D 282 23.26 7.22 4.68
C PHE D 282 23.54 8.72 4.67
N GLY D 283 22.64 9.52 4.09
CA GLY D 283 22.90 10.93 3.97
C GLY D 283 23.84 11.32 2.85
N LEU D 284 24.07 10.42 1.90
CA LEU D 284 24.88 10.75 0.72
C LEU D 284 24.18 11.77 -0.16
N SER D 285 22.87 11.93 -0.03
CA SER D 285 22.11 12.83 -0.88
C SER D 285 20.81 13.19 -0.18
N SER D 286 20.46 14.49 -0.23
CA SER D 286 19.22 14.96 0.35
C SER D 286 18.07 15.00 -0.65
N LYS D 287 18.36 15.06 -1.95
CA LYS D 287 17.35 15.01 -3.00
C LYS D 287 17.81 13.97 -4.02
N SER D 288 17.18 12.81 -4.02
CA SER D 288 17.61 11.71 -4.86
C SER D 288 17.44 12.08 -6.34
N PRO D 289 18.35 11.65 -7.21
CA PRO D 289 18.18 11.88 -8.65
C PRO D 289 17.33 10.84 -9.37
N TYR D 290 16.96 9.76 -8.67
CA TYR D 290 16.29 8.62 -9.30
C TYR D 290 14.86 8.46 -8.83
N SER D 291 14.31 9.49 -8.20
CA SER D 291 12.95 9.43 -7.67
C SER D 291 11.92 9.73 -8.75
N SER D 292 10.71 9.24 -8.55
CA SER D 292 9.59 9.58 -9.41
C SER D 292 9.04 10.99 -9.14
N VAL D 293 9.81 11.85 -8.47
CA VAL D 293 9.43 13.23 -8.19
C VAL D 293 10.32 14.11 -9.05
N LYS D 294 11.55 13.68 -9.26
CA LYS D 294 12.45 14.34 -10.19
C LYS D 294 12.47 13.68 -11.56
N ASN D 295 11.79 12.55 -11.74
CA ASN D 295 11.65 11.91 -13.05
C ASN D 295 10.18 11.50 -13.22
N PRO D 296 9.27 12.47 -13.34
CA PRO D 296 7.84 12.14 -13.37
C PRO D 296 7.39 11.58 -14.72
N ALA D 297 7.80 12.24 -15.81
CA ALA D 297 7.39 11.79 -17.14
C ALA D 297 7.94 10.42 -17.48
N PHE D 298 9.12 10.09 -16.96
CA PHE D 298 9.67 8.75 -17.16
C PHE D 298 8.85 7.72 -16.39
N HIS D 299 8.49 8.03 -15.14
CA HIS D 299 7.68 7.11 -14.34
C HIS D 299 6.34 6.85 -15.01
N PHE D 300 5.65 7.93 -15.42
CA PHE D 300 4.36 7.81 -16.08
C PHE D 300 4.47 7.05 -17.40
N TRP D 301 5.45 7.42 -18.22
CA TRP D 301 5.60 6.81 -19.53
C TRP D 301 5.93 5.33 -19.42
N GLY D 302 6.99 4.99 -18.69
CA GLY D 302 7.38 3.60 -18.56
C GLY D 302 6.34 2.75 -17.86
N GLN D 303 5.73 3.28 -16.79
CA GLN D 303 4.71 2.51 -16.08
C GLN D 303 3.49 2.28 -16.95
N LEU D 304 3.06 3.29 -17.71
CA LEU D 304 1.90 3.13 -18.58
C LEU D 304 2.19 2.15 -19.70
N THR D 305 3.36 2.25 -20.32
CA THR D 305 3.72 1.30 -21.37
C THR D 305 3.77 -0.12 -20.84
N ALA D 306 4.35 -0.31 -19.64
CA ALA D 306 4.33 -1.63 -19.01
C ALA D 306 2.90 -2.12 -18.81
N LEU D 307 2.03 -1.26 -18.26
CA LEU D 307 0.64 -1.63 -18.03
C LEU D 307 -0.03 -2.08 -19.33
N LEU D 308 0.20 -1.35 -20.42
CA LEU D 308 -0.35 -1.75 -21.71
C LEU D 308 0.25 -3.06 -22.19
N LEU D 309 1.47 -3.38 -21.75
CA LEU D 309 2.09 -4.67 -22.06
C LEU D 309 1.84 -5.71 -20.96
N ARG D 310 0.63 -5.73 -20.41
CA ARG D 310 0.16 -6.77 -19.49
C ARG D 310 0.92 -6.77 -18.16
N SER D 311 1.23 -5.58 -17.65
CA SER D 311 1.91 -5.51 -16.37
C SER D 311 0.92 -5.64 -15.22
N THR D 312 1.42 -6.09 -14.08
CA THR D 312 0.67 -6.18 -12.85
C THR D 312 1.06 -5.11 -11.83
N ARG D 313 2.35 -4.79 -11.75
CA ARG D 313 2.81 -3.77 -10.82
C ARG D 313 2.25 -2.40 -11.19
N ALA D 314 2.11 -2.13 -12.49
CA ALA D 314 1.67 -0.82 -12.95
C ALA D 314 0.22 -0.54 -12.62
N ARG D 315 -0.58 -1.58 -12.34
CA ARG D 315 -1.99 -1.39 -12.03
C ARG D 315 -2.21 -0.48 -10.82
N ASN D 316 -1.19 -0.31 -9.98
CA ASN D 316 -1.29 0.52 -8.78
C ASN D 316 -0.23 1.62 -8.73
N ALA D 317 0.57 1.78 -9.78
CA ALA D 317 1.53 2.88 -9.82
C ALA D 317 0.79 4.20 -9.89
N ARG D 318 1.33 5.20 -9.20
CA ARG D 318 0.62 6.46 -9.02
C ARG D 318 0.94 7.44 -10.14
N GLN D 319 -0.06 8.25 -10.49
CA GLN D 319 0.02 9.17 -11.61
C GLN D 319 0.60 10.50 -11.13
N PRO D 320 1.80 10.89 -11.56
CA PRO D 320 2.39 12.15 -11.08
C PRO D 320 1.58 13.37 -11.51
N ASP D 321 1.97 14.52 -10.97
CA ASP D 321 1.29 15.77 -11.24
C ASP D 321 2.14 16.66 -12.15
N ASP D 322 1.45 17.46 -12.97
CA ASP D 322 2.07 18.46 -13.84
C ASP D 322 3.07 17.81 -14.81
N ILE D 323 2.51 17.01 -15.73
CA ILE D 323 3.24 16.44 -16.85
C ILE D 323 2.32 16.45 -18.07
N GLU D 324 2.91 16.17 -19.23
CA GLU D 324 2.18 16.15 -20.49
C GLU D 324 1.55 14.78 -20.66
N TYR D 325 0.35 14.59 -20.10
CA TYR D 325 -0.30 13.30 -20.18
C TYR D 325 -0.60 12.90 -21.62
N THR D 326 -0.90 13.88 -22.49
CA THR D 326 -1.30 13.57 -23.85
C THR D 326 -0.14 13.00 -24.66
N SER D 327 0.95 13.76 -24.77
CA SER D 327 2.10 13.31 -25.55
C SER D 327 2.71 12.04 -24.96
N LEU D 328 2.86 11.99 -23.65
CA LEU D 328 3.39 10.80 -22.99
C LEU D 328 2.52 9.57 -23.27
N THR D 329 1.19 9.74 -23.21
CA THR D 329 0.30 8.62 -23.46
C THR D 329 0.37 8.16 -24.91
N THR D 330 0.45 9.10 -25.86
CA THR D 330 0.60 8.71 -27.25
C THR D 330 1.89 7.95 -27.48
N ALA D 331 2.99 8.41 -26.87
CA ALA D 331 4.27 7.71 -26.99
C ALA D 331 4.17 6.29 -26.43
N GLY D 332 3.61 6.16 -25.23
CA GLY D 332 3.41 4.83 -24.65
C GLY D 332 2.48 3.96 -25.47
N LEU D 333 1.54 4.56 -26.19
CA LEU D 333 0.64 3.79 -27.03
C LEU D 333 1.37 3.23 -28.25
N LEU D 334 2.18 4.07 -28.91
CA LEU D 334 2.95 3.60 -30.05
C LEU D 334 3.98 2.55 -29.63
N TYR D 335 4.64 2.78 -28.49
CA TYR D 335 5.63 1.83 -28.01
C TYR D 335 4.99 0.49 -27.65
N ALA D 336 3.94 0.54 -26.82
CA ALA D 336 3.28 -0.70 -26.40
C ALA D 336 2.63 -1.42 -27.57
N TYR D 337 2.13 -0.67 -28.55
CA TYR D 337 1.56 -1.30 -29.74
C TYR D 337 2.64 -1.96 -30.59
N ALA D 338 3.80 -1.31 -30.70
CA ALA D 338 4.91 -1.90 -31.43
C ALA D 338 5.37 -3.20 -30.79
N VAL D 339 5.57 -3.18 -29.47
CA VAL D 339 6.00 -4.39 -28.77
C VAL D 339 4.92 -5.45 -28.80
N GLY D 340 3.65 -5.04 -28.79
CA GLY D 340 2.53 -5.97 -28.79
C GLY D 340 2.34 -6.70 -30.11
N SER D 341 2.41 -5.97 -31.22
CA SER D 341 2.22 -6.59 -32.52
C SER D 341 3.44 -7.41 -32.93
N SER D 342 4.64 -6.93 -32.61
CA SER D 342 5.88 -7.59 -33.03
C SER D 342 6.33 -8.56 -31.93
N ALA D 343 5.69 -9.72 -31.88
CA ALA D 343 6.09 -10.75 -30.94
C ALA D 343 7.48 -11.29 -31.27
N ASP D 344 7.87 -11.22 -32.54
CA ASP D 344 9.21 -11.63 -32.99
C ASP D 344 9.51 -13.08 -32.61
N LEU D 345 8.52 -13.95 -32.80
CA LEU D 345 8.72 -15.37 -32.56
C LEU D 345 9.72 -15.93 -33.56
N ALA D 346 10.73 -16.64 -33.04
CA ALA D 346 11.78 -17.20 -33.87
C ALA D 346 12.16 -18.58 -33.33
N GLN D 347 12.40 -19.52 -34.25
CA GLN D 347 12.76 -20.87 -33.86
C GLN D 347 14.09 -20.87 -33.11
N GLN D 348 14.15 -21.67 -32.04
CA GLN D 348 15.31 -21.70 -31.16
C GLN D 348 16.05 -23.04 -31.19
N PHE D 349 15.34 -24.15 -31.18
CA PHE D 349 15.94 -25.48 -31.23
C PHE D 349 15.39 -26.25 -32.42
N CYS D 350 16.25 -27.05 -33.06
CA CYS D 350 15.87 -27.86 -34.20
C CYS D 350 16.27 -29.31 -33.95
N VAL D 351 15.64 -30.22 -34.68
CA VAL D 351 15.91 -31.65 -34.55
C VAL D 351 16.86 -32.09 -35.67
N GLY D 352 16.31 -32.32 -36.86
CA GLY D 352 17.10 -32.84 -37.96
C GLY D 352 17.87 -31.77 -38.70
N ASP D 353 18.34 -30.77 -37.96
CA ASP D 353 19.03 -29.60 -38.53
C ASP D 353 18.18 -28.97 -39.63
N ASN D 354 16.89 -28.82 -39.35
CA ASN D 354 15.96 -28.10 -40.21
C ASN D 354 15.45 -26.90 -39.45
N LYS D 355 15.63 -25.71 -40.03
CA LYS D 355 15.17 -24.46 -39.44
C LYS D 355 14.11 -23.85 -40.33
N TYR D 356 13.38 -22.89 -39.78
CA TYR D 356 12.40 -22.16 -40.58
C TYR D 356 13.12 -21.34 -41.64
N THR D 357 12.80 -21.59 -42.90
CA THR D 357 13.35 -20.84 -44.00
C THR D 357 12.30 -19.87 -44.53
N PRO D 358 12.44 -18.57 -44.28
CA PRO D 358 11.42 -17.63 -44.76
C PRO D 358 11.38 -17.58 -46.28
N ASP D 359 10.19 -17.32 -46.81
CA ASP D 359 9.96 -17.27 -48.24
C ASP D 359 10.06 -15.82 -48.72
N ASP D 360 10.96 -15.58 -49.67
CA ASP D 360 11.16 -14.24 -50.22
C ASP D 360 10.41 -14.02 -51.53
N SER D 361 9.72 -15.03 -52.04
CA SER D 361 8.97 -14.93 -53.29
C SER D 361 7.59 -14.30 -53.11
N THR D 362 7.38 -13.54 -52.05
CA THR D 362 6.12 -12.86 -51.79
C THR D 362 6.22 -11.44 -52.32
N GLY D 363 5.70 -11.21 -53.52
CA GLY D 363 5.87 -9.94 -54.19
C GLY D 363 4.60 -9.21 -54.56
N GLY D 364 3.47 -9.64 -54.01
CA GLY D 364 2.22 -8.93 -54.21
C GLY D 364 2.16 -7.55 -53.59
N LEU D 365 3.26 -7.11 -52.95
CA LEU D 365 3.38 -5.79 -52.34
C LEU D 365 2.35 -5.61 -51.21
N THR D 366 2.60 -6.32 -50.11
CA THR D 366 1.79 -6.19 -48.90
C THR D 366 2.27 -4.97 -48.12
N THR D 367 2.04 -3.80 -48.72
CA THR D 367 2.42 -2.53 -48.12
C THR D 367 1.32 -2.06 -47.18
N ASN D 368 1.47 -0.86 -46.64
CA ASN D 368 0.54 -0.27 -45.68
C ASN D 368 0.34 -1.16 -44.46
N ALA D 369 1.29 -2.04 -44.18
CA ALA D 369 1.32 -2.93 -43.04
C ALA D 369 2.39 -2.48 -42.05
N PRO D 370 2.15 -2.65 -40.75
CA PRO D 370 3.11 -2.19 -39.74
C PRO D 370 4.47 -2.86 -39.91
N PRO D 371 5.54 -2.25 -39.41
CA PRO D 371 6.87 -2.86 -39.53
C PRO D 371 6.94 -4.23 -38.88
N GLN D 372 8.05 -4.91 -39.13
CA GLN D 372 8.21 -6.31 -38.75
C GLN D 372 8.99 -6.50 -37.46
N GLY D 373 9.87 -5.55 -37.11
CA GLY D 373 10.64 -5.65 -35.88
C GLY D 373 10.16 -4.71 -34.80
N ARG D 374 11.09 -4.16 -34.02
CA ARG D 374 10.78 -3.17 -33.00
C ARG D 374 11.68 -1.95 -33.13
N ASP D 375 12.12 -1.65 -34.34
CA ASP D 375 12.99 -0.51 -34.59
C ASP D 375 12.18 0.78 -34.54
N VAL D 376 12.69 1.77 -33.82
CA VAL D 376 12.01 3.06 -33.71
C VAL D 376 12.00 3.77 -35.06
N VAL D 377 13.07 3.63 -35.83
CA VAL D 377 13.22 4.36 -37.09
C VAL D 377 12.10 3.97 -38.06
N GLU D 378 11.60 2.74 -37.96
CA GLU D 378 10.53 2.29 -38.86
C GLU D 378 9.14 2.57 -38.30
N TRP D 379 8.97 2.47 -36.97
CA TRP D 379 7.67 2.72 -36.38
C TRP D 379 7.31 4.21 -36.38
N LEU D 380 8.32 5.08 -36.29
CA LEU D 380 8.05 6.51 -36.46
C LEU D 380 7.62 6.82 -37.89
N GLY D 381 8.17 6.11 -38.87
CA GLY D 381 7.76 6.32 -40.25
C GLY D 381 6.38 5.80 -40.53
N TRP D 382 6.08 4.57 -40.08
CA TRP D 382 4.73 4.05 -40.19
C TRP D 382 3.74 4.95 -39.47
N PHE D 383 4.09 5.43 -38.28
CA PHE D 383 3.25 6.36 -37.55
C PHE D 383 3.03 7.66 -38.32
N GLU D 384 4.05 8.11 -39.06
CA GLU D 384 3.87 9.25 -39.95
C GLU D 384 2.90 8.92 -41.08
N ASP D 385 2.98 7.70 -41.61
CA ASP D 385 1.99 7.25 -42.59
C ASP D 385 0.60 7.18 -41.99
N GLN D 386 0.48 7.13 -40.66
CA GLN D 386 -0.80 7.24 -39.98
C GLN D 386 -1.13 8.68 -39.57
N ASN D 387 -0.43 9.66 -40.14
CA ASN D 387 -0.67 11.08 -39.88
C ASN D 387 -0.48 11.43 -38.40
N ARG D 388 0.40 10.69 -37.71
CA ARG D 388 0.72 10.92 -36.30
C ARG D 388 -0.53 10.87 -35.42
N LYS D 389 -1.55 10.13 -35.85
CA LYS D 389 -2.74 9.88 -35.08
C LYS D 389 -2.87 8.39 -34.84
N PRO D 390 -3.11 7.94 -33.61
CA PRO D 390 -3.20 6.50 -33.35
C PRO D 390 -4.32 5.86 -34.15
N THR D 391 -3.99 4.77 -34.85
CA THR D 391 -4.96 4.05 -35.65
C THR D 391 -6.01 3.40 -34.76
N PRO D 392 -7.19 3.11 -35.29
CA PRO D 392 -8.22 2.43 -34.48
C PRO D 392 -7.79 1.06 -33.99
N ASP D 393 -6.84 0.41 -34.64
CA ASP D 393 -6.32 -0.86 -34.12
C ASP D 393 -5.44 -0.65 -32.91
N MET D 394 -4.74 0.49 -32.84
CA MET D 394 -3.95 0.81 -31.66
C MET D 394 -4.86 1.13 -30.47
N MET D 395 -5.84 2.01 -30.68
CA MET D 395 -6.78 2.34 -29.62
C MET D 395 -7.57 1.11 -29.18
N GLN D 396 -7.96 0.27 -30.14
CA GLN D 396 -8.66 -0.97 -29.78
C GLN D 396 -7.74 -1.90 -29.01
N TYR D 397 -6.47 -1.98 -29.38
CA TYR D 397 -5.51 -2.79 -28.64
C TYR D 397 -5.39 -2.32 -27.19
N ALA D 398 -5.26 -1.00 -27.01
CA ALA D 398 -5.16 -0.46 -25.65
C ALA D 398 -6.43 -0.70 -24.86
N LYS D 399 -7.59 -0.58 -25.51
CA LYS D 399 -8.85 -0.92 -24.83
C LYS D 399 -8.86 -2.39 -24.41
N ARG D 400 -8.39 -3.28 -25.28
CA ARG D 400 -8.28 -4.69 -24.91
C ARG D 400 -7.35 -4.89 -23.73
N ALA D 401 -6.30 -4.07 -23.62
CA ALA D 401 -5.35 -4.25 -22.52
C ALA D 401 -5.90 -3.72 -21.20
N VAL D 402 -6.63 -2.59 -21.24
CA VAL D 402 -7.06 -1.95 -20.00
C VAL D 402 -8.45 -2.41 -19.53
N MET D 403 -9.28 -2.92 -20.43
CA MET D 403 -10.56 -3.47 -19.99
C MET D 403 -10.31 -4.73 -19.15
N SER D 404 -11.37 -5.16 -18.46
CA SER D 404 -11.32 -6.27 -17.51
C SER D 404 -10.37 -6.00 -16.35
N LEU D 405 -9.94 -4.76 -16.16
CA LEU D 405 -9.21 -4.35 -14.97
C LEU D 405 -10.21 -3.96 -13.89
N GLN D 406 -10.10 -4.59 -12.72
CA GLN D 406 -11.00 -4.34 -11.62
C GLN D 406 -10.19 -3.96 -10.38
N GLY D 407 -10.90 -3.39 -9.40
CA GLY D 407 -10.28 -2.99 -8.15
C GLY D 407 -9.14 -2.02 -8.33
N LEU D 408 -9.40 -0.91 -9.03
CA LEU D 408 -8.39 0.09 -9.34
C LEU D 408 -8.47 1.23 -8.34
N ARG D 409 -7.31 1.65 -7.84
CA ARG D 409 -7.25 2.78 -6.92
C ARG D 409 -7.29 4.09 -7.69
N GLU D 410 -7.76 5.13 -7.01
CA GLU D 410 -7.76 6.46 -7.60
C GLU D 410 -6.33 6.99 -7.71
N LYS D 411 -6.15 7.94 -8.62
CA LYS D 411 -4.86 8.59 -8.87
C LYS D 411 -3.77 7.61 -9.28
N THR D 412 -4.15 6.45 -9.81
CA THR D 412 -3.20 5.47 -10.30
C THR D 412 -3.29 5.37 -11.82
N ILE D 413 -2.17 5.00 -12.44
CA ILE D 413 -2.13 4.88 -13.89
C ILE D 413 -2.96 3.72 -14.41
N GLY D 414 -3.35 2.79 -13.54
CA GLY D 414 -4.30 1.76 -13.93
C GLY D 414 -5.67 2.34 -14.19
N LYS D 415 -6.20 3.10 -13.23
CA LYS D 415 -7.47 3.79 -13.44
C LYS D 415 -7.35 4.86 -14.51
N TYR D 416 -6.17 5.45 -14.68
CA TYR D 416 -5.97 6.43 -15.73
C TYR D 416 -6.09 5.77 -17.11
N ALA D 417 -5.33 4.69 -17.33
CA ALA D 417 -5.39 4.00 -18.61
C ALA D 417 -6.77 3.44 -18.88
N LYS D 418 -7.40 2.84 -17.85
CA LYS D 418 -8.75 2.33 -18.01
C LYS D 418 -9.72 3.44 -18.38
N SER D 419 -9.65 4.57 -17.69
CA SER D 419 -10.51 5.71 -17.99
C SER D 419 -10.17 6.37 -19.32
N GLU D 420 -9.01 6.07 -19.89
CA GLU D 420 -8.58 6.71 -21.13
C GLU D 420 -8.92 5.89 -22.37
N PHE D 421 -8.73 4.56 -22.32
CA PHE D 421 -8.92 3.74 -23.50
C PHE D 421 -10.17 2.87 -23.48
N ASP D 422 -10.78 2.67 -22.30
CA ASP D 422 -11.92 1.75 -22.19
C ASP D 422 -13.22 2.54 -22.31
N LYS D 423 -13.56 2.87 -23.55
CA LYS D 423 -14.83 3.50 -23.88
C LYS D 423 -15.06 3.48 -25.40
N GLN E 1 27.46 39.59 16.63
CA GLN E 1 27.98 40.51 17.64
C GLN E 1 27.78 41.98 17.27
N VAL E 2 27.87 42.83 18.28
CA VAL E 2 27.73 44.27 18.13
C VAL E 2 28.73 44.99 19.01
N GLN E 3 29.34 46.06 18.50
CA GLN E 3 30.20 46.91 19.32
C GLN E 3 29.58 48.28 19.50
N LEU E 4 29.70 48.83 20.71
CA LEU E 4 29.17 50.16 20.99
C LEU E 4 30.26 51.11 21.43
N VAL E 5 30.29 52.30 20.85
CA VAL E 5 31.23 53.33 21.25
C VAL E 5 30.54 54.58 21.79
N GLU E 6 30.77 54.88 23.06
CA GLU E 6 30.22 56.09 23.65
C GLU E 6 31.08 57.30 23.29
N SER E 7 30.43 58.40 22.94
CA SER E 7 31.11 59.65 22.61
C SER E 7 30.26 60.84 23.06
N GLY E 8 30.92 61.91 23.49
CA GLY E 8 30.20 63.13 23.83
C GLY E 8 30.36 63.57 25.27
N GLY E 9 31.14 62.82 26.05
CA GLY E 9 31.33 63.13 27.45
C GLY E 9 32.33 64.25 27.69
N GLY E 10 32.62 64.52 28.96
CA GLY E 10 33.57 65.55 29.32
C GLY E 10 33.21 66.17 30.66
N LEU E 11 33.71 67.38 30.91
CA LEU E 11 33.33 68.13 32.09
C LEU E 11 32.40 69.21 31.54
N VAL E 12 31.49 69.71 32.38
CA VAL E 12 30.63 70.84 32.08
C VAL E 12 30.34 71.65 33.30
N GLN E 13 29.98 72.92 33.13
CA GLN E 13 29.59 73.75 34.26
C GLN E 13 28.29 73.35 34.97
N ALA E 14 28.29 73.45 36.29
CA ALA E 14 27.14 73.09 37.10
C ALA E 14 25.87 73.84 36.64
N GLY E 15 24.99 73.13 35.95
CA GLY E 15 23.79 73.73 35.40
C GLY E 15 23.79 73.77 33.89
N GLY E 16 24.86 73.23 33.29
CA GLY E 16 25.02 73.24 31.85
C GLY E 16 24.50 72.00 31.14
N SER E 17 24.25 72.14 29.84
CA SER E 17 23.77 71.02 29.04
C SER E 17 24.92 70.20 28.44
N LEU E 18 24.57 69.04 27.88
CA LEU E 18 25.55 68.12 27.29
C LEU E 18 24.76 67.04 26.56
N THR E 19 25.35 66.46 25.52
CA THR E 19 24.68 65.43 24.74
C THR E 19 25.66 64.31 24.39
N LEU E 20 25.42 63.13 24.95
CA LEU E 20 26.25 61.96 24.68
C LEU E 20 25.73 61.29 23.42
N SER E 21 26.60 60.54 22.74
CA SER E 21 26.18 59.74 21.59
C SER E 21 26.80 58.36 21.72
N CYS E 22 26.18 57.38 21.09
CA CYS E 22 26.69 56.01 21.09
C CYS E 22 26.60 55.47 19.69
N VAL E 23 27.74 55.08 19.13
CA VAL E 23 27.76 54.50 17.79
C VAL E 23 27.88 52.99 17.81
N ALA E 24 27.05 52.31 17.04
CA ALA E 24 27.05 50.85 17.00
C ALA E 24 27.76 50.32 15.75
N SER E 25 28.59 49.31 15.94
CA SER E 25 29.29 48.66 14.83
C SER E 25 29.04 47.16 14.84
N GLY E 26 29.02 46.55 13.67
CA GLY E 26 28.78 45.13 13.54
C GLY E 26 27.52 44.80 12.78
N ARG E 27 26.47 44.43 13.51
CA ARG E 27 25.18 44.09 12.89
C ARG E 27 24.08 45.01 13.39
N PRO E 28 23.93 46.18 12.77
CA PRO E 28 22.91 47.16 13.14
C PRO E 28 21.58 46.89 12.44
N PHE E 29 21.54 45.90 11.57
CA PHE E 29 20.32 45.55 10.85
C PHE E 29 19.56 44.43 11.55
N ARG E 30 19.31 44.60 12.84
CA ARG E 30 18.60 43.60 13.62
C ARG E 30 18.03 44.21 14.90
N ASN E 31 17.00 43.58 15.45
CA ASN E 31 16.36 44.06 16.67
C ASN E 31 17.38 44.18 17.81
N TYR E 32 17.45 45.37 18.41
CA TYR E 32 18.38 45.61 19.50
C TYR E 32 17.94 46.81 20.33
N ARG E 33 17.76 46.59 21.63
CA ARG E 33 17.34 47.66 22.53
C ARG E 33 18.49 48.62 22.81
N LEU E 34 18.15 49.88 23.09
CA LEU E 34 19.15 50.90 23.37
C LEU E 34 18.87 51.60 24.71
N GLY E 35 19.82 51.48 25.64
CA GLY E 35 19.67 52.10 26.94
C GLY E 35 20.94 52.78 27.44
N TRP E 36 20.77 53.83 28.22
CA TRP E 36 21.90 54.49 28.85
C TRP E 36 21.95 54.19 30.35
N PHE E 37 23.13 53.85 30.83
CA PHE E 37 23.35 53.60 32.25
C PHE E 37 24.48 54.49 32.75
N ARG E 38 24.71 54.45 34.06
CA ARG E 38 25.81 55.22 34.64
C ARG E 38 26.25 54.59 35.95
N GLN E 39 27.47 54.90 36.37
CA GLN E 39 27.97 54.44 37.64
C GLN E 39 28.81 55.52 38.32
N ALA E 40 28.37 55.94 39.49
CA ALA E 40 29.08 56.98 40.24
C ALA E 40 30.14 56.37 41.16
N PRO E 41 31.12 57.19 41.58
CA PRO E 41 32.20 56.75 42.46
C PRO E 41 31.67 56.03 43.69
N GLY E 42 31.84 54.71 43.73
CA GLY E 42 31.38 53.91 44.85
C GLY E 42 29.88 53.64 44.79
N LYS E 43 29.33 53.70 43.58
CA LYS E 43 27.90 53.46 43.39
C LYS E 43 27.66 52.42 42.30
N GLU E 44 26.74 51.49 42.56
CA GLU E 44 26.42 50.44 41.61
C GLU E 44 25.79 51.02 40.35
N ARG E 45 26.05 50.38 39.22
CA ARG E 45 25.51 50.82 37.94
C ARG E 45 23.99 50.96 38.00
N GLU E 46 23.50 52.14 37.63
CA GLU E 46 22.06 52.41 37.65
C GLU E 46 21.51 52.77 36.27
N PHE E 47 20.19 52.64 36.12
CA PHE E 47 19.52 52.93 34.87
C PHE E 47 19.28 54.43 34.71
N VAL E 48 19.48 54.94 33.48
CA VAL E 48 19.29 56.34 33.19
C VAL E 48 18.15 56.53 32.19
N ALA E 49 18.32 55.97 31.00
CA ALA E 49 17.27 56.06 29.98
C ALA E 49 17.34 54.90 28.99
N ALA E 50 16.24 54.68 28.27
CA ALA E 50 16.14 53.60 27.30
C ALA E 50 15.20 53.96 26.17
N ILE E 51 15.37 53.29 25.02
CA ILE E 51 14.54 53.56 23.85
C ILE E 51 14.34 52.24 23.10
N ASN E 52 13.13 52.01 22.61
CA ASN E 52 12.84 50.82 21.82
C ASN E 52 13.44 50.94 20.43
N TRP E 53 13.36 49.86 19.66
CA TRP E 53 13.89 49.82 18.30
C TRP E 53 13.27 50.82 17.33
N GLY E 54 11.94 50.81 17.26
CA GLY E 54 11.22 51.71 16.38
C GLY E 54 11.53 53.16 16.65
N GLY E 55 11.71 53.49 17.93
CA GLY E 55 12.02 54.86 18.32
C GLY E 55 10.79 55.63 18.77
N VAL E 56 9.85 54.92 19.39
CA VAL E 56 8.62 55.53 19.87
C VAL E 56 8.47 55.35 21.38
N ILE E 57 8.80 54.16 21.86
CA ILE E 57 8.70 53.86 23.29
C ILE E 57 10.00 54.20 24.01
N THR E 58 9.89 55.01 25.07
CA THR E 58 11.05 55.42 25.84
C THR E 58 10.71 55.52 27.33
N ASN E 59 11.73 55.60 28.16
CA ASN E 59 11.56 55.69 29.58
C ASN E 59 12.75 56.24 30.27
N TYR E 60 12.58 56.90 31.40
CA TYR E 60 13.66 57.61 32.07
C TYR E 60 13.64 57.27 33.56
N ALA E 61 14.79 57.36 34.21
CA ALA E 61 14.85 57.25 35.66
C ALA E 61 14.22 58.48 36.28
N ASP E 62 13.74 58.36 37.52
CA ASP E 62 13.09 59.47 38.19
C ASP E 62 14.04 60.64 38.43
N SER E 63 15.32 60.33 38.62
CA SER E 63 16.32 61.35 38.95
C SER E 63 16.65 62.26 37.78
N VAL E 64 16.21 61.88 36.59
CA VAL E 64 16.55 62.61 35.37
C VAL E 64 15.38 63.02 34.48
N LYS E 65 14.17 62.74 34.96
CA LYS E 65 12.98 63.08 34.15
C LYS E 65 12.86 64.57 33.89
N GLY E 66 12.46 64.96 32.67
CA GLY E 66 12.39 66.35 32.28
C GLY E 66 13.70 66.82 31.67
N ARG E 67 14.80 66.57 32.36
CA ARG E 67 16.12 67.03 31.94
C ARG E 67 16.64 66.28 30.71
N PHE E 68 16.75 64.97 30.81
CA PHE E 68 17.40 64.18 29.77
C PHE E 68 16.41 63.81 28.66
N THR E 69 16.95 63.55 27.47
CA THR E 69 16.14 63.13 26.33
C THR E 69 16.94 62.10 25.54
N ILE E 70 16.26 61.05 25.09
CA ILE E 70 16.92 59.98 24.34
C ILE E 70 16.34 59.90 22.94
N SER E 71 17.17 59.50 21.97
CA SER E 71 16.79 59.48 20.56
C SER E 71 17.75 58.59 19.79
N ARG E 72 17.30 58.10 18.64
CA ARG E 72 18.14 57.24 17.81
C ARG E 72 17.88 57.40 16.32
N ASP E 73 18.94 57.26 15.53
CA ASP E 73 18.87 57.30 14.08
C ASP E 73 19.51 56.01 13.58
N ASP E 74 18.70 54.96 13.44
CA ASP E 74 19.20 53.63 13.07
C ASP E 74 19.76 53.53 11.63
N ALA E 75 19.51 54.58 10.83
CA ALA E 75 20.12 54.68 9.52
C ALA E 75 21.62 54.89 9.73
N LYS E 76 21.96 55.83 10.59
CA LYS E 76 23.35 56.07 10.96
C LYS E 76 23.76 55.22 12.18
N ASN E 77 22.82 54.36 12.60
CA ASN E 77 23.01 53.46 13.74
C ASN E 77 23.60 54.08 15.01
N THR E 78 22.93 55.12 15.52
CA THR E 78 23.38 55.80 16.72
C THR E 78 22.21 56.09 17.65
N VAL E 79 22.51 56.73 18.78
CA VAL E 79 21.49 57.07 19.76
C VAL E 79 21.94 58.21 20.67
N TYR E 80 21.45 59.42 20.39
CA TYR E 80 21.80 60.58 21.19
C TYR E 80 21.00 60.64 22.48
N LEU E 81 21.43 61.49 23.40
CA LEU E 81 20.75 61.64 24.68
C LEU E 81 21.12 62.96 25.36
N GLN E 82 20.30 63.98 25.12
CA GLN E 82 20.53 65.30 25.70
C GLN E 82 20.50 65.23 27.23
N MET E 83 21.38 66.01 27.86
CA MET E 83 21.45 66.04 29.31
C MET E 83 21.47 67.47 29.83
N ASN E 84 20.33 68.15 29.75
CA ASN E 84 20.22 69.53 30.16
C ASN E 84 20.11 69.68 31.67
N SER E 85 20.47 70.85 32.19
CA SER E 85 20.40 71.15 33.62
C SER E 85 21.17 70.16 34.48
N LEU E 86 22.44 69.93 34.12
CA LEU E 86 23.26 68.97 34.84
C LEU E 86 23.53 69.35 36.29
N LYS E 87 23.94 68.36 37.07
CA LYS E 87 24.19 68.54 38.48
C LYS E 87 25.29 67.59 38.92
N PRO E 88 26.07 67.98 39.93
CA PRO E 88 27.21 67.16 40.40
C PRO E 88 26.77 65.76 40.87
N GLU E 89 25.47 65.55 41.06
CA GLU E 89 24.96 64.22 41.38
C GLU E 89 24.96 63.47 40.06
N GLU E 90 24.96 64.21 38.96
CA GLU E 90 25.01 63.62 37.62
C GLU E 90 26.40 63.12 37.18
N THR E 91 27.38 63.34 38.05
CA THR E 91 28.74 62.88 37.80
C THR E 91 28.98 61.38 37.94
N ALA E 92 29.25 60.74 36.80
CA ALA E 92 29.44 59.30 36.74
C ALA E 92 29.96 58.90 35.37
N VAL E 93 30.38 57.64 35.24
CA VAL E 93 30.72 57.08 33.94
C VAL E 93 29.45 56.59 33.28
N TYR E 94 29.17 57.07 32.06
CA TYR E 94 27.94 56.72 31.37
C TYR E 94 28.16 55.65 30.30
N TYR E 95 27.41 54.56 30.39
CA TYR E 95 27.58 53.43 29.47
C TYR E 95 26.40 53.31 28.50
N CYS E 96 26.70 52.98 27.25
CA CYS E 96 25.67 52.69 26.26
C CYS E 96 25.47 51.17 26.21
N ALA E 97 24.22 50.73 26.21
CA ALA E 97 23.94 49.29 26.21
C ALA E 97 22.95 48.89 25.14
N ALA E 98 22.97 47.61 24.77
CA ALA E 98 22.06 47.09 23.75
C ALA E 98 21.64 45.73 24.31
N PHE E 99 20.35 45.41 24.16
CA PHE E 99 19.86 44.03 24.34
C PHE E 99 18.94 43.82 23.13
N ASP E 100 19.16 42.71 22.44
CA ASP E 100 18.45 42.35 21.22
C ASP E 100 17.01 41.87 21.39
N SER E 101 16.07 42.70 20.98
CA SER E 101 14.65 42.37 21.09
C SER E 101 13.79 43.41 20.39
N THR E 102 12.77 43.89 21.09
CA THR E 102 11.86 44.89 20.53
C THR E 102 11.35 45.83 21.61
N GLY E 103 12.15 46.03 22.66
CA GLY E 103 11.77 46.90 23.76
C GLY E 103 12.97 47.42 24.53
N SER E 104 12.71 48.14 25.61
CA SER E 104 13.77 48.69 26.44
C SER E 104 13.51 48.41 27.92
N PRO E 105 14.36 47.56 28.53
CA PRO E 105 14.23 47.20 29.94
C PRO E 105 14.72 48.31 30.85
N ILE E 106 14.38 48.23 32.13
CA ILE E 106 14.77 49.24 33.11
C ILE E 106 15.90 48.74 34.00
N VAL E 107 16.31 47.50 33.78
CA VAL E 107 17.39 46.90 34.56
C VAL E 107 18.67 46.80 33.74
N ARG E 108 19.73 46.29 34.38
CA ARG E 108 21.01 46.15 33.72
C ARG E 108 21.27 44.70 33.29
N ASP E 109 20.37 43.80 33.71
CA ASP E 109 20.49 42.39 33.37
C ASP E 109 19.68 42.06 32.13
N ASN E 110 19.04 43.07 31.55
CA ASN E 110 18.24 42.88 30.35
C ASN E 110 19.06 43.10 29.09
N TYR E 111 20.16 43.85 29.22
CA TYR E 111 21.02 44.14 28.10
C TYR E 111 21.99 42.99 27.84
N GLU E 112 22.61 43.00 26.67
CA GLU E 112 23.55 41.95 26.29
C GLU E 112 24.90 42.55 25.89
N TYR E 113 24.86 43.74 25.29
CA TYR E 113 26.08 44.41 24.84
C TYR E 113 26.28 45.74 25.57
N TRP E 114 27.54 46.05 25.87
CA TRP E 114 27.90 47.25 26.61
C TRP E 114 29.09 47.95 25.97
N GLY E 115 29.12 49.28 26.05
CA GLY E 115 30.26 50.04 25.61
C GLY E 115 31.30 50.10 26.72
N GLN E 116 32.38 50.80 26.49
CA GLN E 116 33.41 50.94 27.51
C GLN E 116 33.07 52.06 28.47
N GLY E 117 32.29 53.04 27.99
CA GLY E 117 31.80 54.11 28.84
C GLY E 117 32.58 55.40 28.75
N THR E 118 31.89 56.52 28.94
CA THR E 118 32.53 57.83 28.98
C THR E 118 32.33 58.48 30.34
N GLN E 119 33.36 59.16 30.84
CA GLN E 119 33.25 59.89 32.09
C GLN E 119 32.51 61.22 31.89
N VAL E 120 31.63 61.56 32.82
CA VAL E 120 30.93 62.83 32.82
C VAL E 120 31.08 63.46 34.20
N THR E 121 31.79 64.58 34.27
CA THR E 121 31.99 65.27 35.54
C THR E 121 31.32 66.64 35.54
N VAL E 122 30.60 66.94 36.63
CA VAL E 122 29.90 68.21 36.76
C VAL E 122 30.31 68.91 38.05
N SER F 3 -16.62 54.42 -26.23
CA SER F 3 -17.68 55.41 -26.14
C SER F 3 -18.04 55.95 -27.51
N VAL F 4 -19.17 55.49 -28.05
CA VAL F 4 -19.65 55.89 -29.36
C VAL F 4 -21.13 56.21 -29.26
N THR F 5 -21.56 57.19 -30.07
CA THR F 5 -22.92 57.70 -29.99
C THR F 5 -23.92 56.61 -30.35
N VAL F 6 -24.99 56.50 -29.55
CA VAL F 6 -26.07 55.54 -29.78
C VAL F 6 -27.38 56.30 -29.77
N LYS F 7 -28.24 56.02 -30.76
CA LYS F 7 -29.52 56.70 -30.90
C LYS F 7 -30.63 55.66 -31.01
N ARG F 8 -31.82 56.05 -30.58
CA ARG F 8 -33.01 55.22 -30.69
C ARG F 8 -33.71 55.54 -32.00
N ILE F 9 -33.84 54.53 -32.88
CA ILE F 9 -34.24 54.78 -34.25
C ILE F 9 -35.70 55.17 -34.41
N ILE F 10 -36.52 55.01 -33.38
CA ILE F 10 -37.94 55.34 -33.52
C ILE F 10 -38.17 56.85 -33.46
N ASP F 11 -37.33 57.59 -32.71
CA ASP F 11 -37.53 59.03 -32.58
C ASP F 11 -36.22 59.80 -32.56
N ASN F 12 -35.12 59.18 -33.01
CA ASN F 12 -33.80 59.80 -33.07
C ASN F 12 -33.29 60.25 -31.70
N THR F 13 -33.91 59.80 -30.62
CA THR F 13 -33.49 60.20 -29.29
C THR F 13 -32.14 59.60 -28.96
N VAL F 14 -31.24 60.42 -28.41
CA VAL F 14 -29.91 59.96 -28.04
C VAL F 14 -29.99 59.29 -26.67
N ILE F 15 -29.32 58.13 -26.55
CA ILE F 15 -29.25 57.42 -25.29
C ILE F 15 -27.78 57.23 -24.92
N VAL F 16 -27.51 57.22 -23.62
CA VAL F 16 -26.14 57.07 -23.11
C VAL F 16 -26.09 55.83 -22.22
N PRO F 17 -25.86 54.65 -22.79
CA PRO F 17 -25.77 53.43 -21.95
C PRO F 17 -24.53 53.47 -21.07
N LYS F 18 -24.76 53.48 -19.76
CA LYS F 18 -23.67 53.55 -18.80
C LYS F 18 -23.95 52.59 -17.65
N LEU F 19 -22.87 52.07 -17.06
CA LEU F 19 -22.92 51.08 -15.99
C LEU F 19 -22.28 51.64 -14.73
N PRO F 20 -22.64 51.09 -13.56
CA PRO F 20 -21.92 51.46 -12.34
C PRO F 20 -20.45 51.08 -12.43
N ALA F 21 -19.60 51.93 -11.87
CA ALA F 21 -18.16 51.76 -11.94
C ALA F 21 -17.61 51.32 -10.59
N ASN F 22 -16.63 50.41 -10.62
CA ASN F 22 -15.91 50.00 -9.43
C ASN F 22 -14.43 50.10 -9.72
N GLU F 23 -13.72 50.92 -8.94
CA GLU F 23 -12.29 51.09 -9.13
C GLU F 23 -11.57 49.76 -8.94
N ASP F 24 -11.48 49.29 -7.69
CA ASP F 24 -10.71 48.11 -7.34
C ASP F 24 -9.33 48.15 -8.00
N PRO F 25 -8.50 49.15 -7.71
CA PRO F 25 -7.20 49.24 -8.37
C PRO F 25 -6.28 48.08 -8.02
N VAL F 26 -5.10 48.04 -8.63
CA VAL F 26 -4.15 46.97 -8.43
C VAL F 26 -2.85 47.57 -7.90
N GLU F 27 -2.31 46.98 -6.84
CA GLU F 27 -1.08 47.44 -6.21
C GLU F 27 0.00 46.39 -6.43
N TYR F 28 1.09 46.79 -7.10
CA TYR F 28 2.24 45.94 -7.35
C TYR F 28 3.24 46.04 -6.21
N PRO F 29 4.05 45.00 -5.99
CA PRO F 29 4.99 45.04 -4.85
C PRO F 29 6.09 46.07 -5.00
N ALA F 30 6.69 46.19 -6.19
CA ALA F 30 7.81 47.12 -6.37
C ALA F 30 7.38 48.58 -6.26
N ASP F 31 6.09 48.88 -6.39
CA ASP F 31 5.61 50.23 -6.16
C ASP F 31 5.51 50.57 -4.68
N TYR F 32 5.72 49.59 -3.80
CA TYR F 32 5.78 49.84 -2.37
C TYR F 32 7.16 50.25 -1.90
N PHE F 33 8.21 49.73 -2.55
CA PHE F 33 9.58 49.93 -2.09
C PHE F 33 10.20 51.23 -2.60
N ARG F 34 9.59 51.90 -3.57
CA ARG F 34 10.08 53.21 -3.97
C ARG F 34 9.66 54.31 -3.00
N LYS F 35 8.73 54.01 -2.09
CA LYS F 35 8.39 54.94 -1.01
C LYS F 35 9.18 54.62 0.26
N SER F 36 9.08 53.38 0.72
CA SER F 36 9.79 52.92 1.92
C SER F 36 10.76 51.82 1.53
N LYS F 37 12.02 51.98 1.92
CA LYS F 37 13.06 51.01 1.63
C LYS F 37 13.14 49.91 2.69
N GLU F 38 12.10 49.75 3.51
CA GLU F 38 12.09 48.71 4.52
C GLU F 38 10.67 48.53 5.05
N ILE F 39 10.36 47.30 5.44
CA ILE F 39 9.07 46.93 5.99
C ILE F 39 9.21 46.78 7.51
N PRO F 40 8.38 47.43 8.31
CA PRO F 40 8.51 47.33 9.76
C PRO F 40 7.67 46.19 10.34
N LEU F 41 8.12 45.71 11.50
CA LEU F 41 7.40 44.71 12.29
C LEU F 41 7.13 45.31 13.66
N TYR F 42 5.87 45.61 13.94
CA TYR F 42 5.49 46.22 15.21
C TYR F 42 5.35 45.12 16.27
N ILE F 43 6.14 45.24 17.33
CA ILE F 43 6.24 44.18 18.34
C ILE F 43 6.55 44.81 19.69
N ASN F 44 6.22 44.09 20.75
CA ASN F 44 6.41 44.56 22.12
C ASN F 44 7.53 43.75 22.77
N THR F 45 8.60 44.43 23.18
CA THR F 45 9.78 43.77 23.73
C THR F 45 9.93 44.02 25.23
N THR F 46 8.83 44.26 25.93
CA THR F 46 8.90 44.55 27.36
C THR F 46 9.02 43.28 28.18
N LYS F 47 8.03 42.39 28.09
CA LYS F 47 8.02 41.21 28.93
C LYS F 47 9.07 40.20 28.47
N SER F 48 9.38 39.27 29.36
CA SER F 48 10.44 38.29 29.13
C SER F 48 9.90 37.08 28.37
N LEU F 49 10.83 36.23 27.92
CA LEU F 49 10.47 35.05 27.15
C LEU F 49 9.69 34.05 28.00
N SER F 50 10.25 33.66 29.14
CA SER F 50 9.61 32.66 30.00
C SER F 50 8.28 33.17 30.57
N ASP F 51 8.07 34.49 30.59
CA ASP F 51 6.76 35.01 30.94
C ASP F 51 5.78 34.81 29.80
N LEU F 52 6.22 35.06 28.56
CA LEU F 52 5.35 34.90 27.40
C LEU F 52 5.00 33.43 27.16
N ARG F 53 5.90 32.52 27.54
CA ARG F 53 5.62 31.10 27.37
C ARG F 53 4.37 30.68 28.13
N GLY F 54 4.28 31.08 29.41
CA GLY F 54 3.08 30.81 30.17
C GLY F 54 1.92 31.71 29.77
N TYR F 55 2.22 32.93 29.33
CA TYR F 55 1.19 33.82 28.78
C TYR F 55 0.39 33.10 27.70
N VAL F 56 1.09 32.58 26.69
CA VAL F 56 0.42 31.99 25.54
C VAL F 56 0.08 30.51 25.74
N TYR F 57 0.73 29.84 26.70
CA TYR F 57 0.32 28.48 27.00
C TYR F 57 -0.98 28.46 27.79
N GLN F 58 -1.02 29.20 28.91
CA GLN F 58 -2.26 29.29 29.67
C GLN F 58 -3.34 30.06 28.92
N GLY F 59 -2.94 31.03 28.09
CA GLY F 59 -3.90 31.68 27.23
C GLY F 59 -4.44 30.75 26.16
N LEU F 60 -3.58 29.87 25.63
CA LEU F 60 -4.03 28.89 24.65
C LEU F 60 -4.99 27.88 25.26
N LYS F 61 -4.68 27.38 26.47
CA LYS F 61 -5.55 26.41 27.11
C LYS F 61 -6.96 26.93 27.28
N SER F 62 -7.12 28.24 27.50
CA SER F 62 -8.42 28.87 27.58
C SER F 62 -8.76 29.53 26.25
N GLY F 63 -9.91 30.20 26.20
CA GLY F 63 -10.30 30.90 25.00
C GLY F 63 -9.68 32.27 24.83
N ASN F 64 -9.10 32.82 25.90
CA ASN F 64 -8.54 34.17 25.88
C ASN F 64 -7.05 34.12 25.59
N VAL F 65 -6.60 34.90 24.61
CA VAL F 65 -5.18 35.04 24.32
C VAL F 65 -4.99 36.35 23.55
N SER F 66 -3.87 37.00 23.79
CA SER F 66 -3.54 38.26 23.14
C SER F 66 -2.62 37.99 21.95
N ILE F 67 -3.02 38.47 20.77
CA ILE F 67 -2.17 38.33 19.59
C ILE F 67 -0.87 39.09 19.79
N ILE F 68 -0.90 40.17 20.58
CA ILE F 68 0.32 40.88 20.92
C ILE F 68 1.27 39.98 21.68
N HIS F 69 0.74 39.08 22.51
CA HIS F 69 1.58 38.18 23.29
C HIS F 69 2.13 37.04 22.45
N VAL F 70 1.41 36.60 21.42
CA VAL F 70 1.94 35.54 20.56
C VAL F 70 2.91 36.13 19.53
N ASN F 71 2.77 37.40 19.17
CA ASN F 71 3.80 38.06 18.38
C ASN F 71 5.06 38.28 19.20
N SER F 72 4.91 38.94 20.35
CA SER F 72 6.04 39.19 21.23
C SER F 72 6.70 37.90 21.70
N TYR F 73 5.93 36.81 21.78
CA TYR F 73 6.51 35.53 22.15
C TYR F 73 7.20 34.88 20.96
N LEU F 74 6.59 35.00 19.77
CA LEU F 74 7.20 34.39 18.57
C LEU F 74 8.53 35.06 18.23
N TYR F 75 8.67 36.35 18.54
CA TYR F 75 9.93 37.05 18.32
C TYR F 75 11.07 36.37 19.07
N GLY F 76 11.11 36.54 20.39
CA GLY F 76 12.16 35.93 21.19
C GLY F 76 12.19 34.40 21.11
N ALA F 77 11.06 33.78 20.75
CA ALA F 77 11.03 32.34 20.55
C ALA F 77 11.67 31.93 19.23
N LEU F 78 11.81 32.85 18.28
CA LEU F 78 12.45 32.58 17.00
C LEU F 78 13.65 33.49 16.75
N LYS F 79 14.04 34.31 17.74
CA LYS F 79 15.04 35.34 17.51
C LYS F 79 16.42 34.76 17.27
N ASP F 80 16.77 33.69 17.96
CA ASP F 80 18.11 33.08 17.86
C ASP F 80 18.13 31.92 16.89
N ILE F 81 17.59 32.13 15.69
CA ILE F 81 17.64 31.15 14.61
C ILE F 81 18.35 31.80 13.43
N ARG F 82 19.24 31.04 12.78
CA ARG F 82 20.19 31.63 11.86
C ARG F 82 20.48 30.70 10.70
N GLY F 83 21.22 31.24 9.72
CA GLY F 83 21.69 30.45 8.60
C GLY F 83 22.81 31.18 7.90
N LYS F 84 23.69 30.40 7.26
CA LYS F 84 24.84 30.95 6.55
C LYS F 84 24.54 31.01 5.06
N LEU F 85 24.64 32.21 4.49
CA LEU F 85 24.37 32.41 3.07
C LEU F 85 25.53 31.91 2.22
N ASP F 86 25.22 31.06 1.25
CA ASP F 86 26.23 30.67 0.26
C ASP F 86 26.52 31.81 -0.70
N LYS F 87 25.48 32.49 -1.18
CA LYS F 87 25.62 33.63 -2.06
C LYS F 87 24.78 34.79 -1.53
N ASP F 88 25.01 35.97 -2.12
CA ASP F 88 24.35 37.18 -1.66
C ASP F 88 22.83 37.08 -1.83
N TRP F 89 22.12 37.89 -1.05
CA TRP F 89 20.66 37.90 -1.07
C TRP F 89 20.19 39.35 -1.04
N SER F 90 19.52 39.77 -2.11
CA SER F 90 18.99 41.11 -2.22
C SER F 90 17.66 41.06 -2.97
N SER F 91 16.75 41.96 -2.60
CA SER F 91 15.42 41.96 -3.19
C SER F 91 14.84 43.37 -3.11
N PHE F 92 14.45 43.92 -4.25
CA PHE F 92 13.82 45.24 -4.32
C PHE F 92 14.69 46.32 -3.69
N GLY F 93 15.99 46.27 -3.95
CA GLY F 93 16.90 47.26 -3.43
C GLY F 93 17.25 47.09 -1.97
N ILE F 94 16.97 45.94 -1.38
CA ILE F 94 17.26 45.68 0.02
C ILE F 94 18.26 44.53 0.09
N ASN F 95 19.52 44.85 0.39
CA ASN F 95 20.57 43.85 0.52
C ASN F 95 20.51 43.27 1.92
N ILE F 96 19.65 42.28 2.11
CA ILE F 96 19.46 41.63 3.40
C ILE F 96 20.71 40.93 3.92
N GLY F 97 21.42 40.25 3.03
CA GLY F 97 22.63 39.53 3.42
C GLY F 97 23.87 40.02 2.73
N LYS F 98 24.93 40.26 3.51
CA LYS F 98 26.19 40.75 2.97
C LYS F 98 27.31 39.74 3.20
N ALA F 99 28.01 39.39 2.11
CA ALA F 99 29.13 38.46 2.13
C ALA F 99 28.78 37.09 2.73
N GLY F 100 29.64 36.60 3.62
CA GLY F 100 29.44 35.31 4.26
C GLY F 100 28.76 35.38 5.62
N ASP F 101 28.40 36.58 6.06
CA ASP F 101 27.76 36.74 7.36
C ASP F 101 26.41 36.04 7.44
N THR F 102 26.16 35.41 8.58
CA THR F 102 24.92 34.70 8.81
C THR F 102 23.73 35.65 8.93
N ILE F 103 22.57 35.22 8.44
CA ILE F 103 21.36 36.03 8.49
C ILE F 103 20.26 35.36 9.30
N GLY F 104 19.68 36.11 10.23
CA GLY F 104 18.61 35.62 11.05
C GLY F 104 17.25 35.74 10.39
N ILE F 105 16.23 35.31 11.14
CA ILE F 105 14.87 35.25 10.61
C ILE F 105 14.20 36.62 10.60
N PHE F 106 14.70 37.58 11.38
CA PHE F 106 14.14 38.92 11.41
C PHE F 106 15.09 39.96 10.80
N ASP F 107 16.13 39.53 10.08
CA ASP F 107 16.90 40.46 9.27
C ASP F 107 16.06 40.99 8.11
N LEU F 108 15.05 40.23 7.69
CA LEU F 108 14.24 40.61 6.53
C LEU F 108 13.43 41.87 6.81
N VAL F 109 12.87 41.98 8.02
CA VAL F 109 12.08 43.14 8.40
C VAL F 109 12.89 44.01 9.36
N SER F 110 12.35 45.18 9.67
CA SER F 110 12.93 46.07 10.67
C SER F 110 12.08 46.03 11.92
N LEU F 111 12.73 45.98 13.08
CA LEU F 111 12.03 45.88 14.35
C LEU F 111 11.62 47.26 14.83
N LYS F 112 10.32 47.43 15.07
CA LYS F 112 9.79 48.62 15.71
C LYS F 112 9.07 48.19 16.99
N ALA F 113 8.76 49.18 17.83
CA ALA F 113 8.13 48.93 19.13
C ALA F 113 6.64 49.18 19.04
N LEU F 114 5.85 48.22 19.52
CA LEU F 114 4.41 48.39 19.60
C LEU F 114 4.07 49.18 20.86
N ASP F 115 3.28 50.24 20.69
CA ASP F 115 2.91 51.10 21.81
C ASP F 115 1.40 51.09 22.06
N LEU F 118 1.08 45.79 27.34
CA LEU F 118 -0.21 46.48 27.43
C LEU F 118 -1.39 45.53 27.71
N PRO F 119 -1.45 44.37 27.07
CA PRO F 119 -2.42 43.35 27.51
C PRO F 119 -2.00 42.78 28.86
N ASP F 120 -2.94 42.77 29.80
CA ASP F 120 -2.63 42.35 31.16
C ASP F 120 -2.28 40.86 31.22
N GLY F 121 -3.10 40.02 30.59
CA GLY F 121 -2.83 38.60 30.46
C GLY F 121 -2.80 37.87 31.80
N VAL F 122 -2.18 36.69 31.77
CA VAL F 122 -2.01 35.85 32.95
C VAL F 122 -0.85 34.90 32.70
N SER F 123 -0.07 34.65 33.76
CA SER F 123 1.20 33.96 33.63
C SER F 123 1.10 32.52 34.12
N ASP F 124 2.20 31.78 33.93
CA ASP F 124 2.28 30.37 34.26
C ASP F 124 3.73 29.99 34.43
N ALA F 125 3.99 29.06 35.34
CA ALA F 125 5.33 28.54 35.59
C ALA F 125 5.39 27.08 35.17
N SER F 126 6.48 26.40 35.56
CA SER F 126 6.73 24.99 35.24
C SER F 126 6.86 24.76 33.75
N ARG F 127 6.78 25.82 32.96
CA ARG F 127 6.90 25.73 31.50
C ARG F 127 8.36 25.99 31.13
N THR F 128 9.06 24.93 30.76
CA THR F 128 10.50 24.98 30.53
C THR F 128 10.79 25.44 29.11
N SER F 129 12.06 25.36 28.70
CA SER F 129 12.46 25.67 27.33
C SER F 129 12.13 24.56 26.34
N ALA F 130 11.57 23.44 26.83
CA ALA F 130 11.13 22.37 25.94
C ALA F 130 9.83 22.68 25.23
N ASP F 131 9.14 23.76 25.63
CA ASP F 131 7.96 24.22 24.91
C ASP F 131 8.26 25.33 23.92
N ASP F 132 9.37 26.05 24.11
CA ASP F 132 9.88 26.95 23.09
C ASP F 132 10.18 26.22 21.79
N LYS F 133 10.33 24.90 21.83
CA LYS F 133 10.63 24.14 20.62
C LYS F 133 9.46 24.13 19.66
N TRP F 134 8.27 23.76 20.14
CA TRP F 134 7.13 23.53 19.27
C TRP F 134 6.03 24.57 19.38
N LEU F 135 6.02 25.40 20.43
CA LEU F 135 4.99 26.44 20.50
C LEU F 135 5.04 27.39 19.31
N PRO F 136 6.21 27.81 18.80
CA PRO F 136 6.20 28.53 17.52
C PRO F 136 5.62 27.71 16.38
N LEU F 137 6.00 26.43 16.27
CA LEU F 137 5.44 25.59 15.22
C LEU F 137 3.92 25.52 15.30
N TYR F 138 3.39 25.42 16.52
CA TYR F 138 1.95 25.39 16.75
C TYR F 138 1.33 26.69 16.26
N LEU F 139 1.72 27.81 16.89
CA LEU F 139 1.13 29.10 16.56
C LEU F 139 1.24 29.43 15.08
N LEU F 140 2.30 28.95 14.42
CA LEU F 140 2.42 29.15 12.98
C LEU F 140 1.46 28.24 12.22
N GLY F 141 1.29 27.01 12.68
CA GLY F 141 0.38 26.10 12.02
C GLY F 141 -1.07 26.55 12.09
N LEU F 142 -1.46 27.20 13.20
CA LEU F 142 -2.84 27.67 13.30
C LEU F 142 -3.16 28.79 12.31
N TYR F 143 -2.16 29.46 11.74
CA TYR F 143 -2.45 30.42 10.68
C TYR F 143 -2.95 29.71 9.43
N ARG F 144 -2.34 28.58 9.08
CA ARG F 144 -2.79 27.80 7.93
C ARG F 144 -4.10 27.08 8.24
N VAL F 145 -4.26 26.59 9.47
CA VAL F 145 -5.49 25.91 9.84
C VAL F 145 -6.66 26.88 9.85
N GLY F 146 -6.46 28.09 10.35
CA GLY F 146 -7.54 29.04 10.56
C GLY F 146 -7.93 29.87 9.36
N ARG F 147 -7.58 29.42 8.15
CA ARG F 147 -7.95 30.12 6.92
C ARG F 147 -8.99 29.38 6.10
N THR F 148 -9.41 28.19 6.52
CA THR F 148 -10.37 27.38 5.79
C THR F 148 -11.55 27.06 6.70
N GLN F 149 -12.76 27.28 6.19
CA GLN F 149 -13.98 27.07 6.95
C GLN F 149 -14.60 25.70 6.68
N MET F 150 -13.96 24.87 5.88
CA MET F 150 -14.46 23.51 5.66
C MET F 150 -14.22 22.66 6.90
N PRO F 151 -15.20 21.86 7.33
CA PRO F 151 -15.03 21.13 8.59
C PRO F 151 -13.94 20.08 8.56
N GLU F 152 -13.78 19.36 7.45
CA GLU F 152 -12.78 18.31 7.40
C GLU F 152 -11.44 18.77 6.85
N TYR F 153 -11.42 19.82 6.03
CA TYR F 153 -10.14 20.36 5.58
C TYR F 153 -9.46 21.18 6.67
N ARG F 154 -10.25 21.74 7.60
CA ARG F 154 -9.65 22.35 8.78
C ARG F 154 -8.99 21.32 9.68
N LYS F 155 -9.16 20.03 9.40
CA LYS F 155 -8.46 18.99 10.14
C LYS F 155 -7.04 18.83 9.65
N LYS F 156 -6.42 19.95 9.24
CA LYS F 156 -4.97 19.99 9.16
C LYS F 156 -4.36 20.21 10.54
N LEU F 157 -5.18 20.62 11.51
CA LEU F 157 -4.76 20.64 12.91
C LEU F 157 -4.30 19.28 13.38
N MET F 158 -4.75 18.20 12.72
CA MET F 158 -4.22 16.87 13.01
C MET F 158 -2.80 16.70 12.48
N ASP F 159 -2.45 17.43 11.42
CA ASP F 159 -1.10 17.35 10.87
C ASP F 159 -0.14 18.33 11.56
N GLY F 160 -0.65 19.43 12.09
CA GLY F 160 0.17 20.22 13.02
C GLY F 160 0.37 19.49 14.33
N LEU F 161 -0.71 18.93 14.88
CA LEU F 161 -0.62 18.08 16.05
C LEU F 161 0.36 16.93 15.82
N THR F 162 0.35 16.35 14.62
CA THR F 162 1.28 15.26 14.31
C THR F 162 2.71 15.77 14.19
N ASN F 163 2.90 16.87 13.47
CA ASN F 163 4.25 17.41 13.25
C ASN F 163 4.89 17.84 14.56
N GLN F 164 4.08 18.25 15.55
CA GLN F 164 4.63 18.55 16.86
C GLN F 164 4.78 17.30 17.71
N CYS F 165 3.88 16.33 17.55
CA CYS F 165 4.08 15.02 18.17
C CYS F 165 5.43 14.42 17.77
N LYS F 166 5.90 14.76 16.57
CA LYS F 166 7.23 14.32 16.15
C LYS F 166 8.30 15.00 16.99
N MET F 167 8.09 16.27 17.36
CA MET F 167 9.06 16.96 18.19
C MET F 167 9.02 16.45 19.63
N ILE F 168 7.82 16.29 20.18
CA ILE F 168 7.63 15.78 21.53
C ILE F 168 6.48 14.79 21.49
N ASN F 169 6.74 13.54 21.90
CA ASN F 169 5.74 12.48 21.75
C ASN F 169 4.43 12.85 22.42
N GLU F 170 4.48 13.39 23.64
CA GLU F 170 3.27 13.75 24.38
C GLU F 170 2.94 15.22 24.12
N GLN F 171 2.57 15.49 22.88
CA GLN F 171 2.03 16.78 22.47
C GLN F 171 0.57 16.60 22.10
N PHE F 172 -0.30 17.34 22.78
CA PHE F 172 -1.72 17.35 22.44
C PHE F 172 -2.21 18.78 22.45
N GLU F 173 -3.08 19.10 21.51
CA GLU F 173 -3.41 20.48 21.17
C GLU F 173 -3.88 21.25 22.40
N PRO F 174 -3.18 22.32 22.80
CA PRO F 174 -3.62 23.09 23.97
C PRO F 174 -4.74 24.06 23.66
N LEU F 175 -5.71 23.66 22.85
CA LEU F 175 -6.81 24.54 22.47
C LEU F 175 -8.12 23.77 22.49
N VAL F 176 -9.16 24.43 22.99
CA VAL F 176 -10.49 23.84 23.11
C VAL F 176 -11.08 23.66 21.72
N PRO F 177 -12.08 22.79 21.54
CA PRO F 177 -12.74 22.69 20.23
C PRO F 177 -13.29 24.02 19.74
N GLU F 178 -13.89 24.80 20.63
CA GLU F 178 -14.28 26.17 20.31
C GLU F 178 -13.12 26.96 19.73
N GLY F 179 -11.88 26.53 20.00
CA GLY F 179 -10.70 27.12 19.44
C GLY F 179 -10.68 27.21 17.92
N ARG F 180 -11.60 26.52 17.24
CA ARG F 180 -11.76 26.65 15.81
C ARG F 180 -12.08 28.09 15.44
N ASP F 181 -12.43 28.91 16.43
CA ASP F 181 -12.67 30.32 16.25
C ASP F 181 -11.60 31.20 16.88
N ILE F 182 -10.60 30.61 17.54
CA ILE F 182 -9.63 31.41 18.30
C ILE F 182 -8.54 31.94 17.40
N PHE F 183 -7.94 31.08 16.56
CA PHE F 183 -6.86 31.52 15.69
C PHE F 183 -7.36 32.06 14.36
N ASP F 184 -8.68 32.10 14.13
CA ASP F 184 -9.19 32.70 12.91
C ASP F 184 -8.98 34.21 12.88
N VAL F 185 -8.82 34.82 14.06
CA VAL F 185 -8.60 36.26 14.14
C VAL F 185 -7.12 36.62 13.99
N TRP F 186 -6.23 35.68 14.26
CA TRP F 186 -4.79 35.95 14.19
C TRP F 186 -4.38 36.45 12.81
N GLY F 187 -5.02 35.93 11.76
CA GLY F 187 -4.71 36.35 10.39
C GLY F 187 -5.04 37.80 10.10
N ASN F 188 -5.66 38.52 11.05
CA ASN F 188 -6.00 39.93 10.85
C ASN F 188 -4.96 40.88 11.45
N ASP F 189 -4.04 40.37 12.26
CA ASP F 189 -2.98 41.19 12.84
C ASP F 189 -1.84 41.29 11.82
N SER F 190 -1.58 42.52 11.35
CA SER F 190 -0.57 42.71 10.31
C SER F 190 0.80 42.19 10.72
N ASN F 191 1.14 42.30 12.01
CA ASN F 191 2.46 41.89 12.46
C ASN F 191 2.60 40.37 12.52
N TYR F 192 1.51 39.66 12.82
CA TYR F 192 1.55 38.19 12.80
C TYR F 192 1.78 37.68 11.38
N THR F 193 1.09 38.27 10.41
CA THR F 193 1.34 37.92 9.00
C THR F 193 2.75 38.29 8.58
N LYS F 194 3.23 39.46 9.04
CA LYS F 194 4.62 39.83 8.80
C LYS F 194 5.60 38.89 9.50
N ILE F 195 5.13 38.11 10.47
CA ILE F 195 5.98 37.09 11.08
C ILE F 195 5.99 35.82 10.24
N VAL F 196 4.80 35.32 9.88
CA VAL F 196 4.73 34.06 9.12
C VAL F 196 5.38 34.22 7.76
N ALA F 197 5.25 35.41 7.15
CA ALA F 197 5.86 35.63 5.84
C ALA F 197 7.38 35.66 5.94
N ALA F 198 7.91 36.23 7.03
CA ALA F 198 9.36 36.22 7.24
C ALA F 198 9.87 34.82 7.56
N VAL F 199 9.07 34.01 8.27
CA VAL F 199 9.46 32.64 8.55
C VAL F 199 9.53 31.83 7.26
N ASP F 200 8.50 31.91 6.43
CA ASP F 200 8.49 31.15 5.18
C ASP F 200 9.58 31.65 4.22
N MET F 201 9.75 32.97 4.13
CA MET F 201 10.78 33.51 3.25
C MET F 201 12.18 33.10 3.73
N PHE F 202 12.38 33.06 5.05
CA PHE F 202 13.66 32.61 5.58
C PHE F 202 13.90 31.14 5.27
N PHE F 203 12.93 30.29 5.60
CA PHE F 203 13.12 28.85 5.42
C PHE F 203 13.04 28.40 3.96
N HIS F 204 12.69 29.30 3.04
CA HIS F 204 12.80 28.95 1.63
C HIS F 204 14.26 28.99 1.17
N MET F 205 15.02 29.97 1.66
CA MET F 205 16.44 30.03 1.34
C MET F 205 17.21 28.94 2.07
N PHE F 206 17.06 28.86 3.39
CA PHE F 206 17.71 27.83 4.19
C PHE F 206 16.76 26.64 4.28
N LYS F 207 16.93 25.71 3.34
CA LYS F 207 15.93 24.69 3.08
C LYS F 207 16.05 23.50 4.03
N LYS F 208 17.28 23.03 4.28
CA LYS F 208 17.50 21.88 5.14
C LYS F 208 17.89 22.27 6.56
N HIS F 209 17.35 23.38 7.07
CA HIS F 209 17.56 23.73 8.46
C HIS F 209 16.88 22.70 9.37
N GLU F 210 17.45 22.51 10.55
CA GLU F 210 16.85 21.59 11.52
C GLU F 210 15.46 22.06 11.95
N CYS F 211 15.18 23.35 11.83
CA CYS F 211 13.87 23.90 12.15
C CYS F 211 13.05 24.22 10.90
N ALA F 212 13.37 23.60 9.76
CA ALA F 212 12.62 23.84 8.54
C ALA F 212 11.18 23.35 8.65
N SER F 213 10.90 22.43 9.59
CA SER F 213 9.53 21.97 9.80
C SER F 213 8.59 23.12 10.12
N PHE F 214 9.12 24.20 10.72
CA PHE F 214 8.34 25.39 11.01
C PHE F 214 7.65 25.94 9.77
N ARG F 215 8.17 25.64 8.57
CA ARG F 215 7.53 26.12 7.35
C ARG F 215 6.12 25.59 7.20
N TYR F 216 5.82 24.43 7.80
CA TYR F 216 4.44 23.95 7.82
C TYR F 216 3.55 24.97 8.53
N GLY F 217 2.47 25.37 7.84
CA GLY F 217 1.62 26.42 8.32
C GLY F 217 1.91 27.77 7.71
N THR F 218 3.18 28.06 7.42
CA THR F 218 3.55 29.30 6.75
C THR F 218 3.65 29.13 5.24
N ILE F 219 3.63 27.89 4.74
CA ILE F 219 3.76 27.66 3.30
C ILE F 219 2.57 28.23 2.55
N VAL F 220 1.42 28.37 3.21
CA VAL F 220 0.26 28.99 2.57
C VAL F 220 0.44 30.48 2.37
N SER F 221 1.51 31.06 2.92
CA SER F 221 1.78 32.48 2.71
C SER F 221 2.52 32.74 1.40
N ARG F 222 3.19 31.74 0.86
CA ARG F 222 3.92 31.91 -0.40
C ARG F 222 2.94 31.96 -1.56
N PHE F 223 2.98 33.04 -2.32
CA PHE F 223 2.08 33.27 -3.46
C PHE F 223 0.62 33.25 -3.03
N LYS F 224 0.34 33.72 -1.83
CA LYS F 224 -1.05 33.88 -1.40
C LYS F 224 -1.72 34.96 -2.23
N ASP F 225 -2.95 34.68 -2.65
CA ASP F 225 -3.71 35.55 -3.56
C ASP F 225 -2.96 35.73 -4.89
N CYS F 226 -2.34 34.66 -5.37
CA CYS F 226 -1.59 34.67 -6.62
C CYS F 226 -1.86 33.39 -7.40
N ALA F 227 -3.14 33.06 -7.58
CA ALA F 227 -3.50 31.80 -8.21
C ALA F 227 -3.27 31.83 -9.71
N ALA F 228 -3.68 32.92 -10.37
CA ALA F 228 -3.62 32.99 -11.83
C ALA F 228 -2.21 32.74 -12.34
N LEU F 229 -1.20 33.28 -11.64
CA LEU F 229 0.18 33.01 -12.01
C LEU F 229 0.48 31.51 -11.94
N ALA F 230 0.00 30.84 -10.89
CA ALA F 230 0.20 29.40 -10.77
C ALA F 230 -0.56 28.63 -11.84
N THR F 231 -1.66 29.18 -12.35
CA THR F 231 -2.33 28.56 -13.49
C THR F 231 -1.54 28.78 -14.77
N PHE F 232 -0.79 29.88 -14.86
CA PHE F 232 0.11 30.05 -16.00
C PHE F 232 1.25 29.06 -15.95
N GLY F 233 1.80 28.81 -14.76
CA GLY F 233 2.80 27.76 -14.63
C GLY F 233 2.24 26.38 -14.92
N HIS F 234 1.02 26.11 -14.43
CA HIS F 234 0.40 24.82 -14.65
C HIS F 234 0.08 24.59 -16.12
N LEU F 235 -0.29 25.65 -16.84
CA LEU F 235 -0.55 25.52 -18.26
C LEU F 235 0.75 25.35 -19.04
N CYS F 236 1.77 26.14 -18.70
CA CYS F 236 3.07 25.99 -19.34
C CYS F 236 3.73 24.65 -19.03
N LYS F 237 3.25 23.94 -18.00
CA LYS F 237 3.75 22.60 -17.72
C LYS F 237 2.92 21.52 -18.41
N ILE F 238 1.59 21.63 -18.34
CA ILE F 238 0.74 20.61 -18.92
C ILE F 238 0.84 20.61 -20.44
N THR F 239 0.82 21.80 -21.05
CA THR F 239 0.98 21.88 -22.50
C THR F 239 2.36 21.41 -22.94
N GLY F 240 3.37 21.59 -22.08
CA GLY F 240 4.74 21.33 -22.44
C GLY F 240 5.38 22.39 -23.32
N MET F 241 4.67 23.49 -23.58
CA MET F 241 5.17 24.56 -24.44
C MET F 241 5.85 25.63 -23.60
N SER F 242 6.67 26.44 -24.26
CA SER F 242 7.36 27.52 -23.57
C SER F 242 6.36 28.61 -23.18
N THR F 243 6.82 29.49 -22.26
CA THR F 243 5.97 30.59 -21.82
C THR F 243 5.63 31.52 -22.98
N GLU F 244 6.60 31.77 -23.87
CA GLU F 244 6.35 32.64 -25.00
C GLU F 244 5.45 31.99 -26.04
N ASP F 245 5.51 30.67 -26.18
CA ASP F 245 4.61 29.98 -27.11
C ASP F 245 3.18 29.94 -26.57
N VAL F 246 3.02 29.61 -25.29
CA VAL F 246 1.70 29.63 -24.68
C VAL F 246 1.12 31.04 -24.71
N THR F 247 1.96 32.06 -24.53
CA THR F 247 1.49 33.44 -24.56
C THR F 247 0.84 33.78 -25.89
N THR F 248 1.27 33.15 -26.98
CA THR F 248 0.68 33.43 -28.28
C THR F 248 -0.70 32.81 -28.43
N TRP F 249 -0.94 31.66 -27.78
CA TRP F 249 -2.23 30.98 -27.87
C TRP F 249 -3.33 31.67 -27.09
N ILE F 250 -3.13 32.92 -26.68
CA ILE F 250 -4.18 33.71 -26.06
C ILE F 250 -4.99 34.38 -27.16
N LEU F 251 -6.26 34.01 -27.27
CA LEU F 251 -7.12 34.50 -28.35
C LEU F 251 -8.22 35.42 -27.85
N ASN F 252 -8.29 35.68 -26.55
CA ASN F 252 -9.35 36.51 -25.98
C ASN F 252 -8.76 37.83 -25.49
N ARG F 253 -9.51 38.91 -25.69
CA ARG F 253 -9.02 40.24 -25.34
C ARG F 253 -8.84 40.38 -23.83
N GLU F 254 -9.77 39.83 -23.04
CA GLU F 254 -9.66 39.93 -21.59
C GLU F 254 -8.41 39.20 -21.10
N VAL F 255 -8.18 37.98 -21.60
CA VAL F 255 -6.97 37.24 -21.22
C VAL F 255 -5.72 37.96 -21.67
N ALA F 256 -5.83 38.74 -22.76
CA ALA F 256 -4.70 39.55 -23.19
C ALA F 256 -4.41 40.66 -22.18
N ASP F 257 -5.44 41.41 -21.78
CA ASP F 257 -5.25 42.49 -20.81
C ASP F 257 -4.73 41.94 -19.48
N GLU F 258 -5.28 40.82 -19.03
CA GLU F 258 -4.84 40.23 -17.77
C GLU F 258 -3.42 39.70 -17.86
N MET F 259 -3.06 39.07 -18.99
CA MET F 259 -1.70 38.59 -19.17
C MET F 259 -0.71 39.73 -19.22
N VAL F 260 -1.09 40.87 -19.81
CA VAL F 260 -0.26 42.07 -19.73
C VAL F 260 -0.20 42.57 -18.30
N GLN F 261 -1.27 42.39 -17.53
CA GLN F 261 -1.31 42.88 -16.16
C GLN F 261 -0.36 42.10 -15.26
N MET F 262 -0.31 40.77 -15.40
CA MET F 262 0.56 39.97 -14.53
C MET F 262 2.04 40.18 -14.86
N MET F 263 2.36 40.37 -16.14
CA MET F 263 3.76 40.36 -16.60
C MET F 263 4.37 41.75 -16.64
N LEU F 264 4.08 42.60 -15.67
CA LEU F 264 4.81 43.86 -15.56
C LEU F 264 6.26 43.56 -15.19
N PRO F 265 7.22 44.29 -15.76
CA PRO F 265 8.61 43.83 -15.81
C PRO F 265 9.46 44.07 -14.57
N GLY F 266 8.94 44.71 -13.52
CA GLY F 266 9.80 45.02 -12.39
C GLY F 266 9.33 44.51 -11.04
N GLN F 267 8.70 43.33 -11.03
CA GLN F 267 8.10 42.80 -9.81
C GLN F 267 8.79 41.53 -9.30
N GLU F 268 9.94 41.17 -9.87
CA GLU F 268 10.74 40.04 -9.40
C GLU F 268 9.93 38.74 -9.35
N ILE F 269 8.97 38.57 -10.27
CA ILE F 269 8.18 37.35 -10.30
C ILE F 269 8.98 36.14 -10.76
N ASP F 270 10.20 36.35 -11.26
CA ASP F 270 11.06 35.26 -11.71
C ASP F 270 12.19 34.94 -10.76
N LYS F 271 12.46 35.82 -9.78
CA LYS F 271 13.52 35.55 -8.81
C LYS F 271 13.15 34.35 -7.94
N ALA F 272 14.15 33.54 -7.61
CA ALA F 272 13.91 32.37 -6.78
C ALA F 272 13.47 32.76 -5.37
N ASP F 273 14.29 33.55 -4.69
CA ASP F 273 14.00 34.00 -3.32
C ASP F 273 13.83 35.51 -3.35
N SER F 274 12.59 35.96 -3.18
CA SER F 274 12.27 37.39 -3.28
C SER F 274 11.14 37.73 -2.34
N TYR F 275 10.92 39.03 -2.16
CA TYR F 275 9.81 39.54 -1.37
C TYR F 275 8.47 39.44 -2.10
N MET F 276 8.49 39.16 -3.41
CA MET F 276 7.25 39.16 -4.20
C MET F 276 6.25 38.09 -3.75
N PRO F 277 6.65 36.83 -3.52
CA PRO F 277 5.62 35.82 -3.14
C PRO F 277 4.86 36.15 -1.86
N TYR F 278 5.32 37.09 -1.06
CA TYR F 278 4.71 37.42 0.22
C TYR F 278 4.22 38.87 0.24
N LEU F 279 3.73 39.35 -0.91
CA LEU F 279 3.31 40.73 -1.02
C LEU F 279 2.03 41.03 -0.25
N ILE F 280 1.32 40.01 0.23
CA ILE F 280 0.04 40.20 0.92
C ILE F 280 0.23 40.23 2.44
N ASP F 281 0.93 39.23 2.98
CA ASP F 281 1.15 39.19 4.42
C ASP F 281 2.17 40.23 4.87
N PHE F 282 3.16 40.53 4.02
CA PHE F 282 4.09 41.61 4.32
C PHE F 282 3.45 42.98 4.21
N GLY F 283 2.28 43.08 3.58
CA GLY F 283 1.67 44.38 3.38
C GLY F 283 2.25 45.17 2.24
N LEU F 284 3.00 44.52 1.34
CA LEU F 284 3.50 45.20 0.14
C LEU F 284 2.38 45.58 -0.81
N SER F 285 1.21 44.95 -0.68
CA SER F 285 0.10 45.18 -1.60
C SER F 285 -1.19 44.77 -0.91
N SER F 286 -2.21 45.61 -1.05
CA SER F 286 -3.53 45.30 -0.49
C SER F 286 -4.45 44.61 -1.49
N LYS F 287 -4.20 44.76 -2.79
CA LYS F 287 -4.95 44.07 -3.83
C LYS F 287 -3.94 43.44 -4.79
N SER F 288 -3.78 42.13 -4.70
CA SER F 288 -2.76 41.45 -5.48
C SER F 288 -3.06 41.56 -6.98
N PRO F 289 -2.04 41.69 -7.82
CA PRO F 289 -2.26 41.72 -9.28
C PRO F 289 -2.31 40.34 -9.92
N TYR F 290 -2.02 39.28 -9.16
CA TYR F 290 -1.88 37.93 -9.71
C TYR F 290 -2.96 36.99 -9.23
N SER F 291 -4.05 37.54 -8.66
CA SER F 291 -5.12 36.73 -8.13
C SER F 291 -6.10 36.32 -9.23
N SER F 292 -6.80 35.22 -8.99
CA SER F 292 -7.89 34.80 -9.86
C SER F 292 -9.16 35.64 -9.69
N VAL F 293 -9.05 36.83 -9.07
CA VAL F 293 -10.18 37.74 -8.89
C VAL F 293 -9.94 38.93 -9.81
N LYS F 294 -8.68 39.28 -9.99
CA LYS F 294 -8.29 40.29 -10.96
C LYS F 294 -7.85 39.69 -12.29
N ASN F 295 -7.74 38.36 -12.39
CA ASN F 295 -7.44 37.70 -13.65
C ASN F 295 -8.38 36.50 -13.79
N PRO F 296 -9.68 36.75 -13.97
CA PRO F 296 -10.64 35.65 -13.98
C PRO F 296 -10.64 34.87 -15.28
N ALA F 297 -10.64 35.58 -16.42
CA ALA F 297 -10.68 34.90 -17.72
C ALA F 297 -9.43 34.09 -17.96
N PHE F 298 -8.28 34.55 -17.43
CA PHE F 298 -7.05 33.76 -17.54
C PHE F 298 -7.14 32.49 -16.71
N HIS F 299 -7.67 32.59 -15.48
CA HIS F 299 -7.83 31.42 -14.62
C HIS F 299 -8.75 30.40 -15.27
N PHE F 300 -9.90 30.86 -15.75
CA PHE F 300 -10.87 29.96 -16.39
C PHE F 300 -10.28 29.34 -17.66
N TRP F 301 -9.67 30.16 -18.50
CA TRP F 301 -9.15 29.68 -19.79
C TRP F 301 -8.03 28.68 -19.58
N GLY F 302 -6.99 29.06 -18.81
CA GLY F 302 -5.88 28.18 -18.60
C GLY F 302 -6.25 26.91 -17.85
N GLN F 303 -7.09 27.05 -16.81
CA GLN F 303 -7.50 25.87 -16.05
C GLN F 303 -8.33 24.93 -16.90
N LEU F 304 -9.24 25.45 -17.72
CA LEU F 304 -10.06 24.60 -18.57
C LEU F 304 -9.21 23.91 -19.63
N THR F 305 -8.29 24.64 -20.27
CA THR F 305 -7.41 24.02 -21.26
C THR F 305 -6.57 22.92 -20.62
N ALA F 306 -6.04 23.17 -19.42
CA ALA F 306 -5.31 22.13 -18.70
C ALA F 306 -6.20 20.91 -18.47
N LEU F 307 -7.42 21.13 -17.97
CA LEU F 307 -8.34 20.03 -17.73
C LEU F 307 -8.58 19.21 -18.98
N LEU F 308 -8.78 19.88 -20.12
CA LEU F 308 -8.95 19.16 -21.37
C LEU F 308 -7.68 18.42 -21.77
N LEU F 309 -6.52 18.89 -21.32
CA LEU F 309 -5.26 18.19 -21.54
C LEU F 309 -4.89 17.27 -20.39
N ARG F 310 -5.89 16.57 -19.82
CA ARG F 310 -5.69 15.50 -18.84
C ARG F 310 -5.12 16.02 -17.52
N SER F 311 -5.58 17.19 -17.08
CA SER F 311 -5.12 17.72 -15.82
C SER F 311 -5.89 17.09 -14.65
N THR F 312 -5.26 17.09 -13.49
CA THR F 312 -5.87 16.64 -12.24
C THR F 312 -6.21 17.78 -11.30
N ARG F 313 -5.35 18.80 -11.24
CA ARG F 313 -5.60 19.95 -10.39
C ARG F 313 -6.83 20.71 -10.85
N ALA F 314 -7.05 20.78 -12.16
CA ALA F 314 -8.16 21.57 -12.70
C ALA F 314 -9.52 20.97 -12.38
N ARG F 315 -9.58 19.68 -12.04
CA ARG F 315 -10.85 19.03 -11.74
C ARG F 315 -11.59 19.70 -10.59
N ASN F 316 -10.89 20.48 -9.76
CA ASN F 316 -11.50 21.16 -8.63
C ASN F 316 -11.28 22.67 -8.64
N ALA F 317 -10.68 23.20 -9.70
CA ALA F 317 -10.53 24.65 -9.82
C ALA F 317 -11.90 25.30 -9.98
N ARG F 318 -12.07 26.46 -9.35
CA ARG F 318 -13.38 27.08 -9.25
C ARG F 318 -13.65 27.99 -10.45
N GLN F 319 -14.92 28.05 -10.83
CA GLN F 319 -15.34 28.79 -12.01
C GLN F 319 -15.67 30.23 -11.62
N PRO F 320 -14.91 31.22 -12.08
CA PRO F 320 -15.17 32.61 -11.69
C PRO F 320 -16.52 33.10 -12.19
N ASP F 321 -16.89 34.29 -11.73
CA ASP F 321 -18.17 34.91 -12.08
C ASP F 321 -17.95 36.07 -13.05
N ASP F 322 -18.94 36.27 -13.92
CA ASP F 322 -18.99 37.39 -14.85
C ASP F 322 -17.76 37.39 -15.78
N ILE F 323 -17.73 36.38 -16.64
CA ILE F 323 -16.76 36.27 -17.72
C ILE F 323 -17.46 35.69 -18.94
N GLU F 324 -16.78 35.74 -20.08
CA GLU F 324 -17.33 35.22 -21.34
C GLU F 324 -17.04 33.74 -21.42
N TYR F 325 -17.92 32.93 -20.84
CA TYR F 325 -17.70 31.48 -20.83
C TYR F 325 -17.66 30.91 -22.25
N THR F 326 -18.43 31.48 -23.17
CA THR F 326 -18.54 30.92 -24.51
C THR F 326 -17.23 31.09 -25.29
N SER F 327 -16.77 32.35 -25.45
CA SER F 327 -15.56 32.60 -26.20
C SER F 327 -14.35 31.95 -25.53
N LEU F 328 -14.24 32.07 -24.21
CA LEU F 328 -13.14 31.45 -23.49
C LEU F 328 -13.13 29.94 -23.68
N THR F 329 -14.31 29.31 -23.62
CA THR F 329 -14.38 27.86 -23.80
C THR F 329 -14.00 27.46 -25.22
N THR F 330 -14.44 28.22 -26.22
CA THR F 330 -14.04 27.90 -27.60
C THR F 330 -12.54 28.02 -27.77
N ALA F 331 -11.94 29.07 -27.20
CA ALA F 331 -10.49 29.24 -27.27
C ALA F 331 -9.77 28.06 -26.61
N GLY F 332 -10.19 27.69 -25.41
CA GLY F 332 -9.60 26.53 -24.75
C GLY F 332 -9.81 25.23 -25.51
N LEU F 333 -10.90 25.14 -26.27
CA LEU F 333 -11.16 23.94 -27.06
C LEU F 333 -10.21 23.85 -28.24
N LEU F 334 -10.01 24.97 -28.94
CA LEU F 334 -9.07 24.97 -30.06
C LEU F 334 -7.64 24.74 -29.57
N TYR F 335 -7.27 25.38 -28.45
CA TYR F 335 -5.92 25.20 -27.91
C TYR F 335 -5.69 23.76 -27.46
N ALA F 336 -6.59 23.22 -26.64
CA ALA F 336 -6.43 21.87 -26.13
C ALA F 336 -6.50 20.84 -27.25
N TYR F 337 -7.30 21.10 -28.28
CA TYR F 337 -7.37 20.20 -29.43
C TYR F 337 -6.08 20.25 -30.24
N ALA F 338 -5.50 21.45 -30.39
CA ALA F 338 -4.23 21.57 -31.08
C ALA F 338 -3.13 20.82 -30.35
N VAL F 339 -3.02 21.03 -29.04
CA VAL F 339 -1.98 20.33 -28.26
C VAL F 339 -2.26 18.83 -28.22
N GLY F 340 -3.52 18.43 -28.24
CA GLY F 340 -3.89 17.03 -28.18
C GLY F 340 -3.59 16.25 -29.44
N SER F 341 -3.91 16.83 -30.60
CA SER F 341 -3.66 16.15 -31.87
C SER F 341 -2.16 16.16 -32.21
N SER F 342 -1.48 17.27 -31.93
CA SER F 342 -0.08 17.44 -32.30
C SER F 342 0.81 16.97 -31.14
N ALA F 343 0.95 15.66 -31.02
CA ALA F 343 1.85 15.10 -30.02
C ALA F 343 3.30 15.46 -30.31
N ASP F 344 3.64 15.68 -31.59
CA ASP F 344 4.98 16.09 -32.01
C ASP F 344 6.04 15.11 -31.53
N LEU F 345 5.75 13.82 -31.68
CA LEU F 345 6.73 12.79 -31.34
C LEU F 345 7.92 12.87 -32.29
N ALA F 346 9.12 12.91 -31.74
CA ALA F 346 10.34 13.01 -32.53
C ALA F 346 11.42 12.15 -31.90
N GLN F 347 12.19 11.48 -32.76
CA GLN F 347 13.26 10.61 -32.28
C GLN F 347 14.31 11.43 -31.53
N GLN F 348 14.80 10.87 -30.42
CA GLN F 348 15.72 11.57 -29.54
C GLN F 348 17.09 10.92 -29.47
N PHE F 349 17.16 9.59 -29.40
CA PHE F 349 18.43 8.86 -29.37
C PHE F 349 18.47 7.85 -30.50
N CYS F 350 19.66 7.67 -31.07
CA CYS F 350 19.86 6.72 -32.17
C CYS F 350 21.02 5.80 -31.83
N VAL F 351 21.05 4.64 -32.49
CA VAL F 351 22.10 3.65 -32.28
C VAL F 351 23.17 3.79 -33.36
N GLY F 352 22.91 3.22 -34.53
CA GLY F 352 23.88 3.20 -35.61
C GLY F 352 23.91 4.47 -36.42
N ASP F 353 23.70 5.60 -35.74
CA ASP F 353 23.59 6.91 -36.38
C ASP F 353 22.57 6.88 -37.53
N ASN F 354 21.44 6.25 -37.25
CA ASN F 354 20.30 6.26 -38.16
C ASN F 354 19.14 6.98 -37.48
N LYS F 355 18.63 8.02 -38.13
CA LYS F 355 17.51 8.79 -37.61
C LYS F 355 16.32 8.62 -38.55
N TYR F 356 15.15 9.00 -38.05
CA TYR F 356 13.96 8.98 -38.90
C TYR F 356 14.11 10.01 -40.01
N THR F 357 14.04 9.56 -41.25
CA THR F 357 14.09 10.44 -42.40
C THR F 357 12.69 10.58 -43.00
N PRO F 358 12.04 11.72 -42.83
CA PRO F 358 10.67 11.87 -43.37
C PRO F 358 10.68 11.80 -44.89
N ASP F 359 9.57 11.30 -45.44
CA ASP F 359 9.42 11.12 -46.86
C ASP F 359 8.67 12.32 -47.43
N ASP F 360 9.29 13.00 -48.40
CA ASP F 360 8.70 14.18 -49.03
C ASP F 360 8.02 13.84 -50.36
N SER F 361 8.05 12.60 -50.80
CA SER F 361 7.43 12.18 -52.05
C SER F 361 5.94 11.88 -51.91
N THR F 362 5.28 12.45 -50.90
CA THR F 362 3.85 12.27 -50.68
C THR F 362 3.14 13.46 -51.31
N GLY F 363 2.61 13.27 -52.52
CA GLY F 363 2.05 14.37 -53.27
C GLY F 363 0.60 14.20 -53.68
N GLY F 364 -0.09 13.23 -53.10
CA GLY F 364 -1.51 13.07 -53.34
C GLY F 364 -2.38 14.19 -52.81
N LEU F 365 -1.77 15.21 -52.21
CA LEU F 365 -2.46 16.39 -51.69
C LEU F 365 -3.44 16.00 -50.58
N THR F 366 -2.86 15.63 -49.42
CA THR F 366 -3.64 15.33 -48.23
C THR F 366 -3.99 16.65 -47.53
N THR F 367 -4.83 17.43 -48.21
CA THR F 367 -5.29 18.71 -47.69
C THR F 367 -6.48 18.50 -46.77
N ASN F 368 -7.08 19.60 -46.31
CA ASN F 368 -8.21 19.58 -45.39
C ASN F 368 -7.91 18.82 -44.12
N ALA F 369 -6.63 18.67 -43.78
CA ALA F 369 -6.13 18.02 -42.59
C ALA F 369 -5.56 19.06 -41.63
N PRO F 370 -5.69 18.85 -40.32
CA PRO F 370 -5.22 19.85 -39.35
C PRO F 370 -3.72 20.07 -39.48
N PRO F 371 -3.22 21.22 -39.02
CA PRO F 371 -1.78 21.51 -39.10
C PRO F 371 -0.95 20.45 -38.37
N GLN F 372 0.36 20.54 -38.57
CA GLN F 372 1.28 19.51 -38.10
C GLN F 372 1.98 19.90 -36.80
N GLY F 373 2.12 21.18 -36.52
CA GLY F 373 2.77 21.61 -35.29
C GLY F 373 1.80 22.16 -34.27
N ARG F 374 2.21 23.19 -33.54
CA ARG F 374 1.35 23.86 -32.56
C ARG F 374 1.37 25.38 -32.77
N ASP F 375 1.59 25.80 -34.02
CA ASP F 375 1.65 27.22 -34.33
C ASP F 375 0.25 27.81 -34.36
N VAL F 376 0.06 28.95 -33.71
CA VAL F 376 -1.26 29.60 -33.69
C VAL F 376 -1.63 30.10 -35.08
N VAL F 377 -0.64 30.57 -35.84
CA VAL F 377 -0.90 31.17 -37.15
C VAL F 377 -1.54 30.16 -38.09
N GLU F 378 -1.24 28.87 -37.92
CA GLU F 378 -1.82 27.85 -38.77
C GLU F 378 -3.12 27.28 -38.23
N TRP F 379 -3.26 27.18 -36.91
CA TRP F 379 -4.49 26.65 -36.33
C TRP F 379 -5.64 27.66 -36.41
N LEU F 380 -5.33 28.96 -36.39
CA LEU F 380 -6.37 29.95 -36.66
C LEU F 380 -6.85 29.87 -38.10
N GLY F 381 -5.96 29.57 -39.03
CA GLY F 381 -6.36 29.43 -40.42
C GLY F 381 -7.17 28.17 -40.67
N TRP F 382 -6.71 27.04 -40.14
CA TRP F 382 -7.51 25.81 -40.20
C TRP F 382 -8.87 26.02 -39.55
N PHE F 383 -8.90 26.68 -38.40
CA PHE F 383 -10.16 26.98 -37.72
C PHE F 383 -11.05 27.87 -38.58
N GLU F 384 -10.46 28.78 -39.34
CA GLU F 384 -11.23 29.55 -40.31
C GLU F 384 -11.79 28.67 -41.41
N ASP F 385 -11.00 27.69 -41.86
CA ASP F 385 -11.51 26.70 -42.80
C ASP F 385 -12.63 25.86 -42.20
N GLN F 386 -12.73 25.83 -40.88
CA GLN F 386 -13.87 25.20 -40.20
C GLN F 386 -14.98 26.20 -39.88
N ASN F 387 -14.97 27.38 -40.52
CA ASN F 387 -15.99 28.41 -40.34
C ASN F 387 -16.09 28.88 -38.90
N ARG F 388 -14.98 28.82 -38.16
CA ARG F 388 -14.90 29.27 -36.77
C ARG F 388 -15.93 28.56 -35.88
N LYS F 389 -16.30 27.34 -36.26
CA LYS F 389 -17.16 26.49 -35.47
C LYS F 389 -16.40 25.21 -35.14
N PRO F 390 -16.39 24.77 -33.88
CA PRO F 390 -15.64 23.57 -33.53
C PRO F 390 -16.15 22.35 -34.28
N THR F 391 -15.22 21.63 -34.91
CA THR F 391 -15.56 20.43 -35.66
C THR F 391 -16.06 19.35 -34.72
N PRO F 392 -16.85 18.39 -35.24
CA PRO F 392 -17.31 17.29 -34.38
C PRO F 392 -16.19 16.45 -33.80
N ASP F 393 -15.00 16.44 -34.41
CA ASP F 393 -13.87 15.74 -33.82
C ASP F 393 -13.32 16.49 -32.62
N MET F 394 -13.42 17.83 -32.63
CA MET F 394 -13.01 18.61 -31.46
C MET F 394 -13.96 18.41 -30.31
N MET F 395 -15.27 18.53 -30.56
CA MET F 395 -16.26 18.31 -29.52
C MET F 395 -16.21 16.88 -29.01
N GLN F 396 -16.00 15.92 -29.91
CA GLN F 396 -15.86 14.52 -29.47
C GLN F 396 -14.60 14.34 -28.63
N TYR F 397 -13.51 15.00 -29.01
CA TYR F 397 -12.28 14.94 -28.22
C TYR F 397 -12.52 15.47 -26.81
N ALA F 398 -13.18 16.63 -26.70
CA ALA F 398 -13.46 17.20 -25.39
C ALA F 398 -14.39 16.30 -24.58
N LYS F 399 -15.38 15.69 -25.23
CA LYS F 399 -16.22 14.72 -24.54
C LYS F 399 -15.40 13.56 -24.01
N ARG F 400 -14.47 13.05 -24.82
CA ARG F 400 -13.57 11.99 -24.37
C ARG F 400 -12.73 12.43 -23.17
N ALA F 401 -12.36 13.71 -23.11
CA ALA F 401 -11.53 14.19 -22.02
C ALA F 401 -12.34 14.37 -20.73
N VAL F 402 -13.58 14.85 -20.84
CA VAL F 402 -14.35 15.18 -19.65
C VAL F 402 -15.22 14.04 -19.15
N MET F 403 -15.58 13.09 -20.01
CA MET F 403 -16.31 11.92 -19.53
C MET F 403 -15.41 11.08 -18.61
N SER F 404 -16.04 10.16 -17.89
CA SER F 404 -15.40 9.34 -16.87
C SER F 404 -14.82 10.17 -15.74
N LEU F 405 -15.20 11.45 -15.63
CA LEU F 405 -14.89 12.25 -14.46
C LEU F 405 -15.96 12.05 -13.42
N GLN F 406 -15.55 11.67 -12.20
CA GLN F 406 -16.47 11.41 -11.12
C GLN F 406 -16.08 12.24 -9.90
N GLY F 407 -17.02 12.36 -8.97
CA GLY F 407 -16.79 13.11 -7.74
C GLY F 407 -16.43 14.55 -8.00
N LEU F 408 -17.26 15.26 -8.77
CA LEU F 408 -17.00 16.64 -9.14
C LEU F 408 -17.76 17.57 -8.21
N ARG F 409 -17.09 18.63 -7.76
CA ARG F 409 -17.72 19.62 -6.91
C ARG F 409 -18.49 20.62 -7.76
N GLU F 410 -19.50 21.24 -7.15
CA GLU F 410 -20.25 22.27 -7.82
C GLU F 410 -19.40 23.54 -7.97
N LYS F 411 -19.77 24.37 -8.94
CA LYS F 411 -19.09 25.64 -9.23
C LYS F 411 -17.62 25.44 -9.59
N THR F 412 -17.23 24.25 -10.03
CA THR F 412 -15.87 23.98 -10.45
C THR F 412 -15.84 23.77 -11.97
N ILE F 413 -14.68 24.09 -12.57
CA ILE F 413 -14.53 23.93 -14.01
C ILE F 413 -14.51 22.48 -14.45
N GLY F 414 -14.31 21.54 -13.51
CA GLY F 414 -14.48 20.14 -13.85
C GLY F 414 -15.93 19.78 -14.14
N LYS F 415 -16.83 20.15 -13.22
CA LYS F 415 -18.24 19.96 -13.48
C LYS F 415 -18.73 20.84 -14.61
N TYR F 416 -18.10 22.00 -14.81
CA TYR F 416 -18.47 22.85 -15.94
C TYR F 416 -18.15 22.18 -17.27
N ALA F 417 -16.89 21.73 -17.42
CA ALA F 417 -16.49 21.07 -18.65
C ALA F 417 -17.28 19.79 -18.88
N LYS F 418 -17.49 19.00 -17.82
CA LYS F 418 -18.28 17.79 -17.94
C LYS F 418 -19.70 18.11 -18.38
N SER F 419 -20.32 19.11 -17.76
CA SER F 419 -21.67 19.51 -18.14
C SER F 419 -21.73 20.17 -19.51
N GLU F 420 -20.60 20.58 -20.06
CA GLU F 420 -20.57 21.27 -21.34
C GLU F 420 -20.33 20.33 -22.52
N PHE F 421 -19.40 19.39 -22.39
CA PHE F 421 -19.04 18.53 -23.51
C PHE F 421 -19.56 17.11 -23.42
N ASP F 422 -19.97 16.65 -22.24
CA ASP F 422 -20.37 15.25 -22.06
C ASP F 422 -21.88 15.12 -22.23
N LYS F 423 -22.31 15.13 -23.49
CA LYS F 423 -23.69 14.88 -23.86
C LYS F 423 -23.81 14.65 -25.37
N GLN G 1 -12.00 69.71 15.44
CA GLN G 1 -12.14 70.81 16.40
C GLN G 1 -13.13 71.89 15.94
N VAL G 2 -13.59 72.68 16.90
CA VAL G 2 -14.54 73.76 16.66
C VAL G 2 -14.16 74.98 17.50
N GLN G 3 -14.26 76.17 16.93
CA GLN G 3 -14.07 77.39 17.69
C GLN G 3 -15.37 78.18 17.79
N LEU G 4 -15.62 78.74 18.97
CA LEU G 4 -16.83 79.53 19.17
C LEU G 4 -16.49 80.97 19.56
N VAL G 5 -17.14 81.92 18.91
CA VAL G 5 -16.98 83.32 19.25
C VAL G 5 -18.28 83.97 19.73
N GLU G 6 -18.30 84.41 20.97
CA GLU G 6 -19.47 85.11 21.49
C GLU G 6 -19.45 86.57 21.05
N SER G 7 -20.61 87.08 20.65
CA SER G 7 -20.76 88.47 20.25
C SER G 7 -22.15 88.98 20.63
N GLY G 8 -22.25 90.25 20.99
CA GLY G 8 -23.54 90.85 21.26
C GLY G 8 -23.71 91.36 22.67
N GLY G 9 -22.67 91.25 23.49
CA GLY G 9 -22.73 91.67 24.87
C GLY G 9 -22.57 93.17 25.04
N GLY G 10 -22.53 93.62 26.29
CA GLY G 10 -22.37 95.02 26.60
C GLY G 10 -23.06 95.40 27.90
N LEU G 11 -23.35 96.68 28.07
CA LEU G 11 -24.14 97.13 29.21
C LEU G 11 -25.50 97.45 28.60
N VAL G 12 -26.56 97.36 29.41
CA VAL G 12 -27.89 97.78 29.04
C VAL G 12 -28.64 98.34 30.21
N GLN G 13 -29.66 99.15 29.97
CA GLN G 13 -30.51 99.66 31.05
C GLN G 13 -31.36 98.62 31.79
N ALA G 14 -31.45 98.77 33.10
CA ALA G 14 -32.23 97.84 33.93
C ALA G 14 -33.66 97.70 33.43
N GLY G 15 -33.95 96.59 32.77
CA GLY G 15 -35.27 96.36 32.20
C GLY G 15 -35.23 96.31 30.68
N GLY G 16 -34.03 96.46 30.12
CA GLY G 16 -33.86 96.50 28.68
C GLY G 16 -33.54 95.15 28.05
N SER G 17 -33.78 95.05 26.74
CA SER G 17 -33.51 93.82 26.00
C SER G 17 -32.09 93.79 25.46
N LEU G 18 -31.68 92.62 24.96
CA LEU G 18 -30.33 92.41 24.43
C LEU G 18 -30.33 91.03 23.76
N THR G 19 -29.48 90.85 22.76
CA THR G 19 -29.41 89.58 22.04
C THR G 19 -27.95 89.23 21.75
N LEU G 20 -27.49 88.15 22.38
CA LEU G 20 -26.13 87.66 22.18
C LEU G 20 -26.12 86.75 20.97
N SER G 21 -24.96 86.61 20.32
CA SER G 21 -24.81 85.67 19.23
C SER G 21 -23.50 84.90 19.43
N CYS G 22 -23.44 83.71 18.86
CA CYS G 22 -22.24 82.89 18.93
C CYS G 22 -21.94 82.31 17.57
N VAL G 23 -20.77 82.63 17.04
CA VAL G 23 -20.38 82.11 15.73
C VAL G 23 -19.41 80.95 15.84
N ALA G 24 -19.68 79.88 15.10
CA ALA G 24 -18.83 78.69 15.16
C ALA G 24 -17.91 78.61 13.94
N SER G 25 -16.65 78.27 14.18
CA SER G 25 -15.67 78.09 13.11
C SER G 25 -15.02 76.71 13.21
N GLY G 26 -14.64 76.15 12.07
CA GLY G 26 -14.00 74.84 12.04
C GLY G 26 -14.83 73.82 11.29
N ARG G 27 -15.49 72.94 12.03
CA ARG G 27 -16.32 71.90 11.45
C ARG G 27 -17.78 72.03 11.90
N PRO G 28 -18.55 72.88 11.20
CA PRO G 28 -19.96 73.11 11.52
C PRO G 28 -20.88 72.09 10.85
N PHE G 29 -20.30 71.21 10.03
CA PHE G 29 -21.08 70.20 9.33
C PHE G 29 -21.08 68.87 10.09
N ARG G 30 -21.42 68.93 11.37
CA ARG G 30 -21.46 67.74 12.21
C ARG G 30 -22.31 67.97 13.46
N ASN G 31 -22.82 66.89 14.04
CA ASN G 31 -23.64 66.97 15.24
C ASN G 31 -22.92 67.72 16.36
N TYR G 32 -23.57 68.74 16.89
CA TYR G 32 -22.99 69.53 17.97
C TYR G 32 -24.06 70.31 18.73
N ARG G 33 -24.13 70.08 20.03
CA ARG G 33 -25.11 70.75 20.87
C ARG G 33 -24.74 72.21 21.10
N LEU G 34 -25.75 73.06 21.31
CA LEU G 34 -25.52 74.48 21.53
C LEU G 34 -26.20 74.95 22.81
N GLY G 35 -25.40 75.45 23.75
CA GLY G 35 -25.91 75.93 25.01
C GLY G 35 -25.28 77.23 25.46
N TRP G 36 -26.04 78.04 26.19
CA TRP G 36 -25.52 79.25 26.78
C TRP G 36 -25.36 79.12 28.29
N PHE G 37 -24.22 79.55 28.79
CA PHE G 37 -23.94 79.52 30.22
C PHE G 37 -23.55 80.92 30.68
N ARG G 38 -23.39 81.10 31.98
CA ARG G 38 -22.94 82.38 32.51
C ARG G 38 -22.26 82.19 33.86
N GLN G 39 -21.46 83.16 34.25
CA GLN G 39 -20.82 83.13 35.56
C GLN G 39 -20.78 84.54 36.17
N ALA G 40 -21.42 84.69 37.32
CA ALA G 40 -21.46 85.97 38.01
C ALA G 40 -20.28 86.13 38.96
N PRO G 41 -19.97 87.38 39.32
CA PRO G 41 -18.85 87.69 40.23
C PRO G 41 -18.91 86.85 41.49
N GLY G 42 -18.01 85.88 41.62
CA GLY G 42 -17.96 85.01 42.78
C GLY G 42 -19.04 83.93 42.74
N LYS G 43 -19.48 83.59 41.53
CA LYS G 43 -20.50 82.57 41.35
C LYS G 43 -20.06 81.53 40.32
N GLU G 44 -20.29 80.26 40.65
CA GLU G 44 -19.92 79.17 39.75
C GLU G 44 -20.73 79.22 38.45
N ARG G 45 -20.10 78.79 37.36
CA ARG G 45 -20.76 78.78 36.06
C ARG G 45 -22.08 78.03 36.11
N GLU G 46 -23.16 78.68 35.68
CA GLU G 46 -24.48 78.06 35.68
C GLU G 46 -25.10 77.98 34.28
N PHE G 47 -26.09 77.11 34.14
CA PHE G 47 -26.77 76.91 32.88
C PHE G 47 -27.82 77.98 32.63
N VAL G 48 -27.90 78.44 31.39
CA VAL G 48 -28.87 79.48 31.00
C VAL G 48 -29.86 78.93 30.00
N ALA G 49 -29.37 78.50 28.84
CA ALA G 49 -30.24 77.92 27.82
C ALA G 49 -29.50 76.97 26.90
N ALA G 50 -30.25 76.12 26.20
CA ALA G 50 -29.66 75.14 25.29
C ALA G 50 -30.60 74.84 24.14
N ILE G 51 -30.04 74.33 23.03
CA ILE G 51 -30.84 74.01 21.85
C ILE G 51 -30.22 72.80 21.17
N ASN G 52 -31.06 71.89 20.70
CA ASN G 52 -30.58 70.71 19.98
C ASN G 52 -30.12 71.09 18.58
N TRP G 53 -29.53 70.12 17.88
CA TRP G 53 -29.03 70.33 16.53
C TRP G 53 -30.09 70.73 15.50
N GLY G 54 -31.17 69.96 15.43
CA GLY G 54 -32.24 70.23 14.50
C GLY G 54 -32.83 71.61 14.68
N GLY G 55 -32.92 72.06 15.94
CA GLY G 55 -33.47 73.35 16.25
C GLY G 55 -34.92 73.29 16.66
N VAL G 56 -35.31 72.20 17.32
CA VAL G 56 -36.68 72.02 17.77
C VAL G 56 -36.75 71.86 19.28
N ILE G 57 -35.81 71.10 19.84
CA ILE G 57 -35.76 70.87 21.27
C ILE G 57 -34.93 71.93 21.98
N THR G 58 -35.52 72.58 22.98
CA THR G 58 -34.83 73.62 23.74
C THR G 58 -35.21 73.57 25.21
N ASN G 59 -34.44 74.28 26.04
CA ASN G 59 -34.69 74.31 27.45
C ASN G 59 -34.05 75.49 28.11
N TYR G 60 -34.62 75.98 29.20
CA TYR G 60 -34.15 77.20 29.82
C TYR G 60 -34.03 76.99 31.33
N ALA G 61 -33.16 77.76 31.97
CA ALA G 61 -33.09 77.77 33.42
C ALA G 61 -34.35 78.45 33.97
N ASP G 62 -34.69 78.13 35.21
CA ASP G 62 -35.90 78.70 35.82
C ASP G 62 -35.80 80.21 35.99
N SER G 63 -34.59 80.70 36.20
CA SER G 63 -34.36 82.12 36.47
C SER G 63 -34.58 83.00 35.24
N VAL G 64 -34.69 82.38 34.08
CA VAL G 64 -34.78 83.11 32.82
C VAL G 64 -35.94 82.73 31.91
N LYS G 65 -36.79 81.83 32.40
CA LYS G 65 -37.94 81.38 31.57
C LYS G 65 -38.88 82.51 31.22
N GLY G 66 -39.39 82.54 29.99
CA GLY G 66 -40.24 83.62 29.53
C GLY G 66 -39.41 84.73 28.88
N ARG G 67 -38.38 85.18 29.60
CA ARG G 67 -37.57 86.29 29.14
C ARG G 67 -36.68 85.93 27.95
N PHE G 68 -35.82 84.93 28.13
CA PHE G 68 -34.81 84.61 27.13
C PHE G 68 -35.37 83.69 26.05
N THR G 69 -34.74 83.74 24.88
CA THR G 69 -35.12 82.87 23.77
C THR G 69 -33.85 82.45 23.03
N ILE G 70 -33.79 81.17 22.65
CA ILE G 70 -32.61 80.65 21.96
C ILE G 70 -32.99 80.18 20.56
N SER G 71 -32.05 80.29 19.63
CA SER G 71 -32.30 79.99 18.23
C SER G 71 -30.98 79.78 17.50
N ARG G 72 -31.03 79.06 16.38
CA ARG G 72 -29.81 78.81 15.60
C ARG G 72 -30.07 78.72 14.10
N ASP G 73 -29.09 79.18 13.33
CA ASP G 73 -29.13 79.10 11.88
C ASP G 73 -27.85 78.39 11.45
N ASP G 74 -27.91 77.06 11.36
CA ASP G 74 -26.73 76.25 11.07
C ASP G 74 -26.16 76.42 9.64
N ALA G 75 -26.93 77.09 8.79
CA ALA G 75 -26.45 77.46 7.48
C ALA G 75 -25.35 78.50 7.66
N LYS G 76 -25.65 79.50 8.48
CA LYS G 76 -24.66 80.53 8.83
C LYS G 76 -23.88 80.12 10.10
N ASN G 77 -24.16 78.90 10.57
CA ASN G 77 -23.52 78.34 11.76
C ASN G 77 -23.45 79.25 12.98
N THR G 78 -24.60 79.73 13.43
CA THR G 78 -24.66 80.60 14.59
C THR G 78 -25.82 80.21 15.51
N VAL G 79 -25.98 80.96 16.59
CA VAL G 79 -27.05 80.69 17.56
C VAL G 79 -27.37 81.93 18.39
N TYR G 80 -28.44 82.61 18.05
CA TYR G 80 -28.86 83.81 18.76
C TYR G 80 -29.59 83.45 20.06
N LEU G 81 -29.75 84.44 20.93
CA LEU G 81 -30.43 84.23 22.21
C LEU G 81 -30.91 85.55 22.79
N GLN G 82 -32.17 85.90 22.50
CA GLN G 82 -32.75 87.14 23.01
C GLN G 82 -32.79 87.14 24.53
N MET G 83 -32.54 88.31 25.12
CA MET G 83 -32.55 88.45 26.57
C MET G 83 -33.37 89.65 27.00
N ASN G 84 -34.69 89.53 26.88
CA ASN G 84 -35.59 90.63 27.22
C ASN G 84 -35.82 90.76 28.72
N SER G 85 -36.22 91.95 29.17
CA SER G 85 -36.50 92.22 30.57
C SER G 85 -35.31 91.89 31.49
N LEU G 86 -34.14 92.41 31.14
CA LEU G 86 -32.94 92.14 31.91
C LEU G 86 -32.98 92.67 33.34
N LYS G 87 -32.10 92.14 34.18
CA LYS G 87 -32.06 92.51 35.58
C LYS G 87 -30.62 92.38 36.07
N PRO G 88 -30.23 93.20 37.06
CA PRO G 88 -28.86 93.21 37.58
C PRO G 88 -28.41 91.84 38.12
N GLU G 89 -29.36 90.93 38.32
CA GLU G 89 -29.04 89.57 38.72
C GLU G 89 -28.56 88.88 37.44
N GLU G 90 -28.94 89.44 36.30
CA GLU G 90 -28.52 88.91 35.01
C GLU G 90 -27.08 89.29 34.58
N THR G 91 -26.45 90.08 35.45
CA THR G 91 -25.05 90.47 35.23
C THR G 91 -24.00 89.39 35.45
N ALA G 92 -23.38 88.97 34.35
CA ALA G 92 -22.39 87.90 34.37
C ALA G 92 -21.68 87.81 33.03
N VAL G 93 -20.61 87.02 32.97
CA VAL G 93 -19.97 86.71 31.70
C VAL G 93 -20.71 85.54 31.07
N TYR G 94 -21.17 85.70 29.83
CA TYR G 94 -21.95 84.68 29.16
C TYR G 94 -21.12 83.88 28.16
N TYR G 95 -21.10 82.56 28.31
CA TYR G 95 -20.29 81.70 27.45
C TYR G 95 -21.15 80.87 26.50
N CYS G 96 -20.68 80.71 25.26
CA CYS G 96 -21.32 79.83 24.30
C CYS G 96 -20.61 78.48 24.33
N ALA G 97 -21.38 77.39 24.36
CA ALA G 97 -20.78 76.06 24.45
C ALA G 97 -21.32 75.12 23.40
N ALA G 98 -20.55 74.07 23.10
CA ALA G 98 -20.97 73.06 22.13
C ALA G 98 -20.56 71.74 22.76
N PHE G 99 -21.42 70.73 22.63
CA PHE G 99 -21.03 69.33 22.88
C PHE G 99 -21.62 68.58 21.69
N ASP G 100 -20.78 67.76 21.07
CA ASP G 100 -21.11 67.00 19.86
C ASP G 100 -22.01 65.78 20.07
N SER G 101 -23.25 65.90 19.62
CA SER G 101 -24.22 64.82 19.75
C SER G 101 -25.50 65.14 18.99
N THR G 102 -26.63 64.97 19.66
CA THR G 102 -27.93 65.24 19.04
C THR G 102 -28.94 65.77 20.07
N GLY G 103 -28.43 66.44 21.10
CA GLY G 103 -29.27 66.99 22.14
C GLY G 103 -28.61 68.14 22.88
N SER G 104 -29.28 68.61 23.92
CA SER G 104 -28.75 69.72 24.72
C SER G 104 -28.85 69.43 26.21
N PRO G 105 -27.69 69.24 26.87
CA PRO G 105 -27.62 68.95 28.29
C PRO G 105 -27.91 70.18 29.15
N ILE G 106 -28.19 69.97 30.42
CA ILE G 106 -28.47 71.08 31.34
C ILE G 106 -27.29 71.35 32.26
N VAL G 107 -26.23 70.57 32.11
CA VAL G 107 -25.03 70.73 32.92
C VAL G 107 -23.89 71.36 32.12
N ARG G 108 -22.76 71.58 32.78
CA ARG G 108 -21.60 72.18 32.12
C ARG G 108 -20.56 71.11 31.79
N ASP G 109 -20.79 69.90 32.26
CA ASP G 109 -19.87 68.80 32.00
C ASP G 109 -20.29 67.99 30.77
N ASN G 110 -21.38 68.42 30.14
CA ASN G 110 -21.89 67.74 28.95
C ASN G 110 -21.31 68.34 27.68
N TYR G 111 -20.84 69.58 27.78
CA TYR G 111 -20.26 70.27 26.63
C TYR G 111 -18.80 69.87 26.43
N GLU G 112 -18.26 70.18 25.27
CA GLU G 112 -16.87 69.86 24.95
C GLU G 112 -16.10 71.10 24.51
N TYR G 113 -16.79 72.02 23.85
CA TYR G 113 -16.18 73.25 23.36
C TYR G 113 -16.79 74.49 24.02
N TRP G 114 -15.96 75.48 24.29
CA TRP G 114 -16.38 76.70 24.96
C TRP G 114 -15.78 77.93 24.27
N GLY G 115 -16.53 79.02 24.28
CA GLY G 115 -16.01 80.29 23.80
C GLY G 115 -15.25 80.98 24.90
N GLN G 116 -14.76 82.18 24.62
CA GLN G 116 -14.03 82.93 25.63
C GLN G 116 -14.99 83.70 26.53
N GLY G 117 -16.16 84.02 25.99
CA GLY G 117 -17.21 84.64 26.78
C GLY G 117 -17.31 86.15 26.62
N THR G 118 -18.53 86.67 26.74
CA THR G 118 -18.77 88.11 26.70
C THR G 118 -19.35 88.59 28.03
N GLN G 119 -18.91 89.77 28.48
CA GLN G 119 -19.47 90.36 29.69
C GLN G 119 -20.83 91.00 29.41
N VAL G 120 -21.76 90.82 30.33
CA VAL G 120 -23.06 91.46 30.25
C VAL G 120 -23.36 92.13 31.59
N THR G 121 -23.43 93.45 31.59
CA THR G 121 -23.70 94.18 32.83
C THR G 121 -25.04 94.91 32.75
N VAL G 122 -25.83 94.80 33.81
CA VAL G 122 -27.14 95.44 33.87
C VAL G 122 -27.25 96.32 35.12
N SER H 3 -54.55 54.94 -29.30
CA SER H 3 -55.99 55.14 -29.27
C SER H 3 -56.55 55.33 -30.68
N VAL H 4 -57.17 54.28 -31.22
CA VAL H 4 -57.72 54.29 -32.56
C VAL H 4 -59.12 53.70 -32.50
N THR H 5 -60.00 54.22 -33.36
CA THR H 5 -61.41 53.84 -33.34
C THR H 5 -61.58 52.37 -33.67
N VAL H 6 -62.42 51.68 -32.89
CA VAL H 6 -62.73 50.27 -33.09
C VAL H 6 -64.24 50.12 -33.15
N LYS H 7 -64.73 49.37 -34.14
CA LYS H 7 -66.15 49.17 -34.34
C LYS H 7 -66.45 47.68 -34.42
N ARG H 8 -67.67 47.32 -34.04
CA ARG H 8 -68.16 45.95 -34.13
C ARG H 8 -68.85 45.76 -35.48
N ILE H 9 -68.33 44.85 -36.30
CA ILE H 9 -68.73 44.77 -37.70
C ILE H 9 -70.15 44.25 -37.90
N ILE H 10 -70.76 43.66 -36.88
CA ILE H 10 -72.10 43.10 -37.08
C ILE H 10 -73.17 44.20 -37.09
N ASP H 11 -72.95 45.30 -36.36
CA ASP H 11 -73.95 46.36 -36.31
C ASP H 11 -73.33 47.75 -36.30
N ASN H 12 -72.06 47.88 -36.69
CA ASN H 12 -71.33 49.15 -36.75
C ASN H 12 -71.25 49.86 -35.40
N THR H 13 -71.55 49.15 -34.31
CA THR H 13 -71.49 49.76 -32.98
C THR H 13 -70.06 50.07 -32.60
N VAL H 14 -69.82 51.26 -32.08
CA VAL H 14 -68.49 51.67 -31.65
C VAL H 14 -68.23 51.12 -30.26
N ILE H 15 -67.03 50.57 -30.06
CA ILE H 15 -66.61 50.06 -28.76
C ILE H 15 -65.32 50.78 -28.36
N VAL H 16 -65.15 50.97 -27.05
CA VAL H 16 -63.98 51.64 -26.51
C VAL H 16 -63.26 50.71 -25.56
N PRO H 17 -62.36 49.85 -26.06
CA PRO H 17 -61.62 48.94 -25.17
C PRO H 17 -60.68 49.71 -24.26
N LYS H 18 -60.93 49.63 -22.96
CA LYS H 18 -60.13 50.34 -21.97
C LYS H 18 -59.85 49.43 -20.79
N LEU H 19 -58.70 49.65 -20.15
CA LEU H 19 -58.21 48.85 -19.04
C LEU H 19 -58.07 49.71 -17.79
N PRO H 20 -58.10 49.08 -16.61
CA PRO H 20 -57.79 49.83 -15.39
C PRO H 20 -56.37 50.38 -15.43
N ALA H 21 -56.20 51.58 -14.89
CA ALA H 21 -54.92 52.27 -14.93
C ALA H 21 -54.28 52.26 -13.54
N ASN H 22 -52.97 52.10 -13.51
CA ASN H 22 -52.18 52.21 -12.29
C ASN H 22 -51.03 53.16 -12.55
N GLU H 23 -50.96 54.25 -11.79
CA GLU H 23 -49.88 55.22 -11.96
C GLU H 23 -48.54 54.56 -11.69
N ASP H 24 -48.26 54.27 -10.43
CA ASP H 24 -46.95 53.77 -10.00
C ASP H 24 -45.83 54.57 -10.63
N PRO H 25 -45.75 55.89 -10.37
CA PRO H 25 -44.71 56.70 -11.01
C PRO H 25 -43.30 56.29 -10.57
N VAL H 26 -42.29 56.92 -11.16
CA VAL H 26 -40.90 56.61 -10.89
C VAL H 26 -40.22 57.87 -10.36
N GLU H 27 -39.49 57.73 -9.26
CA GLU H 27 -38.79 58.85 -8.64
C GLU H 27 -37.28 58.62 -8.78
N TYR H 28 -36.60 59.56 -9.44
CA TYR H 28 -35.16 59.53 -9.62
C TYR H 28 -34.45 60.21 -8.47
N PRO H 29 -33.20 59.84 -8.18
CA PRO H 29 -32.51 60.45 -7.03
C PRO H 29 -32.21 61.94 -7.21
N ALA H 30 -31.74 62.34 -8.38
CA ALA H 30 -31.36 63.74 -8.58
C ALA H 30 -32.55 64.68 -8.56
N ASP H 31 -33.77 64.17 -8.72
CA ASP H 31 -34.96 65.00 -8.57
C ASP H 31 -35.31 65.26 -7.10
N TYR H 32 -34.61 64.60 -6.18
CA TYR H 32 -34.77 64.88 -4.76
C TYR H 32 -33.90 66.04 -4.29
N PHE H 33 -32.72 66.20 -4.89
CA PHE H 33 -31.75 67.17 -4.41
C PHE H 33 -31.97 68.58 -4.97
N ARG H 34 -32.81 68.75 -5.98
CA ARG H 34 -33.15 70.09 -6.44
C ARG H 34 -34.17 70.75 -5.53
N LYS H 35 -34.79 70.01 -4.62
CA LYS H 35 -35.67 70.58 -3.61
C LYS H 35 -34.90 70.82 -2.31
N SER H 36 -34.28 69.77 -1.78
CA SER H 36 -33.49 69.84 -0.55
C SER H 36 -32.04 69.51 -0.87
N LYS H 37 -31.12 70.38 -0.45
CA LYS H 37 -29.70 70.17 -0.67
C LYS H 37 -29.05 69.36 0.44
N GLU H 38 -29.84 68.66 1.24
CA GLU H 38 -29.29 67.81 2.31
C GLU H 38 -30.37 66.86 2.81
N ILE H 39 -29.93 65.70 3.25
CA ILE H 39 -30.79 64.66 3.80
C ILE H 39 -30.65 64.66 5.32
N PRO H 40 -31.75 64.73 6.08
CA PRO H 40 -31.66 64.76 7.53
C PRO H 40 -31.69 63.37 8.15
N LEU H 41 -31.10 63.27 9.34
CA LEU H 41 -31.14 62.06 10.16
C LEU H 41 -31.77 62.42 11.50
N TYR H 42 -33.00 61.94 11.73
CA TYR H 42 -33.71 62.25 12.96
C TYR H 42 -33.24 61.32 14.07
N ILE H 43 -32.71 61.90 15.15
CA ILE H 43 -32.06 61.12 16.19
C ILE H 43 -32.24 61.85 17.52
N ASN H 44 -32.15 61.10 18.62
CA ASN H 44 -32.31 61.63 19.96
C ASN H 44 -30.96 61.63 20.67
N THR H 45 -30.51 62.82 21.07
CA THR H 45 -29.19 62.99 21.67
C THR H 45 -29.28 63.32 23.17
N THR H 46 -30.35 62.89 23.83
CA THR H 46 -30.52 63.22 25.25
C THR H 46 -29.72 62.27 26.14
N LYS H 47 -30.01 60.98 26.06
CA LYS H 47 -29.38 60.02 26.97
C LYS H 47 -27.92 59.80 26.58
N SER H 48 -27.16 59.25 27.52
CA SER H 48 -25.73 59.06 27.35
C SER H 48 -25.43 57.74 26.64
N LEU H 49 -24.16 57.58 26.26
CA LEU H 49 -23.73 56.39 25.54
C LEU H 49 -23.82 55.15 26.42
N SER H 50 -23.19 55.18 27.59
CA SER H 50 -23.19 54.03 28.48
C SER H 50 -24.57 53.68 29.00
N ASP H 51 -25.51 54.64 28.95
CA ASP H 51 -26.91 54.31 29.24
C ASP H 51 -27.54 53.54 28.09
N LEU H 52 -27.25 53.97 26.85
CA LEU H 52 -27.82 53.29 25.69
C LEU H 52 -27.24 51.90 25.51
N ARG H 53 -26.00 51.68 25.96
CA ARG H 53 -25.39 50.36 25.85
C ARG H 53 -26.21 49.32 26.60
N GLY H 54 -26.57 49.62 27.85
CA GLY H 54 -27.43 48.73 28.60
C GLY H 54 -28.87 48.76 28.14
N TYR H 55 -29.31 49.93 27.65
CA TYR H 55 -30.64 50.04 27.03
C TYR H 55 -30.83 48.96 25.97
N VAL H 56 -29.92 48.92 24.99
CA VAL H 56 -30.07 48.01 23.86
C VAL H 56 -29.49 46.63 24.13
N TYR H 57 -28.62 46.48 25.14
CA TYR H 57 -28.17 45.14 25.49
C TYR H 57 -29.26 44.39 26.26
N GLN H 58 -29.78 45.00 27.33
CA GLN H 58 -30.87 44.38 28.07
C GLN H 58 -32.16 44.36 27.24
N GLY H 59 -32.35 45.36 26.39
CA GLY H 59 -33.48 45.30 25.47
C GLY H 59 -33.32 44.20 24.44
N LEU H 60 -32.09 43.97 23.98
CA LEU H 60 -31.85 42.89 23.02
C LEU H 60 -32.07 41.52 23.68
N LYS H 61 -31.58 41.34 24.90
CA LYS H 61 -31.76 40.05 25.57
C LYS H 61 -33.23 39.66 25.69
N SER H 62 -34.11 40.63 25.85
CA SER H 62 -35.54 40.40 25.87
C SER H 62 -36.14 40.71 24.49
N GLY H 63 -37.45 40.58 24.40
CA GLY H 63 -38.12 40.89 23.15
C GLY H 63 -38.41 42.36 22.92
N ASN H 64 -38.30 43.17 23.97
CA ASN H 64 -38.63 44.59 23.90
C ASN H 64 -37.37 45.40 23.65
N VAL H 65 -37.42 46.28 22.65
CA VAL H 65 -36.33 47.21 22.37
C VAL H 65 -36.90 48.36 21.55
N SER H 66 -36.37 49.55 21.78
CA SER H 66 -36.81 50.75 21.07
C SER H 66 -35.85 51.03 19.93
N ILE H 67 -36.39 51.16 18.71
CA ILE H 67 -35.57 51.51 17.56
C ILE H 67 -34.97 52.89 17.74
N ILE H 68 -35.65 53.77 18.48
CA ILE H 68 -35.09 55.07 18.81
C ILE H 68 -33.82 54.90 19.64
N HIS H 69 -33.78 53.89 20.49
CA HIS H 69 -32.60 53.66 21.33
C HIS H 69 -31.46 53.03 20.57
N VAL H 70 -31.74 52.23 19.53
CA VAL H 70 -30.65 51.65 18.74
C VAL H 70 -30.15 52.66 17.72
N ASN H 71 -31.00 53.60 17.30
CA ASN H 71 -30.51 54.72 16.48
C ASN H 71 -29.65 55.66 17.31
N SER H 72 -30.20 56.14 18.43
CA SER H 72 -29.47 57.02 19.33
C SER H 72 -28.21 56.37 19.87
N TYR H 73 -28.21 55.04 20.00
CA TYR H 73 -27.00 54.35 20.44
C TYR H 73 -26.01 54.17 19.29
N LEU H 74 -26.52 53.89 18.09
CA LEU H 74 -25.63 53.73 16.94
C LEU H 74 -24.92 55.03 16.58
N TYR H 75 -25.56 56.17 16.83
CA TYR H 75 -24.93 57.47 16.62
C TYR H 75 -23.64 57.58 17.41
N GLY H 76 -23.77 57.79 18.73
CA GLY H 76 -22.60 57.92 19.57
C GLY H 76 -21.69 56.70 19.57
N ALA H 77 -22.22 55.53 19.21
CA ALA H 77 -21.41 54.34 19.09
C ALA H 77 -20.58 54.33 17.81
N LEU H 78 -20.96 55.14 16.82
CA LEU H 78 -20.22 55.26 15.56
C LEU H 78 -19.76 56.69 15.30
N LYS H 79 -19.95 57.60 16.25
CA LYS H 79 -19.74 59.02 15.98
C LYS H 79 -18.26 59.34 15.80
N ASP H 80 -17.39 58.68 16.56
CA ASP H 80 -15.96 58.98 16.52
C ASP H 80 -15.22 58.01 15.60
N ILE H 81 -15.72 57.84 14.39
CA ILE H 81 -15.06 57.04 13.35
C ILE H 81 -14.80 57.95 12.16
N ARG H 82 -13.61 57.82 11.57
CA ARG H 82 -13.13 58.85 10.64
C ARG H 82 -12.31 58.22 9.53
N GLY H 83 -11.98 59.06 8.55
CA GLY H 83 -11.08 58.67 7.47
C GLY H 83 -10.55 59.89 6.76
N LYS H 84 -9.37 59.75 6.18
CA LYS H 84 -8.72 60.84 5.47
C LYS H 84 -8.93 60.68 3.97
N LEU H 85 -9.51 61.70 3.34
CA LEU H 85 -9.79 61.66 1.91
C LEU H 85 -8.52 61.91 1.12
N ASP H 86 -8.23 61.00 0.17
CA ASP H 86 -7.14 61.25 -0.76
C ASP H 86 -7.52 62.32 -1.77
N LYS H 87 -8.74 62.25 -2.30
CA LYS H 87 -9.25 63.24 -3.24
C LYS H 87 -10.62 63.72 -2.79
N ASP H 88 -11.10 64.79 -3.43
CA ASP H 88 -12.36 65.40 -3.04
C ASP H 88 -13.52 64.43 -3.24
N TRP H 89 -14.61 64.70 -2.52
CA TRP H 89 -15.80 63.86 -2.56
C TRP H 89 -17.02 64.76 -2.61
N SER H 90 -17.76 64.68 -3.72
CA SER H 90 -18.97 65.47 -3.91
C SER H 90 -19.99 64.63 -4.67
N SER H 91 -21.27 64.85 -4.38
CA SER H 91 -22.32 64.06 -5.01
C SER H 91 -23.62 64.86 -4.99
N PHE H 92 -24.20 65.06 -6.17
CA PHE H 92 -25.47 65.76 -6.33
C PHE H 92 -25.42 67.16 -5.72
N GLY H 93 -24.31 67.87 -5.95
CA GLY H 93 -24.18 69.22 -5.46
C GLY H 93 -23.86 69.33 -3.99
N ILE H 94 -23.45 68.24 -3.35
CA ILE H 94 -23.12 68.23 -1.93
C ILE H 94 -21.65 67.89 -1.79
N ASN H 95 -20.83 68.89 -1.48
CA ASN H 95 -19.40 68.69 -1.27
C ASN H 95 -19.18 68.22 0.16
N ILE H 96 -19.30 66.93 0.37
CA ILE H 96 -19.15 66.33 1.69
C ILE H 96 -17.75 66.49 2.27
N GLY H 97 -16.73 66.33 1.42
CA GLY H 97 -15.35 66.44 1.88
C GLY H 97 -14.58 67.56 1.19
N LYS H 98 -13.91 68.39 1.98
CA LYS H 98 -13.14 69.50 1.45
C LYS H 98 -11.64 69.33 1.75
N ALA H 99 -10.84 69.43 0.69
CA ALA H 99 -9.38 69.32 0.78
C ALA H 99 -8.90 68.02 1.43
N GLY H 100 -7.96 68.15 2.37
CA GLY H 100 -7.40 67.00 3.07
C GLY H 100 -8.05 66.70 4.41
N ASP H 101 -9.06 67.48 4.77
CA ASP H 101 -9.74 67.28 6.05
C ASP H 101 -10.44 65.92 6.14
N THR H 102 -10.32 65.30 7.31
CA THR H 102 -10.94 64.00 7.55
C THR H 102 -12.46 64.09 7.59
N ILE H 103 -13.12 63.04 7.10
CA ILE H 103 -14.57 63.01 7.08
C ILE H 103 -15.13 61.84 7.90
N GLY H 104 -16.09 62.14 8.78
CA GLY H 104 -16.70 61.14 9.61
C GLY H 104 -17.85 60.43 8.91
N ILE H 105 -18.46 59.51 9.66
CA ILE H 105 -19.50 58.67 9.10
C ILE H 105 -20.84 59.38 9.01
N PHE H 106 -21.03 60.47 9.76
CA PHE H 106 -22.26 61.25 9.71
C PHE H 106 -22.07 62.62 9.06
N ASP H 107 -20.94 62.84 8.39
CA ASP H 107 -20.82 64.03 7.55
C ASP H 107 -21.75 63.95 6.35
N LEU H 108 -22.11 62.73 5.94
CA LEU H 108 -22.94 62.54 4.76
C LEU H 108 -24.34 63.11 4.96
N VAL H 109 -24.92 62.90 6.14
CA VAL H 109 -26.25 63.39 6.45
C VAL H 109 -26.13 64.60 7.38
N SER H 110 -27.27 65.24 7.62
CA SER H 110 -27.36 66.33 8.59
C SER H 110 -28.10 65.84 9.83
N LEU H 111 -27.58 66.21 11.00
CA LEU H 111 -28.15 65.76 12.25
C LEU H 111 -29.31 66.66 12.66
N LYS H 112 -30.47 66.06 12.87
CA LYS H 112 -31.63 66.72 13.44
C LYS H 112 -32.03 65.99 14.72
N ALA H 113 -32.89 66.64 15.50
CA ALA H 113 -33.31 66.10 16.79
C ALA H 113 -34.67 65.44 16.66
N LEU H 114 -34.77 64.22 17.17
CA LEU H 114 -36.05 63.51 17.21
C LEU H 114 -36.85 63.99 18.43
N ASP H 115 -38.09 64.40 18.19
CA ASP H 115 -38.94 64.90 19.26
C ASP H 115 -40.18 64.03 19.46
N LEU H 118 -37.61 59.67 25.00
CA LEU H 118 -39.06 59.49 25.02
C LEU H 118 -39.48 58.04 25.33
N PRO H 119 -38.82 57.04 24.74
CA PRO H 119 -39.05 55.67 25.21
C PRO H 119 -38.43 55.48 26.60
N ASP H 120 -39.24 54.95 27.53
CA ASP H 120 -38.80 54.83 28.90
C ASP H 120 -37.66 53.81 29.04
N GLY H 121 -37.82 52.64 28.43
CA GLY H 121 -36.76 51.64 28.39
C GLY H 121 -36.37 51.10 29.76
N VAL H 122 -35.19 50.50 29.79
CA VAL H 122 -34.62 49.94 31.02
C VAL H 122 -33.11 49.84 30.85
N SER H 123 -32.38 50.13 31.93
CA SER H 123 -30.94 50.30 31.87
C SER H 123 -30.21 49.08 32.43
N ASP H 124 -28.89 49.11 32.29
CA ASP H 124 -28.02 48.01 32.69
C ASP H 124 -26.61 48.57 32.90
N ALA H 125 -25.91 47.98 33.87
CA ALA H 125 -24.53 48.34 34.17
C ALA H 125 -23.61 47.17 33.82
N SER H 126 -22.36 47.27 34.28
CA SER H 126 -21.32 46.26 34.04
C SER H 126 -21.01 46.10 32.55
N ARG H 127 -21.66 46.90 31.71
CA ARG H 127 -21.43 46.86 30.27
C ARG H 127 -20.38 47.91 29.91
N THR H 128 -19.17 47.45 29.60
CA THR H 128 -18.02 48.31 29.40
C THR H 128 -17.99 48.82 27.96
N SER H 129 -16.90 49.48 27.59
CA SER H 129 -16.69 49.92 26.21
C SER H 129 -16.27 48.79 25.28
N ALA H 130 -16.09 47.58 25.80
CA ALA H 130 -15.78 46.43 24.96
C ALA H 130 -17.00 45.90 24.21
N ASP H 131 -18.20 46.39 24.53
CA ASP H 131 -19.40 46.06 23.78
C ASP H 131 -19.75 47.11 22.73
N ASP H 132 -19.28 48.35 22.92
CA ASP H 132 -19.33 49.36 21.87
C ASP H 132 -18.61 48.90 20.60
N LYS H 133 -17.73 47.91 20.72
CA LYS H 133 -16.98 47.43 19.57
C LYS H 133 -17.88 46.71 18.57
N TRP H 134 -18.66 45.74 19.05
CA TRP H 134 -19.42 44.87 18.16
C TRP H 134 -20.92 45.07 18.19
N LEU H 135 -21.45 45.77 19.20
CA LEU H 135 -22.89 46.01 19.20
C LEU H 135 -23.35 46.78 17.96
N PRO H 136 -22.62 47.79 17.46
CA PRO H 136 -22.99 48.34 16.15
C PRO H 136 -22.93 47.31 15.04
N LEU H 137 -21.88 46.49 15.00
CA LEU H 137 -21.79 45.44 13.98
C LEU H 137 -22.99 44.51 14.04
N TYR H 138 -23.42 44.16 15.25
CA TYR H 138 -24.59 43.30 15.44
C TYR H 138 -25.83 43.98 14.88
N LEU H 139 -26.19 45.14 15.45
CA LEU H 139 -27.40 45.84 15.05
C LEU H 139 -27.42 46.13 13.57
N LEU H 140 -26.26 46.34 12.94
CA LEU H 140 -26.22 46.53 11.50
C LEU H 140 -26.43 45.22 10.77
N GLY H 141 -25.87 44.12 11.29
CA GLY H 141 -26.06 42.83 10.65
C GLY H 141 -27.50 42.36 10.67
N LEU H 142 -28.25 42.69 11.73
CA LEU H 142 -29.65 42.27 11.78
C LEU H 142 -30.51 42.96 10.73
N TYR H 143 -30.06 44.09 10.16
CA TYR H 143 -30.81 44.66 9.05
C TYR H 143 -30.75 43.76 7.82
N ARG H 144 -29.57 43.19 7.54
CA ARG H 144 -29.44 42.26 6.42
C ARG H 144 -30.10 40.93 6.74
N VAL H 145 -30.01 40.47 7.99
CA VAL H 145 -30.63 39.21 8.36
C VAL H 145 -32.14 39.32 8.29
N GLY H 146 -32.70 40.44 8.75
CA GLY H 146 -34.14 40.58 8.87
C GLY H 146 -34.89 40.99 7.63
N ARG H 147 -34.28 40.80 6.45
CA ARG H 147 -34.93 41.13 5.19
C ARG H 147 -35.30 39.89 4.38
N THR H 148 -34.98 38.69 4.85
CA THR H 148 -35.27 37.46 4.14
C THR H 148 -36.08 36.53 5.04
N GLN H 149 -37.17 36.01 4.49
CA GLN H 149 -38.07 35.13 5.24
C GLN H 149 -37.77 33.65 5.02
N MET H 150 -36.73 33.32 4.27
CA MET H 150 -36.35 31.93 4.10
C MET H 150 -35.71 31.41 5.40
N PRO H 151 -36.07 30.20 5.83
CA PRO H 151 -35.57 29.75 7.14
C PRO H 151 -34.06 29.52 7.18
N GLU H 152 -33.46 28.99 6.11
CA GLU H 152 -32.04 28.72 6.14
C GLU H 152 -31.20 29.87 5.60
N TYR H 153 -31.76 30.71 4.73
CA TYR H 153 -31.00 31.88 4.28
C TYR H 153 -30.98 32.97 5.34
N ARG H 154 -31.98 33.00 6.22
CA ARG H 154 -31.90 33.87 7.38
C ARG H 154 -30.80 33.44 8.35
N LYS H 155 -30.18 32.28 8.12
CA LYS H 155 -29.05 31.85 8.94
C LYS H 155 -27.77 32.54 8.48
N LYS H 156 -27.89 33.80 8.03
CA LYS H 156 -26.74 34.68 7.98
C LYS H 156 -26.44 35.25 9.36
N LEU H 157 -27.38 35.13 10.29
CA LEU H 157 -27.13 35.43 11.70
C LEU H 157 -25.98 34.60 12.24
N MET H 158 -25.69 33.45 11.62
CA MET H 158 -24.50 32.68 11.99
C MET H 158 -23.22 33.36 11.50
N ASP H 159 -23.31 34.12 10.41
CA ASP H 159 -22.14 34.83 9.91
C ASP H 159 -21.96 36.19 10.56
N GLY H 160 -23.03 36.82 11.03
CA GLY H 160 -22.88 37.95 11.93
C GLY H 160 -22.34 37.52 13.28
N LEU H 161 -22.92 36.45 13.82
CA LEU H 161 -22.40 35.84 15.05
C LEU H 161 -20.93 35.47 14.89
N THR H 162 -20.54 34.96 13.71
CA THR H 162 -19.15 34.60 13.48
C THR H 162 -18.27 35.84 13.37
N ASN H 163 -18.73 36.84 12.60
CA ASN H 163 -17.93 38.04 12.39
C ASN H 163 -17.73 38.81 13.69
N GLN H 164 -18.66 38.70 14.64
CA GLN H 164 -18.45 39.30 15.95
C GLN H 164 -17.64 38.38 16.87
N CYS H 165 -17.80 37.06 16.72
CA CYS H 165 -16.90 36.14 17.42
C CYS H 165 -15.45 36.42 17.06
N LYS H 166 -15.20 36.95 15.86
CA LYS H 166 -13.86 37.34 15.50
C LYS H 166 -13.41 38.55 16.31
N MET H 167 -14.33 39.46 16.63
CA MET H 167 -13.98 40.61 17.45
C MET H 167 -13.79 40.22 18.90
N ILE H 168 -14.69 39.40 19.44
CA ILE H 168 -14.61 38.91 20.80
C ILE H 168 -14.98 37.43 20.79
N ASN H 169 -14.06 36.58 21.27
CA ASN H 169 -14.25 35.14 21.14
C ASN H 169 -15.56 34.69 21.77
N GLU H 170 -15.88 35.20 22.96
CA GLU H 170 -17.10 34.81 23.65
C GLU H 170 -18.22 35.80 23.33
N GLN H 171 -18.62 35.78 22.06
CA GLN H 171 -19.79 36.51 21.57
C GLN H 171 -20.86 35.50 21.19
N PHE H 172 -22.03 35.61 21.81
CA PHE H 172 -23.16 34.78 21.44
C PHE H 172 -24.40 35.66 21.37
N GLU H 173 -25.26 35.39 20.39
CA GLU H 173 -26.31 36.31 19.98
C GLU H 173 -27.19 36.70 21.16
N PRO H 174 -27.26 37.98 21.53
CA PRO H 174 -28.12 38.39 22.65
C PRO H 174 -29.58 38.52 22.27
N LEU H 175 -30.10 37.60 21.45
CA LEU H 175 -31.48 37.67 21.00
C LEU H 175 -32.10 36.29 21.04
N VAL H 176 -33.35 36.23 21.48
CA VAL H 176 -34.10 34.99 21.61
C VAL H 176 -34.41 34.45 20.21
N PRO H 177 -34.72 33.16 20.06
CA PRO H 177 -35.13 32.66 18.74
C PRO H 177 -36.32 33.41 18.17
N GLU H 178 -37.32 33.71 19.01
CA GLU H 178 -38.41 34.59 18.61
C GLU H 178 -37.89 35.90 18.02
N GLY H 179 -36.65 36.27 18.34
CA GLY H 179 -36.00 37.43 17.77
C GLY H 179 -35.99 37.48 16.25
N ARG H 180 -36.30 36.35 15.59
CA ARG H 180 -36.44 36.32 14.14
C ARG H 180 -37.51 37.31 13.70
N ASP H 181 -38.31 37.80 14.65
CA ASP H 181 -39.32 38.80 14.39
C ASP H 181 -39.00 40.15 15.01
N ILE H 182 -37.87 40.27 15.71
CA ILE H 182 -37.57 41.50 16.44
C ILE H 182 -36.95 42.55 15.54
N PHE H 183 -35.93 42.18 14.76
CA PHE H 183 -35.26 43.13 13.90
C PHE H 183 -35.91 43.25 12.52
N ASP H 184 -36.99 42.51 12.27
CA ASP H 184 -37.71 42.67 11.00
C ASP H 184 -38.42 44.02 10.92
N VAL H 185 -38.70 44.64 12.06
CA VAL H 185 -39.36 45.94 12.08
C VAL H 185 -38.36 47.08 11.94
N TRP H 186 -37.08 46.85 12.28
CA TRP H 186 -36.08 47.91 12.22
C TRP H 186 -35.97 48.50 10.82
N GLY H 187 -36.13 47.68 9.79
CA GLY H 187 -36.08 48.17 8.42
C GLY H 187 -37.17 49.15 8.05
N ASN H 188 -38.14 49.40 8.94
CA ASN H 188 -39.20 50.35 8.66
C ASN H 188 -38.95 51.73 9.25
N ASP H 189 -37.94 51.88 10.10
CA ASP H 189 -37.58 53.18 10.66
C ASP H 189 -36.67 53.89 9.67
N SER H 190 -37.13 55.03 9.13
CA SER H 190 -36.37 55.74 8.10
C SER H 190 -34.99 56.13 8.58
N ASN H 191 -34.83 56.45 9.86
CA ASN H 191 -33.54 56.89 10.36
C ASN H 191 -32.55 55.74 10.49
N TYR H 192 -33.04 54.54 10.81
CA TYR H 192 -32.15 53.37 10.86
C TYR H 192 -31.60 53.05 9.48
N THR H 193 -32.46 53.10 8.45
CA THR H 193 -31.99 52.92 7.09
C THR H 193 -31.05 54.04 6.66
N LYS H 194 -31.34 55.27 7.09
CA LYS H 194 -30.42 56.37 6.85
C LYS H 194 -29.11 56.20 7.62
N ILE H 195 -29.08 55.32 8.61
CA ILE H 195 -27.84 55.00 9.30
C ILE H 195 -27.05 53.95 8.52
N VAL H 196 -27.71 52.83 8.15
CA VAL H 196 -27.01 51.76 7.46
C VAL H 196 -26.50 52.24 6.10
N ALA H 197 -27.28 53.10 5.43
CA ALA H 197 -26.84 53.60 4.12
C ALA H 197 -25.62 54.50 4.27
N ALA H 198 -25.58 55.31 5.33
CA ALA H 198 -24.41 56.15 5.57
C ALA H 198 -23.20 55.31 5.97
N VAL H 199 -23.41 54.21 6.70
CA VAL H 199 -22.30 53.33 7.05
C VAL H 199 -21.71 52.68 5.81
N ASP H 200 -22.57 52.13 4.96
CA ASP H 200 -22.07 51.47 3.74
C ASP H 200 -21.44 52.48 2.79
N MET H 201 -22.06 53.65 2.63
CA MET H 201 -21.49 54.67 1.76
C MET H 201 -20.14 55.15 2.28
N PHE H 202 -20.01 55.28 3.61
CA PHE H 202 -18.73 55.67 4.18
C PHE H 202 -17.68 54.61 3.95
N PHE H 203 -17.98 53.36 4.30
CA PHE H 203 -16.98 52.29 4.20
C PHE H 203 -16.73 51.84 2.77
N HIS H 204 -17.49 52.34 1.80
CA HIS H 204 -17.13 52.08 0.40
C HIS H 204 -15.95 52.95 -0.03
N MET H 205 -15.91 54.21 0.43
CA MET H 205 -14.78 55.08 0.14
C MET H 205 -13.55 54.65 0.92
N PHE H 206 -13.69 54.53 2.25
CA PHE H 206 -12.61 54.10 3.12
C PHE H 206 -12.70 52.58 3.24
N LYS H 207 -11.97 51.90 2.36
CA LYS H 207 -12.19 50.47 2.12
C LYS H 207 -11.44 49.61 3.13
N LYS H 208 -10.19 49.95 3.43
CA LYS H 208 -9.37 49.15 4.35
C LYS H 208 -9.35 49.75 5.76
N HIS H 209 -10.45 50.34 6.20
CA HIS H 209 -10.55 50.79 7.58
C HIS H 209 -10.55 49.59 8.52
N GLU H 210 -10.02 49.80 9.73
CA GLU H 210 -10.03 48.73 10.72
C GLU H 210 -11.44 48.31 11.11
N CYS H 211 -12.42 49.19 10.91
CA CYS H 211 -13.82 48.89 11.18
C CYS H 211 -14.62 48.64 9.89
N ALA H 212 -13.93 48.29 8.79
CA ALA H 212 -14.63 48.01 7.54
C ALA H 212 -15.52 46.78 7.65
N SER H 213 -15.27 45.90 8.62
CA SER H 213 -16.12 44.72 8.83
C SER H 213 -17.57 45.14 9.07
N PHE H 214 -17.78 46.33 9.63
CA PHE H 214 -19.13 46.86 9.85
C PHE H 214 -19.95 46.87 8.56
N ARG H 215 -19.30 46.89 7.40
CA ARG H 215 -20.04 46.88 6.13
C ARG H 215 -20.88 45.62 5.99
N TYR H 216 -20.48 44.52 6.63
CA TYR H 216 -21.31 43.33 6.65
C TYR H 216 -22.66 43.66 7.28
N GLY H 217 -23.74 43.35 6.57
CA GLY H 217 -25.08 43.71 6.96
C GLY H 217 -25.59 44.97 6.31
N THR H 218 -24.71 45.92 6.02
CA THR H 218 -25.09 47.13 5.29
C THR H 218 -24.84 47.02 3.80
N ILE H 219 -24.12 45.98 3.36
CA ILE H 219 -23.81 45.83 1.93
C ILE H 219 -25.08 45.58 1.13
N VAL H 220 -26.12 45.04 1.75
CA VAL H 220 -27.40 44.85 1.08
C VAL H 220 -28.11 46.17 0.80
N SER H 221 -27.61 47.28 1.34
CA SER H 221 -28.19 48.59 1.07
C SER H 221 -27.69 49.19 -0.23
N ARG H 222 -26.53 48.75 -0.71
CA ARG H 222 -25.98 49.28 -1.96
C ARG H 222 -26.75 48.71 -3.14
N PHE H 223 -27.32 49.61 -3.95
CA PHE H 223 -28.12 49.24 -5.12
C PHE H 223 -29.32 48.37 -4.73
N LYS H 224 -29.88 48.63 -3.55
CA LYS H 224 -31.11 47.97 -3.15
C LYS H 224 -32.25 48.43 -4.06
N ASP H 225 -33.08 47.47 -4.49
CA ASP H 225 -34.15 47.72 -5.47
C ASP H 225 -33.59 48.26 -6.78
N CYS H 226 -32.44 47.74 -7.19
CA CYS H 226 -31.78 48.16 -8.42
C CYS H 226 -31.22 46.92 -9.15
N ALA H 227 -32.06 45.91 -9.33
CA ALA H 227 -31.59 44.66 -9.90
C ALA H 227 -31.36 44.78 -11.40
N ALA H 228 -32.29 45.41 -12.13
CA ALA H 228 -32.21 45.46 -13.58
C ALA H 228 -30.90 46.06 -14.06
N LEU H 229 -30.43 47.10 -13.37
CA LEU H 229 -29.13 47.68 -13.69
C LEU H 229 -28.02 46.64 -13.54
N ALA H 230 -28.07 45.84 -12.47
CA ALA H 230 -27.08 44.79 -12.27
C ALA H 230 -27.20 43.69 -13.33
N THR H 231 -28.40 43.49 -13.88
CA THR H 231 -28.53 42.56 -15.01
C THR H 231 -27.95 43.16 -16.28
N PHE H 232 -27.98 44.49 -16.40
CA PHE H 232 -27.30 45.13 -17.53
C PHE H 232 -25.79 44.98 -17.41
N GLY H 233 -25.25 45.13 -16.20
CA GLY H 233 -23.83 44.86 -16.00
C GLY H 233 -23.48 43.40 -16.23
N HIS H 234 -24.33 42.49 -15.75
CA HIS H 234 -24.07 41.06 -15.92
C HIS H 234 -24.14 40.66 -17.39
N LEU H 235 -25.03 41.29 -18.16
CA LEU H 235 -25.09 40.99 -19.58
C LEU H 235 -23.91 41.59 -20.33
N CYS H 236 -23.55 42.83 -20.00
CA CYS H 236 -22.37 43.45 -20.61
C CYS H 236 -21.08 42.75 -20.22
N LYS H 237 -21.10 41.92 -19.16
CA LYS H 237 -19.92 41.14 -18.81
C LYS H 237 -19.94 39.75 -19.46
N ILE H 238 -21.09 39.07 -19.42
CA ILE H 238 -21.18 37.72 -19.96
C ILE H 238 -21.03 37.75 -21.49
N THR H 239 -21.70 38.69 -22.15
CA THR H 239 -21.55 38.80 -23.59
C THR H 239 -20.14 39.21 -23.99
N GLY H 240 -19.45 39.96 -23.12
CA GLY H 240 -18.17 40.55 -23.44
C GLY H 240 -18.22 41.75 -24.36
N MET H 241 -19.42 42.23 -24.68
CA MET H 241 -19.60 43.37 -25.57
C MET H 241 -19.71 44.66 -24.78
N SER H 242 -19.47 45.77 -25.46
CA SER H 242 -19.58 47.07 -24.82
C SER H 242 -21.04 47.39 -24.48
N THR H 243 -21.21 48.39 -23.62
CA THR H 243 -22.57 48.80 -23.25
C THR H 243 -23.33 49.33 -24.46
N GLU H 244 -22.65 50.07 -25.33
CA GLU H 244 -23.30 50.61 -26.52
C GLU H 244 -23.61 49.53 -27.55
N ASP H 245 -22.79 48.48 -27.60
CA ASP H 245 -23.07 47.38 -28.52
C ASP H 245 -24.25 46.53 -28.02
N VAL H 246 -24.24 46.21 -26.72
CA VAL H 246 -25.35 45.46 -26.13
C VAL H 246 -26.65 46.27 -26.25
N THR H 247 -26.55 47.59 -26.11
CA THR H 247 -27.73 48.45 -26.21
C THR H 247 -28.41 48.32 -27.58
N THR H 248 -27.63 48.02 -28.62
CA THR H 248 -28.22 47.86 -29.96
C THR H 248 -28.97 46.55 -30.09
N TRP H 249 -28.53 45.50 -29.40
CA TRP H 249 -29.18 44.19 -29.48
C TRP H 249 -30.52 44.14 -28.76
N ILE H 250 -31.09 45.28 -28.41
CA ILE H 250 -32.44 45.34 -27.84
C ILE H 250 -33.43 45.38 -29.00
N LEU H 251 -34.24 44.34 -29.12
CA LEU H 251 -35.17 44.20 -30.22
C LEU H 251 -36.63 44.32 -29.81
N ASN H 252 -36.90 44.53 -28.53
CA ASN H 252 -38.26 44.61 -28.01
C ASN H 252 -38.58 46.03 -27.57
N ARG H 253 -39.81 46.48 -27.85
CA ARG H 253 -40.19 47.85 -27.54
C ARG H 253 -40.20 48.12 -26.05
N GLU H 254 -40.68 47.15 -25.26
CA GLU H 254 -40.70 47.33 -23.80
C GLU H 254 -39.29 47.48 -23.25
N VAL H 255 -38.37 46.60 -23.68
CA VAL H 255 -36.98 46.70 -23.24
C VAL H 255 -36.37 48.01 -23.71
N ALA H 256 -36.84 48.55 -24.83
CA ALA H 256 -36.38 49.86 -25.27
C ALA H 256 -36.83 50.96 -24.32
N ASP H 257 -38.12 50.98 -23.97
CA ASP H 257 -38.63 51.99 -23.06
C ASP H 257 -37.97 51.89 -21.69
N GLU H 258 -37.77 50.66 -21.20
CA GLU H 258 -37.13 50.47 -19.90
C GLU H 258 -35.66 50.87 -19.94
N MET H 259 -34.96 50.54 -21.03
CA MET H 259 -33.56 50.93 -21.15
C MET H 259 -33.41 52.44 -21.24
N VAL H 260 -34.36 53.12 -21.89
CA VAL H 260 -34.38 54.59 -21.85
C VAL H 260 -34.69 55.06 -20.44
N GLN H 261 -35.49 54.31 -19.68
CA GLN H 261 -35.87 54.72 -18.34
C GLN H 261 -34.68 54.67 -17.39
N MET H 262 -33.87 53.61 -17.46
CA MET H 262 -32.74 53.50 -16.55
C MET H 262 -31.64 54.51 -16.85
N MET H 263 -31.43 54.82 -18.14
CA MET H 263 -30.28 55.61 -18.55
C MET H 263 -30.57 57.10 -18.64
N LEU H 264 -31.35 57.65 -17.73
CA LEU H 264 -31.48 59.09 -17.66
C LEU H 264 -30.15 59.71 -17.25
N PRO H 265 -29.77 60.84 -17.84
CA PRO H 265 -28.37 61.28 -17.83
C PRO H 265 -27.87 62.00 -16.58
N GLY H 266 -28.71 62.25 -15.58
CA GLY H 266 -28.25 63.03 -14.45
C GLY H 266 -28.40 62.38 -13.10
N GLN H 267 -28.23 61.06 -13.02
CA GLN H 267 -28.46 60.31 -11.80
C GLN H 267 -27.19 59.69 -11.22
N GLU H 268 -26.02 60.05 -11.74
CA GLU H 268 -24.73 59.60 -11.21
C GLU H 268 -24.64 58.08 -11.10
N ILE H 269 -25.27 57.36 -12.04
CA ILE H 269 -25.21 55.90 -12.02
C ILE H 269 -23.84 55.38 -12.40
N ASP H 270 -22.94 56.24 -12.89
CA ASP H 270 -21.59 55.84 -13.28
C ASP H 270 -20.53 56.27 -12.27
N LYS H 271 -20.86 57.16 -11.35
CA LYS H 271 -19.89 57.58 -10.33
C LYS H 271 -19.55 56.42 -9.41
N ALA H 272 -18.28 56.34 -9.02
CA ALA H 272 -17.83 55.28 -8.14
C ALA H 272 -18.48 55.39 -6.77
N ASP H 273 -18.31 56.52 -6.10
CA ASP H 273 -18.85 56.76 -4.77
C ASP H 273 -19.87 57.88 -4.87
N SER H 274 -21.15 57.53 -4.75
CA SER H 274 -22.22 58.50 -4.94
C SER H 274 -23.39 58.15 -4.03
N TYR H 275 -24.33 59.09 -3.91
CA TYR H 275 -25.58 58.87 -3.19
C TYR H 275 -26.56 58.00 -3.94
N MET H 276 -26.33 57.75 -5.23
CA MET H 276 -27.30 57.01 -6.04
C MET H 276 -27.51 55.57 -5.56
N PRO H 277 -26.48 54.77 -5.26
CA PRO H 277 -26.73 53.38 -4.86
C PRO H 277 -27.60 53.23 -3.61
N TYR H 278 -27.81 54.29 -2.85
CA TYR H 278 -28.56 54.24 -1.60
C TYR H 278 -29.80 55.13 -1.66
N LEU H 279 -30.42 55.20 -2.83
CA LEU H 279 -31.56 56.08 -3.03
C LEU H 279 -32.82 55.60 -2.29
N ILE H 280 -32.83 54.37 -1.79
CA ILE H 280 -34.00 53.81 -1.13
C ILE H 280 -33.93 53.98 0.38
N ASP H 281 -32.80 53.59 0.99
CA ASP H 281 -32.67 53.73 2.45
C ASP H 281 -32.47 55.18 2.85
N PHE H 282 -31.80 55.97 2.02
CA PHE H 282 -31.67 57.39 2.28
C PHE H 282 -32.99 58.13 2.09
N GLY H 283 -33.97 57.52 1.43
CA GLY H 283 -35.21 58.21 1.15
C GLY H 283 -35.15 59.16 -0.02
N LEU H 284 -34.13 59.05 -0.87
CA LEU H 284 -34.05 59.86 -2.07
C LEU H 284 -35.13 59.49 -3.07
N SER H 285 -35.72 58.30 -2.94
CA SER H 285 -36.73 57.83 -3.89
C SER H 285 -37.57 56.75 -3.21
N SER H 286 -38.89 56.83 -3.41
CA SER H 286 -39.80 55.84 -2.87
C SER H 286 -40.10 54.71 -3.85
N LYS H 287 -39.92 54.94 -5.15
CA LYS H 287 -40.09 53.91 -6.17
C LYS H 287 -38.85 53.98 -7.07
N SER H 288 -37.97 53.00 -6.92
CA SER H 288 -36.71 53.01 -7.65
C SER H 288 -36.96 52.89 -9.15
N PRO H 289 -36.16 53.58 -9.98
CA PRO H 289 -36.28 53.41 -11.43
C PRO H 289 -35.50 52.25 -12.00
N TYR H 290 -34.68 51.58 -11.19
CA TYR H 290 -33.76 50.55 -11.67
C TYR H 290 -34.12 49.16 -11.16
N SER H 291 -35.34 49.00 -10.66
CA SER H 291 -35.77 47.73 -10.10
C SER H 291 -36.29 46.81 -11.20
N SER H 292 -36.23 45.51 -10.93
CA SER H 292 -36.84 44.51 -11.81
C SER H 292 -38.35 44.46 -11.69
N VAL H 293 -38.98 45.50 -11.15
CA VAL H 293 -40.44 45.59 -11.02
C VAL H 293 -40.89 46.67 -12.00
N LYS H 294 -40.06 47.69 -12.16
CA LYS H 294 -40.29 48.70 -13.18
C LYS H 294 -39.52 48.44 -14.46
N ASN H 295 -38.66 47.42 -14.50
CA ASN H 295 -37.96 47.02 -15.72
C ASN H 295 -38.03 45.50 -15.83
N PRO H 296 -39.23 44.95 -16.04
CA PRO H 296 -39.37 43.49 -16.01
C PRO H 296 -38.86 42.82 -17.29
N ALA H 297 -39.23 43.35 -18.45
CA ALA H 297 -38.80 42.76 -19.71
C ALA H 297 -37.30 42.83 -19.89
N PHE H 298 -36.65 43.86 -19.35
CA PHE H 298 -35.19 43.94 -19.40
C PHE H 298 -34.57 42.87 -18.50
N HIS H 299 -35.12 42.69 -17.30
CA HIS H 299 -34.61 41.67 -16.39
C HIS H 299 -34.73 40.28 -17.01
N PHE H 300 -35.91 39.97 -17.53
CA PHE H 300 -36.15 38.66 -18.15
C PHE H 300 -35.26 38.46 -19.37
N TRP H 301 -35.20 39.47 -20.25
CA TRP H 301 -34.44 39.35 -21.48
C TRP H 301 -32.94 39.18 -21.21
N GLY H 302 -32.37 40.11 -20.44
CA GLY H 302 -30.95 40.05 -20.15
C GLY H 302 -30.57 38.82 -19.36
N GLN H 303 -31.36 38.48 -18.35
CA GLN H 303 -31.05 37.30 -17.54
C GLN H 303 -31.14 36.02 -18.36
N LEU H 304 -32.16 35.91 -19.22
CA LEU H 304 -32.29 34.71 -20.05
C LEU H 304 -31.15 34.61 -21.05
N THR H 305 -30.79 35.72 -21.70
CA THR H 305 -29.68 35.71 -22.64
C THR H 305 -28.38 35.32 -21.93
N ALA H 306 -28.15 35.86 -20.74
CA ALA H 306 -26.98 35.45 -19.96
C ALA H 306 -27.01 33.95 -19.68
N LEU H 307 -28.16 33.45 -19.23
CA LEU H 307 -28.27 32.01 -18.94
C LEU H 307 -27.94 31.17 -20.17
N LEU H 308 -28.43 31.57 -21.34
CA LEU H 308 -28.09 30.86 -22.56
C LEU H 308 -26.62 30.98 -22.89
N LEU H 309 -25.97 32.06 -22.44
CA LEU H 309 -24.52 32.20 -22.60
C LEU H 309 -23.75 31.70 -21.39
N ARG H 310 -24.18 30.57 -20.81
CA ARG H 310 -23.44 29.85 -19.78
C ARG H 310 -23.34 30.63 -18.47
N SER H 311 -24.41 31.33 -18.11
CA SER H 311 -24.40 32.06 -16.85
C SER H 311 -24.73 31.13 -15.68
N THR H 312 -24.25 31.53 -14.50
CA THR H 312 -24.55 30.84 -13.25
C THR H 312 -25.54 31.60 -12.38
N ARG H 313 -25.42 32.93 -12.34
CA ARG H 313 -26.33 33.74 -11.56
C ARG H 313 -27.76 33.64 -12.07
N ALA H 314 -27.92 33.53 -13.40
CA ALA H 314 -29.25 33.51 -13.99
C ALA H 314 -30.03 32.24 -13.67
N ARG H 315 -29.34 31.17 -13.27
CA ARG H 315 -30.01 29.91 -12.96
C ARG H 315 -31.05 30.06 -11.87
N ASN H 316 -30.98 31.13 -11.07
CA ASN H 316 -31.91 31.35 -9.97
C ASN H 316 -32.60 32.70 -10.06
N ALA H 317 -32.38 33.46 -11.13
CA ALA H 317 -33.09 34.72 -11.33
C ALA H 317 -34.59 34.45 -11.54
N ARG H 318 -35.42 35.31 -10.97
CA ARG H 318 -36.85 35.05 -10.93
C ARG H 318 -37.55 35.60 -12.17
N GLN H 319 -38.60 34.90 -12.59
CA GLN H 319 -39.32 35.23 -13.81
C GLN H 319 -40.43 36.22 -13.50
N PRO H 320 -40.36 37.46 -13.99
CA PRO H 320 -41.40 38.44 -13.67
C PRO H 320 -42.76 38.04 -14.22
N ASP H 321 -43.77 38.81 -13.83
CA ASP H 321 -45.15 38.56 -14.24
C ASP H 321 -45.60 39.60 -15.26
N ASP H 322 -46.50 39.17 -16.15
CA ASP H 322 -47.13 40.03 -17.15
C ASP H 322 -46.10 40.71 -18.05
N ILE H 323 -45.44 39.88 -18.86
CA ILE H 323 -44.54 40.33 -19.91
C ILE H 323 -44.72 39.41 -21.12
N GLU H 324 -44.14 39.82 -22.24
CA GLU H 324 -44.24 39.05 -23.48
C GLU H 324 -43.12 38.01 -23.49
N TYR H 325 -43.40 36.85 -22.89
CA TYR H 325 -42.38 35.81 -22.80
C TYR H 325 -41.96 35.33 -24.19
N THR H 326 -42.87 35.31 -25.16
CA THR H 326 -42.57 34.76 -26.47
C THR H 326 -41.57 35.64 -27.23
N SER H 327 -41.92 36.92 -27.44
CA SER H 327 -41.04 37.81 -28.17
C SER H 327 -39.71 38.02 -27.45
N LEU H 328 -39.76 38.21 -26.13
CA LEU H 328 -38.54 38.36 -25.36
C LEU H 328 -37.65 37.13 -25.48
N THR H 329 -38.24 35.93 -25.41
CA THR H 329 -37.45 34.70 -25.52
C THR H 329 -36.84 34.56 -26.91
N THR H 330 -37.59 34.90 -27.96
CA THR H 330 -37.03 34.83 -29.30
C THR H 330 -35.86 35.81 -29.46
N ALA H 331 -36.01 37.02 -28.92
CA ALA H 331 -34.93 37.99 -28.97
C ALA H 331 -33.68 37.48 -28.25
N GLY H 332 -33.87 36.96 -27.03
CA GLY H 332 -32.75 36.38 -26.30
C GLY H 332 -32.13 35.18 -27.00
N LEU H 333 -32.93 34.45 -27.78
CA LEU H 333 -32.41 33.31 -28.51
C LEU H 333 -31.53 33.76 -29.67
N LEU H 334 -31.98 34.76 -30.43
CA LEU H 334 -31.16 35.27 -31.52
C LEU H 334 -29.89 35.94 -30.98
N TYR H 335 -30.01 36.69 -29.89
CA TYR H 335 -28.84 37.34 -29.31
C TYR H 335 -27.83 36.33 -28.79
N ALA H 336 -28.31 35.39 -27.96
CA ALA H 336 -27.39 34.40 -27.39
C ALA H 336 -26.81 33.48 -28.46
N TYR H 337 -27.57 33.20 -29.52
CA TYR H 337 -27.04 32.40 -30.61
C TYR H 337 -25.99 33.17 -31.39
N ALA H 338 -26.21 34.47 -31.59
CA ALA H 338 -25.22 35.30 -32.28
C ALA H 338 -23.91 35.34 -31.48
N VAL H 339 -24.00 35.61 -30.17
CA VAL H 339 -22.80 35.66 -29.35
C VAL H 339 -22.15 34.29 -29.24
N GLY H 340 -22.95 33.22 -29.26
CA GLY H 340 -22.44 31.87 -29.14
C GLY H 340 -21.68 31.39 -30.35
N SER H 341 -22.23 31.64 -31.55
CA SER H 341 -21.56 31.19 -32.77
C SER H 341 -20.35 32.06 -33.09
N SER H 342 -20.44 33.36 -32.84
CA SER H 342 -19.38 34.31 -33.20
C SER H 342 -18.45 34.48 -32.00
N ALA H 343 -17.57 33.50 -31.81
CA ALA H 343 -16.57 33.59 -30.76
C ALA H 343 -15.57 34.71 -31.04
N ASP H 344 -15.37 35.05 -32.32
CA ASP H 344 -14.51 36.16 -32.73
C ASP H 344 -13.08 35.99 -32.19
N LEU H 345 -12.57 34.77 -32.27
CA LEU H 345 -11.19 34.52 -31.86
C LEU H 345 -10.23 35.24 -32.80
N ALA H 346 -9.29 35.99 -32.22
CA ALA H 346 -8.33 36.76 -32.99
C ALA H 346 -6.98 36.70 -32.30
N GLN H 347 -5.92 36.58 -33.10
CA GLN H 347 -4.57 36.51 -32.55
C GLN H 347 -4.23 37.80 -31.82
N GLN H 348 -3.57 37.66 -30.68
CA GLN H 348 -3.25 38.79 -29.82
C GLN H 348 -1.76 39.06 -29.69
N PHE H 349 -0.94 38.02 -29.55
CA PHE H 349 0.50 38.16 -29.45
C PHE H 349 1.18 37.33 -30.54
N CYS H 350 2.29 37.87 -31.08
CA CYS H 350 3.04 37.19 -32.11
C CYS H 350 4.51 37.11 -31.70
N VAL H 351 5.23 36.18 -32.32
CA VAL H 351 6.66 35.99 -32.03
C VAL H 351 7.49 36.69 -33.09
N GLY H 352 7.66 36.03 -34.24
CA GLY H 352 8.52 36.56 -35.29
C GLY H 352 7.84 37.59 -36.16
N ASP H 353 6.98 38.41 -35.55
CA ASP H 353 6.17 39.39 -36.25
C ASP H 353 5.41 38.74 -37.41
N ASN H 354 4.83 37.58 -37.13
CA ASN H 354 3.94 36.89 -38.06
C ASN H 354 2.56 36.84 -37.44
N LYS H 355 1.57 37.35 -38.16
CA LYS H 355 0.19 37.35 -37.71
C LYS H 355 -0.64 36.50 -38.65
N TYR H 356 -1.85 36.14 -38.21
CA TYR H 356 -2.76 35.41 -39.07
C TYR H 356 -3.18 36.31 -40.23
N THR H 357 -2.93 35.85 -41.44
CA THR H 357 -3.33 36.57 -42.64
C THR H 357 -4.53 35.86 -43.27
N PRO H 358 -5.73 36.41 -43.17
CA PRO H 358 -6.90 35.73 -43.74
C PRO H 358 -6.79 35.64 -45.26
N ASP H 359 -7.37 34.56 -45.80
CA ASP H 359 -7.33 34.29 -47.23
C ASP H 359 -8.61 34.82 -47.87
N ASP H 360 -8.46 35.70 -48.86
CA ASP H 360 -9.59 36.30 -49.57
C ASP H 360 -9.89 35.60 -50.88
N SER H 361 -9.11 34.59 -51.26
CA SER H 361 -9.32 33.86 -52.50
C SER H 361 -10.37 32.75 -52.38
N THR H 362 -11.28 32.86 -51.41
CA THR H 362 -12.35 31.88 -51.21
C THR H 362 -13.59 32.42 -51.91
N GLY H 363 -13.85 31.93 -53.12
CA GLY H 363 -14.92 32.48 -53.93
C GLY H 363 -15.98 31.49 -54.37
N GLY H 364 -16.00 30.31 -53.75
CA GLY H 364 -17.05 29.34 -54.03
C GLY H 364 -18.43 29.77 -53.57
N LEU H 365 -18.56 30.97 -53.00
CA LEU H 365 -19.82 31.55 -52.55
C LEU H 365 -20.44 30.69 -51.45
N THR H 366 -19.82 30.76 -50.27
CA THR H 366 -20.33 30.09 -49.07
C THR H 366 -21.42 30.98 -48.45
N THR H 367 -22.51 31.11 -49.18
CA THR H 367 -23.65 31.90 -48.74
C THR H 367 -24.55 31.04 -47.84
N ASN H 368 -25.69 31.61 -47.44
CA ASN H 368 -26.65 30.97 -46.55
C ASN H 368 -26.00 30.56 -45.23
N ALA H 369 -24.89 31.20 -44.86
CA ALA H 369 -24.18 30.98 -43.63
C ALA H 369 -24.35 32.20 -42.70
N PRO H 370 -24.40 31.98 -41.39
CA PRO H 370 -24.64 33.09 -40.47
C PRO H 370 -23.55 34.14 -40.57
N PRO H 371 -23.82 35.38 -40.15
CA PRO H 371 -22.81 36.44 -40.22
C PRO H 371 -21.57 36.09 -39.42
N GLN H 372 -20.54 36.92 -39.61
CA GLN H 372 -19.22 36.63 -39.06
C GLN H 372 -18.93 37.38 -37.76
N GLY H 373 -19.57 38.53 -37.54
CA GLY H 373 -19.35 39.28 -36.32
C GLY H 373 -20.51 39.18 -35.35
N ARG H 374 -20.80 40.29 -34.66
CA ARG H 374 -21.94 40.36 -33.74
C ARG H 374 -22.78 41.59 -34.03
N ASP H 375 -22.79 42.04 -35.28
CA ASP H 375 -23.56 43.22 -35.67
C ASP H 375 -25.04 42.87 -35.75
N VAL H 376 -25.88 43.72 -35.16
CA VAL H 376 -27.32 43.49 -35.20
C VAL H 376 -27.85 43.63 -36.62
N VAL H 377 -27.29 44.57 -37.38
CA VAL H 377 -27.79 44.87 -38.73
C VAL H 377 -27.68 43.65 -39.64
N GLU H 378 -26.71 42.77 -39.38
CA GLU H 378 -26.54 41.59 -40.20
C GLU H 378 -27.29 40.39 -39.66
N TRP H 379 -27.41 40.26 -38.33
CA TRP H 379 -28.13 39.12 -37.76
C TRP H 379 -29.64 39.27 -37.92
N LEU H 380 -30.15 40.51 -37.95
CA LEU H 380 -31.55 40.71 -38.29
C LEU H 380 -31.84 40.33 -39.74
N GLY H 381 -30.88 40.57 -40.64
CA GLY H 381 -31.07 40.19 -42.03
C GLY H 381 -31.00 38.69 -42.23
N TRP H 382 -29.99 38.05 -41.62
CA TRP H 382 -29.92 36.59 -41.65
C TRP H 382 -31.18 35.97 -41.04
N PHE H 383 -31.64 36.53 -39.92
CA PHE H 383 -32.87 36.06 -39.29
C PHE H 383 -34.07 36.24 -40.21
N GLU H 384 -34.07 37.31 -41.00
CA GLU H 384 -35.11 37.47 -42.02
C GLU H 384 -35.00 36.39 -43.08
N ASP H 385 -33.77 36.04 -43.48
CA ASP H 385 -33.56 34.91 -44.38
C ASP H 385 -34.02 33.60 -43.76
N GLN H 386 -34.15 33.54 -42.44
CA GLN H 386 -34.74 32.40 -41.76
C GLN H 386 -36.24 32.58 -41.50
N ASN H 387 -36.88 33.52 -42.21
CA ASN H 387 -38.32 33.76 -42.09
C ASN H 387 -38.74 34.13 -40.68
N ARG H 388 -37.84 34.76 -39.92
CA ARG H 388 -38.10 35.20 -38.56
C ARG H 388 -38.56 34.05 -37.65
N LYS H 389 -38.14 32.84 -37.98
CA LYS H 389 -38.37 31.66 -37.17
C LYS H 389 -37.04 31.06 -36.76
N PRO H 390 -36.83 30.75 -35.48
CA PRO H 390 -35.53 30.22 -35.05
C PRO H 390 -35.20 28.92 -35.76
N THR H 391 -34.01 28.85 -36.32
CA THR H 391 -33.56 27.66 -37.03
C THR H 391 -33.38 26.51 -36.05
N PRO H 392 -33.44 25.26 -36.53
CA PRO H 392 -33.21 24.12 -35.63
C PRO H 392 -31.84 24.09 -34.98
N ASP H 393 -30.85 24.77 -35.57
CA ASP H 393 -29.56 24.86 -34.92
C ASP H 393 -29.59 25.84 -33.75
N MET H 394 -30.44 26.86 -33.82
CA MET H 394 -30.62 27.77 -32.70
C MET H 394 -31.33 27.07 -31.55
N MET H 395 -32.45 26.41 -31.84
CA MET H 395 -33.19 25.69 -30.80
C MET H 395 -32.34 24.57 -30.22
N GLN H 396 -31.57 23.88 -31.07
CA GLN H 396 -30.67 22.85 -30.56
C GLN H 396 -29.57 23.45 -29.69
N TYR H 397 -29.04 24.61 -30.07
CA TYR H 397 -28.05 25.30 -29.25
C TYR H 397 -28.62 25.63 -27.88
N ALA H 398 -29.83 26.19 -27.85
CA ALA H 398 -30.45 26.52 -26.57
C ALA H 398 -30.72 25.28 -25.73
N LYS H 399 -31.14 24.18 -26.38
CA LYS H 399 -31.30 22.94 -25.65
C LYS H 399 -29.98 22.47 -25.05
N ARG H 400 -28.89 22.59 -25.81
CA ARG H 400 -27.57 22.25 -25.30
C ARG H 400 -27.20 23.13 -24.11
N ALA H 401 -27.63 24.39 -24.11
CA ALA H 401 -27.29 25.29 -23.01
C ALA H 401 -28.11 25.00 -21.76
N VAL H 402 -29.39 24.68 -21.91
CA VAL H 402 -30.27 24.52 -20.75
C VAL H 402 -30.34 23.10 -20.21
N MET H 403 -30.03 22.09 -21.04
CA MET H 403 -29.97 20.74 -20.52
C MET H 403 -28.81 20.61 -19.54
N SER H 404 -28.81 19.51 -18.79
CA SER H 404 -27.87 19.24 -17.71
C SER H 404 -27.93 20.29 -16.60
N LEU H 405 -28.97 21.11 -16.57
CA LEU H 405 -29.25 21.98 -15.44
C LEU H 405 -30.05 21.21 -14.41
N GLN H 406 -29.55 21.18 -13.17
CA GLN H 406 -30.19 20.46 -12.10
C GLN H 406 -30.42 21.40 -10.92
N GLY H 407 -31.29 20.97 -10.00
CA GLY H 407 -31.60 21.74 -8.82
C GLY H 407 -32.13 23.13 -9.13
N LEU H 408 -33.18 23.20 -9.95
CA LEU H 408 -33.75 24.46 -10.38
C LEU H 408 -34.95 24.81 -9.52
N ARG H 409 -35.03 26.06 -9.10
CA ARG H 409 -36.16 26.53 -8.32
C ARG H 409 -37.33 26.87 -9.24
N GLU H 410 -38.54 26.81 -8.67
CA GLU H 410 -39.72 27.19 -9.41
C GLU H 410 -39.75 28.71 -9.60
N LYS H 411 -40.48 29.14 -10.62
CA LYS H 411 -40.65 30.56 -10.96
C LYS H 411 -39.33 31.25 -11.27
N THR H 412 -38.30 30.49 -11.65
CA THR H 412 -37.02 31.05 -12.03
C THR H 412 -36.80 30.86 -13.53
N ILE H 413 -36.02 31.78 -14.13
CA ILE H 413 -35.74 31.69 -15.55
C ILE H 413 -34.86 30.51 -15.91
N GLY H 414 -34.20 29.89 -14.93
CA GLY H 414 -33.51 28.65 -15.20
C GLY H 414 -34.47 27.51 -15.51
N LYS H 415 -35.46 27.31 -14.63
CA LYS H 415 -36.49 26.32 -14.91
C LYS H 415 -37.34 26.72 -16.10
N TYR H 416 -37.50 28.03 -16.34
CA TYR H 416 -38.24 28.47 -17.52
C TYR H 416 -37.52 28.07 -18.79
N ALA H 417 -36.23 28.43 -18.91
CA ALA H 417 -35.46 28.10 -20.09
C ALA H 417 -35.36 26.59 -20.27
N LYS H 418 -35.12 25.86 -19.17
CA LYS H 418 -35.05 24.41 -19.25
C LYS H 418 -36.38 23.83 -19.74
N SER H 419 -37.49 24.29 -19.18
CA SER H 419 -38.80 23.83 -19.60
C SER H 419 -39.18 24.29 -21.01
N GLU H 420 -38.45 25.27 -21.56
CA GLU H 420 -38.78 25.81 -22.87
C GLU H 420 -37.99 25.17 -24.00
N PHE H 421 -36.69 24.94 -23.81
CA PHE H 421 -35.84 24.42 -24.87
C PHE H 421 -35.44 22.96 -24.73
N ASP H 422 -35.57 22.38 -23.54
CA ASP H 422 -35.10 21.01 -23.29
C ASP H 422 -36.24 20.03 -23.49
N LYS H 423 -36.54 19.75 -24.76
CA LYS H 423 -37.51 18.74 -25.14
C LYS H 423 -37.39 18.44 -26.63
N GLN I 1 -16.09 -83.97 6.87
CA GLN I 1 -15.49 -84.90 7.83
C GLN I 1 -14.02 -85.17 7.58
N VAL I 2 -13.35 -85.67 8.61
CA VAL I 2 -11.93 -86.00 8.56
C VAL I 2 -11.67 -87.29 9.32
N GLN I 3 -10.81 -88.15 8.77
CA GLN I 3 -10.38 -89.34 9.50
C GLN I 3 -8.90 -89.26 9.84
N LEU I 4 -8.56 -89.70 11.05
CA LEU I 4 -7.17 -89.69 11.49
C LEU I 4 -6.68 -91.10 11.79
N VAL I 5 -5.50 -91.44 11.28
CA VAL I 5 -4.88 -92.73 11.60
C VAL I 5 -3.54 -92.57 12.31
N GLU I 6 -3.47 -93.06 13.54
CA GLU I 6 -2.21 -93.03 14.28
C GLU I 6 -1.32 -94.19 13.85
N SER I 7 -0.03 -93.90 13.68
CA SER I 7 0.95 -94.91 13.31
C SER I 7 2.30 -94.59 13.95
N GLY I 8 3.04 -95.62 14.33
CA GLY I 8 4.39 -95.41 14.85
C GLY I 8 4.59 -95.88 16.28
N GLY I 9 3.56 -96.46 16.87
CA GLY I 9 3.64 -96.92 18.24
C GLY I 9 4.34 -98.26 18.38
N GLY I 10 4.36 -98.78 19.60
CA GLY I 10 5.00 -100.06 19.88
C GLY I 10 5.55 -100.11 21.29
N LEU I 11 6.50 -101.02 21.52
CA LEU I 11 7.22 -101.06 22.79
C LEU I 11 8.59 -100.49 22.45
N VAL I 12 9.25 -99.92 23.44
CA VAL I 12 10.63 -99.46 23.34
C VAL I 12 11.37 -99.62 24.63
N GLN I 13 12.69 -99.69 24.60
CA GLN I 13 13.49 -99.75 25.82
C GLN I 13 13.45 -98.50 26.69
N ALA I 14 13.41 -98.70 28.01
CA ALA I 14 13.37 -97.60 28.97
C ALA I 14 14.53 -96.62 28.75
N GLY I 15 14.23 -95.47 28.15
CA GLY I 15 15.24 -94.48 27.84
C GLY I 15 15.42 -94.31 26.35
N GLY I 16 14.63 -95.04 25.56
CA GLY I 16 14.75 -95.01 24.12
C GLY I 16 13.83 -94.03 23.43
N SER I 17 14.16 -93.66 22.20
CA SER I 17 13.36 -92.74 21.41
C SER I 17 12.27 -93.45 20.61
N LEU I 18 11.36 -92.67 20.04
CA LEU I 18 10.24 -93.19 19.26
C LEU I 18 9.55 -92.00 18.61
N THR I 19 8.92 -92.23 17.45
CA THR I 19 8.26 -91.14 16.73
C THR I 19 6.92 -91.63 16.16
N LEU I 20 5.84 -91.10 16.70
CA LEU I 20 4.49 -91.44 16.24
C LEU I 20 4.16 -90.56 15.04
N SER I 21 3.25 -91.04 14.19
CA SER I 21 2.76 -90.23 13.08
C SER I 21 1.25 -90.37 13.03
N CYS I 22 0.59 -89.36 12.45
CA CYS I 22 -0.86 -89.37 12.30
C CYS I 22 -1.21 -88.92 10.90
N VAL I 23 -1.88 -89.79 10.15
CA VAL I 23 -2.29 -89.44 8.79
C VAL I 23 -3.76 -89.05 8.71
N ALA I 24 -4.04 -87.94 8.03
CA ALA I 24 -5.41 -87.44 7.92
C ALA I 24 -6.00 -87.77 6.55
N SER I 25 -7.25 -88.23 6.54
CA SER I 25 -7.97 -88.52 5.30
C SER I 25 -9.29 -87.77 5.28
N GLY I 26 -9.74 -87.40 4.08
CA GLY I 26 -10.99 -86.68 3.92
C GLY I 26 -10.81 -85.29 3.35
N ARG I 27 -10.89 -84.29 4.20
CA ARG I 27 -10.72 -82.90 3.77
C ARG I 27 -9.56 -82.23 4.49
N PRO I 28 -8.34 -82.42 3.96
CA PRO I 28 -7.12 -81.85 4.54
C PRO I 28 -6.86 -80.43 4.06
N PHE I 29 -7.70 -79.94 3.15
CA PHE I 29 -7.55 -78.59 2.61
C PHE I 29 -8.43 -77.60 3.34
N ARG I 30 -8.33 -77.59 4.67
CA ARG I 30 -9.11 -76.68 5.50
C ARG I 30 -8.49 -76.53 6.88
N ASN I 31 -8.80 -75.42 7.54
CA ASN I 31 -8.27 -75.15 8.87
C ASN I 31 -8.61 -76.27 9.84
N TYR I 32 -7.58 -76.82 10.49
CA TYR I 32 -7.77 -77.91 11.44
C TYR I 32 -6.58 -78.02 12.39
N ARG I 33 -6.86 -77.93 13.69
CA ARG I 33 -5.82 -78.02 14.71
C ARG I 33 -5.32 -79.45 14.86
N LEU I 34 -4.06 -79.60 15.25
CA LEU I 34 -3.45 -80.91 15.43
C LEU I 34 -2.84 -81.05 16.82
N GLY I 35 -3.34 -82.01 17.59
CA GLY I 35 -2.86 -82.26 18.94
C GLY I 35 -2.70 -83.73 19.27
N TRP I 36 -1.73 -84.03 20.13
CA TRP I 36 -1.55 -85.39 20.60
C TRP I 36 -1.99 -85.53 22.06
N PHE I 37 -2.75 -86.58 22.34
CA PHE I 37 -3.21 -86.87 23.69
C PHE I 37 -2.79 -88.28 24.06
N ARG I 38 -3.03 -88.66 25.31
CA ARG I 38 -2.74 -90.02 25.75
C ARG I 38 -3.60 -90.38 26.94
N GLN I 39 -3.76 -91.68 27.18
CA GLN I 39 -4.49 -92.15 28.33
C GLN I 39 -3.81 -93.38 28.93
N ALA I 40 -3.40 -93.28 30.18
CA ALA I 40 -2.73 -94.38 30.87
C ALA I 40 -3.74 -95.28 31.58
N PRO I 41 -3.33 -96.51 31.88
CA PRO I 41 -4.19 -97.50 32.55
C PRO I 41 -4.83 -96.91 33.81
N GLY I 42 -6.13 -96.63 33.75
CA GLY I 42 -6.85 -96.07 34.88
C GLY I 42 -6.60 -94.59 35.04
N LYS I 43 -6.24 -93.93 33.94
CA LYS I 43 -5.98 -92.49 33.96
C LYS I 43 -6.77 -91.78 32.86
N GLU I 44 -7.37 -90.64 33.21
CA GLU I 44 -8.15 -89.86 32.27
C GLU I 44 -7.27 -89.31 31.15
N ARG I 45 -7.85 -89.19 29.96
CA ARG I 45 -7.11 -88.67 28.81
C ARG I 45 -6.49 -87.31 29.11
N GLU I 46 -5.18 -87.21 28.89
CA GLU I 46 -4.47 -85.95 29.14
C GLU I 46 -3.80 -85.38 27.89
N PHE I 47 -3.49 -84.10 27.94
CA PHE I 47 -2.85 -83.41 26.82
C PHE I 47 -1.35 -83.67 26.78
N VAL I 48 -0.82 -83.88 25.57
CA VAL I 48 0.60 -84.14 25.39
C VAL I 48 1.25 -83.01 24.60
N ALA I 49 0.80 -82.81 23.37
CA ALA I 49 1.32 -81.74 22.53
C ALA I 49 0.32 -81.28 21.48
N ALA I 50 0.54 -80.09 20.93
CA ALA I 50 -0.33 -79.52 19.92
C ALA I 50 0.43 -78.62 18.97
N ILE I 51 -0.14 -78.41 17.78
CA ILE I 51 0.50 -77.57 16.77
C ILE I 51 -0.58 -76.84 15.98
N ASN I 52 -0.35 -75.57 15.68
CA ASN I 52 -1.31 -74.80 14.88
C ASN I 52 -1.24 -75.22 13.42
N TRP I 53 -2.16 -74.69 12.61
CA TRP I 53 -2.22 -75.00 11.19
C TRP I 53 -0.98 -74.62 10.38
N GLY I 54 -0.55 -73.37 10.52
CA GLY I 54 0.63 -72.89 9.80
C GLY I 54 1.86 -73.71 10.11
N GLY I 55 1.98 -74.15 11.35
CA GLY I 55 3.13 -74.95 11.78
C GLY I 55 4.19 -74.12 12.46
N VAL I 56 3.77 -73.08 13.17
CA VAL I 56 4.69 -72.21 13.87
C VAL I 56 4.43 -72.20 15.38
N ILE I 57 3.14 -72.16 15.73
CA ILE I 57 2.75 -72.15 17.14
C ILE I 57 2.57 -73.57 17.67
N THR I 58 3.26 -73.88 18.77
CA THR I 58 3.18 -75.20 19.37
C THR I 58 3.23 -75.10 20.90
N ASN I 59 2.88 -76.20 21.56
CA ASN I 59 2.88 -76.24 23.00
C ASN I 59 2.93 -77.63 23.53
N TYR I 60 3.50 -77.83 24.71
CA TYR I 60 3.73 -79.16 25.24
C TYR I 60 3.27 -79.23 26.69
N ALA I 61 2.91 -80.41 27.16
CA ALA I 61 2.63 -80.62 28.57
C ALA I 61 3.94 -80.53 29.35
N ASP I 62 3.85 -80.20 30.63
CA ASP I 62 5.04 -80.05 31.47
C ASP I 62 5.80 -81.36 31.62
N SER I 63 5.08 -82.47 31.60
CA SER I 63 5.67 -83.79 31.82
C SER I 63 6.54 -84.26 30.66
N VAL I 64 6.45 -83.56 29.53
CA VAL I 64 7.16 -83.98 28.33
C VAL I 64 8.01 -82.91 27.65
N LYS I 65 8.10 -81.75 28.29
CA LYS I 65 8.89 -80.64 27.69
C LYS I 65 10.36 -81.00 27.54
N GLY I 66 10.96 -80.61 26.42
CA GLY I 66 12.35 -80.97 26.13
C GLY I 66 12.42 -82.25 25.34
N ARG I 67 11.75 -83.29 25.85
CA ARG I 67 11.81 -84.62 25.24
C ARG I 67 11.06 -84.69 23.90
N PHE I 68 9.78 -84.38 23.92
CA PHE I 68 8.94 -84.57 22.74
C PHE I 68 9.03 -83.39 21.79
N THR I 69 8.73 -83.66 20.52
CA THR I 69 8.71 -82.62 19.50
C THR I 69 7.57 -82.90 18.53
N ILE I 70 6.85 -81.85 18.14
CA ILE I 70 5.71 -82.02 17.23
C ILE I 70 5.98 -81.26 15.94
N SER I 71 5.43 -81.78 14.84
CA SER I 71 5.67 -81.25 13.51
C SER I 71 4.61 -81.74 12.53
N ARG I 72 4.41 -81.02 11.45
CA ARG I 72 3.41 -81.40 10.46
C ARG I 72 3.81 -81.02 9.03
N ASP I 73 3.41 -81.87 8.09
CA ASP I 73 3.62 -81.62 6.66
C ASP I 73 2.25 -81.72 6.00
N ASP I 74 1.56 -80.59 5.92
CA ASP I 74 0.18 -80.56 5.41
C ASP I 74 0.05 -80.86 3.90
N ALA I 75 1.19 -80.89 3.22
CA ALA I 75 1.22 -81.32 1.82
C ALA I 75 0.91 -82.82 1.81
N LYS I 76 1.60 -83.56 2.67
CA LYS I 76 1.34 -84.98 2.83
C LYS I 76 0.27 -85.23 3.93
N ASN I 77 -0.27 -84.13 4.43
CA ASN I 77 -1.30 -84.15 5.47
C ASN I 77 -1.04 -85.07 6.67
N THR I 78 0.10 -84.86 7.32
CA THR I 78 0.47 -85.66 8.48
C THR I 78 1.03 -84.79 9.60
N VAL I 79 1.42 -85.43 10.70
CA VAL I 79 1.97 -84.72 11.85
C VAL I 79 2.79 -85.64 12.74
N TYR I 80 4.11 -85.55 12.61
CA TYR I 80 5.02 -86.37 13.39
C TYR I 80 5.20 -85.81 14.80
N LEU I 81 5.75 -86.63 15.69
CA LEU I 81 5.98 -86.20 17.07
C LEU I 81 7.03 -87.07 17.75
N GLN I 82 8.29 -86.62 17.70
CA GLN I 82 9.39 -87.36 18.31
C GLN I 82 9.18 -87.51 19.82
N MET I 83 9.56 -88.67 20.35
CA MET I 83 9.40 -88.93 21.77
C MET I 83 10.69 -89.50 22.35
N ASN I 84 11.70 -88.65 22.50
CA ASN I 84 13.01 -89.07 23.00
C ASN I 84 13.02 -89.21 24.52
N SER I 85 13.95 -90.01 25.03
CA SER I 85 14.11 -90.22 26.47
C SER I 85 12.83 -90.72 27.14
N LEU I 86 12.24 -91.77 26.58
CA LEU I 86 10.99 -92.31 27.10
C LEU I 86 11.11 -92.88 28.51
N LYS I 87 9.97 -93.03 29.16
CA LYS I 87 9.91 -93.49 30.53
C LYS I 87 8.60 -94.26 30.74
N PRO I 88 8.62 -95.25 31.64
CA PRO I 88 7.43 -96.08 31.89
C PRO I 88 6.20 -95.28 32.33
N GLU I 89 6.41 -94.02 32.71
CA GLU I 89 5.30 -93.12 33.04
C GLU I 89 4.72 -92.70 31.68
N GLU I 90 5.54 -92.82 30.64
CA GLU I 90 5.11 -92.48 29.28
C GLU I 90 4.23 -93.56 28.60
N THR I 91 4.04 -94.66 29.33
CA THR I 91 3.18 -95.74 28.84
C THR I 91 1.68 -95.48 28.86
N ALA I 92 1.11 -95.36 27.66
CA ALA I 92 -0.31 -95.05 27.49
C ALA I 92 -0.71 -95.22 26.03
N VAL I 93 -2.02 -95.18 25.77
CA VAL I 93 -2.51 -95.14 24.40
C VAL I 93 -2.49 -93.70 23.91
N TYR I 94 -1.82 -93.45 22.79
CA TYR I 94 -1.68 -92.09 22.27
C TYR I 94 -2.65 -91.80 21.13
N TYR I 95 -3.45 -90.74 21.27
CA TYR I 95 -4.45 -90.40 20.28
C TYR I 95 -4.08 -89.14 19.50
N CYS I 96 -4.35 -89.15 18.20
CA CYS I 96 -4.19 -87.96 17.37
C CYS I 96 -5.55 -87.25 17.26
N ALA I 97 -5.56 -85.94 17.44
CA ALA I 97 -6.82 -85.20 17.41
C ALA I 97 -6.76 -84.00 16.47
N ALA I 98 -7.93 -83.55 16.03
CA ALA I 98 -8.02 -82.39 15.14
C ALA I 98 -9.21 -81.59 15.69
N PHE I 99 -9.08 -80.28 15.71
CA PHE I 99 -10.23 -79.38 15.89
C PHE I 99 -10.00 -78.29 14.83
N ASP I 100 -11.05 -78.03 14.05
CA ASP I 100 -11.03 -77.09 12.93
C ASP I 100 -11.04 -75.62 13.30
N SER I 101 -9.90 -74.96 13.10
CA SER I 101 -9.76 -73.55 13.41
C SER I 101 -8.43 -73.00 12.91
N THR I 102 -7.71 -72.30 13.78
CA THR I 102 -6.42 -71.72 13.42
C THR I 102 -5.48 -71.69 14.63
N GLY I 103 -5.67 -72.64 15.54
CA GLY I 103 -4.84 -72.73 16.73
C GLY I 103 -4.83 -74.12 17.34
N SER I 104 -4.18 -74.25 18.49
CA SER I 104 -4.09 -75.53 19.17
C SER I 104 -4.42 -75.40 20.66
N PRO I 105 -5.56 -75.97 21.07
CA PRO I 105 -6.01 -75.92 22.47
C PRO I 105 -5.20 -76.86 23.36
N ILE I 106 -5.31 -76.68 24.67
CA ILE I 106 -4.59 -77.51 25.62
C ILE I 106 -5.52 -78.51 26.30
N VAL I 107 -6.80 -78.44 25.94
CA VAL I 107 -7.81 -79.34 26.52
C VAL I 107 -8.22 -80.41 25.51
N ARG I 108 -9.11 -81.30 25.94
CA ARG I 108 -9.60 -82.36 25.08
C ARG I 108 -10.99 -82.05 24.54
N ASP I 109 -11.59 -80.97 25.04
CA ASP I 109 -12.92 -80.56 24.62
C ASP I 109 -12.84 -79.53 23.49
N ASN I 110 -11.62 -79.21 23.08
CA ASN I 110 -11.42 -78.23 22.01
C ASN I 110 -11.34 -78.92 20.65
N TYR I 111 -11.01 -80.21 20.66
CA TYR I 111 -10.91 -80.98 19.43
C TYR I 111 -12.28 -81.45 18.96
N GLU I 112 -12.35 -81.89 17.70
CA GLU I 112 -13.60 -82.37 17.13
C GLU I 112 -13.44 -83.77 16.55
N TYR I 113 -12.24 -84.05 16.04
CA TYR I 113 -11.95 -85.37 15.45
C TYR I 113 -10.86 -86.10 16.21
N TRP I 114 -11.01 -87.42 16.32
CA TRP I 114 -10.07 -88.26 17.06
C TRP I 114 -9.73 -89.52 16.28
N GLY I 115 -8.50 -89.99 16.43
CA GLY I 115 -8.12 -91.27 15.86
C GLY I 115 -8.51 -92.38 16.81
N GLN I 116 -8.18 -93.62 16.45
CA GLN I 116 -8.49 -94.75 17.30
C GLN I 116 -7.43 -94.94 18.37
N GLY I 117 -6.21 -94.47 18.07
CA GLY I 117 -5.14 -94.48 19.04
C GLY I 117 -4.16 -95.64 18.90
N THR I 118 -2.90 -95.40 19.26
CA THR I 118 -1.88 -96.44 19.27
C THR I 118 -1.35 -96.65 20.68
N GLN I 119 -1.10 -97.90 21.04
CA GLN I 119 -0.50 -98.21 22.34
C GLN I 119 1.01 -97.94 22.32
N VAL I 120 1.51 -97.35 23.41
CA VAL I 120 2.94 -97.15 23.58
C VAL I 120 3.33 -97.66 24.96
N THR I 121 4.15 -98.71 24.98
CA THR I 121 4.60 -99.29 26.24
C THR I 121 6.10 -99.13 26.42
N VAL I 122 6.50 -98.69 27.62
CA VAL I 122 7.92 -98.49 27.93
C VAL I 122 8.31 -99.28 29.17
N SER J 3 13.62 -41.09 -27.85
CA SER J 3 14.87 -40.41 -27.56
C SER J 3 15.60 -40.03 -28.85
N VAL J 4 15.54 -38.75 -29.21
CA VAL J 4 16.14 -38.23 -30.42
C VAL J 4 16.90 -36.96 -30.08
N THR J 5 18.01 -36.74 -30.78
CA THR J 5 18.90 -35.62 -30.47
C THR J 5 18.19 -34.28 -30.70
N VAL J 6 18.35 -33.37 -29.74
CA VAL J 6 17.78 -32.03 -29.81
C VAL J 6 18.89 -31.02 -29.58
N LYS J 7 18.96 -30.00 -30.42
CA LYS J 7 19.99 -28.98 -30.34
C LYS J 7 19.35 -27.60 -30.29
N ARG J 8 20.05 -26.65 -29.66
CA ARG J 8 19.62 -25.27 -29.60
C ARG J 8 20.23 -24.52 -30.78
N ILE J 9 19.38 -23.95 -31.64
CA ILE J 9 19.82 -23.45 -32.93
C ILE J 9 20.65 -22.19 -32.85
N ILE J 10 20.67 -21.51 -31.69
CA ILE J 10 21.42 -20.26 -31.60
C ILE J 10 22.92 -20.52 -31.48
N ASP J 11 23.32 -21.63 -30.85
CA ASP J 11 24.73 -21.92 -30.66
C ASP J 11 25.08 -23.39 -30.84
N ASN J 12 24.19 -24.16 -31.47
CA ASN J 12 24.38 -25.59 -31.73
C ASN J 12 24.57 -26.41 -30.45
N THR J 13 24.26 -25.84 -29.29
CA THR J 13 24.42 -26.56 -28.03
C THR J 13 23.40 -27.69 -27.94
N VAL J 14 23.88 -28.86 -27.53
CA VAL J 14 23.01 -30.03 -27.38
C VAL J 14 22.30 -29.95 -26.04
N ILE J 15 21.00 -30.24 -26.04
CA ILE J 15 20.21 -30.28 -24.82
C ILE J 15 19.56 -31.65 -24.70
N VAL J 16 19.38 -32.09 -23.46
CA VAL J 16 18.79 -33.40 -23.19
C VAL J 16 17.54 -33.20 -22.35
N PRO J 17 16.38 -32.97 -22.96
CA PRO J 17 15.14 -32.79 -22.18
C PRO J 17 14.74 -34.11 -21.51
N LYS J 18 14.74 -34.09 -20.17
CA LYS J 18 14.40 -35.28 -19.39
C LYS J 18 13.49 -34.89 -18.25
N LEU J 19 12.63 -35.82 -17.85
CA LEU J 19 11.63 -35.64 -16.82
C LEU J 19 11.88 -36.59 -15.64
N PRO J 20 11.38 -36.25 -14.46
CA PRO J 20 11.43 -37.22 -13.35
C PRO J 20 10.64 -38.47 -13.69
N ALA J 21 11.15 -39.61 -13.25
CA ALA J 21 10.55 -40.91 -13.55
C ALA J 21 9.89 -41.48 -12.32
N ASN J 22 8.73 -42.12 -12.52
CA ASN J 22 8.02 -42.84 -11.48
C ASN J 22 7.71 -44.23 -12.01
N GLU J 23 8.22 -45.26 -11.32
CA GLU J 23 7.96 -46.63 -11.74
C GLU J 23 6.47 -46.91 -11.70
N ASP J 24 5.92 -47.05 -10.49
CA ASP J 24 4.54 -47.46 -10.30
C ASP J 24 4.20 -48.67 -11.17
N PRO J 25 4.88 -49.80 -10.99
CA PRO J 25 4.62 -50.96 -11.86
C PRO J 25 3.22 -51.51 -11.68
N VAL J 26 2.87 -52.52 -12.47
CA VAL J 26 1.54 -53.11 -12.45
C VAL J 26 1.69 -54.60 -12.13
N GLU J 27 0.89 -55.08 -11.18
CA GLU J 27 0.92 -56.47 -10.75
C GLU J 27 -0.39 -57.15 -11.15
N TYR J 28 -0.29 -58.19 -11.98
CA TYR J 28 -1.43 -58.96 -12.44
C TYR J 28 -1.71 -60.10 -11.46
N PRO J 29 -2.97 -60.57 -11.40
CA PRO J 29 -3.29 -61.63 -10.42
C PRO J 29 -2.62 -62.97 -10.73
N ALA J 30 -2.61 -63.39 -11.99
CA ALA J 30 -2.05 -64.70 -12.33
C ALA J 30 -0.54 -64.77 -12.13
N ASP J 31 0.14 -63.63 -12.04
CA ASP J 31 1.56 -63.63 -11.70
C ASP J 31 1.81 -63.86 -10.22
N TYR J 32 0.75 -63.87 -9.41
CA TYR J 32 0.87 -64.21 -7.99
C TYR J 32 0.80 -65.71 -7.76
N PHE J 33 0.04 -66.45 -8.57
CA PHE J 33 -0.21 -67.86 -8.34
C PHE J 33 0.87 -68.77 -8.90
N ARG J 34 1.76 -68.26 -9.75
CA ARG J 34 2.89 -69.07 -10.21
C ARG J 34 4.00 -69.15 -9.15
N LYS J 35 3.93 -68.33 -8.11
CA LYS J 35 4.84 -68.44 -6.97
C LYS J 35 4.21 -69.26 -5.86
N SER J 36 3.02 -68.86 -5.40
CA SER J 36 2.30 -69.56 -4.35
C SER J 36 0.98 -70.09 -4.92
N LYS J 37 0.73 -71.38 -4.73
CA LYS J 37 -0.49 -72.00 -5.20
C LYS J 37 -1.64 -71.90 -4.18
N GLU J 38 -1.52 -71.00 -3.21
CA GLU J 38 -2.59 -70.81 -2.24
C GLU J 38 -2.37 -69.49 -1.49
N ILE J 39 -3.47 -68.89 -1.10
CA ILE J 39 -3.47 -67.63 -0.34
C ILE J 39 -3.77 -67.94 1.13
N PRO J 40 -2.94 -67.48 2.08
CA PRO J 40 -3.19 -67.79 3.48
C PRO J 40 -4.06 -66.74 4.17
N LEU J 41 -4.73 -67.18 5.22
CA LEU J 41 -5.52 -66.31 6.09
C LEU J 41 -4.97 -66.44 7.51
N TYR J 42 -4.32 -65.39 7.99
CA TYR J 42 -3.72 -65.40 9.32
C TYR J 42 -4.78 -65.09 10.36
N ILE J 43 -4.99 -66.02 11.29
CA ILE J 43 -6.09 -65.94 12.24
C ILE J 43 -5.68 -66.62 13.53
N ASN J 44 -6.34 -66.25 14.62
CA ASN J 44 -6.05 -66.78 15.95
C ASN J 44 -7.21 -67.66 16.39
N THR J 45 -6.91 -68.94 16.64
CA THR J 45 -7.92 -69.93 16.98
C THR J 45 -7.84 -70.36 18.44
N THR J 46 -7.33 -69.50 19.32
CA THR J 46 -7.17 -69.89 20.72
C THR J 46 -8.48 -69.72 21.49
N LYS J 47 -9.01 -68.51 21.54
CA LYS J 47 -10.20 -68.24 22.34
C LYS J 47 -11.43 -68.85 21.69
N SER J 48 -12.49 -68.99 22.50
CA SER J 48 -13.71 -69.65 22.08
C SER J 48 -14.66 -68.66 21.39
N LEU J 49 -15.70 -69.21 20.79
CA LEU J 49 -16.67 -68.39 20.05
C LEU J 49 -17.44 -67.48 20.99
N SER J 50 -18.06 -68.05 22.03
CA SER J 50 -18.87 -67.26 22.95
C SER J 50 -18.03 -66.26 23.74
N ASP J 51 -16.71 -66.47 23.82
CA ASP J 51 -15.85 -65.45 24.39
C ASP J 51 -15.66 -64.30 23.42
N LEU J 52 -15.47 -64.61 22.13
CA LEU J 52 -15.29 -63.57 21.12
C LEU J 52 -16.56 -62.76 20.91
N ARG J 53 -17.73 -63.37 21.13
CA ARG J 53 -18.99 -62.65 20.96
C ARG J 53 -19.05 -61.46 21.91
N GLY J 54 -18.74 -61.68 23.20
CA GLY J 54 -18.68 -60.59 24.14
C GLY J 54 -17.46 -59.71 23.95
N TYR J 55 -16.35 -60.30 23.49
CA TYR J 55 -15.16 -59.53 23.12
C TYR J 55 -15.52 -58.39 22.18
N VAL J 56 -16.15 -58.74 21.06
CA VAL J 56 -16.44 -57.76 20.01
C VAL J 56 -17.76 -57.03 20.24
N TYR J 57 -18.66 -57.56 21.06
CA TYR J 57 -19.85 -56.80 21.40
C TYR J 57 -19.53 -55.68 22.39
N GLN J 58 -18.89 -56.04 23.51
CA GLN J 58 -18.48 -55.02 24.47
C GLN J 58 -17.38 -54.13 23.91
N GLY J 59 -16.52 -54.69 23.05
CA GLY J 59 -15.54 -53.86 22.37
C GLY J 59 -16.20 -52.91 21.38
N LEU J 60 -17.26 -53.37 20.71
CA LEU J 60 -17.99 -52.50 19.78
C LEU J 60 -18.70 -51.38 20.53
N LYS J 61 -19.35 -51.69 21.65
CA LYS J 61 -20.06 -50.67 22.40
C LYS J 61 -19.15 -49.52 22.81
N SER J 62 -17.88 -49.82 23.08
CA SER J 62 -16.89 -48.79 23.39
C SER J 62 -16.07 -48.49 22.13
N GLY J 63 -15.08 -47.61 22.30
CA GLY J 63 -14.21 -47.27 21.18
C GLY J 63 -13.09 -48.25 20.95
N ASN J 64 -12.81 -49.12 21.92
CA ASN J 64 -11.70 -50.06 21.83
C ASN J 64 -12.18 -51.41 21.31
N VAL J 65 -11.49 -51.92 20.29
CA VAL J 65 -11.77 -53.26 19.78
C VAL J 65 -10.53 -53.73 19.01
N SER J 66 -10.26 -55.03 19.09
CA SER J 66 -9.12 -55.62 18.41
C SER J 66 -9.57 -56.23 17.09
N ILE J 67 -8.91 -55.84 16.00
CA ILE J 67 -9.22 -56.42 14.70
C ILE J 67 -8.89 -57.90 14.70
N ILE J 68 -7.92 -58.32 15.51
CA ILE J 68 -7.63 -59.74 15.66
C ILE J 68 -8.83 -60.47 16.24
N HIS J 69 -9.57 -59.80 17.13
CA HIS J 69 -10.74 -60.43 17.74
C HIS J 69 -11.94 -60.48 16.80
N VAL J 70 -12.06 -59.51 15.88
CA VAL J 70 -13.17 -59.57 14.93
C VAL J 70 -12.84 -60.51 13.78
N ASN J 71 -11.56 -60.71 13.48
CA ASN J 71 -11.19 -61.76 12.53
C ASN J 71 -11.40 -63.13 13.15
N SER J 72 -10.82 -63.37 14.32
CA SER J 72 -10.98 -64.64 15.01
C SER J 72 -12.43 -64.92 15.34
N TYR J 73 -13.25 -63.89 15.53
CA TYR J 73 -14.67 -64.09 15.76
C TYR J 73 -15.42 -64.35 14.46
N LEU J 74 -15.04 -63.64 13.39
CA LEU J 74 -15.70 -63.85 12.11
C LEU J 74 -15.45 -65.25 11.57
N TYR J 75 -14.29 -65.84 11.88
CA TYR J 75 -13.98 -67.21 11.48
C TYR J 75 -15.03 -68.18 12.01
N GLY J 76 -14.97 -68.47 13.32
CA GLY J 76 -15.94 -69.38 13.93
C GLY J 76 -17.37 -68.93 13.81
N ALA J 77 -17.60 -67.62 13.62
CA ALA J 77 -18.95 -67.12 13.40
C ALA J 77 -19.45 -67.40 11.99
N LEU J 78 -18.55 -67.67 11.05
CA LEU J 78 -18.90 -68.01 9.67
C LEU J 78 -18.38 -69.38 9.25
N LYS J 79 -17.80 -70.14 10.18
CA LYS J 79 -17.09 -71.36 9.81
C LYS J 79 -18.05 -72.46 9.34
N ASP J 80 -19.22 -72.55 9.95
CA ASP J 80 -20.18 -73.61 9.62
C ASP J 80 -21.23 -73.12 8.63
N ILE J 81 -20.79 -72.51 7.54
CA ILE J 81 -21.66 -72.10 6.45
C ILE J 81 -21.17 -72.79 5.19
N ARG J 82 -22.12 -73.30 4.38
CA ARG J 82 -21.77 -74.25 3.33
C ARG J 82 -22.67 -74.06 2.12
N GLY J 83 -22.32 -74.78 1.05
CA GLY J 83 -23.13 -74.81 -0.15
C GLY J 83 -22.73 -75.99 -1.01
N LYS J 84 -23.68 -76.48 -1.80
CA LYS J 84 -23.46 -77.63 -2.67
C LYS J 84 -23.20 -77.14 -4.09
N LEU J 85 -22.06 -77.54 -4.65
CA LEU J 85 -21.68 -77.13 -5.99
C LEU J 85 -22.44 -77.94 -7.04
N ASP J 86 -23.10 -77.24 -7.97
CA ASP J 86 -23.70 -77.93 -9.10
C ASP J 86 -22.63 -78.41 -10.07
N LYS J 87 -21.64 -77.57 -10.36
CA LYS J 87 -20.54 -77.93 -11.23
C LYS J 87 -19.22 -77.58 -10.55
N ASP J 88 -18.13 -78.06 -11.14
CA ASP J 88 -16.80 -77.88 -10.56
C ASP J 88 -16.44 -76.41 -10.48
N TRP J 89 -15.51 -76.09 -9.59
CA TRP J 89 -15.06 -74.73 -9.37
C TRP J 89 -13.55 -74.72 -9.23
N SER J 90 -12.87 -74.07 -10.17
CA SER J 90 -11.42 -73.97 -10.16
C SER J 90 -11.02 -72.60 -10.69
N SER J 91 -9.91 -72.08 -10.16
CA SER J 91 -9.47 -70.74 -10.53
C SER J 91 -7.96 -70.63 -10.32
N PHE J 92 -7.23 -70.27 -11.38
CA PHE J 92 -5.79 -70.07 -11.32
C PHE J 92 -5.07 -71.32 -10.80
N GLY J 93 -5.50 -72.48 -11.29
CA GLY J 93 -4.86 -73.73 -10.89
C GLY J 93 -5.22 -74.22 -9.51
N ILE J 94 -6.28 -73.68 -8.90
CA ILE J 94 -6.71 -74.09 -7.57
C ILE J 94 -8.11 -74.68 -7.71
N ASN J 95 -8.20 -76.00 -7.59
CA ASN J 95 -9.49 -76.70 -7.66
C ASN J 95 -10.11 -76.67 -6.27
N ILE J 96 -10.81 -75.58 -5.98
CA ILE J 96 -11.45 -75.41 -4.69
C ILE J 96 -12.54 -76.43 -4.38
N GLY J 97 -13.34 -76.76 -5.40
CA GLY J 97 -14.41 -77.72 -5.22
C GLY J 97 -14.26 -78.96 -6.10
N LYS J 98 -14.41 -80.13 -5.48
CA LYS J 98 -14.30 -81.38 -6.21
C LYS J 98 -15.61 -82.16 -6.19
N ALA J 99 -16.06 -82.55 -7.38
CA ALA J 99 -17.29 -83.32 -7.56
C ALA J 99 -18.53 -82.66 -6.94
N GLY J 100 -19.32 -83.45 -6.21
CA GLY J 100 -20.53 -82.96 -5.57
C GLY J 100 -20.36 -82.54 -4.13
N ASP J 101 -19.14 -82.64 -3.61
CA ASP J 101 -18.87 -82.28 -2.23
C ASP J 101 -19.15 -80.80 -1.94
N THR J 102 -19.75 -80.54 -0.78
CA THR J 102 -20.07 -79.17 -0.37
C THR J 102 -18.81 -78.37 -0.04
N ILE J 103 -18.85 -77.08 -0.35
CA ILE J 103 -17.71 -76.20 -0.09
C ILE J 103 -18.07 -75.08 0.87
N GLY J 104 -17.25 -74.90 1.89
CA GLY J 104 -17.46 -73.86 2.88
C GLY J 104 -16.88 -72.52 2.45
N ILE J 105 -17.03 -71.55 3.34
CA ILE J 105 -16.65 -70.18 3.03
C ILE J 105 -15.15 -69.96 3.16
N PHE J 106 -14.43 -70.84 3.87
CA PHE J 106 -13.00 -70.74 4.02
C PHE J 106 -12.24 -71.85 3.29
N ASP J 107 -12.92 -72.60 2.40
CA ASP J 107 -12.21 -73.47 1.50
C ASP J 107 -11.38 -72.69 0.50
N LEU J 108 -11.76 -71.44 0.22
CA LEU J 108 -11.07 -70.63 -0.78
C LEU J 108 -9.65 -70.30 -0.34
N VAL J 109 -9.46 -69.99 0.93
CA VAL J 109 -8.16 -69.65 1.47
C VAL J 109 -7.64 -70.83 2.29
N SER J 110 -6.38 -70.72 2.72
CA SER J 110 -5.78 -71.68 3.63
C SER J 110 -5.64 -71.06 5.01
N LEU J 111 -5.98 -71.83 6.04
CA LEU J 111 -5.95 -71.33 7.40
C LEU J 111 -4.54 -71.43 7.98
N LYS J 112 -4.00 -70.31 8.43
CA LYS J 112 -2.75 -70.25 9.18
C LYS J 112 -3.03 -69.64 10.54
N ALA J 113 -2.06 -69.77 11.44
CA ALA J 113 -2.20 -69.30 12.81
C ALA J 113 -1.51 -67.96 12.97
N LEU J 114 -2.22 -66.99 13.55
CA LEU J 114 -1.62 -65.70 13.87
C LEU J 114 -0.85 -65.80 15.19
N ASP J 115 0.40 -65.37 15.17
CA ASP J 115 1.25 -65.45 16.35
C ASP J 115 1.67 -64.06 16.83
N LEU J 118 -3.63 -62.90 21.99
CA LEU J 118 -2.60 -61.92 22.29
C LEU J 118 -3.16 -60.56 22.74
N PRO J 119 -4.22 -60.06 22.09
CA PRO J 119 -4.92 -58.89 22.66
C PRO J 119 -5.68 -59.30 23.92
N ASP J 120 -5.47 -58.55 24.99
CA ASP J 120 -6.07 -58.92 26.27
C ASP J 120 -7.58 -58.79 26.24
N GLY J 121 -8.09 -57.67 25.74
CA GLY J 121 -9.51 -57.47 25.54
C GLY J 121 -10.32 -57.48 26.84
N VAL J 122 -11.62 -57.68 26.68
CA VAL J 122 -12.55 -57.75 27.80
C VAL J 122 -13.79 -58.51 27.35
N SER J 123 -14.33 -59.33 28.25
CA SER J 123 -15.37 -60.30 27.92
C SER J 123 -16.74 -59.83 28.39
N ASP J 124 -17.75 -60.60 28.01
CA ASP J 124 -19.14 -60.28 28.29
C ASP J 124 -19.95 -61.57 28.21
N ALA J 125 -20.98 -61.66 29.06
CA ALA J 125 -21.90 -62.79 29.07
C ALA J 125 -23.29 -62.34 28.61
N SER J 126 -24.27 -63.20 28.81
CA SER J 126 -25.67 -62.96 28.43
C SER J 126 -25.82 -62.80 26.92
N ARG J 127 -24.74 -62.93 26.18
CA ARG J 127 -24.76 -62.81 24.73
C ARG J 127 -24.92 -64.20 24.13
N THR J 128 -26.12 -64.48 23.62
CA THR J 128 -26.49 -65.81 23.17
C THR J 128 -26.03 -66.03 21.72
N SER J 129 -26.47 -67.13 21.11
CA SER J 129 -26.20 -67.40 19.71
C SER J 129 -27.08 -66.60 18.77
N ALA J 130 -28.02 -65.80 19.31
CA ALA J 130 -28.85 -64.94 18.48
C ALA J 130 -28.11 -63.70 18.00
N ASP J 131 -26.89 -63.45 18.52
CA ASP J 131 -26.06 -62.36 18.02
C ASP J 131 -25.03 -62.85 17.01
N ASP J 132 -24.68 -64.14 17.04
CA ASP J 132 -23.90 -64.75 15.96
C ASP J 132 -24.59 -64.61 14.62
N LYS J 133 -25.91 -64.35 14.61
CA LYS J 133 -26.64 -64.23 13.36
C LYS J 133 -26.23 -62.98 12.59
N TRP J 134 -26.26 -61.83 13.25
CA TRP J 134 -26.07 -60.55 12.57
C TRP J 134 -24.75 -59.85 12.87
N LEU J 135 -24.03 -60.25 13.93
CA LEU J 135 -22.75 -59.61 14.19
C LEU J 135 -21.78 -59.77 13.02
N PRO J 136 -21.69 -60.93 12.36
CA PRO J 136 -20.91 -60.96 11.10
C PRO J 136 -21.44 -60.00 10.05
N LEU J 137 -22.76 -59.94 9.86
CA LEU J 137 -23.33 -59.00 8.89
C LEU J 137 -22.94 -57.57 9.22
N TYR J 138 -22.95 -57.22 10.50
CA TYR J 138 -22.56 -55.89 10.96
C TYR J 138 -21.10 -55.64 10.60
N LEU J 139 -20.21 -56.43 11.18
CA LEU J 139 -18.78 -56.24 10.99
C LEU J 139 -18.39 -56.23 9.51
N LEU J 140 -19.12 -56.97 8.67
CA LEU J 140 -18.86 -56.94 7.24
C LEU J 140 -19.39 -55.64 6.62
N GLY J 141 -20.55 -55.17 7.08
CA GLY J 141 -21.09 -53.94 6.56
C GLY J 141 -20.23 -52.73 6.87
N LEU J 142 -19.57 -52.71 8.05
CA LEU J 142 -18.72 -51.58 8.36
C LEU J 142 -17.49 -51.48 7.47
N TYR J 143 -17.11 -52.54 6.76
CA TYR J 143 -16.03 -52.41 5.79
C TYR J 143 -16.47 -51.54 4.61
N ARG J 144 -17.71 -51.71 4.14
CA ARG J 144 -18.23 -50.88 3.07
C ARG J 144 -18.55 -49.47 3.57
N VAL J 145 -19.05 -49.36 4.80
CA VAL J 145 -19.35 -48.04 5.35
C VAL J 145 -18.08 -47.24 5.56
N GLY J 146 -17.02 -47.88 6.05
CA GLY J 146 -15.82 -47.18 6.44
C GLY J 146 -14.82 -46.89 5.34
N ARG J 147 -15.26 -46.91 4.08
CA ARG J 147 -14.41 -46.60 2.95
C ARG J 147 -14.75 -45.28 2.29
N THR J 148 -15.78 -44.57 2.75
CA THR J 148 -16.20 -43.32 2.17
C THR J 148 -16.21 -42.24 3.24
N GLN J 149 -15.60 -41.10 2.94
CA GLN J 149 -15.50 -39.99 3.89
C GLN J 149 -16.59 -38.94 3.68
N MET J 150 -17.53 -39.18 2.77
CA MET J 150 -18.64 -38.26 2.60
C MET J 150 -19.61 -38.41 3.77
N PRO J 151 -20.10 -37.30 4.33
CA PRO J 151 -20.93 -37.41 5.54
C PRO J 151 -22.26 -38.11 5.31
N GLU J 152 -22.93 -37.88 4.17
CA GLU J 152 -24.22 -38.49 3.95
C GLU J 152 -24.14 -39.81 3.19
N TYR J 153 -23.09 -40.02 2.40
CA TYR J 153 -22.94 -41.33 1.76
C TYR J 153 -22.43 -42.38 2.75
N ARG J 154 -21.73 -41.96 3.81
CA ARG J 154 -21.41 -42.88 4.89
C ARG J 154 -22.65 -43.31 5.65
N LYS J 155 -23.81 -42.71 5.37
CA LYS J 155 -25.06 -43.16 5.97
C LYS J 155 -25.60 -44.38 5.25
N LYS J 156 -24.70 -45.24 4.77
CA LYS J 156 -25.08 -46.61 4.47
C LYS J 156 -25.17 -47.45 5.73
N LEU J 157 -24.59 -46.95 6.82
CA LEU J 157 -24.79 -47.55 8.14
C LEU J 157 -26.28 -47.64 8.50
N MET J 158 -27.11 -46.79 7.90
CA MET J 158 -28.55 -46.92 8.07
C MET J 158 -29.10 -48.12 7.32
N ASP J 159 -28.45 -48.52 6.23
CA ASP J 159 -28.89 -49.70 5.47
C ASP J 159 -28.30 -50.99 6.02
N GLY J 160 -27.12 -50.93 6.65
CA GLY J 160 -26.69 -52.07 7.45
C GLY J 160 -27.53 -52.23 8.69
N LEU J 161 -27.78 -51.12 9.39
CA LEU J 161 -28.70 -51.12 10.52
C LEU J 161 -30.08 -51.65 10.11
N THR J 162 -30.54 -51.30 8.91
CA THR J 162 -31.83 -51.78 8.44
C THR J 162 -31.76 -53.27 8.09
N ASN J 163 -30.72 -53.68 7.38
CA ASN J 163 -30.62 -55.08 6.96
C ASN J 163 -30.47 -56.01 8.16
N GLN J 164 -29.92 -55.52 9.27
CA GLN J 164 -29.88 -56.31 10.48
C GLN J 164 -31.17 -56.19 11.28
N CYS J 165 -31.83 -55.03 11.23
CA CYS J 165 -33.17 -54.91 11.79
C CYS J 165 -34.12 -55.92 11.16
N LYS J 166 -33.86 -56.30 9.90
CA LYS J 166 -34.64 -57.35 9.27
C LYS J 166 -34.37 -58.70 9.94
N MET J 167 -33.14 -58.93 10.37
CA MET J 167 -32.82 -60.18 11.06
C MET J 167 -33.39 -60.20 12.46
N ILE J 168 -33.22 -59.10 13.20
CA ILE J 168 -33.76 -58.97 14.55
C ILE J 168 -34.35 -57.57 14.67
N ASN J 169 -35.64 -57.49 15.02
CA ASN J 169 -36.33 -56.22 15.00
C ASN J 169 -35.64 -55.18 15.88
N GLU J 170 -35.22 -55.59 17.08
CA GLU J 170 -34.57 -54.66 18.01
C GLU J 170 -33.05 -54.76 17.85
N GLN J 171 -32.59 -54.33 16.69
CA GLN J 171 -31.17 -54.16 16.40
C GLN J 171 -30.89 -52.67 16.27
N PHE J 172 -29.97 -52.16 17.09
CA PHE J 172 -29.52 -50.79 16.98
C PHE J 172 -28.01 -50.78 17.11
N GLU J 173 -27.37 -49.91 16.32
CA GLU J 173 -25.93 -49.99 16.08
C GLU J 173 -25.14 -49.96 17.38
N PRO J 174 -24.36 -51.00 17.69
CA PRO J 174 -23.58 -51.00 18.93
C PRO J 174 -22.29 -50.20 18.82
N LEU J 175 -22.33 -49.05 18.16
CA LEU J 175 -21.14 -48.23 17.98
C LEU J 175 -21.48 -46.76 18.20
N VAL J 176 -20.58 -46.06 18.87
CA VAL J 176 -20.74 -44.64 19.21
C VAL J 176 -20.65 -43.83 17.91
N PRO J 177 -21.16 -42.59 17.89
CA PRO J 177 -20.96 -41.76 16.69
C PRO J 177 -19.50 -41.57 16.32
N GLU J 178 -18.63 -41.37 17.32
CA GLU J 178 -17.20 -41.39 17.09
C GLU J 178 -16.76 -42.64 16.35
N GLY J 179 -17.55 -43.71 16.41
CA GLY J 179 -17.30 -44.92 15.66
C GLY J 179 -17.11 -44.75 14.18
N ARG J 180 -17.45 -43.56 13.64
CA ARG J 180 -17.18 -43.24 12.26
C ARG J 180 -15.68 -43.34 11.96
N ASP J 181 -14.88 -43.41 13.02
CA ASP J 181 -13.44 -43.58 12.91
C ASP J 181 -12.97 -44.96 13.39
N ILE J 182 -13.88 -45.81 13.87
CA ILE J 182 -13.46 -47.08 14.47
C ILE J 182 -13.22 -48.15 13.42
N PHE J 183 -14.16 -48.31 12.49
CA PHE J 183 -14.01 -49.33 11.46
C PHE J 183 -13.25 -48.84 10.23
N ASP J 184 -12.81 -47.58 10.21
CA ASP J 184 -11.99 -47.11 9.11
C ASP J 184 -10.62 -47.77 9.08
N VAL J 185 -10.16 -48.27 10.23
CA VAL J 185 -8.87 -48.93 10.31
C VAL J 185 -8.96 -50.41 9.93
N TRP J 186 -10.15 -51.01 10.04
CA TRP J 186 -10.31 -52.43 9.74
C TRP J 186 -9.88 -52.76 8.31
N GLY J 187 -10.11 -51.85 7.37
CA GLY J 187 -9.69 -52.07 5.99
C GLY J 187 -8.19 -52.16 5.78
N ASN J 188 -7.39 -51.94 6.83
CA ASN J 188 -5.93 -52.04 6.72
C ASN J 188 -5.38 -53.38 7.18
N ASP J 189 -6.20 -54.21 7.81
CA ASP J 189 -5.78 -55.55 8.22
C ASP J 189 -5.96 -56.50 7.05
N SER J 190 -4.85 -57.05 6.56
CA SER J 190 -4.90 -57.91 5.37
C SER J 190 -5.82 -59.10 5.55
N ASN J 191 -5.90 -59.64 6.77
CA ASN J 191 -6.74 -60.82 6.99
C ASN J 191 -8.22 -60.48 7.00
N TYR J 192 -8.60 -59.29 7.46
CA TYR J 192 -9.99 -58.87 7.39
C TYR J 192 -10.45 -58.73 5.95
N THR J 193 -9.61 -58.12 5.11
CA THR J 193 -9.93 -58.03 3.68
C THR J 193 -9.96 -59.42 3.04
N LYS J 194 -9.04 -60.30 3.45
CA LYS J 194 -9.08 -61.68 2.99
C LYS J 194 -10.32 -62.41 3.51
N ILE J 195 -10.99 -61.87 4.52
CA ILE J 195 -12.26 -62.45 4.97
C ILE J 195 -13.41 -61.94 4.10
N VAL J 196 -13.50 -60.61 3.93
CA VAL J 196 -14.62 -60.06 3.16
C VAL J 196 -14.57 -60.52 1.72
N ALA J 197 -13.36 -60.67 1.16
CA ALA J 197 -13.23 -61.13 -0.22
C ALA J 197 -13.68 -62.57 -0.36
N ALA J 198 -13.37 -63.41 0.63
CA ALA J 198 -13.83 -64.79 0.61
C ALA J 198 -15.33 -64.89 0.81
N VAL J 199 -15.91 -63.99 1.62
CA VAL J 199 -17.36 -63.98 1.81
C VAL J 199 -18.06 -63.62 0.51
N ASP J 200 -17.61 -62.54 -0.14
CA ASP J 200 -18.25 -62.12 -1.39
C ASP J 200 -18.04 -63.15 -2.50
N MET J 201 -16.83 -63.71 -2.59
CA MET J 201 -16.55 -64.72 -3.60
C MET J 201 -17.40 -65.96 -3.37
N PHE J 202 -17.60 -66.34 -2.10
CA PHE J 202 -18.44 -67.49 -1.80
C PHE J 202 -19.89 -67.21 -2.17
N PHE J 203 -20.44 -66.08 -1.71
CA PHE J 203 -21.85 -65.80 -1.94
C PHE J 203 -22.14 -65.37 -3.38
N HIS J 204 -21.13 -65.18 -4.22
CA HIS J 204 -21.39 -64.98 -5.63
C HIS J 204 -21.76 -66.28 -6.32
N MET J 205 -21.08 -67.38 -5.94
CA MET J 205 -21.44 -68.68 -6.48
C MET J 205 -22.77 -69.18 -5.91
N PHE J 206 -22.88 -69.20 -4.59
CA PHE J 206 -24.11 -69.62 -3.92
C PHE J 206 -24.96 -68.36 -3.71
N LYS J 207 -25.83 -68.11 -4.68
CA LYS J 207 -26.49 -66.81 -4.79
C LYS J 207 -27.71 -66.70 -3.90
N LYS J 208 -28.55 -67.75 -3.86
CA LYS J 208 -29.78 -67.73 -3.08
C LYS J 208 -29.61 -68.42 -1.72
N HIS J 209 -28.44 -68.33 -1.11
CA HIS J 209 -28.26 -68.83 0.23
C HIS J 209 -29.09 -68.01 1.22
N GLU J 210 -29.54 -68.67 2.29
CA GLU J 210 -30.30 -67.96 3.32
C GLU J 210 -29.47 -66.87 3.98
N CYS J 211 -28.14 -66.97 3.93
CA CYS J 211 -27.24 -65.95 4.47
C CYS J 211 -26.61 -65.10 3.38
N ALA J 212 -27.22 -65.06 2.19
CA ALA J 212 -26.68 -64.23 1.11
C ALA J 212 -26.72 -62.75 1.43
N SER J 213 -27.57 -62.34 2.39
CA SER J 213 -27.62 -60.94 2.80
C SER J 213 -26.26 -60.46 3.29
N PHE J 214 -25.43 -61.38 3.82
CA PHE J 214 -24.09 -61.06 4.26
C PHE J 214 -23.27 -60.39 3.17
N ARG J 215 -23.63 -60.61 1.89
CA ARG J 215 -22.90 -59.98 0.80
C ARG J 215 -22.96 -58.47 0.87
N TYR J 216 -24.01 -57.92 1.48
CA TYR J 216 -24.06 -56.48 1.71
C TYR J 216 -22.87 -56.06 2.57
N GLY J 217 -22.12 -55.08 2.08
CA GLY J 217 -20.90 -54.66 2.71
C GLY J 217 -19.65 -55.27 2.10
N THR J 218 -19.76 -56.50 1.61
CA THR J 218 -18.64 -57.13 0.91
C THR J 218 -18.72 -56.95 -0.60
N ILE J 219 -19.85 -56.48 -1.12
CA ILE J 219 -20.01 -56.32 -2.56
C ILE J 219 -19.06 -55.27 -3.10
N VAL J 220 -18.63 -54.32 -2.26
CA VAL J 220 -17.65 -53.33 -2.69
C VAL J 220 -16.27 -53.94 -2.88
N SER J 221 -16.07 -55.19 -2.50
CA SER J 221 -14.79 -55.86 -2.72
C SER J 221 -14.68 -56.44 -4.12
N ARG J 222 -15.80 -56.68 -4.79
CA ARG J 222 -15.77 -57.25 -6.14
C ARG J 222 -15.34 -56.17 -7.13
N PHE J 223 -14.27 -56.43 -7.87
CA PHE J 223 -13.71 -55.49 -8.84
C PHE J 223 -13.31 -54.16 -8.19
N LYS J 224 -12.87 -54.22 -6.94
CA LYS J 224 -12.33 -53.04 -6.28
C LYS J 224 -11.03 -52.60 -6.97
N ASP J 225 -10.90 -51.30 -7.21
CA ASP J 225 -9.79 -50.73 -7.97
C ASP J 225 -9.75 -51.30 -9.39
N CYS J 226 -10.92 -51.47 -9.99
CA CYS J 226 -11.05 -52.00 -11.34
C CYS J 226 -12.13 -51.23 -12.10
N ALA J 227 -12.05 -49.91 -12.06
CA ALA J 227 -13.10 -49.08 -12.66
C ALA J 227 -13.02 -49.10 -14.17
N ALA J 228 -11.82 -48.95 -14.74
CA ALA J 228 -11.68 -48.81 -16.19
C ALA J 228 -12.30 -49.99 -16.93
N LEU J 229 -12.14 -51.19 -16.40
CA LEU J 229 -12.79 -52.36 -16.98
C LEU J 229 -14.30 -52.19 -16.99
N ALA J 230 -14.87 -51.68 -15.89
CA ALA J 230 -16.31 -51.46 -15.83
C ALA J 230 -16.74 -50.35 -16.79
N THR J 231 -15.84 -49.41 -17.10
CA THR J 231 -16.15 -48.42 -18.13
C THR J 231 -16.10 -49.03 -19.51
N PHE J 232 -15.27 -50.07 -19.70
CA PHE J 232 -15.29 -50.80 -20.96
C PHE J 232 -16.59 -51.57 -21.13
N GLY J 233 -17.08 -52.19 -20.05
CA GLY J 233 -18.39 -52.83 -20.11
C GLY J 233 -19.50 -51.82 -20.33
N HIS J 234 -19.43 -50.68 -19.65
CA HIS J 234 -20.46 -49.65 -19.79
C HIS J 234 -20.47 -49.07 -21.20
N LEU J 235 -19.30 -48.94 -21.82
CA LEU J 235 -19.25 -48.45 -23.19
C LEU J 235 -19.75 -49.51 -24.18
N CYS J 236 -19.32 -50.76 -23.99
CA CYS J 236 -19.82 -51.85 -24.82
C CYS J 236 -21.31 -52.09 -24.66
N LYS J 237 -21.92 -51.58 -23.58
CA LYS J 237 -23.36 -51.68 -23.41
C LYS J 237 -24.09 -50.47 -23.98
N ILE J 238 -23.60 -49.26 -23.70
CA ILE J 238 -24.27 -48.05 -24.15
C ILE J 238 -24.18 -47.93 -25.66
N THR J 239 -23.01 -48.19 -26.24
CA THR J 239 -22.88 -48.16 -27.69
C THR J 239 -23.71 -49.24 -28.36
N GLY J 240 -23.90 -50.37 -27.67
CA GLY J 240 -24.54 -51.53 -28.26
C GLY J 240 -23.66 -52.31 -29.21
N MET J 241 -22.39 -51.96 -29.32
CA MET J 241 -21.46 -52.63 -30.22
C MET J 241 -20.70 -53.72 -29.47
N SER J 242 -20.14 -54.64 -30.25
CA SER J 242 -19.35 -55.73 -29.66
C SER J 242 -18.05 -55.20 -29.08
N THR J 243 -17.42 -56.02 -28.24
CA THR J 243 -16.15 -55.62 -27.64
C THR J 243 -15.08 -55.41 -28.71
N GLU J 244 -15.06 -56.27 -29.73
CA GLU J 244 -14.07 -56.15 -30.80
C GLU J 244 -14.36 -54.95 -31.69
N ASP J 245 -15.63 -54.58 -31.86
CA ASP J 245 -15.94 -53.38 -32.66
C ASP J 245 -15.59 -52.11 -31.89
N VAL J 246 -15.94 -52.05 -30.61
CA VAL J 246 -15.57 -50.90 -29.79
C VAL J 246 -14.06 -50.77 -29.70
N THR J 247 -13.35 -51.91 -29.64
CA THR J 247 -11.90 -51.89 -29.57
C THR J 247 -11.28 -51.19 -30.77
N THR J 248 -11.93 -51.25 -31.93
CA THR J 248 -11.40 -50.58 -33.11
C THR J 248 -11.58 -49.07 -33.04
N TRP J 249 -12.64 -48.60 -32.39
CA TRP J 249 -12.90 -47.15 -32.29
C TRP J 249 -11.95 -46.44 -31.33
N ILE J 250 -10.85 -47.08 -30.93
CA ILE J 250 -9.83 -46.43 -30.12
C ILE J 250 -8.88 -45.71 -31.07
N LEU J 251 -8.83 -44.38 -30.99
CA LEU J 251 -8.04 -43.57 -31.90
C LEU J 251 -6.86 -42.89 -31.21
N ASN J 252 -6.68 -43.09 -29.91
CA ASN J 252 -5.62 -42.44 -29.16
C ASN J 252 -4.58 -43.48 -28.73
N ARG J 253 -3.30 -43.07 -28.79
CA ARG J 253 -2.21 -43.99 -28.49
C ARG J 253 -2.23 -44.43 -27.03
N GLU J 254 -2.53 -43.50 -26.12
CA GLU J 254 -2.58 -43.85 -24.70
C GLU J 254 -3.68 -44.86 -24.43
N VAL J 255 -4.88 -44.64 -24.98
CA VAL J 255 -5.97 -45.59 -24.82
C VAL J 255 -5.62 -46.93 -25.46
N ALA J 256 -4.78 -46.91 -26.49
CA ALA J 256 -4.31 -48.16 -27.08
C ALA J 256 -3.42 -48.92 -26.11
N ASP J 257 -2.42 -48.24 -25.54
CA ASP J 257 -1.53 -48.90 -24.59
C ASP J 257 -2.28 -49.40 -23.36
N GLU J 258 -3.23 -48.61 -22.86
CA GLU J 258 -4.01 -49.02 -21.70
C GLU J 258 -4.93 -50.19 -22.03
N MET J 259 -5.56 -50.16 -23.22
CA MET J 259 -6.42 -51.27 -23.62
C MET J 259 -5.62 -52.55 -23.82
N VAL J 260 -4.38 -52.45 -24.30
CA VAL J 260 -3.50 -53.60 -24.33
C VAL J 260 -3.14 -54.04 -22.91
N GLN J 261 -3.05 -53.08 -21.99
CA GLN J 261 -2.66 -53.39 -20.61
C GLN J 261 -3.76 -54.19 -19.90
N MET J 262 -5.02 -53.80 -20.08
CA MET J 262 -6.09 -54.49 -19.38
C MET J 262 -6.32 -55.89 -19.94
N MET J 263 -6.15 -56.08 -21.25
CA MET J 263 -6.54 -57.32 -21.92
C MET J 263 -5.42 -58.32 -22.02
N LEU J 264 -4.58 -58.44 -21.00
CA LEU J 264 -3.61 -59.53 -20.99
C LEU J 264 -4.35 -60.86 -20.87
N PRO J 265 -3.90 -61.91 -21.57
CA PRO J 265 -4.76 -63.06 -21.84
C PRO J 265 -4.88 -64.12 -20.76
N GLY J 266 -4.19 -63.98 -19.62
CA GLY J 266 -4.22 -65.05 -18.63
C GLY J 266 -4.67 -64.65 -17.25
N GLN J 267 -5.60 -63.70 -17.15
CA GLN J 267 -6.01 -63.14 -15.86
C GLN J 267 -7.45 -63.46 -15.51
N GLU J 268 -8.10 -64.36 -16.25
CA GLU J 268 -9.46 -64.83 -15.95
C GLU J 268 -10.45 -63.68 -15.79
N ILE J 269 -10.27 -62.60 -16.55
CA ILE J 269 -11.18 -61.47 -16.48
C ILE J 269 -12.54 -61.78 -17.08
N ASP J 270 -12.67 -62.93 -17.78
CA ASP J 270 -13.93 -63.32 -18.38
C ASP J 270 -14.65 -64.44 -17.62
N LYS J 271 -13.96 -65.10 -16.69
CA LYS J 271 -14.60 -66.15 -15.91
C LYS J 271 -15.69 -65.55 -15.02
N ALA J 272 -16.78 -66.29 -14.86
CA ALA J 272 -17.89 -65.83 -14.03
C ALA J 272 -17.47 -65.74 -12.57
N ASP J 273 -17.01 -66.86 -12.00
CA ASP J 273 -16.61 -66.93 -10.61
C ASP J 273 -15.10 -67.23 -10.56
N SER J 274 -14.32 -66.23 -10.19
CA SER J 274 -12.86 -66.35 -10.22
C SER J 274 -12.27 -65.53 -9.09
N TYR J 275 -10.97 -65.75 -8.85
CA TYR J 275 -10.20 -64.97 -7.88
C TYR J 275 -9.86 -63.58 -8.40
N MET J 276 -10.03 -63.32 -9.70
CA MET J 276 -9.61 -62.05 -10.27
C MET J 276 -10.35 -60.85 -9.69
N PRO J 277 -11.68 -60.85 -9.56
CA PRO J 277 -12.36 -59.65 -9.04
C PRO J 277 -11.91 -59.21 -7.65
N TYR J 278 -11.20 -60.06 -6.91
CA TYR J 278 -10.79 -59.77 -5.54
C TYR J 278 -9.28 -59.76 -5.42
N LEU J 279 -8.60 -59.28 -6.45
CA LEU J 279 -7.14 -59.28 -6.47
C LEU J 279 -6.52 -58.29 -5.49
N ILE J 280 -7.31 -57.38 -4.93
CA ILE J 280 -6.80 -56.34 -4.04
C ILE J 280 -6.94 -56.75 -2.58
N ASP J 281 -8.13 -57.18 -2.17
CA ASP J 281 -8.34 -57.58 -0.78
C ASP J 281 -7.69 -58.93 -0.48
N PHE J 282 -7.64 -59.83 -1.47
CA PHE J 282 -6.93 -61.08 -1.31
C PHE J 282 -5.41 -60.87 -1.29
N GLY J 283 -4.92 -59.72 -1.71
CA GLY J 283 -3.49 -59.51 -1.79
C GLY J 283 -2.83 -60.14 -3.00
N LEU J 284 -3.60 -60.51 -4.01
CA LEU J 284 -3.04 -61.02 -5.25
C LEU J 284 -2.27 -59.94 -6.01
N SER J 285 -2.53 -58.66 -5.71
CA SER J 285 -1.90 -57.57 -6.43
C SER J 285 -1.96 -56.32 -5.56
N SER J 286 -0.84 -55.59 -5.50
CA SER J 286 -0.77 -54.35 -4.76
C SER J 286 -1.09 -53.13 -5.60
N LYS J 287 -0.94 -53.21 -6.92
CA LYS J 287 -1.29 -52.13 -7.84
C LYS J 287 -2.13 -52.77 -8.96
N SER J 288 -3.42 -52.51 -8.93
CA SER J 288 -4.33 -53.15 -9.88
C SER J 288 -4.02 -52.69 -11.31
N PRO J 289 -4.15 -53.56 -12.31
CA PRO J 289 -3.97 -53.14 -13.70
C PRO J 289 -5.21 -52.58 -14.35
N TYR J 290 -6.36 -52.64 -13.68
CA TYR J 290 -7.64 -52.29 -14.27
C TYR J 290 -8.25 -51.04 -13.64
N SER J 291 -7.44 -50.28 -12.90
CA SER J 291 -7.92 -49.09 -12.21
C SER J 291 -7.94 -47.89 -13.15
N SER J 292 -8.79 -46.93 -12.83
CA SER J 292 -8.79 -45.64 -13.53
C SER J 292 -7.64 -44.74 -13.13
N VAL J 293 -6.58 -45.29 -12.52
CA VAL J 293 -5.39 -44.54 -12.13
C VAL J 293 -4.26 -44.99 -13.05
N LYS J 294 -4.30 -46.26 -13.42
CA LYS J 294 -3.39 -46.80 -14.43
C LYS J 294 -3.99 -46.83 -15.82
N ASN J 295 -5.28 -46.51 -15.97
CA ASN J 295 -5.92 -46.40 -17.27
C ASN J 295 -6.76 -45.14 -17.29
N PRO J 296 -6.12 -43.96 -17.25
CA PRO J 296 -6.88 -42.72 -17.12
C PRO J 296 -7.53 -42.28 -18.44
N ALA J 297 -6.78 -42.33 -19.53
CA ALA J 297 -7.32 -41.90 -20.82
C ALA J 297 -8.45 -42.80 -21.29
N PHE J 298 -8.41 -44.09 -20.93
CA PHE J 298 -9.51 -44.99 -21.26
C PHE J 298 -10.75 -44.63 -20.44
N HIS J 299 -10.58 -44.34 -19.16
CA HIS J 299 -11.70 -43.97 -18.31
C HIS J 299 -12.36 -42.69 -18.82
N PHE J 300 -11.53 -41.67 -19.09
CA PHE J 300 -12.05 -40.40 -19.59
C PHE J 300 -12.73 -40.56 -20.95
N TRP J 301 -12.07 -41.27 -21.86
CA TRP J 301 -12.60 -41.43 -23.22
C TRP J 301 -13.91 -42.21 -23.22
N GLY J 302 -13.90 -43.40 -22.63
CA GLY J 302 -15.10 -44.22 -22.60
C GLY J 302 -16.24 -43.57 -21.84
N GLN J 303 -15.94 -42.99 -20.68
CA GLN J 303 -16.98 -42.35 -19.88
C GLN J 303 -17.58 -41.16 -20.61
N LEU J 304 -16.73 -40.34 -21.26
CA LEU J 304 -17.24 -39.19 -21.99
C LEU J 304 -18.09 -39.61 -23.19
N THR J 305 -17.62 -40.62 -23.94
CA THR J 305 -18.40 -41.10 -25.07
C THR J 305 -19.75 -41.65 -24.60
N ALA J 306 -19.76 -42.40 -23.50
CA ALA J 306 -21.02 -42.87 -22.94
C ALA J 306 -21.92 -41.69 -22.59
N LEU J 307 -21.38 -40.69 -21.89
CA LEU J 307 -22.17 -39.51 -21.52
C LEU J 307 -22.79 -38.86 -22.75
N LEU J 308 -22.01 -38.71 -23.82
CA LEU J 308 -22.55 -38.14 -25.05
C LEU J 308 -23.62 -39.05 -25.66
N LEU J 309 -23.55 -40.36 -25.40
CA LEU J 309 -24.58 -41.29 -25.83
C LEU J 309 -25.65 -41.52 -24.76
N ARG J 310 -26.05 -40.46 -24.07
CA ARG J 310 -27.19 -40.45 -23.15
C ARG J 310 -26.96 -41.34 -21.93
N SER J 311 -25.74 -41.33 -21.40
CA SER J 311 -25.47 -42.12 -20.20
C SER J 311 -25.91 -41.36 -18.96
N THR J 312 -26.20 -42.13 -17.90
CA THR J 312 -26.52 -41.60 -16.59
C THR J 312 -25.40 -41.77 -15.59
N ARG J 313 -24.70 -42.91 -15.63
CA ARG J 313 -23.58 -43.15 -14.73
C ARG J 313 -22.45 -42.15 -14.97
N ALA J 314 -22.22 -41.78 -16.23
CA ALA J 314 -21.10 -40.90 -16.57
C ALA J 314 -21.29 -39.47 -16.04
N ARG J 315 -22.53 -39.08 -15.73
CA ARG J 315 -22.79 -37.73 -15.24
C ARG J 315 -21.99 -37.41 -13.97
N ASN J 316 -21.52 -38.43 -13.25
CA ASN J 316 -20.77 -38.23 -12.02
C ASN J 316 -19.42 -38.90 -12.03
N ALA J 317 -19.01 -39.47 -13.17
CA ALA J 317 -17.66 -40.04 -13.28
C ALA J 317 -16.63 -38.93 -13.20
N ARG J 318 -15.52 -39.22 -12.53
CA ARG J 318 -14.54 -38.19 -12.21
C ARG J 318 -13.50 -38.05 -13.32
N GLN J 319 -13.04 -36.81 -13.49
CA GLN J 319 -12.13 -36.47 -14.58
C GLN J 319 -10.69 -36.66 -14.10
N PRO J 320 -9.94 -37.63 -14.66
CA PRO J 320 -8.57 -37.86 -14.20
C PRO J 320 -7.66 -36.66 -14.46
N ASP J 321 -6.44 -36.75 -13.92
CA ASP J 321 -5.46 -35.69 -14.05
C ASP J 321 -4.35 -36.10 -15.02
N ASP J 322 -3.79 -35.11 -15.72
CA ASP J 322 -2.65 -35.28 -16.61
C ASP J 322 -2.96 -36.29 -17.72
N ILE J 323 -3.87 -35.88 -18.60
CA ILE J 323 -4.18 -36.61 -19.82
C ILE J 323 -4.45 -35.58 -20.92
N GLU J 324 -4.53 -36.08 -22.16
CA GLU J 324 -4.75 -35.22 -23.32
C GLU J 324 -6.26 -35.02 -23.48
N TYR J 325 -6.80 -34.03 -22.79
CA TYR J 325 -8.24 -33.80 -22.85
C TYR J 325 -8.70 -33.44 -24.26
N THR J 326 -7.86 -32.76 -25.03
CA THR J 326 -8.27 -32.30 -26.36
C THR J 326 -8.45 -33.46 -27.33
N SER J 327 -7.39 -34.25 -27.53
CA SER J 327 -7.46 -35.37 -28.46
C SER J 327 -8.48 -36.41 -28.01
N LEU J 328 -8.49 -36.73 -26.72
CA LEU J 328 -9.46 -37.68 -26.19
C LEU J 328 -10.89 -37.19 -26.43
N THR J 329 -11.14 -35.90 -26.19
CA THR J 329 -12.49 -35.37 -26.39
C THR J 329 -12.89 -35.38 -27.85
N THR J 330 -11.96 -35.07 -28.76
CA THR J 330 -12.28 -35.13 -30.18
C THR J 330 -12.60 -36.57 -30.59
N ALA J 331 -11.82 -37.54 -30.10
CA ALA J 331 -12.10 -38.93 -30.41
C ALA J 331 -13.48 -39.36 -29.90
N GLY J 332 -13.79 -39.02 -28.65
CA GLY J 332 -15.11 -39.31 -28.12
C GLY J 332 -16.23 -38.60 -28.86
N LEU J 333 -15.94 -37.43 -29.45
CA LEU J 333 -16.95 -36.71 -30.20
C LEU J 333 -17.24 -37.41 -31.52
N LEU J 334 -16.18 -37.83 -32.23
CA LEU J 334 -16.40 -38.55 -33.47
C LEU J 334 -17.07 -39.90 -33.23
N TYR J 335 -16.66 -40.60 -32.17
CA TYR J 335 -17.26 -41.89 -31.86
C TYR J 335 -18.74 -41.73 -31.48
N ALA J 336 -19.03 -40.84 -30.53
CA ALA J 336 -20.41 -40.66 -30.10
C ALA J 336 -21.28 -40.11 -31.21
N TYR J 337 -20.72 -39.28 -32.09
CA TYR J 337 -21.49 -38.77 -33.23
C TYR J 337 -21.77 -39.89 -34.23
N ALA J 338 -20.79 -40.77 -34.45
CA ALA J 338 -21.00 -41.91 -35.34
C ALA J 338 -22.11 -42.81 -34.81
N VAL J 339 -22.03 -43.17 -33.52
CA VAL J 339 -23.06 -44.04 -32.95
C VAL J 339 -24.41 -43.33 -32.90
N GLY J 340 -24.41 -42.02 -32.71
CA GLY J 340 -25.63 -41.25 -32.62
C GLY J 340 -26.38 -41.11 -33.93
N SER J 341 -25.65 -40.82 -35.01
CA SER J 341 -26.29 -40.65 -36.32
C SER J 341 -26.70 -42.01 -36.90
N SER J 342 -25.87 -43.04 -36.70
CA SER J 342 -26.11 -44.35 -37.29
C SER J 342 -26.89 -45.21 -36.30
N ALA J 343 -28.20 -44.97 -36.24
CA ALA J 343 -29.07 -45.79 -35.40
C ALA J 343 -29.14 -47.22 -35.92
N ASP J 344 -28.95 -47.40 -37.23
CA ASP J 344 -28.92 -48.73 -37.85
C ASP J 344 -30.22 -49.50 -37.57
N LEU J 345 -31.35 -48.81 -37.70
CA LEU J 345 -32.64 -49.47 -37.54
C LEU J 345 -32.86 -50.47 -38.67
N ALA J 346 -33.22 -51.69 -38.32
CA ALA J 346 -33.42 -52.75 -39.29
C ALA J 346 -34.62 -53.59 -38.87
N GLN J 347 -35.43 -53.99 -39.85
CA GLN J 347 -36.61 -54.80 -39.57
C GLN J 347 -36.20 -56.14 -38.97
N GLN J 348 -36.95 -56.58 -37.97
CA GLN J 348 -36.64 -57.80 -37.23
C GLN J 348 -37.67 -58.91 -37.41
N PHE J 349 -38.95 -58.57 -37.37
CA PHE J 349 -40.03 -59.54 -37.56
C PHE J 349 -40.93 -59.11 -38.71
N CYS J 350 -41.41 -60.08 -39.46
CA CYS J 350 -42.30 -59.82 -40.60
C CYS J 350 -43.56 -60.67 -40.47
N VAL J 351 -44.62 -60.25 -41.16
CA VAL J 351 -45.89 -60.97 -41.13
C VAL J 351 -46.00 -61.85 -42.37
N GLY J 352 -46.39 -61.25 -43.49
CA GLY J 352 -46.63 -62.01 -44.71
C GLY J 352 -45.37 -62.31 -45.48
N ASP J 353 -44.27 -62.56 -44.76
CA ASP J 353 -42.95 -62.77 -45.35
C ASP J 353 -42.60 -61.64 -46.32
N ASN J 354 -42.87 -60.41 -45.87
CA ASN J 354 -42.46 -59.21 -46.58
C ASN J 354 -41.47 -58.45 -45.71
N LYS J 355 -40.29 -58.19 -46.26
CA LYS J 355 -39.25 -57.45 -45.55
C LYS J 355 -38.99 -56.15 -46.28
N TYR J 356 -38.30 -55.23 -45.60
CA TYR J 356 -37.90 -53.98 -46.24
C TYR J 356 -36.89 -54.28 -47.34
N THR J 357 -37.23 -53.89 -48.57
CA THR J 357 -36.32 -54.04 -49.69
C THR J 357 -35.73 -52.69 -50.05
N PRO J 358 -34.44 -52.44 -49.75
CA PRO J 358 -33.86 -51.14 -50.07
C PRO J 358 -33.81 -50.89 -51.57
N ASP J 359 -33.93 -49.62 -51.93
CA ASP J 359 -33.95 -49.20 -53.33
C ASP J 359 -32.55 -48.78 -53.75
N ASP J 360 -32.02 -49.44 -54.78
CA ASP J 360 -30.68 -49.15 -55.28
C ASP J 360 -30.70 -48.22 -56.49
N SER J 361 -31.87 -47.81 -56.96
CA SER J 361 -31.99 -46.90 -58.10
C SER J 361 -31.83 -45.43 -57.73
N THR J 362 -31.16 -45.15 -56.61
CA THR J 362 -30.92 -43.77 -56.17
C THR J 362 -29.53 -43.37 -56.65
N GLY J 363 -29.47 -42.64 -57.76
CA GLY J 363 -28.20 -42.34 -58.39
C GLY J 363 -27.89 -40.87 -58.57
N GLY J 364 -28.66 -40.01 -57.90
CA GLY J 364 -28.36 -38.59 -57.92
C GLY J 364 -27.07 -38.19 -57.24
N LEU J 365 -26.33 -39.17 -56.71
CA LEU J 365 -25.04 -38.97 -56.06
C LEU J 365 -25.19 -38.09 -54.82
N THR J 366 -25.79 -38.68 -53.78
CA THR J 366 -25.93 -38.03 -52.48
C THR J 366 -24.62 -38.21 -51.72
N THR J 367 -23.58 -37.56 -52.23
CA THR J 367 -22.26 -37.60 -51.62
C THR J 367 -22.16 -36.54 -50.53
N ASN J 368 -20.97 -36.39 -49.95
CA ASN J 368 -20.71 -35.45 -48.86
C ASN J 368 -21.62 -35.69 -47.66
N ALA J 369 -22.17 -36.90 -47.55
CA ALA J 369 -23.02 -37.34 -46.46
C ALA J 369 -22.27 -38.34 -45.59
N PRO J 370 -22.51 -38.34 -44.28
CA PRO J 370 -21.77 -39.24 -43.37
C PRO J 370 -22.00 -40.70 -43.73
N PRO J 371 -21.09 -41.58 -43.34
CA PRO J 371 -21.26 -43.00 -43.65
C PRO J 371 -22.55 -43.58 -43.08
N GLN J 372 -22.85 -44.80 -43.49
CA GLN J 372 -24.13 -45.42 -43.18
C GLN J 372 -24.08 -46.39 -42.01
N GLY J 373 -22.91 -46.96 -41.73
CA GLY J 373 -22.78 -47.88 -40.61
C GLY J 373 -22.04 -47.28 -39.44
N ARG J 374 -21.23 -48.10 -38.75
CA ARG J 374 -20.40 -47.63 -37.65
C ARG J 374 -18.95 -48.09 -37.83
N ASP J 375 -18.53 -48.26 -39.08
CA ASP J 375 -17.17 -48.70 -39.37
C ASP J 375 -16.20 -47.55 -39.16
N VAL J 376 -15.09 -47.83 -38.46
CA VAL J 376 -14.09 -46.79 -38.22
C VAL J 376 -13.41 -46.39 -39.52
N VAL J 377 -13.20 -47.36 -40.42
CA VAL J 377 -12.46 -47.10 -41.65
C VAL J 377 -13.16 -46.06 -42.50
N GLU J 378 -14.48 -45.96 -42.40
CA GLU J 378 -15.24 -44.98 -43.17
C GLU J 378 -15.41 -43.66 -42.44
N TRP J 379 -15.56 -43.69 -41.11
CA TRP J 379 -15.73 -42.46 -40.36
C TRP J 379 -14.42 -41.68 -40.24
N LEU J 380 -13.28 -42.36 -40.24
CA LEU J 380 -12.00 -41.65 -40.31
C LEU J 380 -11.83 -40.97 -41.66
N GLY J 381 -12.33 -41.59 -42.73
CA GLY J 381 -12.24 -40.95 -44.04
C GLY J 381 -13.17 -39.76 -44.18
N TRP J 382 -14.43 -39.93 -43.75
CA TRP J 382 -15.35 -38.79 -43.71
C TRP J 382 -14.80 -37.67 -42.85
N PHE J 383 -14.24 -38.02 -41.69
CA PHE J 383 -13.63 -37.02 -40.82
C PHE J 383 -12.45 -36.33 -41.50
N GLU J 384 -11.70 -37.06 -42.33
CA GLU J 384 -10.66 -36.44 -43.14
C GLU J 384 -11.26 -35.48 -44.15
N ASP J 385 -12.40 -35.85 -44.75
CA ASP J 385 -13.13 -34.93 -45.62
C ASP J 385 -13.63 -33.70 -44.86
N GLN J 386 -13.72 -33.79 -43.54
CA GLN J 386 -14.02 -32.63 -42.71
C GLN J 386 -12.76 -31.93 -42.19
N ASN J 387 -11.60 -32.21 -42.80
CA ASN J 387 -10.32 -31.59 -42.43
C ASN J 387 -9.94 -31.86 -40.97
N ARG J 388 -10.38 -33.00 -40.44
CA ARG J 388 -10.08 -33.41 -39.07
C ARG J 388 -10.51 -32.37 -38.04
N LYS J 389 -11.53 -31.58 -38.39
CA LYS J 389 -12.14 -30.62 -37.49
C LYS J 389 -13.61 -30.99 -37.30
N PRO J 390 -14.11 -31.05 -36.07
CA PRO J 390 -15.51 -31.44 -35.87
C PRO J 390 -16.47 -30.48 -36.56
N THR J 391 -17.38 -31.04 -37.34
CA THR J 391 -18.36 -30.23 -38.06
C THR J 391 -19.31 -29.56 -37.07
N PRO J 392 -19.96 -28.46 -37.48
CA PRO J 392 -20.92 -27.81 -36.59
C PRO J 392 -22.10 -28.68 -36.20
N ASP J 393 -22.42 -29.71 -37.00
CA ASP J 393 -23.47 -30.64 -36.61
C ASP J 393 -23.00 -31.58 -35.51
N MET J 394 -21.70 -31.89 -35.46
CA MET J 394 -21.16 -32.69 -34.37
C MET J 394 -21.15 -31.89 -33.07
N MET J 395 -20.62 -30.66 -33.12
CA MET J 395 -20.59 -29.82 -31.93
C MET J 395 -22.01 -29.50 -31.46
N GLN J 396 -22.93 -29.27 -32.40
CA GLN J 396 -24.32 -29.03 -32.02
C GLN J 396 -24.94 -30.28 -31.41
N TYR J 397 -24.61 -31.46 -31.94
CA TYR J 397 -25.09 -32.71 -31.35
C TYR J 397 -24.61 -32.86 -29.91
N ALA J 398 -23.33 -32.61 -29.68
CA ALA J 398 -22.78 -32.72 -28.33
C ALA J 398 -23.42 -31.69 -27.40
N LYS J 399 -23.66 -30.46 -27.90
CA LYS J 399 -24.37 -29.47 -27.10
C LYS J 399 -25.76 -29.96 -26.73
N ARG J 400 -26.47 -30.58 -27.69
CA ARG J 400 -27.78 -31.15 -27.42
C ARG J 400 -27.70 -32.24 -26.36
N ALA J 401 -26.60 -33.00 -26.34
CA ALA J 401 -26.47 -34.09 -25.37
C ALA J 401 -26.14 -33.57 -23.98
N VAL J 402 -25.30 -32.54 -23.87
CA VAL J 402 -24.84 -32.09 -22.56
C VAL J 402 -25.70 -30.99 -21.95
N MET J 403 -26.44 -30.25 -22.77
CA MET J 403 -27.36 -29.26 -22.20
C MET J 403 -28.48 -29.98 -21.46
N SER J 404 -29.22 -29.21 -20.67
CA SER J 404 -30.27 -29.71 -19.78
C SER J 404 -29.73 -30.68 -18.73
N LEU J 405 -28.41 -30.73 -18.54
CA LEU J 405 -27.82 -31.45 -17.43
C LEU J 405 -27.76 -30.52 -16.22
N GLN J 406 -28.33 -30.98 -15.10
CA GLN J 406 -28.39 -30.19 -13.88
C GLN J 406 -27.79 -30.99 -12.74
N GLY J 407 -27.47 -30.27 -11.66
CA GLY J 407 -26.90 -30.90 -10.48
C GLY J 407 -25.62 -31.65 -10.75
N LEU J 408 -24.66 -30.98 -11.36
CA LEU J 408 -23.39 -31.59 -11.74
C LEU J 408 -22.33 -31.30 -10.69
N ARG J 409 -21.57 -32.32 -10.31
CA ARG J 409 -20.49 -32.16 -9.36
C ARG J 409 -19.25 -31.61 -10.05
N GLU J 410 -18.40 -30.95 -9.27
CA GLU J 410 -17.13 -30.47 -9.79
C GLU J 410 -16.18 -31.63 -10.04
N LYS J 411 -15.22 -31.41 -10.93
CA LYS J 411 -14.20 -32.39 -11.30
C LYS J 411 -14.80 -33.66 -11.89
N THR J 412 -16.02 -33.58 -12.41
CA THR J 412 -16.66 -34.72 -13.06
C THR J 412 -16.75 -34.48 -14.56
N ILE J 413 -16.76 -35.56 -15.34
CA ILE J 413 -16.85 -35.45 -16.78
C ILE J 413 -18.22 -34.96 -17.25
N GLY J 414 -19.23 -34.98 -16.37
CA GLY J 414 -20.49 -34.35 -16.71
C GLY J 414 -20.37 -32.84 -16.77
N LYS J 415 -19.81 -32.24 -15.71
CA LYS J 415 -19.55 -30.80 -15.74
C LYS J 415 -18.48 -30.45 -16.76
N TYR J 416 -17.55 -31.37 -17.04
CA TYR J 416 -16.56 -31.13 -18.08
C TYR J 416 -17.22 -31.03 -19.45
N ALA J 417 -18.00 -32.05 -19.82
CA ALA J 417 -18.67 -32.04 -21.11
C ALA J 417 -19.63 -30.87 -21.23
N LYS J 418 -20.39 -30.59 -20.16
CA LYS J 418 -21.30 -29.45 -20.19
C LYS J 418 -20.54 -28.14 -20.39
N SER J 419 -19.44 -27.96 -19.65
CA SER J 419 -18.63 -26.76 -19.80
C SER J 419 -17.89 -26.71 -21.12
N GLU J 420 -17.81 -27.82 -21.85
CA GLU J 420 -17.06 -27.88 -23.10
C GLU J 420 -17.94 -27.64 -24.32
N PHE J 421 -19.13 -28.24 -24.37
CA PHE J 421 -19.97 -28.16 -25.55
C PHE J 421 -21.18 -27.24 -25.41
N ASP J 422 -21.57 -26.87 -24.19
CA ASP J 422 -22.79 -26.10 -23.98
C ASP J 422 -22.45 -24.62 -23.91
N LYS J 423 -22.22 -24.04 -25.08
CA LYS J 423 -22.02 -22.59 -25.23
C LYS J 423 -22.10 -22.20 -26.70
#